data_8JBM
#
_entry.id   8JBM
#
_cell.length_a   196.984
_cell.length_b   74.426
_cell.length_c   162.976
_cell.angle_alpha   90.000
_cell.angle_beta   116.333
_cell.angle_gamma   90.000
#
_symmetry.space_group_name_H-M   'P 1 21 1'
#
loop_
_entity.id
_entity.type
_entity.pdbx_description
1 polymer 'Sodium/potassium-transporting ATPase subunit alpha'
2 polymer 'Sodium/potassium-transporting ATPase subunit beta-1'
3 polymer 'FXYD domain-containing ion transport regulator'
4 branched alpha-D-mannopyranose-(1-6)-alpha-D-mannopyranose-(1-6)-[alpha-D-mannopyranose-(1-3)]beta-D-mannopyranose-(1-4)-2-acetamido-2-deoxy-beta-D-glucopyranose-(1-4)-2-acetamido-2-deoxy-beta-D-glucopyranose
5 branched alpha-D-mannopyranose-(1-3)-[alpha-D-mannopyranose-(1-6)]beta-D-mannopyranose-(1-4)-2-acetamido-2-deoxy-beta-D-glucopyranose-(1-4)-2-acetamido-2-deoxy-beta-D-glucopyranose
6 branched 2-acetamido-2-deoxy-beta-D-glucopyranose-(1-4)-2-acetamido-2-deoxy-beta-D-glucopyranose
7 non-polymer 'MANGANESE (II) ION'
8 non-polymer CHOLESTEROL
9 non-polymer 1,2-DIACYL-SN-GLYCERO-3-PHOSPHOCHOLINE
10 non-polymer 1,2-DIOLEOYL-SN-GLYCERO-3-PHOSPHOCHOLINE
11 non-polymer 2-acetamido-2-deoxy-beta-D-glucopyranose
12 non-polymer DECYL-BETA-D-MALTOPYRANOSIDE
13 water water
#
loop_
_entity_poly.entity_id
_entity_poly.type
_entity_poly.pdbx_seq_one_letter_code
_entity_poly.pdbx_strand_id
1 'polypeptide(L)'
;MGKGVGRDKYEPAAVSEHGDKKKAKKERDMDELKKEVSMDDHKLSLDELHRKYGTDLSRGLTPARAAEILARDGPNALTP
PPTTPEWVKFCRQLFGGFSMLLWIGAILCFLAYGIQAATEEEPQNDNLYLGVVLSAVVIITGCFSYYQEAKSSKIMESFK
NMVPQQALVIRNGEKMSINAEEVVVGDLVEVKGGDRIPADLRIISANGCKVDNSSLTGESEPQTRSPDFTNENPLETRNI
AFFSTNCVEGTARGIVVYTGDRTVMGRIATLASGLEGGQTPIAAEIEHFIHIITGVAVFLGVSFFILSLILEYTWLEAVI
FLIGIIVANVPEGLLATVTVCLTLTAKRMARKNCLVKNLEAVETLGSTSTICSDKTGTLTQNRMTVAHMWFDNQIHEADT
TENQSGVSFDKTSATWLALSRIAGLCNRAVFQANQENLPILKRAVAGDASESALLKCIELCCGSVKEMRERYTKIVEIPF
NSTNKYQLSIHKNPNTAEPRHLLVMKGAPERILDRCSSILIHGKEQPLDEELKDAFQNAYLELGGLGERVLGFCHLFLPD
EQFPEGFQFDTDDVNFPLDNLCFVGLISMIDPPRAAVPDAVGKCRSAGIKVIMVTGDHPITAKAIAKGVGIISEGNETVE
DIAARLNIPVSQVNPRDAKACVVHGSDLKDMTSEQLDDILKYHTEIVFARTSPQQKLIIVEGCQRQGAIVAVTGDGVNDS
PALKKADIGVAMGIAGSDVSKQAADMILLDDNFASIVTGVEEGRLIFDNLKKSIAYTLTSNIPEITPFLIFIIANIPLPL
GTVTILCIDLGTDMVPAISLAYEQAESDIMKRQPRNPKTDKLVNERLISMAYGQIGMIQALGGFFTYFVILAENGFLPIH
LLGLRVNWDDRWINDVEDSYGQQWTYEQRKIVEFTCHTAFFVSIVVVQWADLVICKTRRNSVFQQGMKNKILIFGLFEET
ALAAFLSYCPGMGVALRMYPLKPTWWFCAFPYSLLIFVYDEVRKLIIRRRPGGWVEKETYY
;
A,C
2 'polypeptide(L)'
;MARGKAKEEGSWKKFIWNSEKKEFLGRTGGSWFKILLFYVIFYGCLAGIFIGTIQVMLLTISEFKPTYQDRVAPPGLTQI
PQSQKTEISFRPNDPQSYESYVVSIVRFLEKYKDLAQKDDMIFEDCGNVPSELKERGEYNNERGERKVCRFRLEWLGNCS
GLNDETYGYKDGKPCVIIKLNRVLGFKPKPPKNESLETYPVMKYNPYVLPVHCTGKRDEDKEKVGTMEYFGLGGYPGFPL
QYYPYYGKLLQPKYLQPLMAVQFTNLTMDTEIRIECKAYGENIGYSEKDRFQGRFDVKIEVKS
;
B,D
3 'polypeptide(L)' MAGLSTDDGGSPKGDVDPFYYDYETVRNGGLIFAALAFIVGLIIILSKRLRCGGKKHRPINEDEL G,E
#
loop_
_chem_comp.id
_chem_comp.type
_chem_comp.name
_chem_comp.formula
BMA D-saccharide, beta linking beta-D-mannopyranose 'C6 H12 O6'
CLR non-polymer CHOLESTEROL 'C27 H46 O'
DMU D-saccharide DECYL-BETA-D-MALTOPYRANOSIDE 'C22 H42 O11'
MAN D-saccharide, alpha linking alpha-D-mannopyranose 'C6 H12 O6'
MN non-polymer 'MANGANESE (II) ION' 'Mn 2'
NAG D-saccharide, beta linking 2-acetamido-2-deoxy-beta-D-glucopyranose 'C8 H15 N O6'
PC1 non-polymer 1,2-DIACYL-SN-GLYCERO-3-PHOSPHOCHOLINE 'C44 H88 N O8 P'
PCW non-polymer 1,2-DIOLEOYL-SN-GLYCERO-3-PHOSPHOCHOLINE 'C44 H85 N O8 P 1'
#
# COMPACT_ATOMS: atom_id res chain seq x y z
N GLU A 27 28.67 45.35 -41.01
CA GLU A 27 27.50 46.09 -40.57
C GLU A 27 27.75 47.60 -40.61
N ARG A 28 27.47 48.22 -41.76
CA ARG A 28 27.66 49.66 -41.94
C ARG A 28 26.43 50.41 -41.41
N ASP A 29 26.19 50.26 -40.10
CA ASP A 29 25.06 50.89 -39.43
C ASP A 29 25.46 52.00 -38.46
N MET A 30 26.75 52.28 -38.31
CA MET A 30 27.22 53.31 -37.40
C MET A 30 28.12 54.30 -38.14
N ASP A 31 28.03 55.57 -37.74
CA ASP A 31 28.76 56.71 -38.30
C ASP A 31 28.24 57.07 -39.68
N GLU A 32 27.30 56.30 -40.23
CA GLU A 32 26.71 56.53 -41.54
C GLU A 32 25.19 56.66 -41.47
N LEU A 33 24.52 55.75 -40.77
CA LEU A 33 23.07 55.77 -40.60
C LEU A 33 22.67 56.57 -39.36
N LYS A 34 23.62 57.30 -38.78
CA LYS A 34 23.41 58.11 -37.58
C LYS A 34 23.72 59.59 -37.78
N LYS A 35 24.83 59.92 -38.43
CA LYS A 35 25.24 61.32 -38.64
C LYS A 35 24.22 62.13 -39.43
N GLU A 36 23.53 61.51 -40.40
CA GLU A 36 22.58 62.24 -41.23
C GLU A 36 21.15 62.29 -40.66
N VAL A 37 20.67 61.21 -40.03
CA VAL A 37 19.31 61.25 -39.48
C VAL A 37 19.44 61.94 -38.13
N SER A 38 19.41 63.27 -38.13
CA SER A 38 19.56 64.04 -36.89
C SER A 38 18.89 65.40 -37.05
N MET A 39 17.96 65.71 -36.15
CA MET A 39 17.24 66.99 -36.15
C MET A 39 16.76 67.22 -34.72
N ASP A 40 17.35 68.19 -34.03
CA ASP A 40 16.95 68.45 -32.65
C ASP A 40 16.56 69.89 -32.37
N ASP A 41 16.30 70.16 -31.09
CA ASP A 41 15.90 71.47 -30.60
C ASP A 41 16.90 71.99 -29.57
N HIS A 42 18.15 71.53 -29.64
CA HIS A 42 19.17 72.02 -28.71
C HIS A 42 19.36 73.52 -28.80
N LYS A 43 18.98 74.13 -29.93
CA LYS A 43 19.09 75.57 -30.12
C LYS A 43 18.05 76.32 -29.31
N LEU A 44 16.94 75.67 -28.96
CA LEU A 44 15.88 76.33 -28.20
C LEU A 44 16.38 76.71 -26.82
N SER A 45 15.88 77.84 -26.32
CA SER A 45 16.26 78.33 -25.01
C SER A 45 15.34 77.74 -23.96
N LEU A 46 15.55 78.13 -22.70
CA LEU A 46 14.71 77.62 -21.63
C LEU A 46 13.26 78.01 -21.85
N ASP A 47 13.01 79.26 -22.27
CA ASP A 47 11.64 79.67 -22.52
C ASP A 47 11.07 78.97 -23.75
N GLU A 48 11.87 78.87 -24.81
CA GLU A 48 11.40 78.19 -26.02
C GLU A 48 11.15 76.71 -25.76
N LEU A 49 12.03 76.08 -24.98
CA LEU A 49 11.84 74.66 -24.67
C LEU A 49 10.60 74.47 -23.80
N HIS A 50 10.41 75.37 -22.82
CA HIS A 50 9.25 75.26 -21.95
C HIS A 50 7.95 75.45 -22.72
N ARG A 51 7.92 76.42 -23.64
CA ARG A 51 6.69 76.65 -24.39
C ARG A 51 6.48 75.59 -25.46
N LYS A 52 7.54 74.96 -25.96
CA LYS A 52 7.36 73.94 -26.99
C LYS A 52 6.89 72.62 -26.39
N TYR A 53 7.63 72.09 -25.41
CA TYR A 53 7.23 70.83 -24.82
C TYR A 53 6.15 70.97 -23.76
N GLY A 54 5.92 72.17 -23.24
CA GLY A 54 4.91 72.39 -22.23
C GLY A 54 5.22 71.62 -20.97
N THR A 55 6.30 71.98 -20.27
CA THR A 55 6.69 71.28 -19.06
C THR A 55 7.23 72.25 -18.03
N ASP A 56 6.81 72.08 -16.79
CA ASP A 56 7.26 72.90 -15.67
C ASP A 56 8.73 72.59 -15.43
N LEU A 57 9.62 73.48 -15.87
CA LEU A 57 11.06 73.26 -15.74
C LEU A 57 11.49 73.07 -14.29
N SER A 58 10.71 73.51 -13.31
CA SER A 58 11.10 73.35 -11.93
C SER A 58 10.29 72.32 -11.16
N ARG A 59 9.21 71.78 -11.75
CA ARG A 59 8.40 70.81 -11.04
C ARG A 59 8.06 69.57 -11.86
N GLY A 60 8.19 69.61 -13.18
CA GLY A 60 7.85 68.47 -13.99
C GLY A 60 6.36 68.41 -14.28
N LEU A 61 5.99 67.60 -15.26
CA LEU A 61 4.58 67.50 -15.61
C LEU A 61 3.77 66.80 -14.52
N THR A 62 2.46 67.08 -14.54
CA THR A 62 1.52 66.50 -13.59
C THR A 62 1.24 65.04 -13.92
N PRO A 63 1.01 64.21 -12.91
CA PRO A 63 0.73 62.78 -13.18
C PRO A 63 -0.37 62.58 -14.20
N ALA A 64 -1.39 63.44 -14.20
CA ALA A 64 -2.46 63.31 -15.18
C ALA A 64 -1.91 63.48 -16.58
N ARG A 65 -1.11 64.53 -16.80
CA ARG A 65 -0.53 64.76 -18.12
C ARG A 65 0.43 63.64 -18.46
N ALA A 66 1.12 63.10 -17.46
CA ALA A 66 2.04 62.01 -17.71
C ALA A 66 1.30 60.80 -18.26
N ALA A 67 0.18 60.44 -17.63
CA ALA A 67 -0.61 59.31 -18.11
C ALA A 67 -1.24 59.63 -19.46
N GLU A 68 -1.62 60.90 -19.69
CA GLU A 68 -2.19 61.28 -20.97
C GLU A 68 -1.20 61.03 -22.09
N ILE A 69 0.06 61.46 -21.89
CA ILE A 69 1.06 61.25 -22.92
C ILE A 69 1.41 59.77 -23.04
N LEU A 70 1.43 59.03 -21.92
CA LEU A 70 1.73 57.60 -22.01
C LEU A 70 0.68 56.90 -22.88
N ALA A 71 -0.59 57.27 -22.71
CA ALA A 71 -1.64 56.66 -23.51
C ALA A 71 -1.71 57.25 -24.91
N ARG A 72 -1.08 58.40 -25.14
CA ARG A 72 -1.09 59.04 -26.45
C ARG A 72 0.03 58.52 -27.36
N ASP A 73 1.28 58.61 -26.90
CA ASP A 73 2.43 58.19 -27.68
C ASP A 73 2.77 56.72 -27.51
N GLY A 74 2.37 56.11 -26.40
CA GLY A 74 2.66 54.71 -26.18
C GLY A 74 3.81 54.52 -25.21
N PRO A 75 4.01 53.27 -24.77
CA PRO A 75 5.09 52.98 -23.81
C PRO A 75 6.46 53.31 -24.37
N ASN A 76 7.38 53.67 -23.47
CA ASN A 76 8.75 54.00 -23.82
C ASN A 76 9.53 52.71 -24.03
N ALA A 77 9.33 52.11 -25.20
CA ALA A 77 10.00 50.86 -25.53
C ALA A 77 10.04 50.72 -27.04
N LEU A 78 10.86 49.78 -27.50
CA LEU A 78 11.01 49.53 -28.92
C LEU A 78 9.97 48.51 -29.36
N THR A 79 9.57 48.60 -30.62
CA THR A 79 8.60 47.67 -31.17
C THR A 79 9.16 46.25 -31.04
N PRO A 80 8.46 45.33 -30.38
CA PRO A 80 8.99 43.97 -30.20
C PRO A 80 8.92 43.18 -31.48
N PRO A 81 9.68 42.09 -31.59
CA PRO A 81 9.63 41.26 -32.80
C PRO A 81 8.32 40.50 -32.87
N PRO A 82 7.88 40.09 -34.06
CA PRO A 82 6.61 39.37 -34.18
C PRO A 82 6.61 38.07 -33.39
N THR A 83 5.49 37.82 -32.72
CA THR A 83 5.31 36.61 -31.91
C THR A 83 4.48 35.60 -32.67
N THR A 84 5.00 34.37 -32.77
CA THR A 84 4.28 33.31 -33.46
C THR A 84 3.00 32.98 -32.69
N PRO A 85 1.86 32.80 -33.39
CA PRO A 85 0.61 32.48 -32.68
C PRO A 85 0.66 31.12 -32.00
N GLU A 86 -0.41 30.80 -31.27
CA GLU A 86 -0.49 29.53 -30.54
C GLU A 86 -0.73 28.33 -31.46
N TRP A 87 -1.33 28.53 -32.62
CA TRP A 87 -1.58 27.42 -33.54
C TRP A 87 -0.40 27.14 -34.46
N VAL A 88 0.70 27.87 -34.28
CA VAL A 88 1.90 27.66 -35.10
C VAL A 88 2.87 26.72 -34.41
N LYS A 89 3.13 26.97 -33.13
CA LYS A 89 4.03 26.11 -32.37
C LYS A 89 3.42 24.72 -32.21
N PHE A 90 2.12 24.65 -31.96
CA PHE A 90 1.46 23.37 -31.80
C PHE A 90 1.60 22.53 -33.06
N CYS A 91 1.35 23.13 -34.22
CA CYS A 91 1.49 22.39 -35.47
C CYS A 91 2.95 22.03 -35.74
N ARG A 92 3.87 22.96 -35.50
CA ARG A 92 5.28 22.68 -35.74
C ARG A 92 5.79 21.57 -34.84
N GLN A 93 5.14 21.35 -33.70
CA GLN A 93 5.55 20.27 -32.82
C GLN A 93 4.88 18.97 -33.24
N LEU A 94 3.62 19.07 -33.68
CA LEU A 94 2.86 17.92 -34.15
C LEU A 94 3.54 17.27 -35.34
N PHE A 95 4.09 18.08 -36.24
CA PHE A 95 4.80 17.60 -37.42
C PHE A 95 6.31 17.75 -37.27
N GLY A 96 6.82 17.59 -36.05
CA GLY A 96 8.24 17.74 -35.79
C GLY A 96 9.09 16.67 -36.46
N GLY A 97 10.35 16.63 -36.06
CA GLY A 97 11.30 15.68 -36.59
C GLY A 97 11.01 14.25 -36.24
N PHE A 98 11.00 13.94 -34.93
CA PHE A 98 10.73 12.58 -34.50
C PHE A 98 9.30 12.15 -34.83
N SER A 99 8.34 13.06 -34.68
CA SER A 99 6.95 12.73 -35.00
C SER A 99 6.78 12.41 -36.47
N MET A 100 7.72 12.84 -37.32
CA MET A 100 7.63 12.56 -38.75
C MET A 100 7.73 11.07 -39.03
N LEU A 101 8.59 10.36 -38.30
CA LEU A 101 8.72 8.92 -38.51
C LEU A 101 7.40 8.22 -38.20
N LEU A 102 6.76 8.60 -37.10
CA LEU A 102 5.48 7.99 -36.77
C LEU A 102 4.41 8.40 -37.77
N TRP A 103 4.49 9.64 -38.28
CA TRP A 103 3.51 10.08 -39.26
C TRP A 103 3.62 9.24 -40.53
N ILE A 104 4.86 9.00 -40.97
CA ILE A 104 5.07 8.20 -42.17
C ILE A 104 4.66 6.75 -41.90
N GLY A 105 4.88 6.27 -40.69
CA GLY A 105 4.45 4.92 -40.36
C GLY A 105 2.95 4.78 -40.45
N ALA A 106 2.23 5.77 -39.91
CA ALA A 106 0.77 5.72 -39.97
C ALA A 106 0.27 5.87 -41.40
N ILE A 107 0.95 6.69 -42.21
CA ILE A 107 0.55 6.84 -43.61
C ILE A 107 0.74 5.52 -44.34
N LEU A 108 1.88 4.87 -44.11
CA LEU A 108 2.14 3.57 -44.74
C LEU A 108 1.09 2.56 -44.32
N CYS A 109 0.68 2.59 -43.04
CA CYS A 109 -0.34 1.66 -42.57
C CYS A 109 -1.69 1.92 -43.24
N PHE A 110 -2.08 3.20 -43.35
CA PHE A 110 -3.35 3.50 -44.00
C PHE A 110 -3.30 3.07 -45.46
N LEU A 111 -2.16 3.30 -46.13
CA LEU A 111 -2.02 2.91 -47.53
C LEU A 111 -2.09 1.39 -47.67
N ALA A 112 -1.47 0.65 -46.76
CA ALA A 112 -1.55 -0.80 -46.82
C ALA A 112 -2.96 -1.30 -46.55
N TYR A 113 -3.71 -0.57 -45.72
CA TYR A 113 -5.10 -0.98 -45.49
C TYR A 113 -5.91 -0.77 -46.75
N GLY A 114 -5.65 0.33 -47.48
CA GLY A 114 -6.37 0.55 -48.72
C GLY A 114 -6.00 -0.50 -49.77
N ILE A 115 -4.72 -0.89 -49.81
CA ILE A 115 -4.28 -1.92 -50.76
C ILE A 115 -4.95 -3.25 -50.42
N GLN A 116 -5.09 -3.55 -49.12
CA GLN A 116 -5.74 -4.80 -48.73
C GLN A 116 -7.26 -4.74 -48.96
N ALA A 117 -7.85 -3.54 -48.90
CA ALA A 117 -9.29 -3.40 -49.14
C ALA A 117 -9.63 -3.67 -50.61
N ALA A 118 -8.70 -3.33 -51.51
CA ALA A 118 -8.91 -3.63 -52.93
C ALA A 118 -8.77 -5.12 -53.22
N THR A 119 -7.88 -5.79 -52.48
CA THR A 119 -7.70 -7.24 -52.64
C THR A 119 -8.82 -8.01 -51.92
N GLU A 120 -8.54 -9.24 -51.51
CA GLU A 120 -9.47 -10.16 -50.86
C GLU A 120 -10.55 -9.50 -50.01
N GLU A 121 -11.81 -9.87 -50.27
CA GLU A 121 -12.95 -9.34 -49.55
C GLU A 121 -12.95 -9.81 -48.10
N GLU A 122 -13.60 -9.02 -47.24
CA GLU A 122 -13.69 -9.25 -45.80
C GLU A 122 -12.29 -9.32 -45.20
N PRO A 123 -11.50 -8.22 -45.32
CA PRO A 123 -10.16 -8.25 -44.75
C PRO A 123 -10.20 -7.86 -43.28
N GLN A 124 -9.05 -7.82 -42.64
CA GLN A 124 -8.96 -7.45 -41.25
C GLN A 124 -8.60 -5.97 -41.13
N ASN A 125 -8.81 -5.42 -39.92
CA ASN A 125 -8.52 -4.02 -39.65
C ASN A 125 -7.24 -3.85 -38.84
N ASP A 126 -6.33 -4.83 -38.92
CA ASP A 126 -5.08 -4.75 -38.16
C ASP A 126 -4.24 -3.56 -38.58
N ASN A 127 -3.97 -3.43 -39.88
CA ASN A 127 -3.15 -2.32 -40.35
C ASN A 127 -3.83 -0.97 -40.13
N LEU A 128 -5.17 -0.93 -40.21
CA LEU A 128 -5.88 0.32 -39.97
C LEU A 128 -5.80 0.72 -38.51
N TYR A 129 -5.97 -0.25 -37.61
CA TYR A 129 -5.88 0.06 -36.19
C TYR A 129 -4.47 0.48 -35.83
N LEU A 130 -3.46 -0.17 -36.43
CA LEU A 130 -2.08 0.20 -36.15
C LEU A 130 -1.84 1.65 -36.54
N GLY A 131 -2.33 2.04 -37.72
CA GLY A 131 -2.14 3.43 -38.14
C GLY A 131 -2.88 4.41 -37.24
N VAL A 132 -4.11 4.07 -36.84
CA VAL A 132 -4.86 4.96 -35.96
C VAL A 132 -4.14 5.10 -34.63
N VAL A 133 -3.54 4.01 -34.15
CA VAL A 133 -2.80 4.06 -32.90
C VAL A 133 -1.59 4.97 -33.04
N LEU A 134 -0.86 4.83 -34.16
CA LEU A 134 0.30 5.69 -34.37
C LEU A 134 -0.11 7.15 -34.42
N SER A 135 -1.25 7.43 -35.05
CA SER A 135 -1.73 8.81 -35.13
C SER A 135 -2.13 9.34 -33.77
N ALA A 136 -2.82 8.54 -32.96
CA ALA A 136 -3.20 9.00 -31.62
C ALA A 136 -1.96 9.24 -30.79
N VAL A 137 -0.94 8.38 -30.94
CA VAL A 137 0.31 8.53 -30.22
C VAL A 137 1.01 9.81 -30.63
N VAL A 138 0.98 10.13 -31.92
CA VAL A 138 1.59 11.36 -32.41
C VAL A 138 0.90 12.56 -31.81
N ILE A 139 -0.44 12.54 -31.78
CA ILE A 139 -1.21 13.65 -31.23
C ILE A 139 -0.87 13.85 -29.75
N ILE A 140 -0.85 12.76 -28.97
CA ILE A 140 -0.56 12.88 -27.54
C ILE A 140 0.86 13.40 -27.33
N THR A 141 1.83 12.88 -28.09
CA THR A 141 3.21 13.33 -27.95
C THR A 141 3.33 14.81 -28.27
N GLY A 142 2.71 15.25 -29.36
CA GLY A 142 2.78 16.64 -29.72
C GLY A 142 2.12 17.53 -28.70
N CYS A 143 0.99 17.08 -28.13
CA CYS A 143 0.32 17.89 -27.12
C CYS A 143 1.16 18.00 -25.85
N PHE A 144 1.76 16.90 -25.39
CA PHE A 144 2.58 16.98 -24.19
C PHE A 144 3.82 17.85 -24.44
N SER A 145 4.44 17.70 -25.61
CA SER A 145 5.61 18.52 -25.91
C SER A 145 5.24 19.98 -25.97
N TYR A 146 4.08 20.30 -26.56
CA TYR A 146 3.65 21.69 -26.64
C TYR A 146 3.33 22.23 -25.24
N TYR A 147 2.76 21.40 -24.37
CA TYR A 147 2.45 21.84 -23.02
C TYR A 147 3.73 22.21 -22.28
N GLN A 148 4.76 21.35 -22.38
CA GLN A 148 6.01 21.63 -21.69
C GLN A 148 6.72 22.82 -22.33
N GLU A 149 6.66 22.96 -23.66
CA GLU A 149 7.30 24.10 -24.30
C GLU A 149 6.60 25.40 -23.94
N ALA A 150 5.28 25.36 -23.79
CA ALA A 150 4.56 26.56 -23.39
C ALA A 150 4.89 26.92 -21.96
N LYS A 151 5.00 25.93 -21.08
CA LYS A 151 5.37 26.22 -19.70
C LYS A 151 6.77 26.84 -19.64
N SER A 152 7.70 26.29 -20.42
CA SER A 152 9.07 26.81 -20.45
C SER A 152 9.12 28.24 -20.97
N SER A 153 8.45 28.52 -22.10
CA SER A 153 8.49 29.85 -22.67
C SER A 153 7.77 30.87 -21.76
N LYS A 154 6.68 30.46 -21.12
CA LYS A 154 5.95 31.39 -20.24
C LYS A 154 6.76 31.70 -18.98
N ILE A 155 7.39 30.69 -18.39
CA ILE A 155 8.19 30.95 -17.19
C ILE A 155 9.44 31.74 -17.55
N MET A 156 10.06 31.43 -18.70
CA MET A 156 11.26 32.17 -19.11
C MET A 156 10.93 33.65 -19.25
N GLU A 157 9.77 33.94 -19.85
CA GLU A 157 9.35 35.34 -20.00
C GLU A 157 9.17 36.03 -18.66
N SER A 158 8.82 35.27 -17.61
CA SER A 158 8.64 35.87 -16.28
C SER A 158 9.87 36.65 -15.77
N PHE A 159 11.09 36.34 -16.25
CA PHE A 159 12.27 37.06 -15.77
C PHE A 159 12.41 38.45 -16.38
N LYS A 160 11.93 38.64 -17.61
CA LYS A 160 12.02 39.95 -18.26
C LYS A 160 11.22 40.99 -17.50
N ASN A 161 10.31 40.56 -16.62
CA ASN A 161 9.48 41.46 -15.82
C ASN A 161 9.72 41.24 -14.33
N MET A 162 10.87 40.68 -13.96
CA MET A 162 11.17 40.45 -12.55
C MET A 162 11.52 41.75 -11.84
N VAL A 163 12.61 42.39 -12.26
CA VAL A 163 13.04 43.66 -11.68
C VAL A 163 13.21 44.63 -12.85
N PRO A 164 12.16 45.36 -13.24
CA PRO A 164 12.28 46.27 -14.38
C PRO A 164 13.20 47.45 -14.09
N GLN A 165 13.80 47.99 -15.14
CA GLN A 165 14.69 49.12 -14.99
C GLN A 165 13.88 50.36 -14.65
N GLN A 166 14.35 51.10 -13.65
CA GLN A 166 13.66 52.31 -13.20
C GLN A 166 14.35 53.57 -13.70
N ALA A 167 13.55 54.64 -13.77
CA ALA A 167 14.00 55.96 -14.18
C ALA A 167 13.51 56.93 -13.12
N LEU A 168 14.40 57.82 -12.69
CA LEU A 168 14.08 58.80 -11.65
C LEU A 168 13.63 60.07 -12.35
N VAL A 169 12.33 60.33 -12.32
CA VAL A 169 11.75 61.50 -12.96
C VAL A 169 11.22 62.44 -11.88
N ILE A 170 10.89 63.66 -12.29
CA ILE A 170 10.36 64.67 -11.38
C ILE A 170 8.98 65.07 -11.90
N ARG A 171 7.96 64.81 -11.10
CA ARG A 171 6.58 65.13 -11.44
C ARG A 171 5.92 65.82 -10.25
N ASN A 172 5.13 66.85 -10.55
CA ASN A 172 4.42 67.63 -9.54
C ASN A 172 5.36 68.12 -8.44
N GLY A 173 6.59 68.47 -8.84
CA GLY A 173 7.59 68.95 -7.90
C GLY A 173 8.35 67.85 -7.20
N GLU A 174 7.70 66.73 -6.93
CA GLU A 174 8.35 65.61 -6.24
C GLU A 174 9.09 64.69 -7.19
N LYS A 175 10.23 64.19 -6.74
CA LYS A 175 11.05 63.28 -7.52
C LYS A 175 10.67 61.85 -7.15
N MET A 176 10.27 61.07 -8.15
CA MET A 176 9.86 59.69 -7.90
C MET A 176 10.51 58.76 -8.91
N SER A 177 10.66 57.49 -8.52
CA SER A 177 11.24 56.47 -9.37
C SER A 177 10.10 55.67 -10.00
N ILE A 178 10.06 55.64 -11.33
CA ILE A 178 9.00 54.94 -12.05
C ILE A 178 9.61 53.97 -13.04
N ASN A 179 8.74 53.19 -13.68
CA ASN A 179 9.17 52.22 -14.68
C ASN A 179 9.76 52.93 -15.90
N ALA A 180 10.80 52.34 -16.48
CA ALA A 180 11.44 52.93 -17.65
C ALA A 180 10.46 53.06 -18.82
N GLU A 181 9.54 52.11 -18.96
CA GLU A 181 8.59 52.18 -20.07
C GLU A 181 7.51 53.22 -19.83
N GLU A 182 7.42 53.78 -18.62
CA GLU A 182 6.42 54.79 -18.30
C GLU A 182 6.92 56.21 -18.50
N VAL A 183 8.09 56.38 -19.10
CA VAL A 183 8.64 57.71 -19.34
C VAL A 183 8.04 58.25 -20.63
N VAL A 184 7.57 59.48 -20.60
CA VAL A 184 6.97 60.10 -21.78
C VAL A 184 7.80 61.30 -22.19
N VAL A 185 7.49 61.82 -23.38
CA VAL A 185 8.18 62.99 -23.92
C VAL A 185 7.88 64.20 -23.04
N GLY A 186 8.91 65.00 -22.78
CA GLY A 186 8.75 66.18 -21.97
C GLY A 186 8.91 65.97 -20.48
N ASP A 187 8.98 64.72 -20.02
CA ASP A 187 9.14 64.47 -18.59
C ASP A 187 10.48 64.98 -18.11
N LEU A 188 10.50 65.54 -16.91
CA LEU A 188 11.74 66.06 -16.31
C LEU A 188 12.47 64.87 -15.71
N VAL A 189 13.52 64.40 -16.39
CA VAL A 189 14.30 63.25 -15.96
C VAL A 189 15.59 63.72 -15.31
N GLU A 190 16.05 62.97 -14.31
CA GLU A 190 17.29 63.28 -13.61
C GLU A 190 18.13 62.04 -13.54
N VAL A 191 19.40 62.14 -13.96
CA VAL A 191 20.29 60.99 -13.94
C VAL A 191 21.55 61.38 -13.19
N LYS A 192 22.23 60.37 -12.64
CA LYS A 192 23.46 60.60 -11.89
C LYS A 192 24.52 59.61 -12.35
N GLY A 193 25.65 59.57 -11.64
CA GLY A 193 26.74 58.67 -11.97
C GLY A 193 26.27 57.23 -11.86
N GLY A 194 26.47 56.47 -12.94
CA GLY A 194 26.07 55.08 -13.00
C GLY A 194 24.65 54.86 -13.50
N ASP A 195 23.96 55.92 -13.88
CA ASP A 195 22.60 55.85 -14.38
C ASP A 195 22.57 55.63 -15.89
N ARG A 196 21.62 54.83 -16.34
CA ARG A 196 21.43 54.58 -17.76
C ARG A 196 20.49 55.65 -18.29
N ILE A 197 20.80 56.18 -19.47
CA ILE A 197 19.95 57.23 -20.03
C ILE A 197 18.61 56.63 -20.47
N PRO A 198 17.49 57.08 -19.89
CA PRO A 198 16.19 56.48 -20.25
C PRO A 198 15.78 56.76 -21.70
N ALA A 199 16.06 57.95 -22.20
CA ALA A 199 15.71 58.34 -23.56
C ALA A 199 16.47 59.60 -23.91
N ASP A 200 16.41 59.99 -25.17
CA ASP A 200 17.11 61.19 -25.61
C ASP A 200 16.59 62.40 -24.83
N LEU A 201 17.51 63.13 -24.20
CA LEU A 201 17.14 64.26 -23.38
C LEU A 201 17.82 65.55 -23.84
N ARG A 202 17.27 66.65 -23.34
CA ARG A 202 17.76 68.01 -23.57
C ARG A 202 18.19 68.49 -22.18
N ILE A 203 19.49 68.71 -22.01
CA ILE A 203 20.01 69.11 -20.71
C ILE A 203 19.49 70.49 -20.33
N ILE A 204 18.92 70.57 -19.12
CA ILE A 204 18.40 71.80 -18.59
C ILE A 204 19.30 72.35 -17.48
N SER A 205 19.79 71.46 -16.62
CA SER A 205 20.68 71.81 -15.52
C SER A 205 21.68 70.67 -15.36
N ALA A 206 22.95 71.02 -15.16
CA ALA A 206 23.97 69.98 -15.00
C ALA A 206 25.14 70.53 -14.22
N ASN A 207 25.80 69.63 -13.48
CA ASN A 207 26.95 69.98 -12.64
C ASN A 207 28.03 68.91 -12.82
N GLY A 208 28.97 69.19 -13.72
CA GLY A 208 30.08 68.27 -13.98
C GLY A 208 29.64 66.89 -14.40
N CYS A 209 28.68 66.82 -15.32
CA CYS A 209 28.16 65.55 -15.81
C CYS A 209 29.02 65.02 -16.96
N LYS A 210 29.37 63.75 -16.91
CA LYS A 210 30.17 63.10 -17.93
C LYS A 210 29.42 61.88 -18.45
N VAL A 211 29.19 61.82 -19.76
CA VAL A 211 28.48 60.72 -20.38
C VAL A 211 29.43 59.97 -21.29
N ASP A 212 29.13 58.68 -21.52
CA ASP A 212 29.94 57.81 -22.37
C ASP A 212 29.18 57.46 -23.63
N ASN A 213 29.67 57.93 -24.78
CA ASN A 213 29.06 57.69 -26.07
C ASN A 213 29.73 56.55 -26.84
N SER A 214 30.39 55.62 -26.13
CA SER A 214 31.06 54.52 -26.83
C SER A 214 30.05 53.76 -27.69
N SER A 215 28.85 53.55 -27.16
CA SER A 215 27.83 52.87 -27.93
C SER A 215 27.24 53.76 -29.01
N LEU A 216 27.54 55.05 -28.99
CA LEU A 216 27.00 56.00 -29.97
C LEU A 216 28.01 56.37 -31.06
N THR A 217 29.16 56.94 -30.68
CA THR A 217 30.17 57.32 -31.65
C THR A 217 31.32 56.34 -31.75
N GLY A 218 31.53 55.50 -30.74
CA GLY A 218 32.59 54.52 -30.78
C GLY A 218 33.66 54.71 -29.72
N GLU A 219 34.09 55.96 -29.51
CA GLU A 219 35.13 56.24 -28.53
C GLU A 219 34.57 56.17 -27.11
N SER A 220 35.34 55.53 -26.23
CA SER A 220 34.94 55.38 -24.83
C SER A 220 35.34 56.59 -23.99
N GLU A 221 35.89 57.63 -24.61
CA GLU A 221 36.28 58.82 -23.88
C GLU A 221 35.03 59.51 -23.35
N PRO A 222 34.96 59.82 -22.06
CA PRO A 222 33.76 60.50 -21.54
C PRO A 222 33.70 61.95 -21.97
N GLN A 223 32.56 62.35 -22.51
CA GLN A 223 32.31 63.71 -22.96
C GLN A 223 31.42 64.40 -21.92
N THR A 224 31.80 65.62 -21.55
CA THR A 224 31.02 66.39 -20.58
C THR A 224 29.72 66.88 -21.20
N ARG A 225 28.72 67.10 -20.35
CA ARG A 225 27.39 67.55 -20.77
C ARG A 225 27.04 68.79 -19.98
N SER A 226 26.68 69.87 -20.68
CA SER A 226 26.33 71.12 -20.03
C SER A 226 25.11 71.73 -20.68
N PRO A 227 24.29 72.46 -19.91
CA PRO A 227 23.09 73.09 -20.50
C PRO A 227 23.41 74.09 -21.61
N ASP A 228 24.56 74.78 -21.52
CA ASP A 228 24.95 75.77 -22.51
C ASP A 228 25.04 75.15 -23.90
N PHE A 229 24.55 75.88 -24.89
CA PHE A 229 24.61 75.42 -26.27
C PHE A 229 26.05 75.55 -26.77
N THR A 230 26.65 74.44 -27.16
CA THR A 230 28.04 74.46 -27.61
C THR A 230 28.24 74.08 -29.07
N ASN A 231 27.39 73.25 -29.66
CA ASN A 231 27.60 72.89 -31.05
C ASN A 231 26.26 72.69 -31.75
N GLU A 232 26.20 73.07 -33.03
CA GLU A 232 24.98 72.91 -33.79
C GLU A 232 24.69 71.45 -34.13
N ASN A 233 25.72 70.62 -34.23
CA ASN A 233 25.51 69.21 -34.51
C ASN A 233 24.95 68.54 -33.25
N PRO A 234 23.87 67.76 -33.35
CA PRO A 234 23.33 67.11 -32.14
C PRO A 234 24.29 66.18 -31.44
N LEU A 235 25.15 65.46 -32.17
CA LEU A 235 26.08 64.54 -31.52
C LEU A 235 27.17 65.26 -30.76
N GLU A 236 27.75 66.31 -31.34
CA GLU A 236 28.83 67.05 -30.71
C GLU A 236 28.37 68.03 -29.63
N THR A 237 27.10 68.41 -29.61
CA THR A 237 26.64 69.37 -28.62
C THR A 237 26.81 68.81 -27.21
N ARG A 238 26.81 69.72 -26.24
CA ARG A 238 26.96 69.37 -24.83
C ARG A 238 25.66 69.44 -24.03
N ASN A 239 24.53 69.72 -24.68
CA ASN A 239 23.26 69.82 -23.99
C ASN A 239 22.27 68.74 -24.43
N ILE A 240 22.77 67.55 -24.78
CA ILE A 240 21.89 66.47 -25.22
C ILE A 240 22.45 65.12 -24.78
N ALA A 241 21.61 64.33 -24.11
CA ALA A 241 21.97 62.98 -23.67
C ALA A 241 21.18 62.01 -24.53
N PHE A 242 21.88 61.08 -25.18
CA PHE A 242 21.22 60.14 -26.08
C PHE A 242 20.85 58.85 -25.38
N PHE A 243 19.89 58.15 -25.97
CA PHE A 243 19.43 56.87 -25.44
C PHE A 243 20.54 55.82 -25.47
N SER A 244 20.48 54.90 -24.52
CA SER A 244 21.39 53.77 -24.30
C SER A 244 22.74 54.19 -23.75
N THR A 245 23.02 55.49 -23.70
CA THR A 245 24.30 55.92 -23.12
C THR A 245 24.17 55.91 -21.60
N ASN A 246 25.29 56.07 -20.91
CA ASN A 246 25.27 56.07 -19.46
C ASN A 246 26.07 57.22 -18.90
N CYS A 247 25.55 57.81 -17.81
CA CYS A 247 26.23 58.91 -17.13
C CYS A 247 27.35 58.30 -16.28
N VAL A 248 28.60 58.61 -16.63
CA VAL A 248 29.72 58.04 -15.89
C VAL A 248 29.98 58.79 -14.59
N GLU A 249 30.06 60.12 -14.65
CA GLU A 249 30.34 60.90 -13.45
C GLU A 249 29.47 62.14 -13.42
N GLY A 250 29.02 62.51 -12.22
CA GLY A 250 28.21 63.70 -12.05
C GLY A 250 26.72 63.47 -11.92
N THR A 251 25.93 64.49 -12.27
CA THR A 251 24.49 64.43 -12.22
C THR A 251 23.95 65.51 -13.13
N ALA A 252 22.76 65.28 -13.68
CA ALA A 252 22.15 66.25 -14.57
C ALA A 252 20.65 66.02 -14.63
N ARG A 253 19.96 67.03 -15.15
CA ARG A 253 18.51 67.04 -15.34
C ARG A 253 18.23 67.42 -16.78
N GLY A 254 17.38 66.63 -17.44
CA GLY A 254 17.03 66.89 -18.82
C GLY A 254 15.55 66.73 -19.05
N ILE A 255 15.14 67.02 -20.27
CA ILE A 255 13.75 66.89 -20.70
C ILE A 255 13.72 65.93 -21.88
N VAL A 256 12.84 64.93 -21.81
CA VAL A 256 12.74 63.94 -22.88
C VAL A 256 12.32 64.61 -24.17
N VAL A 257 13.10 64.37 -25.23
CA VAL A 257 12.79 64.92 -26.55
C VAL A 257 12.31 63.85 -27.52
N TYR A 258 12.68 62.59 -27.30
CA TYR A 258 12.27 61.48 -28.13
C TYR A 258 12.16 60.26 -27.22
N THR A 259 11.12 59.46 -27.43
CA THR A 259 10.92 58.27 -26.63
C THR A 259 10.61 57.08 -27.52
N GLY A 260 10.92 55.89 -27.02
CA GLY A 260 10.64 54.66 -27.76
C GLY A 260 11.50 54.49 -29.00
N ASP A 261 10.83 54.22 -30.13
CA ASP A 261 11.52 54.01 -31.39
C ASP A 261 11.98 55.32 -32.02
N ARG A 262 11.46 56.46 -31.56
CA ARG A 262 11.85 57.75 -32.12
C ARG A 262 13.22 58.21 -31.67
N THR A 263 13.85 57.55 -30.70
CA THR A 263 15.16 57.97 -30.24
C THR A 263 16.19 57.78 -31.35
N VAL A 264 17.25 58.61 -31.30
CA VAL A 264 18.29 58.54 -32.32
C VAL A 264 18.92 57.15 -32.34
N MET A 265 19.32 56.66 -31.17
CA MET A 265 19.91 55.34 -31.08
C MET A 265 18.86 54.24 -31.24
N GLY A 266 17.57 54.59 -31.10
CA GLY A 266 16.53 53.58 -31.23
C GLY A 266 16.38 53.06 -32.65
N ARG A 267 16.46 53.95 -33.65
CA ARG A 267 16.35 53.52 -35.04
C ARG A 267 17.46 52.54 -35.42
N ILE A 268 18.62 52.65 -34.76
CA ILE A 268 19.73 51.75 -35.02
C ILE A 268 19.63 50.48 -34.17
N ALA A 269 19.25 50.61 -32.90
CA ALA A 269 19.14 49.47 -31.99
C ALA A 269 17.94 48.59 -32.28
N THR A 270 16.99 49.05 -33.09
CA THR A 270 15.83 48.22 -33.42
C THR A 270 16.04 47.40 -34.69
N LEU A 271 16.91 47.85 -35.60
CA LEU A 271 17.13 47.12 -36.85
C LEU A 271 18.58 46.74 -37.15
N ALA A 272 19.54 47.03 -36.26
CA ALA A 272 20.93 46.67 -36.54
C ALA A 272 21.70 46.21 -35.31
N SER A 273 21.04 45.97 -34.17
CA SER A 273 21.70 45.54 -32.94
C SER A 273 21.15 44.23 -32.41
N GLY A 274 20.52 43.42 -33.27
CA GLY A 274 19.98 42.15 -32.82
C GLY A 274 21.07 41.18 -32.38
N LEU A 275 20.72 40.35 -31.40
CA LEU A 275 21.69 39.39 -30.88
C LEU A 275 21.97 38.30 -31.92
N GLU A 276 23.13 37.67 -31.76
CA GLU A 276 23.61 36.60 -32.63
C GLU A 276 23.24 35.23 -32.05
N GLY A 277 23.84 34.17 -32.58
CA GLY A 277 23.56 32.82 -32.14
C GLY A 277 24.37 32.29 -30.97
N GLY A 278 24.21 32.89 -29.79
CA GLY A 278 24.92 32.46 -28.59
C GLY A 278 24.78 30.97 -28.32
N GLN A 279 25.91 30.27 -28.26
CA GLN A 279 25.93 28.83 -28.04
C GLN A 279 25.94 28.48 -26.55
N THR A 280 24.97 27.66 -26.12
CA THR A 280 24.88 27.23 -24.73
C THR A 280 25.53 25.85 -24.60
N PRO A 281 26.67 25.72 -23.91
CA PRO A 281 27.31 24.39 -23.81
C PRO A 281 26.47 23.33 -23.10
N ILE A 282 25.65 23.72 -22.13
CA ILE A 282 24.82 22.74 -21.43
C ILE A 282 23.86 22.05 -22.40
N ALA A 283 23.38 22.77 -23.41
CA ALA A 283 22.49 22.17 -24.39
C ALA A 283 23.26 21.60 -25.57
N ALA A 284 24.43 22.18 -25.88
CA ALA A 284 25.24 21.68 -26.98
C ALA A 284 25.78 20.29 -26.71
N GLU A 285 26.20 20.02 -25.47
CA GLU A 285 26.70 18.67 -25.17
C GLU A 285 25.59 17.64 -25.35
N ILE A 286 24.37 17.99 -24.94
CA ILE A 286 23.26 17.06 -25.11
C ILE A 286 22.97 16.89 -26.58
N GLU A 287 23.11 17.95 -27.37
CA GLU A 287 22.86 17.80 -28.80
C GLU A 287 23.87 16.85 -29.43
N HIS A 288 25.14 16.94 -29.03
CA HIS A 288 26.17 16.05 -29.58
C HIS A 288 25.88 14.60 -29.18
N PHE A 289 25.59 14.37 -27.89
CA PHE A 289 25.29 13.01 -27.47
C PHE A 289 24.05 12.51 -28.16
N ILE A 290 23.08 13.40 -28.41
CA ILE A 290 21.84 13.02 -29.08
C ILE A 290 22.12 12.64 -30.51
N HIS A 291 23.01 13.37 -31.19
CA HIS A 291 23.33 13.01 -32.56
C HIS A 291 24.04 11.67 -32.62
N ILE A 292 24.93 11.39 -31.67
CA ILE A 292 25.62 10.10 -31.68
C ILE A 292 24.65 8.96 -31.40
N ILE A 293 23.82 9.10 -30.37
CA ILE A 293 22.86 8.04 -30.06
C ILE A 293 21.87 7.89 -31.21
N THR A 294 21.52 8.98 -31.89
CA THR A 294 20.60 8.90 -33.02
C THR A 294 21.25 8.18 -34.18
N GLY A 295 22.54 8.42 -34.40
CA GLY A 295 23.22 7.73 -35.48
C GLY A 295 23.29 6.23 -35.22
N VAL A 296 23.63 5.85 -33.99
CA VAL A 296 23.70 4.42 -33.68
C VAL A 296 22.30 3.80 -33.73
N ALA A 297 21.28 4.54 -33.31
CA ALA A 297 19.92 4.00 -33.34
C ALA A 297 19.43 3.81 -34.76
N VAL A 298 19.69 4.78 -35.65
CA VAL A 298 19.28 4.64 -37.03
C VAL A 298 20.07 3.53 -37.70
N PHE A 299 21.34 3.35 -37.32
CA PHE A 299 22.11 2.27 -37.91
C PHE A 299 21.54 0.92 -37.52
N LEU A 300 21.19 0.76 -36.24
CA LEU A 300 20.58 -0.50 -35.81
C LEU A 300 19.20 -0.67 -36.43
N GLY A 301 18.46 0.43 -36.61
CA GLY A 301 17.15 0.33 -37.21
C GLY A 301 17.21 -0.14 -38.65
N VAL A 302 18.13 0.41 -39.44
CA VAL A 302 18.24 -0.01 -40.83
C VAL A 302 18.79 -1.44 -40.93
N SER A 303 19.76 -1.80 -40.08
CA SER A 303 20.27 -3.17 -40.11
C SER A 303 19.17 -4.16 -39.77
N PHE A 304 18.33 -3.83 -38.78
CA PHE A 304 17.24 -4.73 -38.44
C PHE A 304 16.16 -4.69 -39.52
N PHE A 305 16.01 -3.56 -40.21
CA PHE A 305 15.02 -3.47 -41.28
C PHE A 305 15.37 -4.46 -42.37
N ILE A 306 16.63 -4.48 -42.77
CA ILE A 306 17.05 -5.43 -43.81
C ILE A 306 17.01 -6.86 -43.25
N LEU A 307 17.34 -7.04 -41.97
CA LEU A 307 17.29 -8.37 -41.37
C LEU A 307 15.88 -8.93 -41.42
N SER A 308 14.90 -8.13 -41.02
CA SER A 308 13.51 -8.57 -41.03
C SER A 308 13.05 -8.82 -42.45
N LEU A 309 13.40 -7.93 -43.39
CA LEU A 309 13.00 -8.13 -44.79
C LEU A 309 13.52 -9.46 -45.31
N ILE A 310 14.76 -9.80 -44.92
CA ILE A 310 15.36 -11.07 -45.33
C ILE A 310 14.66 -12.24 -44.65
N LEU A 311 14.13 -12.03 -43.44
CA LEU A 311 13.48 -13.10 -42.70
C LEU A 311 12.06 -13.40 -43.20
N GLU A 312 11.72 -13.03 -44.43
CA GLU A 312 10.40 -13.27 -45.02
C GLU A 312 9.31 -12.61 -44.18
N TYR A 313 9.40 -11.28 -44.08
CA TYR A 313 8.46 -10.48 -43.32
C TYR A 313 7.83 -9.44 -44.24
N THR A 314 6.64 -8.99 -43.86
CA THR A 314 5.91 -8.00 -44.65
C THR A 314 6.71 -6.71 -44.74
N TRP A 315 6.58 -6.01 -45.88
CA TRP A 315 7.28 -4.75 -46.06
C TRP A 315 6.86 -3.72 -45.03
N LEU A 316 5.61 -3.76 -44.57
CA LEU A 316 5.17 -2.80 -43.56
C LEU A 316 5.70 -3.18 -42.19
N GLU A 317 5.77 -4.49 -41.90
CA GLU A 317 6.30 -4.93 -40.62
C GLU A 317 7.75 -4.51 -40.45
N ALA A 318 8.49 -4.42 -41.57
CA ALA A 318 9.88 -3.99 -41.49
C ALA A 318 9.95 -2.55 -41.01
N VAL A 319 9.08 -1.68 -41.56
CA VAL A 319 9.07 -0.30 -41.11
C VAL A 319 8.57 -0.22 -39.67
N ILE A 320 7.70 -1.15 -39.27
CA ILE A 320 7.21 -1.16 -37.89
C ILE A 320 8.35 -1.49 -36.93
N PHE A 321 9.12 -2.53 -37.26
CA PHE A 321 10.26 -2.89 -36.41
C PHE A 321 11.28 -1.75 -36.36
N LEU A 322 11.49 -1.09 -37.51
CA LEU A 322 12.44 0.03 -37.57
C LEU A 322 11.99 1.17 -36.66
N ILE A 323 10.71 1.53 -36.75
CA ILE A 323 10.17 2.60 -35.92
C ILE A 323 10.31 2.25 -34.45
N GLY A 324 9.97 1.00 -34.11
CA GLY A 324 10.08 0.58 -32.72
C GLY A 324 11.50 0.67 -32.19
N ILE A 325 12.47 0.20 -32.99
CA ILE A 325 13.85 0.24 -32.55
C ILE A 325 14.32 1.68 -32.36
N ILE A 326 14.00 2.55 -33.32
CA ILE A 326 14.42 3.95 -33.20
C ILE A 326 13.81 4.57 -31.95
N VAL A 327 12.51 4.36 -31.74
CA VAL A 327 11.83 4.93 -30.56
C VAL A 327 12.50 4.45 -29.28
N ALA A 328 12.69 3.15 -29.14
CA ALA A 328 13.28 2.59 -27.94
C ALA A 328 14.76 2.89 -27.79
N ASN A 329 15.43 3.40 -28.83
CA ASN A 329 16.85 3.67 -28.71
C ASN A 329 17.20 5.15 -28.72
N VAL A 330 16.31 6.02 -29.18
CA VAL A 330 16.56 7.46 -29.24
C VAL A 330 15.84 8.13 -28.08
N PRO A 331 16.56 8.74 -27.13
CA PRO A 331 15.88 9.43 -26.00
C PRO A 331 15.46 10.83 -26.47
N GLU A 332 14.35 10.85 -27.21
CA GLU A 332 13.78 12.04 -27.84
C GLU A 332 13.32 13.14 -26.89
N GLY A 333 13.34 12.94 -25.57
CA GLY A 333 12.92 14.00 -24.66
C GLY A 333 14.07 14.64 -23.91
N LEU A 334 15.31 14.34 -24.32
CA LEU A 334 16.47 14.86 -23.63
C LEU A 334 16.53 16.38 -23.69
N LEU A 335 16.26 16.95 -24.86
CA LEU A 335 16.30 18.39 -24.99
C LEU A 335 15.24 19.03 -24.10
N ALA A 336 14.06 18.41 -24.04
CA ALA A 336 12.98 18.92 -23.19
C ALA A 336 13.37 18.84 -21.72
N THR A 337 14.03 17.75 -21.34
CA THR A 337 14.47 17.60 -19.96
C THR A 337 15.48 18.68 -19.61
N VAL A 338 16.41 18.96 -20.54
CA VAL A 338 17.43 19.99 -20.31
C VAL A 338 16.75 21.33 -20.12
N THR A 339 15.78 21.65 -20.99
CA THR A 339 15.08 22.93 -20.89
C THR A 339 14.33 23.04 -19.57
N VAL A 340 13.66 21.96 -19.16
CA VAL A 340 12.91 21.99 -17.92
C VAL A 340 13.85 22.22 -16.73
N CYS A 341 14.95 21.47 -16.69
CA CYS A 341 15.90 21.62 -15.57
C CYS A 341 16.46 23.03 -15.53
N LEU A 342 16.87 23.56 -16.68
CA LEU A 342 17.45 24.89 -16.71
C LEU A 342 16.46 25.95 -16.26
N THR A 343 15.24 25.93 -16.80
CA THR A 343 14.26 26.95 -16.41
C THR A 343 13.88 26.81 -14.95
N LEU A 344 13.72 25.58 -14.47
CA LEU A 344 13.35 25.37 -13.07
C LEU A 344 14.43 25.90 -12.13
N THR A 345 15.69 25.59 -12.41
CA THR A 345 16.72 26.10 -11.51
C THR A 345 16.89 27.59 -11.66
N ALA A 346 16.60 28.13 -12.85
CA ALA A 346 16.67 29.58 -13.00
C ALA A 346 15.64 30.23 -12.09
N LYS A 347 14.44 29.65 -12.04
CA LYS A 347 13.39 30.16 -11.17
C LYS A 347 13.81 30.02 -9.71
N ARG A 348 14.46 28.89 -9.36
CA ARG A 348 14.90 28.70 -7.98
C ARG A 348 15.89 29.79 -7.58
N MET A 349 16.87 30.05 -8.44
CA MET A 349 17.83 31.11 -8.12
C MET A 349 17.12 32.45 -8.00
N ALA A 350 16.15 32.72 -8.88
CA ALA A 350 15.42 33.96 -8.80
C ALA A 350 14.70 34.10 -7.46
N ARG A 351 14.13 33.01 -6.95
CA ARG A 351 13.43 33.07 -5.66
C ARG A 351 14.39 33.16 -4.49
N LYS A 352 15.69 32.99 -4.71
CA LYS A 352 16.67 33.04 -3.63
C LYS A 352 17.63 34.21 -3.78
N ASN A 353 17.14 35.31 -4.36
CA ASN A 353 17.89 36.55 -4.57
C ASN A 353 19.03 36.43 -5.59
N CYS A 354 18.88 35.58 -6.60
CA CYS A 354 19.92 35.39 -7.65
C CYS A 354 19.25 35.46 -9.02
N LEU A 355 19.24 36.64 -9.63
CA LEU A 355 18.62 36.81 -10.93
C LEU A 355 19.68 36.57 -12.01
N VAL A 356 19.50 35.53 -12.81
CA VAL A 356 20.42 35.20 -13.89
C VAL A 356 20.00 35.96 -15.13
N LYS A 357 20.88 36.84 -15.62
CA LYS A 357 20.54 37.62 -16.81
C LYS A 357 20.41 36.73 -18.04
N ASN A 358 21.30 35.76 -18.19
CA ASN A 358 21.28 34.86 -19.32
C ASN A 358 21.21 33.42 -18.83
N LEU A 359 20.86 32.52 -19.74
CA LEU A 359 20.74 31.11 -19.40
C LEU A 359 22.09 30.40 -19.29
N GLU A 360 23.17 31.02 -19.81
CA GLU A 360 24.47 30.37 -19.73
C GLU A 360 25.06 30.50 -18.33
N ALA A 361 24.91 31.67 -17.70
CA ALA A 361 25.45 31.86 -16.37
C ALA A 361 24.89 30.86 -15.37
N VAL A 362 23.68 30.36 -15.62
CA VAL A 362 23.05 29.39 -14.72
C VAL A 362 23.89 28.14 -14.60
N GLU A 363 24.70 27.80 -15.62
CA GLU A 363 25.55 26.61 -15.52
C GLU A 363 26.97 26.97 -15.13
N THR A 364 27.37 28.23 -15.32
CA THR A 364 28.72 28.61 -14.92
C THR A 364 28.79 28.70 -13.42
N LEU A 365 27.65 28.96 -12.77
CA LEU A 365 27.61 29.07 -11.32
C LEU A 365 28.03 27.78 -10.63
N GLY A 366 27.59 26.63 -11.15
CA GLY A 366 27.97 25.37 -10.53
C GLY A 366 29.47 25.11 -10.59
N SER A 367 30.16 25.74 -11.53
CA SER A 367 31.60 25.56 -11.69
C SER A 367 32.41 26.66 -11.01
N THR A 368 31.75 27.54 -10.27
CA THR A 368 32.46 28.63 -9.60
C THR A 368 33.51 28.08 -8.64
N SER A 369 34.70 28.66 -8.68
CA SER A 369 35.80 28.24 -7.81
C SER A 369 36.50 29.39 -7.10
N THR A 370 36.33 30.64 -7.54
CA THR A 370 36.95 31.77 -6.88
C THR A 370 35.94 32.90 -6.84
N ILE A 371 35.64 33.40 -5.65
CA ILE A 371 34.67 34.47 -5.47
C ILE A 371 35.39 35.69 -4.89
N CYS A 372 35.55 36.72 -5.71
CA CYS A 372 36.20 37.96 -5.29
C CYS A 372 35.09 38.92 -4.89
N SER A 373 34.74 38.90 -3.60
CA SER A 373 33.70 39.76 -3.08
C SER A 373 34.30 41.00 -2.39
N ASP A 374 33.46 42.01 -2.23
CA ASP A 374 33.85 43.23 -1.57
C ASP A 374 33.47 43.19 -0.10
N LYS A 375 34.14 44.03 0.69
CA LYS A 375 33.87 44.07 2.11
C LYS A 375 32.69 44.95 2.43
N THR A 376 32.67 46.16 1.90
CA THR A 376 31.60 47.11 2.15
C THR A 376 30.52 47.01 1.09
N GLY A 377 29.33 46.59 1.50
CA GLY A 377 28.22 46.47 0.56
C GLY A 377 27.74 45.05 0.33
N THR A 378 28.65 44.09 0.33
CA THR A 378 28.30 42.70 0.12
C THR A 378 28.46 41.83 1.36
N LEU A 379 29.63 41.87 1.99
CA LEU A 379 29.83 41.09 3.22
C LEU A 379 29.15 41.75 4.41
N THR A 380 29.18 43.08 4.47
CA THR A 380 28.56 43.85 5.54
C THR A 380 27.28 44.50 5.00
N GLN A 381 26.49 45.06 5.92
CA GLN A 381 25.23 45.71 5.57
C GLN A 381 25.38 47.18 5.25
N ASN A 382 26.60 47.72 5.26
CA ASN A 382 26.86 49.13 4.97
C ASN A 382 26.04 50.07 5.84
N ARG A 383 25.86 49.70 7.10
CA ARG A 383 25.11 50.51 8.07
C ARG A 383 26.13 50.87 9.15
N MET A 384 26.89 51.93 8.89
CA MET A 384 27.93 52.37 9.81
C MET A 384 27.34 53.14 10.99
N THR A 385 28.05 53.10 12.11
CA THR A 385 27.61 53.77 13.33
C THR A 385 28.83 54.26 14.09
N VAL A 386 28.91 55.58 14.33
CA VAL A 386 30.05 56.13 15.05
C VAL A 386 30.08 55.55 16.46
N ALA A 387 31.17 54.85 16.78
CA ALA A 387 31.30 54.21 18.08
C ALA A 387 32.51 54.67 18.88
N HIS A 388 33.69 54.74 18.28
CA HIS A 388 34.89 55.16 18.99
C HIS A 388 35.55 56.34 18.28
N MET A 389 36.31 57.12 19.05
CA MET A 389 37.04 58.27 18.54
C MET A 389 38.36 58.41 19.29
N TRP A 390 39.26 59.21 18.72
CA TRP A 390 40.57 59.42 19.33
C TRP A 390 40.99 60.88 19.21
N PHE A 391 41.03 61.56 20.36
CA PHE A 391 41.45 62.96 20.43
C PHE A 391 42.07 63.15 21.80
N ASP A 392 42.89 64.18 21.93
CA ASP A 392 43.59 64.46 23.19
C ASP A 392 44.41 63.26 23.63
N ASN A 393 44.93 62.51 22.66
CA ASN A 393 45.73 61.32 22.91
C ASN A 393 44.99 60.31 23.79
N GLN A 394 43.66 60.24 23.64
CA GLN A 394 42.87 59.30 24.43
C GLN A 394 41.77 58.70 23.56
N ILE A 395 41.31 57.52 23.97
CA ILE A 395 40.27 56.76 23.30
C ILE A 395 38.94 57.06 23.96
N HIS A 396 37.95 57.46 23.17
CA HIS A 396 36.65 57.82 23.69
C HIS A 396 35.52 57.06 23.01
N GLU A 397 34.65 56.45 23.82
CA GLU A 397 33.47 55.77 23.33
C GLU A 397 32.35 56.81 23.35
N ALA A 398 31.38 56.68 22.44
CA ALA A 398 30.36 57.71 22.42
C ALA A 398 29.07 57.15 21.85
N ASP A 399 28.17 58.06 21.45
CA ASP A 399 26.87 57.72 20.87
C ASP A 399 26.04 56.90 21.86
N THR A 400 25.65 57.59 22.94
CA THR A 400 24.84 56.96 23.96
C THR A 400 23.56 56.41 23.36
N THR A 401 22.93 55.46 24.07
CA THR A 401 21.72 54.83 23.56
C THR A 401 20.53 55.79 23.59
N GLU A 402 20.70 56.93 22.90
CA GLU A 402 19.72 58.00 22.75
C GLU A 402 18.91 58.22 24.01
N ASN A 403 19.56 58.18 25.16
CA ASN A 403 18.92 58.39 26.45
C ASN A 403 19.36 59.70 27.06
N GLN A 404 19.92 60.58 26.23
CA GLN A 404 20.40 61.90 26.63
C GLN A 404 21.54 61.80 27.63
N SER A 405 22.21 60.64 27.68
CA SER A 405 23.35 60.45 28.56
C SER A 405 24.59 61.13 28.00
N GLY A 406 24.51 61.56 26.74
CA GLY A 406 25.60 62.23 26.07
C GLY A 406 26.69 61.31 25.56
N VAL A 407 27.87 61.44 26.16
CA VAL A 407 29.05 60.65 25.84
C VAL A 407 29.74 60.29 27.15
N SER A 408 30.80 59.48 27.04
CA SER A 408 31.55 59.08 28.23
C SER A 408 32.58 60.11 28.64
N PHE A 409 32.72 61.20 27.89
CA PHE A 409 33.64 62.29 28.17
C PHE A 409 32.83 63.58 28.32
N ASP A 410 33.51 64.67 28.62
CA ASP A 410 32.83 65.95 28.76
C ASP A 410 32.70 66.59 27.38
N LYS A 411 31.49 67.03 27.03
CA LYS A 411 31.25 67.66 25.74
C LYS A 411 31.87 69.04 25.61
N THR A 412 32.53 69.53 26.66
CA THR A 412 33.17 70.83 26.66
C THR A 412 34.65 70.76 26.30
N SER A 413 35.16 69.58 25.95
CA SER A 413 36.56 69.44 25.59
C SER A 413 36.88 70.33 24.40
N ALA A 414 37.97 71.08 24.48
CA ALA A 414 38.34 71.99 23.40
C ALA A 414 38.64 71.22 22.10
N THR A 415 39.43 70.16 22.20
CA THR A 415 39.77 69.38 21.02
C THR A 415 38.53 68.78 20.40
N TRP A 416 37.57 68.36 21.22
CA TRP A 416 36.34 67.80 20.67
C TRP A 416 35.60 68.81 19.82
N LEU A 417 35.66 70.10 20.19
CA LEU A 417 35.00 71.13 19.40
C LEU A 417 35.65 71.23 18.04
N ALA A 418 37.00 71.22 18.00
CA ALA A 418 37.67 71.29 16.70
C ALA A 418 37.47 70.01 15.88
N LEU A 419 37.13 68.90 16.54
CA LEU A 419 36.87 67.65 15.83
C LEU A 419 35.47 67.65 15.23
N SER A 420 34.47 68.03 16.02
CA SER A 420 33.10 68.09 15.55
C SER A 420 32.93 69.14 14.47
N ARG A 421 33.69 70.25 14.58
CA ARG A 421 33.60 71.31 13.57
C ARG A 421 34.00 70.79 12.20
N ILE A 422 35.15 70.12 12.12
CA ILE A 422 35.60 69.60 10.83
C ILE A 422 34.82 68.36 10.44
N ALA A 423 34.16 67.70 11.40
CA ALA A 423 33.36 66.53 11.06
C ALA A 423 31.97 66.89 10.58
N GLY A 424 31.53 68.12 10.83
CA GLY A 424 30.22 68.55 10.40
C GLY A 424 30.28 69.51 9.23
N LEU A 425 31.34 70.32 9.17
CA LEU A 425 31.51 71.27 8.08
C LEU A 425 31.98 70.57 6.81
N CYS A 426 33.00 69.73 6.93
CA CYS A 426 33.52 69.00 5.77
C CYS A 426 32.52 68.00 5.23
N ASN A 427 31.50 67.66 6.02
CA ASN A 427 30.48 66.72 5.58
C ASN A 427 29.71 67.29 4.39
N ARG A 428 29.19 66.39 3.56
CA ARG A 428 28.44 66.78 2.38
C ARG A 428 27.00 66.26 2.41
N ALA A 429 26.64 65.46 3.40
CA ALA A 429 25.31 64.88 3.51
C ALA A 429 24.40 65.77 4.34
N VAL A 430 23.10 65.71 4.00
CA VAL A 430 22.11 66.52 4.70
C VAL A 430 20.89 65.64 4.95
N PHE A 431 20.08 66.03 5.94
CA PHE A 431 18.86 65.32 6.26
C PHE A 431 17.75 65.74 5.31
N GLN A 432 16.84 64.82 5.02
CA GLN A 432 15.72 65.15 4.15
C GLN A 432 14.57 65.71 5.00
N ALA A 433 13.52 66.16 4.33
CA ALA A 433 12.38 66.74 5.03
C ALA A 433 11.53 65.65 5.68
N ASN A 434 10.63 66.10 6.56
CA ASN A 434 9.71 65.23 7.31
C ASN A 434 10.46 64.25 8.21
N GLN A 435 11.52 64.74 8.87
CA GLN A 435 12.33 63.90 9.75
C GLN A 435 12.56 64.50 11.13
N GLU A 436 11.91 65.59 11.49
CA GLU A 436 12.10 66.19 12.80
C GLU A 436 11.14 65.63 13.85
N ASN A 437 10.42 64.55 13.53
CA ASN A 437 9.47 63.94 14.46
C ASN A 437 9.92 62.58 14.97
N LEU A 438 11.04 62.07 14.50
CA LEU A 438 11.57 60.79 14.94
C LEU A 438 13.05 61.00 15.26
N PRO A 439 13.64 60.13 16.08
CA PRO A 439 15.05 60.30 16.49
C PRO A 439 16.05 60.33 15.35
N ILE A 440 17.29 60.61 15.74
CA ILE A 440 18.43 60.70 14.81
C ILE A 440 18.99 59.34 14.46
N LEU A 441 18.78 58.34 15.32
CA LEU A 441 19.30 57.00 15.07
C LEU A 441 18.38 56.15 14.21
N LYS A 442 17.26 56.70 13.73
CA LYS A 442 16.34 55.95 12.89
C LYS A 442 15.77 56.79 11.74
N ARG A 443 16.29 58.00 11.51
CA ARG A 443 15.79 58.86 10.45
C ARG A 443 16.50 58.60 9.13
N ALA A 444 16.10 59.35 8.11
CA ALA A 444 16.67 59.24 6.77
C ALA A 444 17.65 60.38 6.51
N VAL A 445 18.69 60.07 5.73
CA VAL A 445 19.73 61.03 5.38
C VAL A 445 19.92 60.96 3.87
N ALA A 446 20.80 61.82 3.35
CA ALA A 446 21.10 61.84 1.93
C ALA A 446 22.61 62.11 1.79
N GLY A 447 23.36 61.04 1.56
CA GLY A 447 24.80 61.12 1.41
C GLY A 447 25.49 59.79 1.71
N ASP A 448 26.80 59.89 1.89
CA ASP A 448 27.63 58.73 2.17
C ASP A 448 27.23 58.09 3.49
N ALA A 449 27.47 56.77 3.59
CA ALA A 449 27.16 56.09 4.85
C ALA A 449 28.04 56.63 5.96
N SER A 450 29.30 56.95 5.63
CA SER A 450 30.19 57.54 6.62
C SER A 450 29.69 58.93 6.99
N GLU A 451 29.26 59.70 5.99
CA GLU A 451 28.73 61.02 6.25
C GLU A 451 27.42 60.93 7.03
N SER A 452 26.64 59.88 6.80
CA SER A 452 25.39 59.70 7.54
C SER A 452 25.67 59.39 9.00
N ALA A 453 26.67 58.53 9.26
CA ALA A 453 27.02 58.21 10.64
C ALA A 453 27.55 59.44 11.35
N LEU A 454 28.38 60.24 10.65
CA LEU A 454 28.90 61.45 11.27
C LEU A 454 27.78 62.45 11.53
N LEU A 455 26.81 62.56 10.63
CA LEU A 455 25.70 63.47 10.83
C LEU A 455 24.89 63.05 12.04
N LYS A 456 24.53 61.76 12.11
CA LYS A 456 23.77 61.27 13.25
C LYS A 456 24.56 61.37 14.56
N CYS A 457 25.90 61.44 14.46
CA CYS A 457 26.71 61.58 15.68
C CYS A 457 26.74 63.02 16.18
N ILE A 458 27.12 63.96 15.30
CA ILE A 458 27.17 65.36 15.71
C ILE A 458 25.77 65.90 16.02
N GLU A 459 24.72 65.26 15.49
CA GLU A 459 23.38 65.69 15.81
C GLU A 459 22.90 65.05 17.10
N LEU A 460 23.51 63.93 17.52
CA LEU A 460 23.13 63.32 18.79
C LEU A 460 23.96 63.77 19.99
N CYS A 461 25.13 64.38 19.78
CA CYS A 461 25.91 64.81 20.94
C CYS A 461 26.51 66.20 20.84
N CYS A 462 26.30 66.93 19.73
CA CYS A 462 26.83 68.28 19.62
C CYS A 462 25.73 69.31 19.46
N GLY A 463 24.84 69.13 18.50
CA GLY A 463 23.75 70.07 18.29
C GLY A 463 23.13 69.94 16.93
N SER A 464 22.93 71.08 16.26
CA SER A 464 22.35 71.13 14.93
C SER A 464 23.40 71.51 13.90
N VAL A 465 23.49 70.71 12.83
CA VAL A 465 24.47 70.99 11.78
C VAL A 465 23.97 72.07 10.84
N LYS A 466 22.64 72.26 10.75
CA LYS A 466 22.10 73.29 9.86
C LYS A 466 22.61 74.67 10.26
N GLU A 467 22.88 74.87 11.55
CA GLU A 467 23.37 76.15 12.03
C GLU A 467 24.90 76.23 11.98
N MET A 468 25.59 75.15 12.34
CA MET A 468 27.05 75.16 12.28
C MET A 468 27.53 75.38 10.85
N ARG A 469 26.93 74.65 9.90
CA ARG A 469 27.32 74.81 8.51
C ARG A 469 26.91 76.17 7.95
N GLU A 470 25.95 76.85 8.59
CA GLU A 470 25.52 78.17 8.14
C GLU A 470 26.48 79.25 8.62
N ARG A 471 26.93 79.15 9.88
CA ARG A 471 27.85 80.13 10.43
C ARG A 471 29.19 80.08 9.69
N TYR A 472 29.75 78.88 9.56
CA TYR A 472 31.02 78.69 8.85
C TYR A 472 30.69 78.48 7.38
N THR A 473 30.45 79.59 6.68
CA THR A 473 30.11 79.51 5.27
C THR A 473 31.28 78.92 4.48
N LYS A 474 30.97 77.92 3.66
CA LYS A 474 31.98 77.21 2.87
C LYS A 474 32.28 77.94 1.56
N ILE A 475 33.55 78.32 1.37
CA ILE A 475 33.97 79.02 0.15
C ILE A 475 34.10 78.06 -1.02
N VAL A 476 35.01 77.10 -0.89
CA VAL A 476 35.27 76.10 -1.93
C VAL A 476 35.45 74.74 -1.28
N GLU A 477 34.91 73.70 -1.92
CA GLU A 477 35.04 72.34 -1.41
C GLU A 477 35.54 71.40 -2.50
N ILE A 478 36.43 70.50 -2.10
CA ILE A 478 37.05 69.49 -2.95
C ILE A 478 36.46 68.14 -2.56
N PRO A 479 35.67 67.49 -3.44
CA PRO A 479 35.07 66.20 -3.07
C PRO A 479 36.11 65.09 -2.95
N PHE A 480 35.65 63.91 -2.57
CA PHE A 480 36.50 62.74 -2.42
C PHE A 480 36.94 62.25 -3.80
N ASN A 481 38.24 62.31 -4.08
CA ASN A 481 38.79 61.88 -5.37
C ASN A 481 39.88 60.86 -5.15
N SER A 482 39.96 59.88 -6.06
CA SER A 482 41.00 58.86 -5.95
C SER A 482 42.38 59.48 -6.06
N THR A 483 42.50 60.58 -6.81
CA THR A 483 43.78 61.26 -6.94
C THR A 483 44.19 61.91 -5.64
N ASN A 484 43.26 62.63 -5.00
CA ASN A 484 43.56 63.28 -3.74
C ASN A 484 43.54 62.31 -2.57
N LYS A 485 42.53 61.44 -2.53
CA LYS A 485 42.34 60.48 -1.44
C LYS A 485 41.94 61.18 -0.15
N TYR A 486 41.32 62.36 -0.29
CA TYR A 486 40.87 63.15 0.84
C TYR A 486 39.80 64.12 0.38
N GLN A 487 39.10 64.68 1.35
CA GLN A 487 38.07 65.68 1.13
C GLN A 487 38.66 67.04 1.47
N LEU A 488 37.92 68.11 1.20
CA LEU A 488 38.46 69.42 1.52
C LEU A 488 37.34 70.43 1.55
N SER A 489 37.47 71.42 2.46
CA SER A 489 36.45 72.46 2.58
C SER A 489 37.07 73.69 3.23
N ILE A 490 36.97 74.84 2.55
CA ILE A 490 37.49 76.10 3.05
C ILE A 490 36.30 76.91 3.54
N HIS A 491 36.35 77.38 4.80
CA HIS A 491 35.26 78.13 5.39
C HIS A 491 35.74 79.44 6.00
N LYS A 492 34.88 80.46 5.93
CA LYS A 492 35.18 81.74 6.54
C LYS A 492 34.68 81.67 7.97
N ASN A 493 35.52 82.03 8.89
CA ASN A 493 35.07 81.94 10.27
C ASN A 493 34.53 83.28 10.74
N PRO A 494 33.31 83.30 11.31
CA PRO A 494 32.72 84.56 11.80
C PRO A 494 33.21 85.02 13.17
N ASN A 495 34.33 84.47 13.66
CA ASN A 495 34.86 84.86 14.97
C ASN A 495 35.73 86.11 14.85
N THR A 496 36.42 86.47 15.93
CA THR A 496 37.25 87.65 15.94
C THR A 496 38.73 87.38 16.19
N ALA A 497 39.09 86.33 16.90
CA ALA A 497 40.49 86.02 17.19
C ALA A 497 41.10 85.03 16.21
N GLU A 498 40.41 84.69 15.12
CA GLU A 498 40.90 83.77 14.12
C GLU A 498 41.25 84.51 12.84
N PRO A 499 42.13 83.95 11.99
CA PRO A 499 42.50 84.66 10.77
C PRO A 499 41.52 84.53 9.60
N ARG A 500 40.22 84.57 9.90
CA ARG A 500 39.13 84.54 8.93
C ARG A 500 39.13 83.38 7.94
N HIS A 501 40.03 82.41 8.10
CA HIS A 501 40.09 81.29 7.17
C HIS A 501 40.33 79.99 7.93
N LEU A 502 39.44 79.02 7.74
CA LEU A 502 39.53 77.72 8.40
C LEU A 502 39.42 76.65 7.33
N LEU A 503 40.48 75.87 7.16
CA LEU A 503 40.53 74.80 6.18
C LEU A 503 40.28 73.50 6.93
N VAL A 504 39.33 72.69 6.46
CA VAL A 504 39.00 71.43 7.10
C VAL A 504 39.05 70.30 6.06
N MET A 505 39.61 69.15 6.46
CA MET A 505 39.69 68.03 5.53
C MET A 505 39.77 66.72 6.29
N LYS A 506 39.16 65.69 5.71
CA LYS A 506 39.14 64.35 6.26
C LYS A 506 39.59 63.36 5.20
N GLY A 507 39.90 62.15 5.64
CA GLY A 507 40.34 61.14 4.69
C GLY A 507 41.03 59.97 5.39
N ALA A 508 41.97 59.37 4.70
CA ALA A 508 42.70 58.24 5.25
C ALA A 508 43.49 58.70 6.47
N PRO A 509 43.30 58.08 7.64
CA PRO A 509 44.03 58.52 8.83
C PRO A 509 45.53 58.53 8.65
N GLU A 510 46.09 57.50 8.00
CA GLU A 510 47.53 57.45 7.78
C GLU A 510 47.98 58.61 6.88
N ARG A 511 47.21 58.87 5.82
CA ARG A 511 47.54 59.95 4.91
C ARG A 511 47.27 61.31 5.53
N ILE A 512 46.21 61.42 6.33
CA ILE A 512 45.91 62.68 6.99
C ILE A 512 47.02 63.01 7.99
N LEU A 513 47.61 61.98 8.61
CA LEU A 513 48.69 62.18 9.57
C LEU A 513 49.94 62.71 8.88
N ASP A 514 50.28 62.16 7.70
CA ASP A 514 51.48 62.66 7.01
C ASP A 514 51.35 64.09 6.50
N ARG A 515 50.13 64.62 6.42
CA ARG A 515 49.88 65.97 5.94
C ARG A 515 49.78 67.01 7.05
N CYS A 516 50.16 66.65 8.28
CA CYS A 516 50.07 67.58 9.40
C CYS A 516 51.38 67.63 10.18
N SER A 517 51.63 68.79 10.79
CA SER A 517 52.82 69.03 11.58
C SER A 517 52.53 69.29 13.05
N SER A 518 51.27 69.51 13.43
CA SER A 518 50.91 69.78 14.81
C SER A 518 49.60 69.07 15.16
N ILE A 519 49.35 68.97 16.46
CA ILE A 519 48.15 68.32 17.00
C ILE A 519 47.57 69.17 18.13
N LEU A 520 46.25 69.14 18.27
CA LEU A 520 45.55 69.88 19.31
C LEU A 520 45.38 69.00 20.55
N ILE A 521 45.89 69.48 21.70
CA ILE A 521 45.80 68.76 22.97
C ILE A 521 45.12 69.68 23.97
N HIS A 522 43.90 69.31 24.37
CA HIS A 522 43.10 70.07 25.33
C HIS A 522 43.09 71.56 25.04
N GLY A 523 43.15 71.94 23.76
CA GLY A 523 43.09 73.32 23.33
C GLY A 523 44.40 73.90 22.84
N LYS A 524 45.53 73.41 23.32
CA LYS A 524 46.82 73.96 22.89
C LYS A 524 47.40 73.15 21.75
N GLU A 525 47.84 73.84 20.70
CA GLU A 525 48.44 73.21 19.54
C GLU A 525 49.92 72.98 19.82
N GLN A 526 50.40 71.75 19.58
CA GLN A 526 51.79 71.43 19.82
C GLN A 526 52.37 70.67 18.63
N PRO A 527 53.68 70.79 18.40
CA PRO A 527 54.28 70.08 17.26
C PRO A 527 54.09 68.56 17.36
N LEU A 528 53.88 67.93 16.20
CA LEU A 528 53.68 66.49 16.12
C LEU A 528 55.05 65.81 16.12
N ASP A 529 55.42 65.23 17.25
CA ASP A 529 56.69 64.55 17.41
C ASP A 529 56.55 63.07 17.10
N GLU A 530 57.64 62.32 17.29
CA GLU A 530 57.61 60.88 17.04
C GLU A 530 56.77 60.15 18.07
N GLU A 531 56.76 60.63 19.33
CA GLU A 531 55.96 59.97 20.36
C GLU A 531 54.47 60.06 20.06
N LEU A 532 54.01 61.23 19.62
CA LEU A 532 52.60 61.39 19.30
C LEU A 532 52.22 60.53 18.09
N LYS A 533 53.10 60.44 17.09
CA LYS A 533 52.81 59.60 15.92
C LYS A 533 52.80 58.13 16.30
N ASP A 534 53.68 57.73 17.22
CA ASP A 534 53.69 56.33 17.66
C ASP A 534 52.41 56.01 18.42
N ALA A 535 51.96 56.94 19.28
CA ALA A 535 50.70 56.73 20.00
C ALA A 535 49.53 56.65 19.03
N PHE A 536 49.57 57.48 17.99
CA PHE A 536 48.51 57.45 16.98
C PHE A 536 48.49 56.11 16.27
N GLN A 537 49.67 55.57 15.96
CA GLN A 537 49.73 54.27 15.31
C GLN A 537 49.20 53.19 16.22
N ASN A 538 49.49 53.28 17.53
CA ASN A 538 48.98 52.28 18.47
C ASN A 538 47.46 52.33 18.50
N ALA A 539 46.90 53.55 18.55
CA ALA A 539 45.45 53.69 18.56
C ALA A 539 44.84 53.18 17.27
N TYR A 540 45.52 53.44 16.14
CA TYR A 540 45.00 52.97 14.87
C TYR A 540 44.96 51.45 14.82
N LEU A 541 46.03 50.80 15.28
CA LEU A 541 46.04 49.33 15.28
C LEU A 541 44.97 48.80 16.22
N GLU A 542 44.75 49.48 17.35
CA GLU A 542 43.74 49.05 18.31
C GLU A 542 42.33 49.13 17.73
N LEU A 543 42.00 50.25 17.08
CA LEU A 543 40.66 50.40 16.51
C LEU A 543 40.50 49.57 15.25
N GLY A 544 41.57 49.37 14.48
CA GLY A 544 41.48 48.59 13.26
C GLY A 544 41.35 47.10 13.54
N GLY A 545 41.95 46.63 14.63
CA GLY A 545 41.81 45.23 14.94
C GLY A 545 40.41 44.86 15.40
N LEU A 546 39.60 45.88 15.69
CA LEU A 546 38.22 45.72 16.12
C LEU A 546 37.24 45.64 14.96
N GLY A 547 37.73 45.71 13.72
CA GLY A 547 36.84 45.65 12.56
C GLY A 547 36.06 46.92 12.31
N GLU A 548 36.69 48.08 12.50
CA GLU A 548 36.03 49.36 12.31
C GLU A 548 36.82 50.20 11.32
N ARG A 549 36.10 50.95 10.50
CA ARG A 549 36.72 51.83 9.52
C ARG A 549 37.02 53.16 10.23
N VAL A 550 38.29 53.56 10.23
CA VAL A 550 38.71 54.79 10.89
C VAL A 550 38.97 55.86 9.86
N LEU A 551 38.60 57.10 10.20
CA LEU A 551 38.76 58.26 9.32
C LEU A 551 39.55 59.35 10.06
N GLY A 552 40.49 59.98 9.36
CA GLY A 552 41.30 61.04 9.90
C GLY A 552 40.73 62.41 9.59
N PHE A 553 40.88 63.34 10.54
CA PHE A 553 40.37 64.69 10.42
C PHE A 553 41.40 65.73 10.83
N CYS A 554 41.43 66.86 10.11
CA CYS A 554 42.38 67.90 10.44
C CYS A 554 41.89 69.23 9.89
N HIS A 555 42.48 70.32 10.42
CA HIS A 555 42.12 71.67 10.00
C HIS A 555 43.34 72.57 10.15
N LEU A 556 43.23 73.75 9.55
CA LEU A 556 44.30 74.75 9.60
C LEU A 556 43.73 76.16 9.56
N PHE A 557 44.24 77.01 10.43
CA PHE A 557 43.85 78.42 10.50
C PHE A 557 44.94 79.15 9.72
N LEU A 558 44.72 79.27 8.42
CA LEU A 558 45.70 79.92 7.55
C LEU A 558 45.96 81.35 8.06
N PRO A 559 47.22 81.79 8.11
CA PRO A 559 47.51 83.14 8.59
C PRO A 559 46.77 84.21 7.81
N ASP A 560 46.31 85.24 8.53
CA ASP A 560 45.58 86.35 7.91
C ASP A 560 46.49 87.29 7.15
N GLU A 561 47.75 87.41 7.57
CA GLU A 561 48.68 88.31 6.88
C GLU A 561 48.83 87.92 5.42
N GLN A 562 48.98 86.61 5.15
CA GLN A 562 49.15 86.13 3.77
C GLN A 562 47.82 86.00 3.04
N PHE A 563 46.75 85.62 3.73
CA PHE A 563 45.43 85.46 3.12
C PHE A 563 44.47 86.45 3.77
N PRO A 564 44.28 87.62 3.18
CA PRO A 564 43.37 88.61 3.76
C PRO A 564 41.91 88.20 3.66
N GLU A 565 41.00 89.08 4.09
CA GLU A 565 39.57 88.77 4.02
C GLU A 565 39.11 88.60 2.59
N GLY A 566 39.58 89.46 1.68
CA GLY A 566 39.21 89.40 0.28
C GLY A 566 39.97 88.40 -0.54
N PHE A 567 40.81 87.56 0.08
CA PHE A 567 41.55 86.56 -0.67
C PHE A 567 40.59 85.53 -1.24
N GLN A 568 40.84 85.11 -2.48
CA GLN A 568 40.00 84.14 -3.16
C GLN A 568 40.80 82.86 -3.40
N PHE A 569 40.38 81.78 -2.74
CA PHE A 569 41.05 80.49 -2.86
C PHE A 569 40.63 79.82 -4.17
N ASP A 570 41.60 79.51 -5.02
CA ASP A 570 41.34 78.87 -6.29
C ASP A 570 41.29 77.35 -6.11
N THR A 571 40.21 76.73 -6.61
CA THR A 571 40.07 75.28 -6.50
C THR A 571 40.80 74.55 -7.62
N ASP A 572 40.72 75.07 -8.85
CA ASP A 572 41.40 74.44 -9.99
C ASP A 572 42.91 74.59 -9.87
N ASP A 573 43.38 75.75 -9.40
CA ASP A 573 44.80 76.04 -9.22
C ASP A 573 45.02 76.14 -7.71
N VAL A 574 45.45 75.04 -7.11
CA VAL A 574 45.66 75.02 -5.66
C VAL A 574 46.75 76.01 -5.28
N ASN A 575 46.36 77.06 -4.55
CA ASN A 575 47.26 78.10 -4.08
C ASN A 575 47.43 78.09 -2.58
N PHE A 576 46.39 77.73 -1.85
CA PHE A 576 46.45 77.65 -0.41
C PHE A 576 47.33 76.47 0.01
N PRO A 577 47.92 76.51 1.20
CA PRO A 577 48.79 75.40 1.63
C PRO A 577 47.98 74.13 1.85
N LEU A 578 48.48 73.03 1.28
CA LEU A 578 47.84 71.75 1.41
C LEU A 578 48.46 70.89 2.50
N ASP A 579 49.72 71.15 2.84
CA ASP A 579 50.46 70.40 3.85
C ASP A 579 50.63 71.27 5.09
N ASN A 580 51.32 70.70 6.09
CA ASN A 580 51.61 71.38 7.36
C ASN A 580 50.33 71.86 8.05
N LEU A 581 49.28 71.05 8.00
CA LEU A 581 48.02 71.40 8.63
C LEU A 581 48.08 70.99 10.11
N CYS A 582 46.94 70.97 10.77
CA CYS A 582 46.86 70.60 12.18
C CYS A 582 45.91 69.43 12.34
N PHE A 583 46.45 68.26 12.67
CA PHE A 583 45.65 67.05 12.86
C PHE A 583 44.81 67.21 14.12
N VAL A 584 43.51 66.91 14.02
CA VAL A 584 42.65 67.07 15.19
C VAL A 584 42.33 65.72 15.84
N GLY A 585 41.75 64.79 15.08
CA GLY A 585 41.45 63.52 15.70
C GLY A 585 40.96 62.48 14.71
N LEU A 586 40.75 61.28 15.24
CA LEU A 586 40.28 60.13 14.49
C LEU A 586 38.85 59.78 14.90
N ILE A 587 38.07 59.30 13.93
CA ILE A 587 36.69 58.89 14.16
C ILE A 587 36.51 57.54 13.48
N SER A 588 36.00 56.57 14.23
CA SER A 588 35.78 55.22 13.71
C SER A 588 34.32 54.81 13.90
N MET A 589 33.80 54.08 12.92
CA MET A 589 32.44 53.60 12.92
C MET A 589 32.42 52.07 12.78
N ILE A 590 31.33 51.48 13.26
CA ILE A 590 31.13 50.04 13.22
C ILE A 590 30.17 49.70 12.10
N ASP A 591 30.53 48.66 11.33
CA ASP A 591 29.71 48.15 10.22
C ASP A 591 29.69 46.64 10.37
N PRO A 592 28.72 46.09 11.10
CA PRO A 592 28.70 44.65 11.32
C PRO A 592 28.44 43.88 10.05
N PRO A 593 28.98 42.67 9.92
CA PRO A 593 28.75 41.86 8.71
C PRO A 593 27.35 41.27 8.69
N ARG A 594 26.96 40.82 7.49
CA ARG A 594 25.64 40.22 7.32
C ARG A 594 25.48 39.00 8.23
N ALA A 595 24.25 38.53 8.35
CA ALA A 595 23.97 37.40 9.24
C ALA A 595 24.58 36.10 8.72
N ALA A 596 24.15 35.64 7.55
CA ALA A 596 24.61 34.37 7.00
C ALA A 596 26.00 34.43 6.39
N VAL A 597 26.74 35.53 6.52
CA VAL A 597 28.09 35.60 5.94
C VAL A 597 29.04 34.59 6.56
N PRO A 598 29.15 34.46 7.90
CA PRO A 598 30.07 33.44 8.43
C PRO A 598 29.72 32.04 7.92
N ASP A 599 28.43 31.73 7.87
CA ASP A 599 28.00 30.42 7.37
C ASP A 599 28.30 30.27 5.88
N ALA A 600 28.13 31.36 5.11
CA ALA A 600 28.40 31.30 3.67
C ALA A 600 29.86 31.00 3.39
N VAL A 601 30.77 31.72 4.08
CA VAL A 601 32.19 31.45 3.85
C VAL A 601 32.55 30.06 4.36
N GLY A 602 31.87 29.59 5.41
CA GLY A 602 32.17 28.25 5.89
C GLY A 602 31.80 27.20 4.85
N LYS A 603 30.63 27.37 4.23
CA LYS A 603 30.23 26.42 3.20
C LYS A 603 31.17 26.52 2.00
N CYS A 604 31.64 27.74 1.68
CA CYS A 604 32.56 27.89 0.56
C CYS A 604 33.87 27.16 0.83
N ARG A 605 34.39 27.29 2.04
CA ARG A 605 35.62 26.59 2.37
C ARG A 605 35.39 25.08 2.35
N SER A 606 34.18 24.64 2.73
CA SER A 606 33.83 23.23 2.74
C SER A 606 33.52 22.68 1.35
N ALA A 607 33.43 23.56 0.34
CA ALA A 607 33.13 23.14 -1.02
C ALA A 607 34.29 23.41 -1.98
N GLY A 608 35.47 23.71 -1.46
CA GLY A 608 36.61 23.96 -2.30
C GLY A 608 36.53 25.21 -3.14
N ILE A 609 35.82 26.23 -2.67
CA ILE A 609 35.71 27.49 -3.39
C ILE A 609 36.54 28.53 -2.66
N LYS A 610 37.50 29.11 -3.38
CA LYS A 610 38.38 30.11 -2.80
C LYS A 610 37.69 31.46 -2.80
N VAL A 611 37.62 32.09 -1.63
CA VAL A 611 36.97 33.40 -1.48
C VAL A 611 38.05 34.45 -1.25
N ILE A 612 37.98 35.54 -1.99
CA ILE A 612 38.93 36.63 -1.87
C ILE A 612 38.16 37.90 -1.55
N MET A 613 38.67 38.67 -0.58
CA MET A 613 38.04 39.92 -0.17
C MET A 613 38.74 41.04 -0.92
N VAL A 614 37.96 41.88 -1.60
CA VAL A 614 38.48 43.00 -2.37
C VAL A 614 37.85 44.27 -1.82
N THR A 615 38.59 45.01 -1.00
CA THR A 615 38.09 46.22 -0.39
C THR A 615 39.12 47.35 -0.49
N GLY A 616 38.65 48.56 -0.26
CA GLY A 616 39.50 49.74 -0.27
C GLY A 616 39.81 50.26 1.11
N ASP A 617 39.51 49.49 2.15
CA ASP A 617 39.74 49.89 3.54
C ASP A 617 41.20 49.65 3.95
N HIS A 618 41.53 50.07 5.18
CA HIS A 618 42.86 49.91 5.70
C HIS A 618 43.18 48.43 5.90
N PRO A 619 44.43 48.03 5.73
CA PRO A 619 44.78 46.60 5.92
C PRO A 619 44.46 46.08 7.30
N ILE A 620 44.55 46.88 8.35
CA ILE A 620 44.24 46.38 9.69
C ILE A 620 42.75 46.07 9.79
N THR A 621 41.91 47.00 9.34
CA THR A 621 40.47 46.80 9.39
C THR A 621 40.04 45.65 8.49
N ALA A 622 40.59 45.60 7.26
CA ALA A 622 40.25 44.52 6.35
C ALA A 622 40.67 43.18 6.91
N LYS A 623 41.86 43.14 7.51
CA LYS A 623 42.37 41.89 8.09
C LYS A 623 41.49 41.44 9.25
N ALA A 624 41.10 42.38 10.13
CA ALA A 624 40.27 42.01 11.26
C ALA A 624 38.89 41.54 10.82
N ILE A 625 38.28 42.26 9.86
CA ILE A 625 36.96 41.88 9.37
C ILE A 625 37.02 40.52 8.69
N ALA A 626 38.07 40.28 7.88
CA ALA A 626 38.22 38.99 7.21
C ALA A 626 38.37 37.86 8.23
N LYS A 627 39.17 38.09 9.28
CA LYS A 627 39.35 37.06 10.29
C LYS A 627 38.04 36.81 11.05
N GLY A 628 37.26 37.85 11.27
CA GLY A 628 36.01 37.69 12.01
C GLY A 628 34.93 36.99 11.22
N VAL A 629 34.75 37.38 9.95
CA VAL A 629 33.71 36.77 9.12
C VAL A 629 34.07 35.39 8.66
N GLY A 630 35.31 34.95 8.86
CA GLY A 630 35.73 33.63 8.45
C GLY A 630 36.64 33.58 7.24
N ILE A 631 36.99 34.72 6.64
CA ILE A 631 37.87 34.68 5.48
C ILE A 631 39.21 34.09 5.88
N ILE A 632 39.72 34.50 7.04
CA ILE A 632 40.98 34.00 7.58
C ILE A 632 40.64 33.21 8.84
N SER A 633 40.49 31.90 8.69
CA SER A 633 40.12 31.06 9.83
C SER A 633 41.26 31.00 10.84
N GLU A 634 40.93 30.45 12.02
CA GLU A 634 41.90 30.32 13.09
C GLU A 634 43.12 29.53 12.62
N GLY A 635 44.27 29.86 13.19
CA GLY A 635 45.53 29.21 12.86
C GLY A 635 46.31 29.84 11.74
N ASN A 636 45.63 30.29 10.69
CA ASN A 636 46.33 30.89 9.57
C ASN A 636 46.83 32.27 9.94
N GLU A 637 48.08 32.55 9.56
CA GLU A 637 48.72 33.83 9.84
C GLU A 637 49.42 34.32 8.58
N THR A 638 49.56 35.64 8.49
CA THR A 638 50.24 36.27 7.37
C THR A 638 51.71 36.46 7.73
N VAL A 639 52.49 36.98 6.78
CA VAL A 639 53.91 37.21 7.06
C VAL A 639 54.08 38.15 8.25
N GLU A 640 53.27 39.20 8.31
CA GLU A 640 53.34 40.17 9.40
C GLU A 640 53.05 39.52 10.75
N ASP A 641 52.03 38.64 10.80
CA ASP A 641 51.70 37.97 12.05
C ASP A 641 52.84 37.08 12.52
N ILE A 642 53.48 36.35 11.60
CA ILE A 642 54.60 35.49 11.97
C ILE A 642 55.75 36.33 12.50
N ALA A 643 56.04 37.44 11.82
CA ALA A 643 57.13 38.31 12.27
C ALA A 643 56.85 38.84 13.68
N ALA A 644 55.61 39.29 13.92
CA ALA A 644 55.27 39.83 15.24
C ALA A 644 55.27 38.74 16.29
N ARG A 645 55.01 37.50 15.91
CA ARG A 645 55.00 36.41 16.89
C ARG A 645 56.40 35.99 17.27
N LEU A 646 57.33 35.97 16.31
CA LEU A 646 58.70 35.57 16.60
C LEU A 646 59.64 36.76 16.78
N ASN A 647 59.10 37.97 16.80
CA ASN A 647 59.87 39.21 16.97
C ASN A 647 61.07 39.26 16.02
N ILE A 648 60.75 39.17 14.73
CA ILE A 648 61.78 39.23 13.68
C ILE A 648 61.27 40.11 12.55
N PRO A 649 62.17 40.72 11.78
CA PRO A 649 61.72 41.58 10.68
C PRO A 649 60.89 40.78 9.68
N VAL A 650 59.87 41.44 9.11
CA VAL A 650 59.01 40.76 8.16
C VAL A 650 59.81 40.23 6.99
N SER A 651 60.85 40.97 6.57
CA SER A 651 61.68 40.53 5.44
C SER A 651 62.44 39.25 5.75
N GLN A 652 62.68 38.96 7.02
CA GLN A 652 63.38 37.75 7.41
C GLN A 652 62.48 36.52 7.39
N VAL A 653 61.17 36.73 7.54
CA VAL A 653 60.20 35.63 7.54
C VAL A 653 60.14 34.96 6.16
N ASN A 654 59.84 33.67 6.17
CA ASN A 654 59.73 32.92 4.92
C ASN A 654 58.39 33.26 4.27
N PRO A 655 58.38 33.74 3.02
CA PRO A 655 57.09 34.09 2.39
C PRO A 655 56.13 32.92 2.29
N ARG A 656 56.63 31.70 2.08
CA ARG A 656 55.76 30.54 1.97
C ARG A 656 55.22 30.06 3.31
N ASP A 657 55.72 30.57 4.43
CA ASP A 657 55.23 30.14 5.74
C ASP A 657 53.86 30.70 6.09
N ALA A 658 53.32 31.63 5.31
CA ALA A 658 52.01 32.21 5.57
C ALA A 658 51.00 31.69 4.56
N LYS A 659 49.95 31.06 5.07
CA LYS A 659 48.91 30.55 4.18
C LYS A 659 47.98 31.65 3.70
N ALA A 660 47.87 32.74 4.47
CA ALA A 660 47.02 33.87 4.14
C ALA A 660 47.87 35.13 3.98
N CYS A 661 47.31 36.11 3.28
CA CYS A 661 48.05 37.36 3.07
C CYS A 661 47.09 38.52 2.88
N VAL A 662 47.60 39.71 3.20
CA VAL A 662 46.87 40.96 3.10
C VAL A 662 47.69 41.81 2.14
N VAL A 663 47.31 41.81 0.87
CA VAL A 663 48.04 42.57 -0.14
C VAL A 663 47.53 44.01 -0.15
N HIS A 664 48.45 44.95 -0.01
CA HIS A 664 48.13 46.38 -0.01
C HIS A 664 47.98 46.88 -1.45
N GLY A 665 47.24 47.98 -1.61
CA GLY A 665 47.04 48.54 -2.93
C GLY A 665 48.33 49.00 -3.60
N SER A 666 49.18 49.72 -2.85
CA SER A 666 50.45 50.19 -3.40
C SER A 666 51.30 49.04 -3.89
N ASP A 667 51.28 47.91 -3.17
CA ASP A 667 52.07 46.76 -3.61
C ASP A 667 51.46 46.14 -4.86
N LEU A 668 50.13 46.12 -4.96
CA LEU A 668 49.50 45.55 -6.15
C LEU A 668 49.81 46.41 -7.37
N LYS A 669 49.92 47.73 -7.20
CA LYS A 669 50.23 48.57 -8.35
C LYS A 669 51.64 48.30 -8.88
N ASP A 670 52.62 48.19 -7.98
CA ASP A 670 54.01 47.97 -8.35
C ASP A 670 54.36 46.49 -8.53
N MET A 671 53.38 45.64 -8.79
CA MET A 671 53.63 44.23 -8.98
C MET A 671 53.51 43.83 -10.45
N THR A 672 54.16 42.73 -10.78
CA THR A 672 54.15 42.19 -12.13
C THR A 672 53.24 40.97 -12.17
N SER A 673 52.99 40.48 -13.38
CA SER A 673 52.13 39.29 -13.51
C SER A 673 52.74 38.11 -12.78
N GLU A 674 54.08 38.06 -12.71
CA GLU A 674 54.76 36.97 -12.02
C GLU A 674 54.46 37.00 -10.52
N GLN A 675 54.64 38.16 -9.89
CA GLN A 675 54.37 38.24 -8.46
C GLN A 675 52.89 37.99 -8.18
N LEU A 676 52.03 38.43 -9.10
CA LEU A 676 50.59 38.21 -8.92
C LEU A 676 50.30 36.72 -8.91
N ASP A 677 50.85 35.98 -9.88
CA ASP A 677 50.62 34.53 -9.92
C ASP A 677 51.23 33.86 -8.71
N ASP A 678 52.36 34.39 -8.22
CA ASP A 678 53.00 33.81 -7.04
C ASP A 678 52.09 33.93 -5.83
N ILE A 679 51.57 35.13 -5.59
CA ILE A 679 50.72 35.35 -4.43
C ILE A 679 49.40 34.58 -4.57
N LEU A 680 48.77 34.65 -5.75
CA LEU A 680 47.51 33.96 -5.98
C LEU A 680 47.65 32.45 -6.09
N LYS A 681 48.88 31.93 -6.19
CA LYS A 681 49.10 30.50 -6.33
C LYS A 681 49.42 29.81 -5.01
N TYR A 682 50.33 30.38 -4.21
CA TYR A 682 50.75 29.79 -2.95
C TYR A 682 50.07 30.42 -1.74
N HIS A 683 48.81 30.77 -1.87
CA HIS A 683 48.06 31.34 -0.76
C HIS A 683 46.62 30.84 -0.80
N THR A 684 46.11 30.45 0.37
CA THR A 684 44.74 29.93 0.46
C THR A 684 43.73 30.97 0.91
N GLU A 685 44.17 32.06 1.54
CA GLU A 685 43.26 33.10 2.01
C GLU A 685 43.90 34.45 1.72
N ILE A 686 43.49 35.07 0.61
CA ILE A 686 44.03 36.36 0.19
C ILE A 686 43.01 37.46 0.45
N VAL A 687 43.51 38.62 0.85
CA VAL A 687 42.69 39.79 1.13
C VAL A 687 43.38 41.01 0.56
N PHE A 688 42.77 41.67 -0.43
CA PHE A 688 43.34 42.86 -1.05
C PHE A 688 42.72 44.09 -0.40
N ALA A 689 43.53 44.88 0.30
CA ALA A 689 43.07 46.09 0.97
C ALA A 689 43.60 47.33 0.25
N ARG A 690 42.93 48.46 0.51
CA ARG A 690 43.28 49.75 -0.10
C ARG A 690 43.44 49.63 -1.61
N THR A 691 42.69 48.70 -2.20
CA THR A 691 42.73 48.46 -3.63
C THR A 691 41.63 49.28 -4.31
N SER A 692 42.03 50.12 -5.25
CA SER A 692 41.05 50.92 -5.96
C SER A 692 40.17 50.01 -6.82
N PRO A 693 38.90 50.39 -7.03
CA PRO A 693 38.00 49.53 -7.83
C PRO A 693 38.51 49.24 -9.22
N GLN A 694 39.40 50.08 -9.78
CA GLN A 694 39.90 49.81 -11.14
C GLN A 694 40.89 48.66 -11.15
N GLN A 695 41.58 48.40 -10.04
CA GLN A 695 42.55 47.31 -9.98
C GLN A 695 41.88 45.95 -9.93
N LYS A 696 40.55 45.90 -9.78
CA LYS A 696 39.87 44.62 -9.73
C LYS A 696 40.09 43.82 -11.01
N LEU A 697 40.20 44.50 -12.16
CA LEU A 697 40.42 43.82 -13.43
C LEU A 697 41.69 42.98 -13.39
N ILE A 698 42.78 43.53 -12.84
CA ILE A 698 44.04 42.80 -12.77
C ILE A 698 43.89 41.57 -11.89
N ILE A 699 43.21 41.71 -10.75
CA ILE A 699 43.01 40.56 -9.86
C ILE A 699 42.19 39.48 -10.56
N VAL A 700 41.13 39.88 -11.27
CA VAL A 700 40.30 38.89 -11.96
C VAL A 700 41.12 38.18 -13.02
N GLU A 701 41.95 38.94 -13.75
CA GLU A 701 42.78 38.32 -14.76
C GLU A 701 43.75 37.34 -14.14
N GLY A 702 44.37 37.73 -13.01
CA GLY A 702 45.30 36.84 -12.34
C GLY A 702 44.62 35.58 -11.83
N CYS A 703 43.39 35.72 -11.35
CA CYS A 703 42.65 34.55 -10.88
C CYS A 703 42.34 33.62 -12.04
N GLN A 704 41.91 34.17 -13.17
CA GLN A 704 41.62 33.33 -14.32
C GLN A 704 42.89 32.72 -14.85
N ARG A 705 44.03 33.39 -14.64
CA ARG A 705 45.32 32.88 -15.08
C ARG A 705 45.67 31.60 -14.35
N GLN A 706 45.09 31.39 -13.15
CA GLN A 706 45.33 30.20 -12.36
C GLN A 706 44.33 29.10 -12.70
N GLY A 707 43.63 29.22 -13.82
CA GLY A 707 42.67 28.23 -14.24
C GLY A 707 41.50 28.06 -13.29
N ALA A 708 40.78 29.15 -13.01
CA ALA A 708 39.65 29.07 -12.09
C ALA A 708 38.50 29.89 -12.62
N ILE A 709 37.28 29.38 -12.40
CA ILE A 709 36.06 30.07 -12.80
C ILE A 709 35.77 31.11 -11.71
N VAL A 710 35.97 32.38 -12.05
CA VAL A 710 35.84 33.48 -11.10
C VAL A 710 34.49 34.15 -11.15
N ALA A 711 34.00 34.52 -9.97
CA ALA A 711 32.76 35.24 -9.76
C ALA A 711 33.16 36.52 -9.05
N VAL A 712 32.76 37.66 -9.58
CA VAL A 712 33.17 38.93 -8.99
C VAL A 712 31.97 39.82 -8.69
N THR A 713 31.99 40.45 -7.53
CA THR A 713 30.91 41.32 -7.08
C THR A 713 31.25 42.78 -7.40
N GLY A 714 30.27 43.50 -7.92
CA GLY A 714 30.47 44.90 -8.28
C GLY A 714 29.22 45.72 -8.10
N ASP A 715 29.41 47.01 -7.75
CA ASP A 715 28.30 47.94 -7.54
C ASP A 715 28.49 49.30 -8.21
N GLY A 716 29.73 49.74 -8.40
CA GLY A 716 30.02 51.01 -9.02
C GLY A 716 30.17 50.93 -10.53
N VAL A 717 30.55 52.06 -11.13
CA VAL A 717 30.74 52.12 -12.58
C VAL A 717 32.16 51.69 -12.96
N ASN A 718 33.13 51.89 -12.08
CA ASN A 718 34.51 51.50 -12.36
C ASN A 718 34.71 49.98 -12.33
N ASP A 719 33.75 49.25 -11.74
CA ASP A 719 33.88 47.80 -11.64
C ASP A 719 33.60 47.13 -12.97
N SER A 720 32.84 47.77 -13.86
CA SER A 720 32.47 47.20 -15.16
C SER A 720 33.56 46.38 -15.85
N PRO A 721 34.82 46.82 -15.93
CA PRO A 721 35.82 45.95 -16.57
C PRO A 721 35.97 44.62 -15.85
N ALA A 722 35.96 44.64 -14.52
CA ALA A 722 36.07 43.42 -13.73
C ALA A 722 34.83 42.55 -13.85
N LEU A 723 33.65 43.15 -13.96
CA LEU A 723 32.43 42.36 -14.09
C LEU A 723 32.33 41.72 -15.46
N LYS A 724 32.79 42.43 -16.48
CA LYS A 724 32.70 41.90 -17.84
C LYS A 724 33.78 40.86 -18.10
N LYS A 725 34.98 41.07 -17.53
CA LYS A 725 36.08 40.14 -17.75
C LYS A 725 35.90 38.83 -17.00
N ALA A 726 35.29 38.87 -15.82
CA ALA A 726 35.09 37.68 -15.00
C ALA A 726 34.11 36.70 -15.64
N ASP A 727 34.22 35.44 -15.22
CA ASP A 727 33.35 34.39 -15.72
C ASP A 727 31.91 34.62 -15.29
N ILE A 728 31.70 35.05 -14.05
CA ILE A 728 30.37 35.30 -13.52
C ILE A 728 30.40 36.65 -12.80
N GLY A 729 29.86 37.69 -13.46
CA GLY A 729 29.79 39.00 -12.88
C GLY A 729 28.51 39.14 -12.09
N VAL A 730 28.62 39.42 -10.78
CA VAL A 730 27.50 39.58 -9.88
C VAL A 730 27.41 41.06 -9.52
N ALA A 731 26.29 41.69 -9.86
CA ALA A 731 26.09 43.10 -9.59
C ALA A 731 25.07 43.29 -8.48
N MET A 732 25.32 44.31 -7.65
CA MET A 732 24.42 44.61 -6.55
C MET A 732 23.08 45.14 -7.08
N GLY A 733 21.99 44.50 -6.66
CA GLY A 733 20.68 44.91 -7.12
C GLY A 733 20.08 46.08 -6.37
N ILE A 734 20.56 46.38 -5.17
CA ILE A 734 20.02 47.49 -4.39
C ILE A 734 20.90 48.72 -4.53
N ALA A 735 22.14 48.65 -4.07
CA ALA A 735 23.05 49.77 -4.15
C ALA A 735 23.80 49.84 -5.47
N GLY A 736 23.74 48.80 -6.30
CA GLY A 736 24.45 48.81 -7.56
C GLY A 736 23.74 49.67 -8.60
N SER A 737 24.54 50.35 -9.41
CA SER A 737 24.05 51.24 -10.45
C SER A 737 23.72 50.45 -11.72
N ASP A 738 23.04 51.13 -12.65
CA ASP A 738 22.65 50.49 -13.92
C ASP A 738 23.85 49.98 -14.69
N VAL A 739 24.98 50.67 -14.63
CA VAL A 739 26.16 50.22 -15.38
C VAL A 739 26.60 48.84 -14.90
N SER A 740 26.63 48.64 -13.58
CA SER A 740 27.02 47.34 -13.05
C SER A 740 26.00 46.27 -13.41
N LYS A 741 24.70 46.59 -13.33
CA LYS A 741 23.68 45.61 -13.65
C LYS A 741 23.78 45.17 -15.11
N GLN A 742 23.99 46.12 -16.02
CA GLN A 742 24.08 45.73 -17.42
C GLN A 742 25.43 45.13 -17.77
N ALA A 743 26.45 45.37 -16.96
CA ALA A 743 27.78 44.83 -17.21
C ALA A 743 28.02 43.52 -16.49
N ALA A 744 27.03 43.00 -15.78
CA ALA A 744 27.16 41.74 -15.04
C ALA A 744 26.31 40.64 -15.66
N ASP A 745 26.52 39.42 -15.15
CA ASP A 745 25.81 38.22 -15.61
C ASP A 745 24.71 37.77 -14.65
N MET A 746 24.79 38.18 -13.39
CA MET A 746 23.80 37.86 -12.36
C MET A 746 23.59 39.10 -11.51
N ILE A 747 22.38 39.26 -10.98
CA ILE A 747 22.02 40.40 -10.15
C ILE A 747 21.61 39.87 -8.78
N LEU A 748 22.27 40.36 -7.75
CA LEU A 748 21.99 39.95 -6.38
C LEU A 748 20.85 40.81 -5.88
N LEU A 749 19.68 40.21 -5.67
CA LEU A 749 18.51 40.97 -5.23
C LEU A 749 18.67 41.57 -3.83
N ASP A 750 19.54 41.02 -2.99
CA ASP A 750 19.71 41.54 -1.64
C ASP A 750 21.16 41.89 -1.30
N ASP A 751 22.07 41.80 -2.26
CA ASP A 751 23.49 42.10 -2.05
C ASP A 751 24.08 41.31 -0.90
N ASN A 752 23.52 40.14 -0.60
CA ASN A 752 24.02 39.31 0.48
C ASN A 752 24.98 38.27 -0.09
N PHE A 753 26.18 38.22 0.47
CA PHE A 753 27.18 37.26 -0.02
C PHE A 753 26.67 35.84 0.04
N ALA A 754 25.85 35.52 1.05
CA ALA A 754 25.31 34.16 1.17
C ALA A 754 24.52 33.78 -0.06
N SER A 755 23.95 34.76 -0.75
CA SER A 755 23.20 34.46 -1.96
C SER A 755 24.10 33.90 -3.05
N ILE A 756 25.37 34.34 -3.12
CA ILE A 756 26.26 33.80 -4.13
C ILE A 756 26.50 32.31 -3.89
N VAL A 757 26.72 31.94 -2.62
CA VAL A 757 26.93 30.54 -2.28
C VAL A 757 25.67 29.73 -2.60
N THR A 758 24.49 30.29 -2.28
CA THR A 758 23.25 29.60 -2.60
C THR A 758 23.14 29.37 -4.11
N GLY A 759 23.50 30.38 -4.89
CA GLY A 759 23.46 30.24 -6.33
C GLY A 759 24.44 29.19 -6.83
N VAL A 760 25.62 29.14 -6.24
CA VAL A 760 26.61 28.14 -6.64
C VAL A 760 26.04 26.75 -6.37
N GLU A 761 25.36 26.61 -5.23
CA GLU A 761 24.77 25.34 -4.88
C GLU A 761 23.69 24.95 -5.87
N GLU A 762 22.85 25.91 -6.26
CA GLU A 762 21.81 25.58 -7.24
C GLU A 762 22.46 25.25 -8.58
N GLY A 763 23.58 25.89 -8.89
CA GLY A 763 24.29 25.60 -10.12
C GLY A 763 24.78 24.17 -10.14
N ARG A 764 25.22 23.68 -8.98
CA ARG A 764 25.66 22.29 -8.89
C ARG A 764 24.44 21.37 -8.91
N LEU A 765 23.30 21.89 -8.43
CA LEU A 765 22.08 21.09 -8.41
C LEU A 765 21.59 20.81 -9.82
N ILE A 766 21.73 21.77 -10.74
CA ILE A 766 21.27 21.51 -12.11
C ILE A 766 22.07 20.36 -12.70
N PHE A 767 23.39 20.36 -12.50
CA PHE A 767 24.20 19.28 -13.03
C PHE A 767 23.80 17.96 -12.40
N ASP A 768 23.61 17.95 -11.07
CA ASP A 768 23.23 16.71 -10.39
C ASP A 768 21.92 16.16 -10.93
N ASN A 769 20.87 16.99 -10.96
CA ASN A 769 19.58 16.51 -11.43
C ASN A 769 19.58 16.18 -12.93
N LEU A 770 20.34 16.92 -13.74
CA LEU A 770 20.40 16.60 -15.15
C LEU A 770 21.05 15.24 -15.36
N LYS A 771 22.14 14.97 -14.63
CA LYS A 771 22.79 13.67 -14.75
C LYS A 771 21.88 12.56 -14.24
N LYS A 772 21.18 12.79 -13.13
CA LYS A 772 20.29 11.75 -12.60
C LYS A 772 19.15 11.47 -13.58
N SER A 773 18.65 12.53 -14.24
CA SER A 773 17.59 12.32 -15.20
C SER A 773 18.09 11.57 -16.42
N ILE A 774 19.29 11.89 -16.90
CA ILE A 774 19.85 11.19 -18.05
C ILE A 774 20.06 9.73 -17.71
N ALA A 775 20.59 9.46 -16.52
CA ALA A 775 20.84 8.07 -16.12
C ALA A 775 19.55 7.28 -16.09
N TYR A 776 18.42 7.96 -15.89
CA TYR A 776 17.15 7.22 -15.89
C TYR A 776 16.52 7.06 -17.28
N THR A 777 16.50 8.12 -18.09
CA THR A 777 15.90 8.02 -19.42
C THR A 777 16.64 7.00 -20.29
N LEU A 778 17.96 6.91 -20.13
CA LEU A 778 18.76 5.97 -20.91
C LEU A 778 18.70 4.54 -20.40
N THR A 779 18.29 4.33 -19.15
CA THR A 779 18.25 2.97 -18.62
C THR A 779 17.24 2.11 -19.37
N SER A 780 16.07 2.68 -19.66
CA SER A 780 14.99 1.97 -20.36
C SER A 780 15.39 1.49 -21.75
N ASN A 781 16.57 1.83 -22.25
CA ASN A 781 16.96 1.40 -23.60
C ASN A 781 17.19 -0.11 -23.68
N ILE A 782 18.08 -0.66 -22.84
CA ILE A 782 18.37 -2.09 -22.89
C ILE A 782 17.12 -2.95 -22.75
N PRO A 783 16.26 -2.77 -21.73
CA PRO A 783 15.06 -3.63 -21.64
C PRO A 783 14.09 -3.46 -22.80
N GLU A 784 14.12 -2.32 -23.49
CA GLU A 784 13.20 -2.10 -24.62
C GLU A 784 13.74 -2.60 -25.95
N ILE A 785 15.06 -2.73 -26.10
CA ILE A 785 15.63 -3.18 -27.38
C ILE A 785 16.15 -4.61 -27.32
N THR A 786 16.42 -5.16 -26.13
CA THR A 786 16.91 -6.54 -26.06
C THR A 786 15.91 -7.56 -26.62
N PRO A 787 14.60 -7.44 -26.40
CA PRO A 787 13.68 -8.45 -26.96
C PRO A 787 13.88 -8.71 -28.45
N PHE A 788 14.08 -7.68 -29.26
CA PHE A 788 14.29 -7.90 -30.69
C PHE A 788 15.56 -8.68 -30.94
N LEU A 789 16.63 -8.35 -30.21
CA LEU A 789 17.90 -9.06 -30.39
C LEU A 789 17.76 -10.52 -30.06
N ILE A 790 17.06 -10.85 -28.97
CA ILE A 790 16.90 -12.26 -28.64
C ILE A 790 15.96 -12.93 -29.63
N PHE A 791 14.92 -12.20 -30.06
CA PHE A 791 13.96 -12.72 -31.03
C PHE A 791 14.64 -13.10 -32.34
N ILE A 792 15.72 -12.40 -32.68
CA ILE A 792 16.45 -12.67 -33.91
C ILE A 792 17.60 -13.66 -33.69
N ILE A 793 18.24 -13.64 -32.53
CA ILE A 793 19.34 -14.56 -32.29
C ILE A 793 18.85 -15.91 -31.75
N ALA A 794 17.92 -15.90 -30.80
CA ALA A 794 17.39 -17.14 -30.24
C ALA A 794 16.20 -17.67 -31.02
N ASN A 795 15.62 -16.86 -31.91
CA ASN A 795 14.46 -17.26 -32.72
C ASN A 795 13.29 -17.72 -31.87
N ILE A 796 12.95 -16.94 -30.86
CA ILE A 796 11.83 -17.23 -29.97
C ILE A 796 10.73 -16.24 -30.33
N PRO A 797 9.47 -16.47 -29.96
CA PRO A 797 8.42 -15.51 -30.31
C PRO A 797 8.70 -14.13 -29.73
N LEU A 798 8.33 -13.09 -30.47
CA LEU A 798 8.56 -11.71 -30.10
C LEU A 798 8.04 -11.42 -28.69
N PRO A 799 8.91 -11.07 -27.73
CA PRO A 799 8.44 -10.79 -26.36
C PRO A 799 7.92 -9.37 -26.16
N LEU A 800 8.36 -8.41 -26.97
CA LEU A 800 7.92 -7.02 -26.84
C LEU A 800 7.60 -6.45 -28.20
N GLY A 801 6.39 -5.89 -28.35
CA GLY A 801 5.97 -5.31 -29.61
C GLY A 801 6.31 -3.85 -29.74
N THR A 802 6.05 -3.30 -30.93
CA THR A 802 6.31 -1.89 -31.18
C THR A 802 5.25 -1.01 -30.52
N VAL A 803 3.99 -1.45 -30.54
CA VAL A 803 2.92 -0.68 -29.91
C VAL A 803 3.20 -0.55 -28.42
N THR A 804 3.74 -1.61 -27.81
CA THR A 804 4.07 -1.57 -26.40
C THR A 804 5.23 -0.61 -26.15
N ILE A 805 6.25 -0.66 -27.01
CA ILE A 805 7.41 0.21 -26.87
C ILE A 805 7.01 1.68 -26.98
N LEU A 806 6.08 1.99 -27.89
CA LEU A 806 5.63 3.37 -28.00
C LEU A 806 4.88 3.78 -26.75
N CYS A 807 3.94 2.93 -26.28
CA CYS A 807 3.20 3.27 -25.07
C CYS A 807 4.14 3.44 -23.87
N ILE A 808 5.28 2.76 -23.88
CA ILE A 808 6.23 2.91 -22.77
C ILE A 808 6.97 4.24 -22.87
N ASP A 809 7.80 4.37 -23.91
CA ASP A 809 8.61 5.57 -24.09
C ASP A 809 7.79 6.83 -24.27
N LEU A 810 7.05 6.93 -25.37
CA LEU A 810 6.28 8.13 -25.60
C LEU A 810 5.01 8.20 -24.76
N GLY A 811 4.56 7.12 -24.06
CA GLY A 811 3.35 7.28 -23.34
C GLY A 811 3.42 7.25 -21.83
N THR A 812 4.30 6.46 -21.21
CA THR A 812 4.30 6.41 -19.74
C THR A 812 5.49 7.09 -19.10
N ASP A 813 6.70 6.94 -19.64
CA ASP A 813 7.87 7.59 -19.05
C ASP A 813 8.03 9.04 -19.46
N MET A 814 6.96 9.70 -19.89
CA MET A 814 7.07 11.10 -20.27
C MET A 814 7.10 12.00 -19.03
N VAL A 815 6.33 11.64 -18.01
CA VAL A 815 6.28 12.40 -16.75
C VAL A 815 7.43 11.99 -15.82
N PRO A 816 7.72 10.70 -15.65
CA PRO A 816 8.83 10.33 -14.75
C PRO A 816 10.17 10.90 -15.19
N ALA A 817 10.42 10.97 -16.50
CA ALA A 817 11.68 11.52 -16.99
C ALA A 817 11.87 12.97 -16.55
N ILE A 818 10.79 13.71 -16.41
CA ILE A 818 10.88 15.09 -15.99
C ILE A 818 10.89 15.20 -14.47
N SER A 819 10.28 14.25 -13.76
CA SER A 819 10.24 14.33 -12.30
C SER A 819 11.62 14.39 -11.68
N LEU A 820 12.63 13.84 -12.37
CA LEU A 820 13.98 13.88 -11.81
C LEU A 820 14.57 15.27 -11.78
N ALA A 821 13.95 16.23 -12.47
CA ALA A 821 14.43 17.61 -12.45
C ALA A 821 14.03 18.31 -11.16
N TYR A 822 12.88 17.97 -10.60
CA TYR A 822 12.37 18.57 -9.38
C TYR A 822 12.97 17.98 -8.10
N GLU A 823 13.93 17.08 -8.22
CA GLU A 823 14.53 16.51 -7.02
C GLU A 823 15.31 17.60 -6.28
N GLN A 824 15.46 17.41 -4.97
CA GLN A 824 16.19 18.37 -4.19
C GLN A 824 17.68 18.00 -4.16
N ALA A 825 18.47 18.76 -3.41
CA ALA A 825 19.90 18.53 -3.34
C ALA A 825 20.27 17.56 -2.23
N GLU A 826 21.37 16.86 -2.43
CA GLU A 826 21.85 15.92 -1.43
C GLU A 826 22.59 16.67 -0.32
N SER A 827 22.99 15.94 0.72
CA SER A 827 23.69 16.58 1.82
C SER A 827 25.15 16.84 1.49
N ASP A 828 25.68 16.22 0.44
CA ASP A 828 27.08 16.39 0.06
C ASP A 828 27.22 17.32 -1.13
N ILE A 829 26.16 18.05 -1.49
CA ILE A 829 26.24 18.95 -2.62
C ILE A 829 27.24 20.06 -2.36
N MET A 830 27.42 20.44 -1.08
CA MET A 830 28.35 21.49 -0.71
C MET A 830 29.59 20.96 -0.02
N LYS A 831 29.86 19.65 -0.15
CA LYS A 831 31.03 19.04 0.46
C LYS A 831 31.92 18.37 -0.59
N ARG A 832 31.74 18.71 -1.86
CA ARG A 832 32.53 18.15 -2.94
C ARG A 832 33.27 19.26 -3.66
N GLN A 833 34.30 18.88 -4.39
CA GLN A 833 35.11 19.85 -5.12
C GLN A 833 34.38 20.38 -6.34
N PRO A 834 34.69 21.60 -6.78
CA PRO A 834 34.03 22.15 -7.97
C PRO A 834 34.34 21.31 -9.21
N ARG A 835 33.49 21.47 -10.21
CA ARG A 835 33.61 20.73 -11.45
C ARG A 835 34.19 21.61 -12.55
N ASN A 836 35.11 21.06 -13.33
CA ASN A 836 35.70 21.81 -14.43
C ASN A 836 35.03 21.35 -15.71
N PRO A 837 34.44 22.26 -16.50
CA PRO A 837 33.76 21.83 -17.74
C PRO A 837 34.69 21.18 -18.75
N LYS A 838 36.00 21.41 -18.66
CA LYS A 838 36.93 20.81 -19.60
C LYS A 838 37.03 19.30 -19.45
N THR A 839 36.62 18.75 -18.33
CA THR A 839 36.76 17.30 -18.19
C THR A 839 35.49 16.59 -17.74
N ASP A 840 34.69 17.21 -16.87
CA ASP A 840 33.49 16.58 -16.34
C ASP A 840 32.27 16.89 -17.22
N LYS A 841 31.80 15.90 -17.95
CA LYS A 841 30.65 16.03 -18.83
C LYS A 841 29.48 15.21 -18.29
N LEU A 842 28.29 15.52 -18.82
CA LEU A 842 27.07 14.84 -18.38
C LEU A 842 27.10 13.37 -18.75
N VAL A 843 27.13 13.07 -20.06
CA VAL A 843 27.15 11.70 -20.55
C VAL A 843 28.60 11.24 -20.63
N ASN A 844 29.00 10.40 -19.69
CA ASN A 844 30.36 9.85 -19.60
C ASN A 844 30.30 8.34 -19.69
N GLU A 845 31.48 7.72 -19.73
CA GLU A 845 31.55 6.26 -19.84
C GLU A 845 30.91 5.58 -18.62
N ARG A 846 31.07 6.16 -17.43
CA ARG A 846 30.48 5.55 -16.23
C ARG A 846 28.95 5.60 -16.26
N LEU A 847 28.37 6.61 -16.92
CA LEU A 847 26.91 6.67 -17.00
C LEU A 847 26.38 5.53 -17.88
N ILE A 848 27.02 5.33 -19.03
CA ILE A 848 26.61 4.28 -19.95
C ILE A 848 26.81 2.91 -19.30
N SER A 849 27.94 2.72 -18.62
CA SER A 849 28.19 1.45 -17.95
C SER A 849 27.13 1.15 -16.92
N MET A 850 26.43 2.18 -16.43
CA MET A 850 25.35 1.96 -15.47
C MET A 850 23.97 1.74 -16.10
N ALA A 851 23.59 2.60 -17.06
CA ALA A 851 22.25 2.45 -17.66
C ALA A 851 22.19 1.27 -18.61
N TYR A 852 23.25 1.05 -19.39
CA TYR A 852 23.28 -0.03 -20.37
C TYR A 852 23.90 -1.31 -19.84
N GLY A 853 24.77 -1.24 -18.85
CA GLY A 853 25.39 -2.46 -18.38
C GLY A 853 24.86 -3.14 -17.14
N GLN A 854 24.38 -2.40 -16.14
CA GLN A 854 23.91 -3.02 -14.91
C GLN A 854 22.40 -2.93 -14.70
N ILE A 855 21.82 -1.73 -14.67
CA ILE A 855 20.37 -1.65 -14.44
C ILE A 855 19.60 -2.15 -15.66
N GLY A 856 20.05 -1.77 -16.86
CA GLY A 856 19.36 -2.22 -18.06
C GLY A 856 19.30 -3.73 -18.18
N MET A 857 20.40 -4.41 -17.83
CA MET A 857 20.42 -5.86 -17.91
C MET A 857 19.42 -6.47 -16.93
N ILE A 858 19.31 -5.91 -15.72
CA ILE A 858 18.37 -6.46 -14.76
C ILE A 858 16.94 -6.24 -15.24
N GLN A 859 16.65 -5.07 -15.81
CA GLN A 859 15.30 -4.82 -16.30
C GLN A 859 14.95 -5.76 -17.44
N ALA A 860 15.90 -5.99 -18.34
CA ALA A 860 15.66 -6.90 -19.45
C ALA A 860 15.43 -8.32 -18.94
N LEU A 861 16.20 -8.76 -17.94
CA LEU A 861 16.00 -10.10 -17.40
C LEU A 861 14.65 -10.21 -16.73
N GLY A 862 14.20 -9.14 -16.06
CA GLY A 862 12.90 -9.19 -15.43
C GLY A 862 11.78 -9.33 -16.44
N GLY A 863 11.86 -8.55 -17.53
CA GLY A 863 10.85 -8.65 -18.56
C GLY A 863 10.86 -10.03 -19.21
N PHE A 864 12.05 -10.54 -19.50
CA PHE A 864 12.15 -11.87 -20.09
C PHE A 864 11.61 -12.92 -19.14
N PHE A 865 11.83 -12.73 -17.83
CA PHE A 865 11.34 -13.69 -16.87
C PHE A 865 9.81 -13.75 -16.92
N THR A 866 9.16 -12.58 -16.92
CA THR A 866 7.70 -12.57 -16.99
C THR A 866 7.21 -13.18 -18.30
N TYR A 867 7.96 -12.96 -19.39
CA TYR A 867 7.57 -13.52 -20.68
C TYR A 867 7.63 -15.05 -20.65
N PHE A 868 8.72 -15.59 -20.09
CA PHE A 868 8.82 -17.05 -20.00
C PHE A 868 7.76 -17.60 -19.07
N VAL A 869 7.40 -16.85 -18.02
CA VAL A 869 6.37 -17.32 -17.10
C VAL A 869 5.03 -17.43 -17.82
N ILE A 870 4.66 -16.40 -18.58
CA ILE A 870 3.37 -16.45 -19.29
C ILE A 870 3.36 -17.59 -20.31
N LEU A 871 4.40 -17.67 -21.14
CA LEU A 871 4.41 -18.73 -22.15
C LEU A 871 4.42 -20.12 -21.52
N ALA A 872 5.16 -20.30 -20.42
CA ALA A 872 5.19 -21.61 -19.78
C ALA A 872 3.87 -21.93 -19.11
N GLU A 873 3.19 -20.92 -18.55
CA GLU A 873 1.90 -21.14 -17.92
C GLU A 873 0.79 -21.38 -18.93
N ASN A 874 0.98 -20.97 -20.19
CA ASN A 874 -0.04 -21.18 -21.20
C ASN A 874 0.16 -22.46 -22.01
N GLY A 875 1.31 -23.13 -21.89
CA GLY A 875 1.50 -24.36 -22.64
C GLY A 875 2.82 -24.55 -23.35
N PHE A 876 3.61 -23.49 -23.51
CA PHE A 876 4.90 -23.55 -24.19
C PHE A 876 6.04 -23.43 -23.17
N LEU A 877 6.74 -24.55 -22.93
CA LEU A 877 7.86 -24.54 -21.99
C LEU A 877 8.99 -23.65 -22.51
N PRO A 878 9.78 -23.07 -21.61
CA PRO A 878 10.86 -22.17 -22.07
C PRO A 878 11.86 -22.82 -22.99
N ILE A 879 12.25 -24.06 -22.72
CA ILE A 879 13.24 -24.73 -23.55
C ILE A 879 12.70 -25.00 -24.95
N HIS A 880 11.44 -25.42 -25.05
CA HIS A 880 10.82 -25.74 -26.33
C HIS A 880 10.62 -24.52 -27.23
N LEU A 881 10.56 -23.32 -26.67
CA LEU A 881 10.32 -22.11 -27.45
C LEU A 881 11.42 -21.76 -28.43
N LEU A 882 12.61 -22.34 -28.31
CA LEU A 882 13.70 -21.99 -29.21
C LEU A 882 13.39 -22.47 -30.63
N GLY A 883 13.42 -21.54 -31.59
CA GLY A 883 13.19 -21.84 -32.98
C GLY A 883 11.74 -21.88 -33.42
N LEU A 884 10.79 -21.81 -32.50
CA LEU A 884 9.38 -21.86 -32.87
C LEU A 884 8.90 -20.56 -33.54
N ARG A 885 9.69 -19.48 -33.46
CA ARG A 885 9.26 -18.20 -34.05
C ARG A 885 8.93 -18.33 -35.54
N VAL A 886 9.59 -19.24 -36.26
CA VAL A 886 9.32 -19.38 -37.69
C VAL A 886 7.86 -19.77 -37.92
N ASN A 887 7.41 -20.81 -37.22
CA ASN A 887 6.02 -21.23 -37.36
C ASN A 887 5.10 -20.34 -36.54
N TRP A 888 5.65 -19.66 -35.53
CA TRP A 888 4.84 -18.78 -34.70
C TRP A 888 4.30 -17.61 -35.53
N ASP A 889 5.14 -17.02 -36.37
CA ASP A 889 4.71 -15.91 -37.20
C ASP A 889 4.01 -16.39 -38.47
N ASP A 890 4.11 -17.68 -38.79
CA ASP A 890 3.44 -18.21 -39.98
C ASP A 890 1.95 -18.16 -39.74
N ARG A 891 1.23 -17.49 -40.64
CA ARG A 891 -0.22 -17.34 -40.51
C ARG A 891 -1.00 -18.53 -41.04
N TRP A 892 -0.35 -19.52 -41.64
CA TRP A 892 -1.08 -20.67 -42.18
C TRP A 892 -0.80 -21.96 -41.43
N ILE A 893 0.28 -22.03 -40.65
CA ILE A 893 0.57 -23.23 -39.88
C ILE A 893 -0.24 -23.09 -38.59
N ASN A 894 -1.50 -23.48 -38.67
CA ASN A 894 -2.43 -23.40 -37.54
C ASN A 894 -2.51 -24.69 -36.74
N ASP A 895 -1.37 -25.38 -36.59
CA ASP A 895 -1.26 -26.63 -35.86
C ASP A 895 -0.01 -26.67 -34.99
N VAL A 896 0.42 -25.50 -34.50
CA VAL A 896 1.63 -25.42 -33.67
C VAL A 896 1.47 -26.33 -32.46
N GLU A 897 2.39 -27.26 -32.29
CA GLU A 897 2.35 -28.19 -31.18
C GLU A 897 3.08 -27.56 -30.00
N ASP A 898 2.40 -27.47 -28.86
CA ASP A 898 2.99 -26.90 -27.66
C ASP A 898 3.80 -27.94 -26.90
N SER A 899 4.27 -27.59 -25.70
CA SER A 899 5.06 -28.52 -24.92
C SER A 899 4.23 -29.72 -24.47
N TYR A 900 2.93 -29.53 -24.30
CA TYR A 900 2.03 -30.61 -23.89
C TYR A 900 1.42 -31.35 -25.08
N GLY A 901 1.79 -31.00 -26.30
CA GLY A 901 1.25 -31.65 -27.48
C GLY A 901 -0.04 -31.08 -28.01
N GLN A 902 -0.54 -29.98 -27.45
CA GLN A 902 -1.77 -29.39 -27.94
C GLN A 902 -1.49 -28.57 -29.20
N GLN A 903 -2.52 -28.39 -30.01
CA GLN A 903 -2.40 -27.64 -31.26
C GLN A 903 -3.03 -26.26 -31.13
N TRP A 904 -2.29 -25.25 -31.54
CA TRP A 904 -2.70 -23.85 -31.49
C TRP A 904 -2.90 -23.30 -32.90
N THR A 905 -3.81 -22.33 -33.02
CA THR A 905 -4.07 -21.70 -34.30
C THR A 905 -3.16 -20.47 -34.41
N TYR A 906 -3.42 -19.62 -35.39
CA TYR A 906 -2.58 -18.43 -35.57
C TYR A 906 -2.98 -17.33 -34.59
N GLU A 907 -4.23 -16.88 -34.64
CA GLU A 907 -4.66 -15.83 -33.73
C GLU A 907 -4.66 -16.31 -32.29
N GLN A 908 -4.92 -17.59 -32.05
CA GLN A 908 -4.91 -18.11 -30.69
C GLN A 908 -3.54 -17.91 -30.04
N ARG A 909 -2.47 -18.25 -30.76
CA ARG A 909 -1.13 -18.06 -30.22
C ARG A 909 -0.70 -16.61 -30.28
N LYS A 910 -1.20 -15.84 -31.25
CA LYS A 910 -0.83 -14.43 -31.33
C LYS A 910 -1.42 -13.68 -30.15
N ILE A 911 -2.58 -14.11 -29.64
CA ILE A 911 -3.15 -13.47 -28.47
C ILE A 911 -2.23 -13.68 -27.27
N VAL A 912 -1.63 -14.87 -27.20
CA VAL A 912 -0.70 -15.13 -26.11
C VAL A 912 0.56 -14.30 -26.26
N GLU A 913 1.04 -14.15 -27.51
CA GLU A 913 2.23 -13.32 -27.72
C GLU A 913 1.95 -11.88 -27.33
N PHE A 914 0.75 -11.39 -27.66
CA PHE A 914 0.39 -10.02 -27.29
C PHE A 914 0.20 -9.90 -25.79
N THR A 915 -0.31 -10.95 -25.15
CA THR A 915 -0.42 -10.92 -23.70
C THR A 915 0.97 -10.86 -23.10
N CYS A 916 1.93 -11.53 -23.76
CA CYS A 916 3.32 -11.47 -23.32
C CYS A 916 3.85 -10.06 -23.48
N HIS A 917 3.45 -9.38 -24.57
CA HIS A 917 3.89 -7.99 -24.77
C HIS A 917 3.37 -7.11 -23.64
N THR A 918 2.10 -7.28 -23.28
CA THR A 918 1.52 -6.50 -22.21
C THR A 918 2.20 -6.81 -20.88
N ALA A 919 2.52 -8.09 -20.63
CA ALA A 919 3.20 -8.46 -19.41
C ALA A 919 4.59 -7.85 -19.37
N PHE A 920 5.28 -7.83 -20.51
CA PHE A 920 6.60 -7.22 -20.58
C PHE A 920 6.51 -5.74 -20.26
N PHE A 921 5.45 -5.10 -20.76
CA PHE A 921 5.23 -3.69 -20.47
C PHE A 921 5.02 -3.48 -18.98
N VAL A 922 4.22 -4.35 -18.35
CA VAL A 922 4.00 -4.23 -16.91
C VAL A 922 5.31 -4.44 -16.16
N SER A 923 6.11 -5.42 -16.60
CA SER A 923 7.40 -5.66 -15.96
C SER A 923 8.30 -4.45 -16.13
N ILE A 924 8.20 -3.79 -17.28
CA ILE A 924 8.99 -2.60 -17.51
C ILE A 924 8.59 -1.52 -16.52
N VAL A 925 7.28 -1.32 -16.32
CA VAL A 925 6.84 -0.31 -15.36
C VAL A 925 7.30 -0.68 -13.96
N VAL A 926 7.25 -1.96 -13.63
CA VAL A 926 7.66 -2.42 -12.31
C VAL A 926 9.14 -2.11 -12.07
N VAL A 927 9.99 -2.46 -13.02
CA VAL A 927 11.41 -2.18 -12.84
C VAL A 927 11.64 -0.67 -12.92
N GLN A 928 10.77 0.05 -13.62
CA GLN A 928 10.92 1.51 -13.70
C GLN A 928 10.67 2.15 -12.34
N TRP A 929 9.80 1.54 -11.53
CA TRP A 929 9.56 2.09 -10.20
C TRP A 929 10.88 2.12 -9.42
N ALA A 930 11.56 0.98 -9.37
CA ALA A 930 12.82 0.90 -8.66
C ALA A 930 13.88 1.78 -9.29
N ASP A 931 13.92 1.83 -10.62
CA ASP A 931 14.92 2.69 -11.26
C ASP A 931 14.69 4.14 -10.92
N LEU A 932 13.45 4.61 -10.97
CA LEU A 932 13.15 6.00 -10.65
C LEU A 932 13.50 6.30 -9.18
N VAL A 933 13.20 5.35 -8.29
CA VAL A 933 13.49 5.57 -6.88
C VAL A 933 14.99 5.67 -6.66
N ILE A 934 15.75 4.71 -7.20
CA ILE A 934 17.21 4.75 -7.01
C ILE A 934 17.82 5.93 -7.73
N CYS A 935 17.16 6.48 -8.74
CA CYS A 935 17.71 7.62 -9.44
C CYS A 935 17.49 8.92 -8.71
N LYS A 936 16.61 8.93 -7.69
CA LYS A 936 16.43 10.17 -6.94
C LYS A 936 17.75 10.69 -6.34
N THR A 937 18.69 9.79 -6.07
CA THR A 937 19.96 10.18 -5.47
C THR A 937 21.08 9.33 -6.04
N ARG A 938 22.25 9.96 -6.20
CA ARG A 938 23.43 9.27 -6.73
C ARG A 938 24.55 9.16 -5.71
N ARG A 939 24.45 9.82 -4.56
CA ARG A 939 25.48 9.77 -3.54
C ARG A 939 24.97 9.22 -2.22
N ASN A 940 23.83 9.72 -1.73
CA ASN A 940 23.27 9.27 -0.46
C ASN A 940 22.27 8.14 -0.66
N SER A 941 21.81 7.58 0.45
CA SER A 941 20.84 6.51 0.43
C SER A 941 19.44 7.08 0.32
N VAL A 942 18.55 6.32 -0.32
CA VAL A 942 17.17 6.78 -0.52
C VAL A 942 16.48 7.09 0.80
N PHE A 943 16.97 6.54 1.90
CA PHE A 943 16.38 6.78 3.21
C PHE A 943 16.83 8.10 3.82
N GLN A 944 17.93 8.66 3.32
CA GLN A 944 18.43 9.93 3.82
C GLN A 944 17.81 11.09 3.06
N GLN A 945 17.60 10.90 1.75
CA GLN A 945 17.02 11.95 0.92
C GLN A 945 15.51 12.08 1.16
N GLY A 946 14.82 10.95 1.25
CA GLY A 946 13.39 10.93 1.45
C GLY A 946 12.64 11.15 0.16
N MET A 947 11.33 10.89 0.23
CA MET A 947 10.46 11.06 -0.93
C MET A 947 9.70 12.40 -0.85
N LYS A 948 10.46 13.49 -0.74
CA LYS A 948 9.85 14.80 -0.68
C LYS A 948 9.45 15.32 -2.06
N ASN A 949 9.83 14.61 -3.12
CA ASN A 949 9.49 14.99 -4.49
C ASN A 949 8.05 14.56 -4.77
N LYS A 950 7.14 15.54 -4.84
CA LYS A 950 5.73 15.21 -5.08
C LYS A 950 5.48 14.83 -6.52
N ILE A 951 6.17 15.50 -7.45
CA ILE A 951 5.96 15.18 -8.86
C ILE A 951 6.46 13.76 -9.16
N LEU A 952 7.54 13.34 -8.49
CA LEU A 952 8.04 11.99 -8.71
C LEU A 952 7.00 10.95 -8.28
N ILE A 953 6.40 11.13 -7.10
CA ILE A 953 5.39 10.21 -6.64
C ILE A 953 4.19 10.25 -7.57
N PHE A 954 3.86 11.44 -8.07
CA PHE A 954 2.75 11.56 -9.00
C PHE A 954 3.01 10.73 -10.23
N GLY A 955 4.25 10.78 -10.74
CA GLY A 955 4.60 9.99 -11.90
C GLY A 955 4.55 8.51 -11.58
N LEU A 956 4.96 8.15 -10.37
CA LEU A 956 4.94 6.74 -9.96
C LEU A 956 3.51 6.20 -9.99
N PHE A 957 2.56 7.01 -9.54
CA PHE A 957 1.17 6.55 -9.51
C PHE A 957 0.55 6.59 -10.91
N GLU A 958 0.82 7.65 -11.65
CA GLU A 958 0.24 7.83 -12.99
C GLU A 958 0.71 6.77 -13.98
N GLU A 959 2.00 6.39 -13.96
CA GLU A 959 2.42 5.40 -14.96
C GLU A 959 1.83 4.04 -14.66
N THR A 960 1.76 3.66 -13.38
CA THR A 960 1.17 2.37 -13.04
C THR A 960 -0.30 2.36 -13.40
N ALA A 961 -1.01 3.45 -13.12
CA ALA A 961 -2.43 3.52 -13.46
C ALA A 961 -2.62 3.48 -14.96
N LEU A 962 -1.74 4.15 -15.71
CA LEU A 962 -1.87 4.14 -17.17
C LEU A 962 -1.64 2.75 -17.74
N ALA A 963 -0.65 2.02 -17.21
CA ALA A 963 -0.41 0.67 -17.70
C ALA A 963 -1.60 -0.23 -17.34
N ALA A 964 -2.14 -0.07 -16.14
CA ALA A 964 -3.29 -0.87 -15.73
C ALA A 964 -4.46 -0.58 -16.64
N PHE A 965 -4.64 0.68 -17.01
CA PHE A 965 -5.75 1.03 -17.88
C PHE A 965 -5.54 0.44 -19.28
N LEU A 966 -4.34 0.61 -19.82
CA LEU A 966 -4.06 0.08 -21.16
C LEU A 966 -4.16 -1.44 -21.20
N SER A 967 -4.10 -2.09 -20.04
CA SER A 967 -4.19 -3.54 -20.00
C SER A 967 -5.58 -4.06 -19.69
N TYR A 968 -6.38 -3.32 -18.93
CA TYR A 968 -7.70 -3.80 -18.55
C TYR A 968 -8.86 -3.06 -19.22
N CYS A 969 -8.61 -1.98 -19.96
CA CYS A 969 -9.71 -1.26 -20.59
C CYS A 969 -10.34 -2.15 -21.66
N PRO A 970 -11.67 -2.20 -21.74
CA PRO A 970 -12.32 -3.05 -22.74
C PRO A 970 -12.05 -2.53 -24.15
N GLY A 971 -11.88 -3.46 -25.08
CA GLY A 971 -11.63 -3.14 -26.46
C GLY A 971 -10.17 -3.00 -26.82
N MET A 972 -9.29 -2.85 -25.82
CA MET A 972 -7.87 -2.71 -26.10
C MET A 972 -7.30 -3.98 -26.74
N GLY A 973 -7.94 -5.13 -26.49
CA GLY A 973 -7.47 -6.37 -27.10
C GLY A 973 -7.52 -6.31 -28.61
N VAL A 974 -8.44 -5.54 -29.17
CA VAL A 974 -8.57 -5.40 -30.61
C VAL A 974 -8.14 -4.03 -31.10
N ALA A 975 -7.81 -3.10 -30.21
CA ALA A 975 -7.39 -1.76 -30.61
C ALA A 975 -5.88 -1.58 -30.53
N LEU A 976 -5.30 -1.72 -29.34
CA LEU A 976 -3.87 -1.59 -29.14
C LEU A 976 -3.20 -2.95 -29.08
N ARG A 977 -3.95 -4.02 -29.29
CA ARG A 977 -3.45 -5.39 -29.23
C ARG A 977 -2.90 -5.71 -27.84
N MET A 978 -3.43 -5.03 -26.82
CA MET A 978 -3.04 -5.25 -25.43
C MET A 978 -4.21 -5.98 -24.77
N TYR A 979 -3.91 -7.08 -24.10
CA TYR A 979 -4.92 -7.91 -23.47
C TYR A 979 -4.84 -7.88 -21.95
N PRO A 980 -5.91 -8.27 -21.26
CA PRO A 980 -5.87 -8.26 -19.79
C PRO A 980 -4.78 -9.16 -19.25
N LEU A 981 -4.16 -8.73 -18.15
CA LEU A 981 -3.10 -9.47 -17.51
C LEU A 981 -3.62 -10.14 -16.24
N LYS A 982 -3.34 -11.43 -16.09
CA LYS A 982 -3.81 -12.15 -14.92
C LYS A 982 -3.09 -11.66 -13.67
N PRO A 983 -3.72 -11.75 -12.50
CA PRO A 983 -3.09 -11.22 -11.28
C PRO A 983 -1.75 -11.84 -10.94
N THR A 984 -1.65 -13.18 -10.96
CA THR A 984 -0.42 -13.87 -10.59
C THR A 984 0.76 -13.49 -11.47
N TRP A 985 0.56 -12.55 -12.40
CA TRP A 985 1.63 -12.10 -13.28
C TRP A 985 2.14 -10.71 -12.92
N TRP A 986 1.29 -9.84 -12.38
CA TRP A 986 1.74 -8.49 -12.03
C TRP A 986 2.90 -8.53 -11.05
N PHE A 987 3.05 -9.63 -10.30
CA PHE A 987 4.10 -9.79 -9.31
C PHE A 987 5.30 -10.58 -9.82
N CYS A 988 5.44 -10.75 -11.13
CA CYS A 988 6.58 -11.53 -11.61
C CYS A 988 7.88 -10.72 -11.63
N ALA A 989 7.81 -9.44 -11.94
CA ALA A 989 9.01 -8.62 -12.00
C ALA A 989 9.40 -7.99 -10.67
N PHE A 990 8.62 -8.20 -9.61
CA PHE A 990 8.94 -7.61 -8.32
C PHE A 990 10.34 -7.95 -7.84
N PRO A 991 10.81 -9.21 -7.89
CA PRO A 991 12.16 -9.49 -7.41
C PRO A 991 13.23 -8.74 -8.18
N TYR A 992 13.05 -8.53 -9.48
CA TYR A 992 14.06 -7.77 -10.21
C TYR A 992 14.06 -6.32 -9.76
N SER A 993 12.88 -5.77 -9.44
CA SER A 993 12.82 -4.41 -8.95
C SER A 993 13.54 -4.29 -7.61
N LEU A 994 13.27 -5.24 -6.69
CA LEU A 994 13.94 -5.21 -5.40
C LEU A 994 15.43 -5.44 -5.56
N LEU A 995 15.83 -6.24 -6.55
CA LEU A 995 17.25 -6.49 -6.79
C LEU A 995 17.92 -5.21 -7.24
N ILE A 996 17.28 -4.47 -8.15
CA ILE A 996 17.84 -3.21 -8.62
C ILE A 996 17.98 -2.25 -7.44
N PHE A 997 16.95 -2.19 -6.60
CA PHE A 997 16.98 -1.30 -5.45
C PHE A 997 18.11 -1.63 -4.49
N VAL A 998 18.21 -2.90 -4.07
CA VAL A 998 19.25 -3.27 -3.12
C VAL A 998 20.64 -3.11 -3.74
N TYR A 999 20.79 -3.39 -5.04
CA TYR A 999 22.11 -3.25 -5.65
C TYR A 999 22.53 -1.80 -5.68
N ASP A 1000 21.62 -0.89 -6.05
CA ASP A 1000 21.98 0.51 -6.09
C ASP A 1000 22.27 1.03 -4.68
N GLU A 1001 21.51 0.58 -3.69
CA GLU A 1001 21.76 1.05 -2.33
C GLU A 1001 23.09 0.54 -1.80
N VAL A 1002 23.46 -0.72 -2.09
CA VAL A 1002 24.75 -1.21 -1.59
C VAL A 1002 25.88 -0.52 -2.36
N ARG A 1003 25.68 -0.21 -3.65
CA ARG A 1003 26.73 0.48 -4.39
C ARG A 1003 26.95 1.87 -3.81
N LYS A 1004 25.87 2.59 -3.53
CA LYS A 1004 26.00 3.90 -2.92
C LYS A 1004 26.60 3.80 -1.53
N LEU A 1005 26.29 2.72 -0.80
CA LEU A 1005 26.84 2.52 0.54
C LEU A 1005 28.34 2.32 0.48
N ILE A 1006 28.81 1.53 -0.50
CA ILE A 1006 30.25 1.31 -0.65
C ILE A 1006 30.93 2.61 -1.08
N ILE A 1007 30.27 3.40 -1.92
CA ILE A 1007 30.83 4.68 -2.35
C ILE A 1007 30.89 5.65 -1.18
N ARG A 1008 29.93 5.55 -0.25
CA ARG A 1008 29.92 6.42 0.92
C ARG A 1008 31.01 6.02 1.91
N ARG A 1009 31.16 4.71 2.14
CA ARG A 1009 32.14 4.18 3.08
C ARG A 1009 33.55 4.09 2.51
N ARG A 1010 33.74 4.23 1.20
CA ARG A 1010 35.07 4.14 0.60
C ARG A 1010 35.20 5.15 -0.53
N PRO A 1011 35.30 6.44 -0.21
CA PRO A 1011 35.44 7.45 -1.27
C PRO A 1011 36.72 7.25 -2.04
N GLY A 1012 36.69 7.65 -3.32
CA GLY A 1012 37.83 7.49 -4.19
C GLY A 1012 38.17 6.06 -4.51
N GLY A 1013 37.33 5.11 -4.09
CA GLY A 1013 37.57 3.71 -4.34
C GLY A 1013 37.29 3.34 -5.77
N TRP A 1014 37.52 2.06 -6.07
CA TRP A 1014 37.27 1.56 -7.41
C TRP A 1014 35.81 1.72 -7.79
N VAL A 1015 34.91 1.47 -6.83
CA VAL A 1015 33.48 1.61 -7.09
C VAL A 1015 33.16 3.04 -7.50
N GLU A 1016 33.73 4.01 -6.79
CA GLU A 1016 33.49 5.42 -7.12
C GLU A 1016 34.11 5.77 -8.46
N LYS A 1017 35.34 5.33 -8.71
CA LYS A 1017 35.99 5.65 -9.97
C LYS A 1017 35.49 4.83 -11.13
N GLU A 1018 34.52 3.94 -10.92
CA GLU A 1018 34.02 3.11 -12.00
C GLU A 1018 32.53 3.21 -12.26
N THR A 1019 31.73 3.49 -11.24
CA THR A 1019 30.30 3.58 -11.43
C THR A 1019 29.69 4.93 -11.08
N TYR A 1020 30.39 5.78 -10.33
CA TYR A 1020 29.86 7.09 -9.96
C TYR A 1020 29.85 7.98 -11.20
N TYR A 1021 28.67 8.16 -11.78
CA TYR A 1021 28.53 8.99 -12.98
C TYR A 1021 28.31 10.46 -12.65
N LYS B 13 44.45 8.60 -33.52
CA LYS B 13 45.32 7.53 -33.06
C LYS B 13 45.59 7.61 -31.55
N LYS B 14 45.43 8.80 -30.97
CA LYS B 14 45.67 8.95 -29.54
C LYS B 14 44.61 8.22 -28.73
N PHE B 15 43.33 8.37 -29.12
CA PHE B 15 42.26 7.68 -28.41
C PHE B 15 42.29 6.18 -28.69
N ILE B 16 42.76 5.80 -29.88
CA ILE B 16 42.83 4.39 -30.25
C ILE B 16 43.78 3.65 -29.31
N TRP B 17 44.95 4.24 -29.07
CA TRP B 17 45.95 3.65 -28.19
C TRP B 17 47.02 4.68 -27.85
N ASN B 18 47.46 4.66 -26.59
CA ASN B 18 48.52 5.54 -26.10
C ASN B 18 49.49 4.65 -25.33
N SER B 19 50.80 4.81 -25.62
CA SER B 19 51.81 3.98 -24.98
C SER B 19 52.27 4.50 -23.62
N GLU B 20 51.90 5.72 -23.23
CA GLU B 20 52.35 6.23 -21.94
C GLU B 20 51.88 5.36 -20.78
N LYS B 21 50.57 5.10 -20.69
CA LYS B 21 50.02 4.30 -19.62
C LYS B 21 49.42 2.98 -20.12
N LYS B 22 49.68 2.61 -21.36
CA LYS B 22 49.16 1.39 -21.97
C LYS B 22 47.62 1.37 -21.95
N GLU B 23 47.05 2.42 -22.53
CA GLU B 23 45.59 2.55 -22.60
C GLU B 23 45.11 2.16 -23.99
N PHE B 24 44.18 1.24 -24.05
CA PHE B 24 43.62 0.73 -25.29
C PHE B 24 42.16 1.15 -25.41
N LEU B 25 41.85 1.90 -26.45
CA LEU B 25 40.50 2.38 -26.75
C LEU B 25 39.95 3.34 -25.68
N GLY B 26 40.77 3.76 -24.73
CA GLY B 26 40.30 4.66 -23.70
C GLY B 26 40.69 4.33 -22.28
N ARG B 27 41.03 3.07 -22.01
CA ARG B 27 41.40 2.65 -20.66
C ARG B 27 42.63 1.75 -20.71
N THR B 28 43.36 1.73 -19.59
CA THR B 28 44.57 0.95 -19.47
C THR B 28 44.27 -0.55 -19.36
N GLY B 29 45.35 -1.33 -19.26
CA GLY B 29 45.20 -2.78 -19.14
C GLY B 29 44.70 -3.23 -17.78
N GLY B 30 45.22 -2.63 -16.71
CA GLY B 30 44.77 -2.99 -15.38
C GLY B 30 43.29 -2.76 -15.20
N SER B 31 42.80 -1.60 -15.67
CA SER B 31 41.37 -1.31 -15.57
C SER B 31 40.59 -2.23 -16.51
N TRP B 32 41.17 -2.55 -17.67
CA TRP B 32 40.52 -3.45 -18.62
C TRP B 32 40.22 -4.79 -17.95
N PHE B 33 41.23 -5.35 -17.28
CA PHE B 33 41.06 -6.64 -16.60
C PHE B 33 40.14 -6.50 -15.40
N LYS B 34 40.24 -5.39 -14.66
CA LYS B 34 39.37 -5.21 -13.49
C LYS B 34 37.91 -5.21 -13.91
N ILE B 35 37.56 -4.44 -14.94
CA ILE B 35 36.19 -4.41 -15.41
C ILE B 35 35.80 -5.73 -16.05
N LEU B 36 36.73 -6.42 -16.72
CA LEU B 36 36.36 -7.70 -17.29
C LEU B 36 36.00 -8.70 -16.21
N LEU B 37 36.81 -8.79 -15.14
CA LEU B 37 36.50 -9.72 -14.06
C LEU B 37 35.23 -9.31 -13.32
N PHE B 38 35.05 -8.01 -13.10
CA PHE B 38 33.84 -7.56 -12.41
C PHE B 38 32.61 -7.87 -13.24
N TYR B 39 32.66 -7.58 -14.54
CA TYR B 39 31.55 -7.85 -15.41
C TYR B 39 31.30 -9.34 -15.53
N VAL B 40 32.33 -10.17 -15.43
CA VAL B 40 32.11 -11.61 -15.49
C VAL B 40 31.37 -12.08 -14.24
N ILE B 41 31.84 -11.67 -13.04
CA ILE B 41 31.11 -12.10 -11.84
C ILE B 41 29.71 -11.51 -11.81
N PHE B 42 29.53 -10.31 -12.37
CA PHE B 42 28.22 -9.66 -12.37
C PHE B 42 27.25 -10.33 -13.33
N TYR B 43 27.61 -10.41 -14.62
CA TYR B 43 26.73 -11.06 -15.58
C TYR B 43 26.53 -12.53 -15.22
N GLY B 44 27.55 -13.16 -14.61
CA GLY B 44 27.40 -14.54 -14.19
C GLY B 44 26.38 -14.66 -13.08
N CYS B 45 26.45 -13.77 -12.08
CA CYS B 45 25.47 -13.81 -11.00
C CYS B 45 24.09 -13.45 -11.53
N LEU B 46 24.01 -12.58 -12.52
CA LEU B 46 22.71 -12.19 -13.07
C LEU B 46 22.09 -13.35 -13.84
N ALA B 47 22.87 -14.01 -14.70
CA ALA B 47 22.32 -15.14 -15.44
C ALA B 47 22.03 -16.28 -14.48
N GLY B 48 22.83 -16.43 -13.43
CA GLY B 48 22.58 -17.48 -12.46
C GLY B 48 21.29 -17.23 -11.70
N ILE B 49 21.05 -15.97 -11.30
CA ILE B 49 19.82 -15.64 -10.61
C ILE B 49 18.65 -15.79 -11.57
N PHE B 50 18.86 -15.48 -12.86
CA PHE B 50 17.80 -15.64 -13.84
C PHE B 50 17.40 -17.10 -13.95
N ILE B 51 18.39 -17.99 -14.13
CA ILE B 51 18.14 -19.41 -14.24
C ILE B 51 17.52 -19.93 -12.95
N GLY B 52 17.94 -19.38 -11.81
CA GLY B 52 17.35 -19.81 -10.55
C GLY B 52 15.87 -19.47 -10.49
N THR B 53 15.52 -18.24 -10.89
CA THR B 53 14.12 -17.84 -10.89
C THR B 53 13.34 -18.67 -11.89
N ILE B 54 13.96 -19.00 -13.03
CA ILE B 54 13.30 -19.81 -14.05
C ILE B 54 12.97 -21.20 -13.48
N GLN B 55 13.93 -21.80 -12.76
CA GLN B 55 13.68 -23.12 -12.18
C GLN B 55 12.62 -23.04 -11.09
N VAL B 56 12.68 -21.99 -10.26
CA VAL B 56 11.66 -21.84 -9.22
C VAL B 56 10.29 -21.70 -9.87
N MET B 57 10.23 -21.05 -11.03
CA MET B 57 8.96 -20.91 -11.74
C MET B 57 8.49 -22.24 -12.33
N LEU B 58 9.42 -22.99 -12.93
CA LEU B 58 9.06 -24.29 -13.49
C LEU B 58 8.52 -25.22 -12.41
N LEU B 59 9.01 -25.06 -11.18
CA LEU B 59 8.53 -25.90 -10.10
C LEU B 59 7.09 -25.58 -9.68
N THR B 60 6.36 -24.75 -10.44
CA THR B 60 4.98 -24.40 -10.15
C THR B 60 3.98 -25.08 -11.06
N ILE B 61 4.30 -25.18 -12.35
CA ILE B 61 3.42 -25.84 -13.31
C ILE B 61 3.61 -27.35 -13.23
N SER B 62 2.61 -28.08 -13.74
CA SER B 62 2.65 -29.53 -13.75
C SER B 62 3.27 -30.01 -15.06
N GLU B 63 3.69 -31.28 -15.08
CA GLU B 63 4.31 -31.83 -16.27
C GLU B 63 3.35 -32.55 -17.21
N PHE B 64 2.11 -32.79 -16.78
CA PHE B 64 1.14 -33.46 -17.64
C PHE B 64 -0.15 -32.66 -17.79
N LYS B 65 -0.19 -31.41 -17.31
CA LYS B 65 -1.36 -30.55 -17.44
C LYS B 65 -0.95 -29.09 -17.30
N PRO B 66 -1.26 -28.24 -18.28
CA PRO B 66 -0.90 -26.83 -18.20
C PRO B 66 -1.74 -26.07 -17.19
N THR B 67 -1.13 -25.05 -16.57
CA THR B 67 -1.82 -24.25 -15.57
C THR B 67 -2.95 -23.39 -16.14
N TYR B 68 -2.95 -23.14 -17.44
CA TYR B 68 -4.00 -22.32 -18.06
C TYR B 68 -4.32 -22.90 -19.43
N GLN B 69 -5.60 -23.11 -19.71
CA GLN B 69 -6.03 -23.67 -20.99
C GLN B 69 -7.09 -22.84 -21.69
N ASP B 70 -7.59 -21.77 -21.08
CA ASP B 70 -8.62 -20.93 -21.70
C ASP B 70 -8.17 -20.36 -23.03
N ARG B 71 -6.85 -20.23 -23.26
CA ARG B 71 -6.34 -19.69 -24.50
C ARG B 71 -6.54 -20.66 -25.66
N VAL B 72 -6.61 -21.97 -25.40
CA VAL B 72 -6.87 -22.94 -26.44
C VAL B 72 -8.23 -23.52 -26.12
N ALA B 73 -9.28 -22.79 -26.49
CA ALA B 73 -10.66 -23.19 -26.26
C ALA B 73 -11.55 -22.18 -26.96
N PRO B 74 -12.42 -22.60 -27.87
CA PRO B 74 -12.59 -23.98 -28.35
C PRO B 74 -11.42 -24.36 -29.25
N PRO B 75 -11.33 -25.64 -29.64
CA PRO B 75 -10.25 -26.03 -30.55
C PRO B 75 -10.50 -25.48 -31.93
N GLY B 76 -9.45 -25.43 -32.74
CA GLY B 76 -9.52 -24.90 -34.10
C GLY B 76 -9.49 -26.02 -35.13
N LEU B 77 -10.31 -25.88 -36.16
CA LEU B 77 -10.36 -26.89 -37.22
C LEU B 77 -9.23 -26.63 -38.21
N THR B 78 -8.52 -27.69 -38.58
CA THR B 78 -7.40 -27.59 -39.50
C THR B 78 -7.57 -28.55 -40.67
N GLN B 79 -6.82 -28.30 -41.75
CA GLN B 79 -6.87 -29.13 -42.94
C GLN B 79 -5.46 -29.60 -43.28
N ILE B 80 -5.39 -30.71 -44.00
CA ILE B 80 -4.13 -31.29 -44.45
C ILE B 80 -4.28 -31.53 -45.95
N PRO B 81 -3.32 -31.14 -46.79
CA PRO B 81 -1.99 -30.54 -46.59
C PRO B 81 -2.00 -29.05 -46.26
N GLN B 82 -1.02 -28.59 -45.49
CA GLN B 82 -0.95 -27.17 -45.19
C GLN B 82 -0.54 -26.44 -46.45
N SER B 83 -1.40 -25.54 -46.92
CA SER B 83 -1.16 -24.78 -48.12
C SER B 83 -1.17 -23.30 -47.80
N GLN B 84 -0.27 -22.55 -48.44
CA GLN B 84 -0.20 -21.12 -48.23
C GLN B 84 -1.52 -20.47 -48.65
N LYS B 85 -2.00 -19.56 -47.80
CA LYS B 85 -3.25 -18.84 -48.04
C LYS B 85 -4.45 -19.77 -48.22
N THR B 86 -4.30 -21.03 -47.77
CA THR B 86 -5.33 -22.08 -47.88
C THR B 86 -5.81 -22.27 -49.32
N GLU B 87 -4.94 -21.95 -50.28
CA GLU B 87 -5.26 -22.09 -51.68
C GLU B 87 -4.66 -23.39 -52.21
N ILE B 88 -5.50 -24.23 -52.78
CA ILE B 88 -5.07 -25.51 -53.34
C ILE B 88 -5.43 -25.47 -54.83
N SER B 89 -4.49 -24.99 -55.65
CA SER B 89 -4.69 -24.89 -57.08
C SER B 89 -3.60 -25.68 -57.78
N PHE B 90 -4.00 -26.57 -58.67
CA PHE B 90 -3.05 -27.41 -59.39
C PHE B 90 -3.68 -27.84 -60.71
N ARG B 91 -2.81 -28.28 -61.62
CA ARG B 91 -3.23 -28.75 -62.95
C ARG B 91 -3.43 -30.25 -62.88
N PRO B 92 -4.66 -30.76 -63.00
CA PRO B 92 -4.86 -32.22 -62.92
C PRO B 92 -4.06 -32.98 -63.94
N ASN B 93 -3.90 -32.43 -65.15
CA ASN B 93 -3.13 -33.12 -66.17
C ASN B 93 -1.64 -33.13 -65.84
N ASP B 94 -1.16 -32.09 -65.16
CA ASP B 94 0.24 -32.02 -64.79
C ASP B 94 0.54 -32.98 -63.64
N PRO B 95 1.49 -33.92 -63.81
CA PRO B 95 1.80 -34.86 -62.72
C PRO B 95 2.59 -34.24 -61.58
N GLN B 96 3.08 -33.01 -61.72
CA GLN B 96 3.86 -32.36 -60.69
C GLN B 96 3.14 -31.19 -60.02
N SER B 97 2.11 -30.64 -60.64
CA SER B 97 1.38 -29.53 -60.03
C SER B 97 0.70 -29.94 -58.73
N TYR B 98 0.45 -31.24 -58.53
CA TYR B 98 -0.17 -31.73 -57.30
C TYR B 98 0.80 -32.53 -56.46
N GLU B 99 2.08 -32.53 -56.81
CA GLU B 99 3.05 -33.30 -56.04
C GLU B 99 3.22 -32.74 -54.64
N SER B 100 3.19 -31.41 -54.49
CA SER B 100 3.35 -30.82 -53.16
C SER B 100 2.24 -31.25 -52.21
N TYR B 101 0.98 -31.12 -52.67
CA TYR B 101 -0.15 -31.49 -51.83
C TYR B 101 -0.11 -32.96 -51.42
N VAL B 102 0.17 -33.84 -52.38
CA VAL B 102 0.24 -35.27 -52.06
C VAL B 102 1.41 -35.56 -51.13
N VAL B 103 2.53 -34.84 -51.33
CA VAL B 103 3.71 -35.03 -50.49
C VAL B 103 3.38 -34.67 -49.05
N SER B 104 2.74 -33.52 -48.85
CA SER B 104 2.39 -33.12 -47.48
C SER B 104 1.31 -34.02 -46.90
N ILE B 105 0.44 -34.58 -47.73
CA ILE B 105 -0.60 -35.47 -47.23
C ILE B 105 0.02 -36.77 -46.75
N VAL B 106 0.97 -37.31 -47.54
CA VAL B 106 1.63 -38.56 -47.18
C VAL B 106 2.53 -38.38 -45.95
N ARG B 107 3.23 -37.24 -45.87
CA ARG B 107 4.11 -37.00 -44.72
C ARG B 107 3.37 -37.14 -43.40
N PHE B 108 2.08 -36.80 -43.39
CA PHE B 108 1.25 -36.90 -42.20
C PHE B 108 0.54 -38.25 -42.12
N LEU B 109 0.09 -38.77 -43.26
CA LEU B 109 -0.62 -40.06 -43.28
C LEU B 109 0.27 -41.24 -42.93
N GLU B 110 1.58 -41.16 -43.20
CA GLU B 110 2.46 -42.28 -42.88
C GLU B 110 2.46 -42.60 -41.40
N LYS B 111 2.10 -41.65 -40.56
CA LYS B 111 2.04 -41.85 -39.12
C LYS B 111 0.81 -42.65 -38.71
N TYR B 112 -0.09 -42.95 -39.65
CA TYR B 112 -1.31 -43.69 -39.37
C TYR B 112 -1.36 -45.05 -40.06
N LYS B 113 -0.28 -45.46 -40.72
CA LYS B 113 -0.28 -46.75 -41.40
C LYS B 113 -0.29 -47.88 -40.37
N ASP B 114 -0.69 -49.07 -40.85
CA ASP B 114 -0.74 -50.24 -39.96
C ASP B 114 0.62 -50.59 -39.39
N LEU B 115 1.71 -50.15 -40.04
CA LEU B 115 3.06 -50.47 -39.57
C LEU B 115 3.42 -49.69 -38.31
N ALA B 116 2.97 -48.43 -38.21
CA ALA B 116 3.30 -47.65 -37.02
C ALA B 116 2.56 -48.17 -35.78
N GLN B 117 1.35 -48.67 -35.97
CA GLN B 117 0.53 -49.19 -34.87
C GLN B 117 0.69 -50.71 -34.70
N LYS B 118 1.93 -51.17 -34.54
CA LYS B 118 2.14 -52.61 -34.38
C LYS B 118 2.10 -53.05 -32.92
N ASP B 119 2.90 -52.42 -32.06
CA ASP B 119 2.93 -52.80 -30.65
C ASP B 119 1.53 -52.75 -30.04
N ASP B 120 1.17 -53.83 -29.33
CA ASP B 120 -0.15 -53.93 -28.71
C ASP B 120 -0.26 -53.21 -27.38
N MET B 121 0.87 -52.97 -26.70
CA MET B 121 0.79 -52.26 -25.42
C MET B 121 0.48 -50.78 -25.62
N ILE B 122 1.08 -50.16 -26.64
CA ILE B 122 0.85 -48.75 -26.91
C ILE B 122 -0.38 -48.55 -27.78
N PHE B 123 -0.55 -49.38 -28.80
CA PHE B 123 -1.67 -49.26 -29.72
C PHE B 123 -2.73 -50.32 -29.40
N GLU B 124 -3.92 -49.88 -29.03
CA GLU B 124 -5.04 -50.73 -28.71
C GLU B 124 -6.14 -50.47 -29.72
N ASP B 125 -6.88 -51.51 -30.08
CA ASP B 125 -7.95 -51.35 -31.04
C ASP B 125 -9.23 -50.89 -30.33
N CYS B 126 -9.83 -49.83 -30.85
CA CYS B 126 -11.06 -49.25 -30.33
C CYS B 126 -12.17 -49.52 -31.34
N GLY B 127 -13.42 -49.42 -30.84
CA GLY B 127 -14.59 -49.67 -31.65
C GLY B 127 -14.57 -49.21 -33.10
N ASN B 128 -14.97 -50.10 -34.02
CA ASN B 128 -15.01 -49.77 -35.44
C ASN B 128 -16.11 -48.77 -35.78
N VAL B 129 -16.99 -48.46 -34.83
CA VAL B 129 -18.09 -47.52 -35.00
C VAL B 129 -18.06 -46.54 -33.84
N PRO B 130 -18.72 -45.39 -33.98
CA PRO B 130 -18.74 -44.40 -32.89
C PRO B 130 -19.29 -44.97 -31.58
N SER B 131 -18.47 -44.90 -30.54
CA SER B 131 -18.80 -45.38 -29.21
C SER B 131 -18.59 -44.25 -28.20
N GLU B 132 -18.68 -44.58 -26.92
CA GLU B 132 -18.48 -43.61 -25.86
C GLU B 132 -17.01 -43.28 -25.73
N LEU B 133 -16.73 -42.10 -25.17
CA LEU B 133 -15.36 -41.64 -24.98
C LEU B 133 -14.58 -42.56 -24.05
N LYS B 134 -13.29 -42.75 -24.36
CA LYS B 134 -12.42 -43.63 -23.57
C LYS B 134 -11.67 -42.80 -22.53
N GLU B 135 -12.36 -42.48 -21.43
CA GLU B 135 -11.73 -41.73 -20.35
C GLU B 135 -10.70 -42.64 -19.68
N ARG B 136 -9.43 -42.25 -19.75
CA ARG B 136 -8.37 -43.07 -19.16
C ARG B 136 -8.26 -42.95 -17.64
N GLY B 137 -8.92 -41.98 -17.04
CA GLY B 137 -8.84 -41.83 -15.60
C GLY B 137 -8.35 -40.47 -15.16
N GLU B 138 -7.23 -40.44 -14.46
CA GLU B 138 -6.64 -39.20 -13.96
C GLU B 138 -5.39 -38.86 -14.74
N TYR B 139 -5.00 -37.58 -14.69
CA TYR B 139 -3.82 -37.07 -15.40
C TYR B 139 -2.60 -37.19 -14.49
N ASN B 140 -2.10 -38.41 -14.36
CA ASN B 140 -0.96 -38.70 -13.52
C ASN B 140 -0.15 -39.82 -14.18
N ASN B 141 0.87 -40.30 -13.47
CA ASN B 141 1.73 -41.38 -13.93
C ASN B 141 1.48 -42.68 -13.18
N GLU B 142 0.35 -42.77 -12.45
CA GLU B 142 0.03 -43.96 -11.68
C GLU B 142 -0.07 -45.20 -12.55
N ARG B 143 -0.58 -45.04 -13.78
CA ARG B 143 -0.71 -46.16 -14.71
C ARG B 143 0.27 -46.06 -15.87
N GLY B 144 1.29 -45.22 -15.74
CA GLY B 144 2.28 -45.06 -16.79
C GLY B 144 1.66 -44.54 -18.07
N GLU B 145 2.17 -45.03 -19.20
CA GLU B 145 1.65 -44.65 -20.50
C GLU B 145 0.19 -45.08 -20.62
N ARG B 146 -0.46 -44.57 -21.66
CA ARG B 146 -1.85 -44.89 -21.92
C ARG B 146 -1.98 -45.45 -23.34
N LYS B 147 -2.95 -46.34 -23.51
CA LYS B 147 -3.18 -46.94 -24.81
C LYS B 147 -3.67 -45.86 -25.79
N VAL B 148 -3.49 -46.14 -27.07
CA VAL B 148 -3.90 -45.23 -28.14
C VAL B 148 -4.91 -45.93 -29.02
N CYS B 149 -6.08 -45.31 -29.20
CA CYS B 149 -7.11 -45.89 -30.05
C CYS B 149 -6.58 -45.95 -31.49
N ARG B 150 -6.36 -47.16 -32.00
CA ARG B 150 -5.82 -47.33 -33.34
C ARG B 150 -6.77 -46.77 -34.38
N PHE B 151 -6.20 -46.28 -35.48
CA PHE B 151 -6.98 -45.71 -36.56
C PHE B 151 -6.35 -46.14 -37.89
N ARG B 152 -7.03 -47.03 -38.61
CA ARG B 152 -6.54 -47.51 -39.90
C ARG B 152 -6.87 -46.51 -40.99
N LEU B 153 -5.92 -46.32 -41.91
CA LEU B 153 -6.15 -45.38 -43.01
C LEU B 153 -7.32 -45.79 -43.89
N GLU B 154 -7.69 -47.08 -43.86
CA GLU B 154 -8.80 -47.57 -44.67
C GLU B 154 -10.13 -46.90 -44.35
N TRP B 155 -10.25 -46.26 -43.18
CA TRP B 155 -11.51 -45.61 -42.85
C TRP B 155 -11.80 -44.47 -43.83
N LEU B 156 -10.79 -43.99 -44.55
CA LEU B 156 -10.95 -42.95 -45.55
C LEU B 156 -11.30 -43.63 -46.86
N GLY B 157 -12.45 -43.27 -47.45
CA GLY B 157 -12.94 -43.90 -48.66
C GLY B 157 -12.04 -44.13 -49.85
N ASN B 158 -11.69 -43.09 -50.59
CA ASN B 158 -10.83 -43.25 -51.76
C ASN B 158 -9.47 -42.59 -51.60
N CYS B 159 -9.31 -41.75 -50.58
CA CYS B 159 -8.06 -41.05 -50.34
C CYS B 159 -7.49 -41.55 -49.03
N SER B 160 -6.74 -42.64 -49.10
CA SER B 160 -6.11 -43.25 -47.94
C SER B 160 -4.63 -43.53 -48.14
N GLY B 161 -4.11 -43.37 -49.35
CA GLY B 161 -2.71 -43.67 -49.59
C GLY B 161 -2.46 -45.15 -49.63
N LEU B 162 -3.50 -45.94 -49.92
CA LEU B 162 -3.45 -47.39 -50.00
C LEU B 162 -3.77 -47.90 -51.40
N ASN B 163 -4.81 -47.36 -52.04
CA ASN B 163 -5.20 -47.73 -53.40
C ASN B 163 -4.88 -46.64 -54.41
N ASP B 164 -5.05 -45.38 -54.01
CA ASP B 164 -4.78 -44.24 -54.87
C ASP B 164 -3.81 -43.30 -54.17
N GLU B 165 -2.56 -43.26 -54.63
CA GLU B 165 -1.58 -42.38 -54.03
C GLU B 165 -1.82 -40.92 -54.40
N THR B 166 -2.50 -40.66 -55.52
CA THR B 166 -2.76 -39.28 -55.91
C THR B 166 -3.86 -38.67 -55.06
N TYR B 167 -4.67 -39.50 -54.38
CA TYR B 167 -5.77 -39.11 -53.51
C TYR B 167 -6.92 -38.44 -54.26
N GLY B 168 -6.89 -38.43 -55.57
CA GLY B 168 -7.92 -37.82 -56.39
C GLY B 168 -7.41 -36.62 -57.14
N TYR B 169 -6.25 -36.11 -56.76
CA TYR B 169 -5.68 -34.95 -57.45
C TYR B 169 -5.36 -35.26 -58.91
N LYS B 170 -5.21 -36.54 -59.26
CA LYS B 170 -4.91 -36.87 -60.66
C LYS B 170 -6.13 -36.74 -61.56
N ASP B 171 -7.34 -36.97 -61.04
CA ASP B 171 -8.55 -36.88 -61.85
C ASP B 171 -9.44 -35.69 -61.45
N GLY B 172 -8.84 -34.65 -60.89
CA GLY B 172 -9.62 -33.47 -60.49
C GLY B 172 -10.67 -33.73 -59.43
N LYS B 173 -10.36 -34.58 -58.46
CA LYS B 173 -11.26 -34.90 -57.36
C LYS B 173 -10.44 -34.81 -56.07
N PRO B 174 -10.17 -33.60 -55.60
CA PRO B 174 -9.34 -33.46 -54.41
C PRO B 174 -9.99 -34.02 -53.15
N CYS B 175 -9.12 -34.43 -52.22
CA CYS B 175 -9.50 -35.00 -50.94
C CYS B 175 -8.75 -34.24 -49.85
N VAL B 176 -9.40 -33.26 -49.24
CA VAL B 176 -8.79 -32.44 -48.19
C VAL B 176 -9.18 -33.03 -46.85
N ILE B 177 -8.28 -33.81 -46.25
CA ILE B 177 -8.56 -34.42 -44.96
C ILE B 177 -8.68 -33.33 -43.90
N ILE B 178 -9.73 -33.42 -43.09
CA ILE B 178 -10.00 -32.47 -42.02
C ILE B 178 -9.50 -33.04 -40.70
N LYS B 179 -9.04 -32.16 -39.81
CA LYS B 179 -8.49 -32.56 -38.53
C LYS B 179 -8.95 -31.60 -37.44
N LEU B 180 -9.09 -32.14 -36.22
CA LEU B 180 -9.51 -31.39 -35.05
C LEU B 180 -8.29 -31.04 -34.20
N ASN B 181 -8.23 -29.80 -33.72
CA ASN B 181 -7.10 -29.37 -32.90
C ASN B 181 -7.01 -30.16 -31.60
N ARG B 182 -5.86 -30.79 -31.38
CA ARG B 182 -5.67 -31.58 -30.17
C ARG B 182 -5.58 -30.66 -28.96
N VAL B 183 -6.41 -30.91 -27.96
CA VAL B 183 -6.43 -30.13 -26.74
C VAL B 183 -6.48 -31.10 -25.57
N LEU B 184 -5.62 -30.87 -24.57
CA LEU B 184 -5.56 -31.76 -23.42
C LEU B 184 -6.76 -31.56 -22.50
N GLY B 185 -7.40 -32.66 -22.14
CA GLY B 185 -8.55 -32.61 -21.24
C GLY B 185 -9.84 -32.07 -21.82
N PHE B 186 -10.02 -32.13 -23.14
CA PHE B 186 -11.23 -31.63 -23.78
C PHE B 186 -12.17 -32.79 -24.05
N LYS B 187 -13.43 -32.63 -23.66
CA LYS B 187 -14.45 -33.67 -23.87
C LYS B 187 -15.48 -33.14 -24.85
N PRO B 188 -15.35 -33.47 -26.14
CA PRO B 188 -16.32 -32.98 -27.13
C PRO B 188 -17.72 -33.50 -26.86
N LYS B 189 -18.71 -32.66 -27.14
CA LYS B 189 -20.12 -33.00 -26.95
C LYS B 189 -20.88 -32.61 -28.21
N PRO B 190 -21.33 -33.58 -28.99
CA PRO B 190 -22.07 -33.27 -30.23
C PRO B 190 -23.41 -32.62 -29.94
N PRO B 191 -23.95 -31.87 -30.90
CA PRO B 191 -25.25 -31.22 -30.68
C PRO B 191 -26.35 -32.25 -30.49
N LYS B 192 -27.31 -31.92 -29.62
CA LYS B 192 -28.42 -32.81 -29.36
C LYS B 192 -29.48 -32.68 -30.45
N ASN B 193 -30.23 -33.77 -30.68
CA ASN B 193 -31.29 -33.77 -31.69
C ASN B 193 -32.37 -32.73 -31.41
N GLU B 194 -32.54 -32.34 -30.15
CA GLU B 194 -33.57 -31.36 -29.79
C GLU B 194 -33.34 -30.02 -30.48
N SER B 195 -32.10 -29.53 -30.51
CA SER B 195 -31.77 -28.26 -31.13
C SER B 195 -31.36 -28.38 -32.60
N LEU B 196 -31.45 -29.57 -33.19
CA LEU B 196 -31.06 -29.76 -34.59
C LEU B 196 -32.03 -29.14 -35.58
N GLU B 197 -31.86 -27.85 -35.87
CA GLU B 197 -32.73 -27.20 -36.85
C GLU B 197 -32.04 -26.14 -37.68
N THR B 198 -30.76 -25.84 -37.44
CA THR B 198 -30.05 -24.81 -38.20
C THR B 198 -28.92 -25.37 -39.02
N TYR B 199 -28.12 -26.29 -38.46
CA TYR B 199 -27.04 -26.87 -39.23
C TYR B 199 -27.60 -27.77 -40.32
N PRO B 200 -26.89 -27.90 -41.45
CA PRO B 200 -27.37 -28.70 -42.58
C PRO B 200 -27.62 -30.16 -42.21
N VAL B 201 -28.26 -30.85 -43.16
CA VAL B 201 -28.61 -32.25 -43.00
C VAL B 201 -27.36 -33.12 -43.10
N MET B 202 -27.16 -33.97 -42.09
CA MET B 202 -26.04 -34.90 -42.00
C MET B 202 -26.46 -36.03 -41.05
N LYS B 203 -25.68 -37.10 -41.05
CA LYS B 203 -25.98 -38.22 -40.15
C LYS B 203 -25.95 -37.74 -38.70
N TYR B 204 -26.93 -38.17 -37.91
CA TYR B 204 -27.03 -37.76 -36.51
C TYR B 204 -26.60 -38.90 -35.59
N ASN B 205 -25.32 -38.92 -35.24
CA ASN B 205 -24.80 -39.93 -34.34
C ASN B 205 -24.40 -39.24 -33.05
N PRO B 206 -25.08 -39.51 -31.92
CA PRO B 206 -24.71 -38.85 -30.66
C PRO B 206 -23.33 -39.21 -30.16
N TYR B 207 -22.65 -40.15 -30.82
CA TYR B 207 -21.29 -40.55 -30.44
C TYR B 207 -20.24 -40.08 -31.45
N VAL B 208 -20.59 -39.11 -32.30
CA VAL B 208 -19.66 -38.57 -33.28
C VAL B 208 -19.81 -37.05 -33.34
N LEU B 209 -18.69 -36.34 -33.42
CA LEU B 209 -18.71 -34.89 -33.51
C LEU B 209 -18.72 -34.59 -34.99
N PRO B 210 -19.82 -34.06 -35.54
CA PRO B 210 -19.89 -33.84 -37.00
C PRO B 210 -19.21 -32.57 -37.50
N VAL B 211 -19.00 -32.57 -38.82
CA VAL B 211 -18.39 -31.48 -39.59
C VAL B 211 -19.05 -31.47 -40.96
N HIS B 212 -19.43 -30.30 -41.45
CA HIS B 212 -20.08 -30.21 -42.76
C HIS B 212 -19.44 -29.10 -43.59
N CYS B 213 -19.11 -29.42 -44.83
CA CYS B 213 -18.52 -28.45 -45.73
C CYS B 213 -19.62 -27.83 -46.58
N THR B 214 -19.54 -26.51 -46.76
CA THR B 214 -20.52 -25.76 -47.53
C THR B 214 -19.73 -24.74 -48.36
N GLY B 215 -20.44 -23.99 -49.19
CA GLY B 215 -19.79 -22.97 -50.00
C GLY B 215 -19.59 -21.73 -49.16
N LYS B 216 -19.26 -20.63 -49.83
CA LYS B 216 -19.09 -19.38 -49.11
C LYS B 216 -19.96 -18.27 -49.65
N ARG B 217 -20.15 -18.22 -50.97
CA ARG B 217 -21.00 -17.23 -51.62
C ARG B 217 -22.06 -17.96 -52.44
N ASP B 218 -22.85 -17.21 -53.18
CA ASP B 218 -23.88 -17.83 -54.00
C ASP B 218 -23.26 -18.60 -55.17
N GLU B 219 -22.09 -18.16 -55.63
CA GLU B 219 -21.40 -18.84 -56.73
C GLU B 219 -20.72 -20.12 -56.24
N ASP B 220 -20.17 -20.06 -55.03
CA ASP B 220 -19.49 -21.22 -54.48
C ASP B 220 -20.46 -22.37 -54.25
N LYS B 221 -21.64 -22.08 -53.69
CA LYS B 221 -22.61 -23.14 -53.43
C LYS B 221 -23.02 -23.85 -54.71
N GLU B 222 -22.96 -23.16 -55.85
CA GLU B 222 -23.33 -23.77 -57.12
C GLU B 222 -22.17 -24.52 -57.78
N LYS B 223 -20.97 -23.92 -57.79
CA LYS B 223 -19.84 -24.55 -58.45
C LYS B 223 -19.06 -25.57 -57.61
N VAL B 224 -19.42 -25.83 -56.34
CA VAL B 224 -18.65 -26.80 -55.56
C VAL B 224 -18.76 -28.20 -56.15
N GLY B 225 -19.99 -28.70 -56.26
CA GLY B 225 -20.17 -30.03 -56.82
C GLY B 225 -20.84 -31.01 -55.86
N THR B 226 -20.19 -32.14 -55.62
CA THR B 226 -20.73 -33.17 -54.74
C THR B 226 -19.71 -33.52 -53.67
N MET B 227 -20.08 -33.25 -52.42
CA MET B 227 -19.22 -33.56 -51.30
C MET B 227 -19.33 -35.05 -51.00
N GLU B 228 -18.19 -35.67 -50.72
CA GLU B 228 -18.15 -37.09 -50.37
C GLU B 228 -17.38 -37.14 -49.04
N TYR B 229 -18.10 -37.27 -47.93
CA TYR B 229 -17.49 -37.30 -46.61
C TYR B 229 -17.07 -38.73 -46.25
N PHE B 230 -15.83 -38.88 -45.78
CA PHE B 230 -15.26 -40.16 -45.36
C PHE B 230 -14.80 -40.03 -43.92
N GLY B 231 -15.22 -40.98 -43.09
CA GLY B 231 -14.87 -40.98 -41.69
C GLY B 231 -15.09 -42.35 -41.10
N LEU B 232 -14.69 -42.49 -39.84
CA LEU B 232 -14.83 -43.77 -39.15
C LEU B 232 -16.29 -44.18 -39.06
N GLY B 233 -16.61 -45.34 -39.62
CA GLY B 233 -17.97 -45.86 -39.61
C GLY B 233 -18.92 -45.19 -40.57
N GLY B 234 -18.41 -44.38 -41.50
CA GLY B 234 -19.26 -43.69 -42.45
C GLY B 234 -19.93 -42.45 -41.93
N TYR B 235 -19.61 -42.03 -40.70
CA TYR B 235 -20.22 -40.84 -40.12
C TYR B 235 -19.40 -39.61 -40.45
N PRO B 236 -20.04 -38.53 -40.91
CA PRO B 236 -19.28 -37.31 -41.25
C PRO B 236 -18.75 -36.58 -40.02
N GLY B 237 -17.68 -37.09 -39.42
CA GLY B 237 -17.13 -36.43 -38.25
C GLY B 237 -16.04 -37.27 -37.60
N PHE B 238 -15.83 -37.00 -36.31
CA PHE B 238 -14.83 -37.67 -35.49
C PHE B 238 -15.51 -38.50 -34.40
N PRO B 239 -15.18 -39.78 -34.26
CA PRO B 239 -15.81 -40.57 -33.20
C PRO B 239 -15.41 -40.05 -31.82
N LEU B 240 -16.39 -40.01 -30.91
CA LEU B 240 -16.13 -39.53 -29.56
C LEU B 240 -15.19 -40.44 -28.77
N GLN B 241 -14.97 -41.66 -29.25
CA GLN B 241 -14.11 -42.62 -28.56
C GLN B 241 -12.62 -42.26 -28.62
N TYR B 242 -12.22 -41.26 -29.40
CA TYR B 242 -10.82 -40.89 -29.50
C TYR B 242 -10.40 -39.76 -28.58
N TYR B 243 -11.26 -39.35 -27.65
CA TYR B 243 -10.98 -38.28 -26.71
C TYR B 243 -11.26 -38.76 -25.30
N PRO B 244 -10.68 -38.09 -24.27
CA PRO B 244 -9.79 -36.92 -24.32
C PRO B 244 -8.31 -37.22 -24.54
N TYR B 245 -7.57 -36.19 -24.93
CA TYR B 245 -6.13 -36.30 -25.15
C TYR B 245 -5.43 -36.00 -23.83
N TYR B 246 -4.45 -36.83 -23.48
CA TYR B 246 -3.72 -36.67 -22.24
C TYR B 246 -2.34 -36.04 -22.39
N GLY B 247 -2.02 -35.47 -23.56
CA GLY B 247 -0.74 -34.83 -23.78
C GLY B 247 0.36 -35.78 -24.23
N LYS B 248 1.51 -35.18 -24.56
CA LYS B 248 2.68 -35.94 -25.01
C LYS B 248 3.39 -36.67 -23.88
N LEU B 249 3.08 -36.36 -22.62
CA LEU B 249 3.74 -37.05 -21.52
C LEU B 249 3.09 -38.39 -21.20
N LEU B 250 1.76 -38.47 -21.34
CA LEU B 250 1.03 -39.71 -21.06
C LEU B 250 0.74 -40.54 -22.31
N GLN B 251 0.42 -39.89 -23.44
CA GLN B 251 0.13 -40.57 -24.70
C GLN B 251 1.05 -39.99 -25.76
N PRO B 252 2.30 -40.43 -25.81
CA PRO B 252 3.23 -39.86 -26.81
C PRO B 252 2.86 -40.23 -28.23
N LYS B 253 2.50 -41.49 -28.49
CA LYS B 253 2.12 -41.93 -29.82
C LYS B 253 0.61 -41.86 -30.03
N TYR B 254 -0.06 -40.90 -29.40
CA TYR B 254 -1.50 -40.74 -29.54
C TYR B 254 -1.82 -40.30 -30.97
N LEU B 255 -2.79 -40.96 -31.58
CA LEU B 255 -3.23 -40.64 -32.93
C LEU B 255 -4.63 -40.03 -32.84
N GLN B 256 -4.79 -38.82 -33.40
CA GLN B 256 -6.05 -38.12 -33.36
C GLN B 256 -7.00 -38.63 -34.46
N PRO B 257 -8.30 -38.57 -34.21
CA PRO B 257 -9.25 -39.03 -35.24
C PRO B 257 -9.17 -38.14 -36.46
N LEU B 258 -9.45 -38.73 -37.62
CA LEU B 258 -9.40 -38.01 -38.89
C LEU B 258 -10.67 -38.25 -39.68
N MET B 259 -10.82 -37.45 -40.74
CA MET B 259 -11.97 -37.48 -41.64
C MET B 259 -11.60 -36.65 -42.86
N ALA B 260 -11.94 -37.16 -44.05
CA ALA B 260 -11.62 -36.45 -45.28
C ALA B 260 -12.89 -36.12 -46.05
N VAL B 261 -12.76 -35.20 -47.01
CA VAL B 261 -13.86 -34.78 -47.86
C VAL B 261 -13.36 -34.75 -49.31
N GLN B 262 -14.12 -35.38 -50.21
CA GLN B 262 -13.78 -35.44 -51.61
C GLN B 262 -14.70 -34.52 -52.41
N PHE B 263 -14.10 -33.70 -53.26
CA PHE B 263 -14.82 -32.71 -54.08
C PHE B 263 -14.90 -33.21 -55.52
N THR B 264 -15.94 -33.98 -55.83
CA THR B 264 -16.13 -34.50 -57.19
C THR B 264 -17.18 -33.68 -57.93
N ASN B 265 -17.04 -33.65 -59.26
CA ASN B 265 -17.93 -32.92 -60.17
C ASN B 265 -17.88 -31.42 -59.89
N LEU B 266 -16.67 -30.86 -59.92
CA LEU B 266 -16.44 -29.45 -59.67
C LEU B 266 -16.09 -28.73 -60.96
N THR B 267 -16.37 -27.43 -60.98
CA THR B 267 -16.09 -26.60 -62.15
C THR B 267 -14.59 -26.53 -62.37
N MET B 268 -14.16 -26.81 -63.59
CA MET B 268 -12.75 -26.77 -63.92
C MET B 268 -12.28 -25.34 -64.14
N ASP B 269 -11.04 -25.07 -63.73
CA ASP B 269 -10.39 -23.77 -63.90
C ASP B 269 -11.20 -22.61 -63.31
N THR B 270 -11.67 -22.78 -62.08
CA THR B 270 -12.42 -21.73 -61.41
C THR B 270 -12.13 -21.81 -59.92
N GLU B 271 -11.78 -20.66 -59.32
CA GLU B 271 -11.47 -20.63 -57.89
C GLU B 271 -12.76 -20.74 -57.09
N ILE B 272 -12.78 -21.70 -56.17
CA ILE B 272 -13.93 -21.95 -55.32
C ILE B 272 -13.47 -22.03 -53.88
N ARG B 273 -14.10 -21.23 -53.01
CA ARG B 273 -13.79 -21.20 -51.60
C ARG B 273 -14.88 -21.95 -50.84
N ILE B 274 -14.51 -23.06 -50.21
CA ILE B 274 -15.44 -23.87 -49.44
C ILE B 274 -15.06 -23.74 -47.97
N GLU B 275 -16.07 -23.86 -47.10
CA GLU B 275 -15.88 -23.75 -45.66
C GLU B 275 -16.46 -24.97 -44.96
N CYS B 276 -15.60 -25.72 -44.28
CA CYS B 276 -16.04 -26.88 -43.52
C CYS B 276 -16.15 -26.42 -42.09
N LYS B 277 -17.32 -26.62 -41.49
CA LYS B 277 -17.58 -26.15 -40.13
C LYS B 277 -17.94 -27.30 -39.20
N ALA B 278 -17.32 -27.29 -38.02
CA ALA B 278 -17.55 -28.29 -37.00
C ALA B 278 -18.62 -27.78 -36.04
N TYR B 279 -19.53 -28.67 -35.66
CA TYR B 279 -20.61 -28.33 -34.75
C TYR B 279 -20.44 -29.09 -33.43
N GLY B 280 -21.04 -28.53 -32.40
CA GLY B 280 -20.99 -29.10 -31.08
C GLY B 280 -21.23 -28.04 -30.04
N GLU B 281 -21.42 -28.50 -28.80
CA GLU B 281 -21.66 -27.57 -27.70
C GLU B 281 -20.41 -26.75 -27.39
N ASN B 282 -19.27 -27.44 -27.23
CA ASN B 282 -17.99 -26.81 -26.89
C ASN B 282 -17.19 -26.37 -28.11
N ILE B 283 -17.83 -26.17 -29.26
CA ILE B 283 -17.14 -25.73 -30.47
C ILE B 283 -17.72 -24.39 -30.89
N GLY B 284 -16.94 -23.33 -30.72
CA GLY B 284 -17.34 -21.98 -31.06
C GLY B 284 -16.65 -21.50 -32.32
N TYR B 285 -16.93 -20.25 -32.67
CA TYR B 285 -16.38 -19.60 -33.85
C TYR B 285 -15.84 -18.23 -33.48
N SER B 286 -15.17 -17.58 -34.44
CA SER B 286 -14.60 -16.26 -34.17
C SER B 286 -14.52 -15.42 -35.45
N GLU B 287 -14.73 -14.12 -35.28
CA GLU B 287 -14.70 -13.16 -36.38
C GLU B 287 -13.29 -12.78 -36.80
N LYS B 288 -12.33 -12.82 -35.89
CA LYS B 288 -10.95 -12.45 -36.21
C LYS B 288 -10.10 -13.65 -36.56
N ASP B 289 -10.31 -14.77 -35.88
CA ASP B 289 -9.56 -16.00 -36.14
C ASP B 289 -10.46 -16.90 -36.97
N ARG B 290 -10.23 -16.90 -38.28
CA ARG B 290 -11.01 -17.70 -39.22
C ARG B 290 -10.67 -19.21 -39.16
N PHE B 291 -9.90 -19.69 -38.18
CA PHE B 291 -9.56 -21.10 -38.07
C PHE B 291 -10.04 -21.73 -36.78
N GLN B 292 -10.85 -21.02 -35.98
CA GLN B 292 -11.37 -21.53 -34.72
C GLN B 292 -12.73 -22.18 -34.95
N GLY B 293 -12.74 -23.51 -35.03
CA GLY B 293 -13.94 -24.28 -35.26
C GLY B 293 -14.25 -24.54 -36.72
N ARG B 294 -13.92 -23.60 -37.60
CA ARG B 294 -14.18 -23.72 -39.03
C ARG B 294 -12.95 -23.26 -39.79
N PHE B 295 -12.91 -23.63 -41.08
CA PHE B 295 -11.79 -23.23 -41.94
C PHE B 295 -12.29 -23.17 -43.37
N ASP B 296 -11.63 -22.32 -44.17
CA ASP B 296 -11.97 -22.10 -45.57
C ASP B 296 -10.80 -22.48 -46.46
N VAL B 297 -11.08 -23.25 -47.52
CA VAL B 297 -10.09 -23.72 -48.48
C VAL B 297 -10.48 -23.27 -49.88
N LYS B 298 -9.52 -22.73 -50.62
CA LYS B 298 -9.72 -22.24 -51.97
C LYS B 298 -9.08 -23.24 -52.94
N ILE B 299 -9.87 -23.77 -53.87
CA ILE B 299 -9.39 -24.75 -54.84
C ILE B 299 -9.70 -24.33 -56.27
N GLU B 300 -8.84 -24.77 -57.19
CA GLU B 300 -9.01 -24.50 -58.62
C GLU B 300 -8.20 -25.53 -59.40
N VAL B 301 -8.89 -26.47 -60.05
CA VAL B 301 -8.22 -27.51 -60.84
C VAL B 301 -8.12 -27.00 -62.27
N LYS B 302 -7.02 -26.29 -62.55
CA LYS B 302 -6.77 -25.72 -63.88
C LYS B 302 -6.07 -26.75 -64.75
N SER B 303 -6.86 -27.56 -65.44
CA SER B 303 -6.32 -28.60 -66.32
C SER B 303 -5.85 -28.04 -67.66
N ASP C 17 -17.35 -26.12 -17.26
CA ASP C 17 -16.45 -25.76 -18.36
C ASP C 17 -15.08 -25.35 -17.84
N PRO C 18 -14.17 -26.33 -17.61
CA PRO C 18 -12.82 -26.02 -17.12
C PRO C 18 -11.93 -25.47 -18.24
N PHE C 19 -12.49 -24.54 -19.03
CA PHE C 19 -11.78 -23.90 -20.12
C PHE C 19 -12.12 -22.43 -20.19
N TYR C 20 -12.75 -21.88 -19.15
CA TYR C 20 -13.14 -20.49 -19.11
C TYR C 20 -12.62 -19.87 -17.83
N TYR C 21 -11.74 -18.90 -17.97
CA TYR C 21 -11.17 -18.17 -16.84
C TYR C 21 -12.00 -16.89 -16.69
N ASP C 22 -12.49 -16.63 -15.48
CA ASP C 22 -13.31 -15.44 -15.28
C ASP C 22 -12.45 -14.21 -15.53
N TYR C 23 -12.60 -13.63 -16.72
CA TYR C 23 -11.85 -12.44 -17.10
C TYR C 23 -12.53 -11.16 -16.65
N GLU C 24 -13.86 -11.17 -16.47
CA GLU C 24 -14.53 -9.95 -16.03
C GLU C 24 -14.11 -9.56 -14.62
N THR C 25 -13.85 -10.54 -13.77
CA THR C 25 -13.41 -10.27 -12.40
C THR C 25 -12.07 -9.52 -12.39
N VAL C 26 -11.09 -10.05 -13.12
CA VAL C 26 -9.79 -9.42 -13.20
C VAL C 26 -9.89 -8.06 -13.88
N ARG C 27 -10.72 -7.96 -14.94
CA ARG C 27 -10.87 -6.69 -15.64
C ARG C 27 -11.42 -5.61 -14.72
N ASN C 28 -12.46 -5.95 -13.96
CA ASN C 28 -13.03 -4.98 -13.05
C ASN C 28 -12.04 -4.62 -11.95
N GLY C 29 -11.28 -5.60 -11.46
CA GLY C 29 -10.28 -5.29 -10.43
C GLY C 29 -9.24 -4.33 -10.96
N GLY C 30 -8.77 -4.57 -12.19
CA GLY C 30 -7.78 -3.69 -12.78
C GLY C 30 -8.32 -2.30 -13.05
N LEU C 31 -9.56 -2.20 -13.52
CA LEU C 31 -10.15 -0.89 -13.78
C LEU C 31 -10.33 -0.13 -12.47
N ILE C 32 -10.78 -0.80 -11.42
CA ILE C 32 -10.97 -0.16 -10.12
C ILE C 32 -9.63 0.35 -9.62
N PHE C 33 -8.58 -0.48 -9.77
CA PHE C 33 -7.27 -0.05 -9.34
C PHE C 33 -6.79 1.15 -10.14
N ALA C 34 -6.99 1.12 -11.46
CA ALA C 34 -6.55 2.23 -12.28
C ALA C 34 -7.24 3.52 -11.85
N ALA C 35 -8.53 3.45 -11.56
CA ALA C 35 -9.25 4.64 -11.13
C ALA C 35 -8.75 5.12 -9.78
N LEU C 36 -8.50 4.19 -8.85
CA LEU C 36 -8.01 4.58 -7.53
C LEU C 36 -6.65 5.26 -7.63
N ALA C 37 -5.73 4.65 -8.39
CA ALA C 37 -4.40 5.21 -8.54
C ALA C 37 -4.46 6.55 -9.25
N PHE C 38 -5.37 6.69 -10.21
CA PHE C 38 -5.50 7.96 -10.93
C PHE C 38 -6.02 9.06 -10.02
N ILE C 39 -6.99 8.74 -9.16
CA ILE C 39 -7.51 9.74 -8.23
C ILE C 39 -6.42 10.14 -7.25
N VAL C 40 -5.65 9.17 -6.75
CA VAL C 40 -4.57 9.47 -5.81
C VAL C 40 -3.53 10.36 -6.48
N GLY C 41 -3.13 10.00 -7.70
CA GLY C 41 -2.16 10.81 -8.41
C GLY C 41 -2.68 12.21 -8.67
N LEU C 42 -3.97 12.33 -8.97
CA LEU C 42 -4.55 13.64 -9.21
C LEU C 42 -4.53 14.48 -7.94
N ILE C 43 -4.75 13.82 -6.80
CA ILE C 43 -4.74 14.56 -5.54
C ILE C 43 -3.32 14.95 -5.17
N ILE C 44 -2.35 14.12 -5.50
CA ILE C 44 -0.96 14.44 -5.19
C ILE C 44 -0.45 15.59 -6.06
N ILE C 45 -0.73 15.53 -7.36
CA ILE C 45 -0.27 16.59 -8.25
C ILE C 45 -1.00 17.90 -7.95
N LEU C 46 -2.28 17.83 -7.62
CA LEU C 46 -3.10 18.99 -7.29
C LEU C 46 -3.26 19.12 -5.77
N SER C 47 -2.21 18.75 -5.04
CA SER C 47 -2.22 18.78 -3.58
C SER C 47 -2.62 20.13 -3.01
N LYS C 48 -3.49 20.09 -1.99
CA LYS C 48 -3.96 21.27 -1.29
C LYS C 48 -3.14 21.54 -0.04
N ARG C 49 -2.67 20.47 0.61
CA ARG C 49 -1.89 20.59 1.84
C ARG C 49 -0.67 19.65 1.84
N LEU C 50 -0.34 19.02 0.71
CA LEU C 50 0.81 18.11 0.63
C LEU C 50 2.02 18.86 0.10
N ARG C 51 2.62 19.66 0.97
CA ARG C 51 3.80 20.44 0.61
C ARG C 51 5.03 19.94 1.36
N GLU D 27 -47.12 -31.27 36.12
CA GLU D 27 -47.41 -29.87 35.81
C GLU D 27 -48.84 -29.53 36.25
N ARG D 28 -49.08 -28.27 36.60
CA ARG D 28 -50.41 -27.83 37.00
C ARG D 28 -51.19 -27.30 35.80
N ASP D 29 -51.18 -28.07 34.71
CA ASP D 29 -51.89 -27.71 33.48
C ASP D 29 -52.58 -28.87 32.79
N MET D 30 -52.16 -30.11 33.05
CA MET D 30 -52.75 -31.29 32.43
C MET D 30 -53.68 -31.98 33.41
N ASP D 31 -54.60 -32.77 32.84
CA ASP D 31 -55.61 -33.54 33.55
C ASP D 31 -56.65 -32.66 34.22
N GLU D 32 -56.50 -31.34 34.17
CA GLU D 32 -57.43 -30.39 34.74
C GLU D 32 -57.86 -29.33 33.74
N LEU D 33 -56.93 -28.86 32.90
CA LEU D 33 -57.20 -27.85 31.90
C LEU D 33 -57.34 -28.45 30.51
N LYS D 34 -57.88 -29.67 30.42
CA LYS D 34 -58.02 -30.37 29.14
C LYS D 34 -59.47 -30.57 28.71
N LYS D 35 -60.30 -31.21 29.53
CA LYS D 35 -61.68 -31.48 29.15
C LYS D 35 -62.62 -30.29 29.28
N GLU D 36 -62.16 -29.17 29.86
CA GLU D 36 -63.05 -28.02 30.02
C GLU D 36 -63.45 -27.45 28.67
N VAL D 37 -62.49 -27.25 27.77
CA VAL D 37 -62.77 -26.74 26.45
C VAL D 37 -62.91 -27.93 25.51
N SER D 38 -64.08 -28.56 25.54
CA SER D 38 -64.38 -29.73 24.73
C SER D 38 -65.68 -29.49 23.99
N MET D 39 -65.60 -29.31 22.68
CA MET D 39 -66.77 -29.10 21.85
C MET D 39 -66.39 -29.54 20.44
N ASP D 40 -66.91 -30.70 20.03
CA ASP D 40 -66.57 -31.24 18.71
C ASP D 40 -67.82 -31.63 17.94
N ASP D 41 -67.61 -32.34 16.84
CA ASP D 41 -68.68 -32.79 15.95
C ASP D 41 -68.50 -34.26 15.57
N HIS D 42 -67.99 -35.08 16.49
CA HIS D 42 -67.78 -36.49 16.21
C HIS D 42 -69.09 -37.26 16.06
N LYS D 43 -70.20 -36.76 16.61
CA LYS D 43 -71.47 -37.46 16.49
C LYS D 43 -72.14 -37.29 15.14
N LEU D 44 -71.81 -36.22 14.40
CA LEU D 44 -72.43 -35.98 13.10
C LEU D 44 -72.11 -37.10 12.12
N SER D 45 -73.08 -37.38 11.24
CA SER D 45 -72.91 -38.41 10.23
C SER D 45 -72.05 -37.86 9.10
N LEU D 46 -71.79 -38.68 8.09
CA LEU D 46 -70.96 -38.23 6.97
C LEU D 46 -71.64 -37.08 6.24
N ASP D 47 -72.96 -37.16 6.05
CA ASP D 47 -73.69 -36.09 5.38
C ASP D 47 -73.71 -34.83 6.24
N GLU D 48 -73.86 -34.98 7.56
CA GLU D 48 -73.88 -33.80 8.42
C GLU D 48 -72.55 -33.08 8.34
N LEU D 49 -71.45 -33.82 8.30
CA LEU D 49 -70.14 -33.18 8.18
C LEU D 49 -69.98 -32.56 6.81
N HIS D 50 -70.45 -33.23 5.76
CA HIS D 50 -70.33 -32.69 4.41
C HIS D 50 -71.04 -31.36 4.28
N ARG D 51 -72.28 -31.27 4.77
CA ARG D 51 -72.98 -30.00 4.66
C ARG D 51 -72.45 -28.96 5.64
N LYS D 52 -71.98 -29.38 6.82
CA LYS D 52 -71.49 -28.43 7.81
C LYS D 52 -70.19 -27.76 7.37
N TYR D 53 -69.20 -28.56 6.98
CA TYR D 53 -67.92 -27.98 6.56
C TYR D 53 -67.88 -27.63 5.09
N GLY D 54 -68.74 -28.23 4.25
CA GLY D 54 -68.75 -27.94 2.84
C GLY D 54 -67.49 -28.44 2.15
N THR D 55 -67.23 -29.74 2.23
CA THR D 55 -66.05 -30.34 1.63
C THR D 55 -66.41 -31.65 0.96
N ASP D 56 -65.86 -31.85 -0.24
CA ASP D 56 -66.10 -33.08 -0.99
C ASP D 56 -65.45 -34.24 -0.24
N LEU D 57 -66.28 -35.12 0.32
CA LEU D 57 -65.77 -36.26 1.09
C LEU D 57 -64.91 -37.21 0.27
N SER D 58 -65.01 -37.19 -1.06
CA SER D 58 -64.23 -38.08 -1.90
C SER D 58 -63.10 -37.41 -2.65
N ARG D 59 -63.09 -36.07 -2.73
CA ARG D 59 -62.04 -35.35 -3.45
C ARG D 59 -61.43 -34.19 -2.69
N GLY D 60 -61.96 -33.83 -1.52
CA GLY D 60 -61.41 -32.71 -0.77
C GLY D 60 -61.75 -31.38 -1.42
N LEU D 61 -61.60 -30.29 -0.68
CA LEU D 61 -61.93 -28.98 -1.24
C LEU D 61 -60.96 -28.62 -2.36
N THR D 62 -61.46 -27.86 -3.34
CA THR D 62 -60.64 -27.44 -4.47
C THR D 62 -59.59 -26.41 -4.03
N PRO D 63 -58.54 -26.24 -4.83
CA PRO D 63 -57.49 -25.27 -4.46
C PRO D 63 -58.04 -23.86 -4.28
N ALA D 64 -59.12 -23.50 -4.97
CA ALA D 64 -59.67 -22.16 -4.82
C ALA D 64 -60.15 -21.95 -3.38
N ARG D 65 -61.11 -22.78 -2.94
CA ARG D 65 -61.61 -22.67 -1.57
C ARG D 65 -60.49 -22.85 -0.57
N ALA D 66 -59.46 -23.61 -0.96
CA ALA D 66 -58.32 -23.82 -0.08
C ALA D 66 -57.62 -22.51 0.17
N ALA D 67 -57.30 -21.77 -0.91
CA ALA D 67 -56.65 -20.48 -0.74
C ALA D 67 -57.57 -19.50 -0.02
N GLU D 68 -58.87 -19.64 -0.25
CA GLU D 68 -59.84 -18.76 0.41
C GLU D 68 -59.75 -18.90 1.92
N ILE D 69 -59.89 -20.13 2.42
CA ILE D 69 -59.81 -20.35 3.86
C ILE D 69 -58.42 -20.04 4.37
N LEU D 70 -57.38 -20.32 3.58
CA LEU D 70 -56.02 -20.04 4.04
C LEU D 70 -55.83 -18.54 4.28
N ALA D 71 -56.32 -17.70 3.37
CA ALA D 71 -56.19 -16.26 3.57
C ALA D 71 -57.18 -15.72 4.58
N ARG D 72 -58.28 -16.43 4.82
CA ARG D 72 -59.27 -15.96 5.79
C ARG D 72 -58.89 -16.32 7.22
N ASP D 73 -58.78 -17.63 7.50
CA ASP D 73 -58.45 -18.09 8.86
C ASP D 73 -57.00 -17.84 9.22
N GLY D 74 -56.08 -18.00 8.26
CA GLY D 74 -54.69 -17.80 8.53
C GLY D 74 -53.89 -19.10 8.46
N PRO D 75 -52.57 -18.99 8.51
CA PRO D 75 -51.73 -20.19 8.42
C PRO D 75 -51.95 -21.13 9.59
N ASN D 76 -51.77 -22.43 9.33
CA ASN D 76 -51.93 -23.47 10.33
C ASN D 76 -50.66 -23.51 11.19
N ALA D 77 -50.59 -22.56 12.12
CA ALA D 77 -49.44 -22.47 13.01
C ALA D 77 -49.88 -21.77 14.28
N LEU D 78 -49.21 -22.09 15.38
CA LEU D 78 -49.52 -21.48 16.65
C LEU D 78 -48.84 -20.12 16.75
N THR D 79 -49.45 -19.21 17.49
CA THR D 79 -48.88 -17.88 17.67
C THR D 79 -47.50 -18.02 18.29
N PRO D 80 -46.42 -17.57 17.62
CA PRO D 80 -45.09 -17.69 18.20
C PRO D 80 -44.97 -16.84 19.45
N PRO D 81 -44.16 -17.26 20.43
CA PRO D 81 -43.98 -16.49 21.66
C PRO D 81 -43.53 -15.07 21.36
N PRO D 82 -43.69 -14.14 22.31
CA PRO D 82 -43.29 -12.75 22.05
C PRO D 82 -41.82 -12.62 21.65
N THR D 83 -41.58 -11.90 20.56
CA THR D 83 -40.24 -11.67 20.05
C THR D 83 -39.68 -10.44 20.75
N THR D 84 -38.54 -10.59 21.40
CA THR D 84 -37.91 -9.49 22.12
C THR D 84 -37.67 -8.34 21.15
N PRO D 85 -38.19 -7.14 21.43
CA PRO D 85 -37.96 -6.02 20.51
C PRO D 85 -36.48 -5.73 20.39
N GLU D 86 -36.05 -5.36 19.18
CA GLU D 86 -34.65 -5.06 18.97
C GLU D 86 -34.22 -3.76 19.64
N TRP D 87 -35.17 -2.97 20.15
CA TRP D 87 -34.83 -1.76 20.87
C TRP D 87 -34.25 -2.10 22.23
N VAL D 88 -34.70 -3.21 22.82
CA VAL D 88 -34.24 -3.67 24.12
C VAL D 88 -32.83 -4.26 24.03
N LYS D 89 -32.55 -5.01 22.95
CA LYS D 89 -31.23 -5.61 22.78
C LYS D 89 -30.16 -4.53 22.55
N PHE D 90 -30.52 -3.47 21.83
CA PHE D 90 -29.58 -2.38 21.58
C PHE D 90 -29.08 -1.80 22.91
N CYS D 91 -30.02 -1.53 23.82
CA CYS D 91 -29.67 -1.01 25.14
C CYS D 91 -28.94 -2.05 25.98
N ARG D 92 -29.42 -3.30 25.95
CA ARG D 92 -28.81 -4.38 26.71
C ARG D 92 -27.38 -4.62 26.29
N GLN D 93 -27.01 -4.19 25.08
CA GLN D 93 -25.63 -4.36 24.65
C GLN D 93 -24.76 -3.24 25.17
N LEU D 94 -25.29 -2.01 25.22
CA LEU D 94 -24.47 -0.91 25.77
C LEU D 94 -24.07 -1.17 27.22
N PHE D 95 -25.03 -1.53 28.07
CA PHE D 95 -24.67 -1.83 29.47
C PHE D 95 -24.32 -3.30 29.63
N GLY D 96 -23.38 -3.76 28.82
CA GLY D 96 -22.95 -5.14 28.84
C GLY D 96 -22.21 -5.53 30.10
N GLY D 97 -21.50 -6.65 30.05
CA GLY D 97 -20.74 -7.16 31.17
C GLY D 97 -19.30 -6.73 31.25
N PHE D 98 -18.84 -5.93 30.29
CA PHE D 98 -17.50 -5.42 30.27
C PHE D 98 -17.52 -3.93 30.01
N SER D 99 -18.66 -3.38 29.67
CA SER D 99 -18.85 -1.97 29.42
C SER D 99 -19.17 -1.21 30.70
N MET D 100 -19.65 -1.90 31.74
CA MET D 100 -19.94 -1.20 32.99
C MET D 100 -18.68 -0.61 33.56
N LEU D 101 -17.54 -1.30 33.37
CA LEU D 101 -16.28 -0.77 33.86
C LEU D 101 -15.93 0.53 33.15
N LEU D 102 -16.15 0.57 31.84
CA LEU D 102 -15.86 1.79 31.08
C LEU D 102 -16.84 2.89 31.46
N TRP D 103 -18.10 2.54 31.75
CA TRP D 103 -19.07 3.54 32.18
C TRP D 103 -18.64 4.14 33.51
N ILE D 104 -18.14 3.30 34.41
CA ILE D 104 -17.64 3.77 35.70
C ILE D 104 -16.45 4.69 35.49
N GLY D 105 -15.54 4.30 34.58
CA GLY D 105 -14.39 5.15 34.29
C GLY D 105 -14.80 6.50 33.74
N ALA D 106 -15.86 6.52 32.91
CA ALA D 106 -16.35 7.77 32.34
C ALA D 106 -17.01 8.64 33.40
N ILE D 107 -17.76 8.02 34.32
CA ILE D 107 -18.40 8.78 35.39
C ILE D 107 -17.32 9.35 36.31
N LEU D 108 -16.28 8.57 36.58
CA LEU D 108 -15.17 9.05 37.41
C LEU D 108 -14.44 10.18 36.69
N CYS D 109 -14.31 10.09 35.37
CA CYS D 109 -13.66 11.16 34.60
C CYS D 109 -14.47 12.45 34.69
N PHE D 110 -15.80 12.36 34.57
CA PHE D 110 -16.61 13.57 34.69
C PHE D 110 -16.55 14.13 36.11
N LEU D 111 -16.50 13.24 37.10
CA LEU D 111 -16.40 13.69 38.49
C LEU D 111 -15.09 14.46 38.68
N ALA D 112 -14.01 13.97 38.08
CA ALA D 112 -12.73 14.66 38.16
C ALA D 112 -12.77 15.97 37.39
N TYR D 113 -13.56 16.02 36.30
CA TYR D 113 -13.70 17.26 35.55
C TYR D 113 -14.40 18.31 36.40
N GLY D 114 -15.42 17.89 37.15
CA GLY D 114 -16.10 18.83 38.05
C GLY D 114 -15.17 19.25 39.17
N ILE D 115 -14.37 18.29 39.68
CA ILE D 115 -13.39 18.58 40.71
C ILE D 115 -12.43 19.65 40.21
N GLN D 116 -12.01 19.54 38.95
CA GLN D 116 -11.11 20.53 38.35
C GLN D 116 -11.82 21.86 38.12
N ALA D 117 -13.12 21.81 37.78
CA ALA D 117 -13.87 23.04 37.59
C ALA D 117 -14.05 23.77 38.92
N ALA D 118 -13.87 23.06 40.02
CA ALA D 118 -13.96 23.64 41.37
C ALA D 118 -12.60 23.96 41.98
N THR D 119 -11.52 23.29 41.55
CA THR D 119 -10.15 23.51 42.01
C THR D 119 -9.57 24.65 41.18
N GLU D 120 -8.24 24.74 41.13
CA GLU D 120 -7.49 25.77 40.41
C GLU D 120 -8.12 26.18 39.09
N GLU D 121 -8.13 27.49 38.84
CA GLU D 121 -8.66 28.08 37.62
C GLU D 121 -7.85 27.59 36.42
N GLU D 122 -8.42 27.77 35.22
CA GLU D 122 -7.79 27.37 33.97
C GLU D 122 -7.49 25.88 34.02
N PRO D 123 -8.50 25.03 34.03
CA PRO D 123 -8.29 23.58 34.10
C PRO D 123 -8.00 23.01 32.72
N GLN D 124 -7.72 21.71 32.71
CA GLN D 124 -7.46 21.00 31.47
C GLN D 124 -8.65 20.11 31.18
N ASN D 125 -8.83 19.80 29.89
CA ASN D 125 -9.92 18.94 29.45
C ASN D 125 -9.45 17.52 29.26
N ASP D 126 -8.29 17.16 29.82
CA ASP D 126 -7.79 15.80 29.68
C ASP D 126 -8.78 14.79 30.23
N ASN D 127 -9.33 15.07 31.42
CA ASN D 127 -10.31 14.15 32.00
C ASN D 127 -11.63 14.16 31.23
N LEU D 128 -12.06 15.34 30.77
CA LEU D 128 -13.30 15.41 30.01
C LEU D 128 -13.19 14.61 28.72
N TYR D 129 -12.10 14.79 27.99
CA TYR D 129 -11.89 14.04 26.74
C TYR D 129 -11.70 12.56 27.03
N LEU D 130 -11.07 12.20 28.15
CA LEU D 130 -10.93 10.77 28.46
C LEU D 130 -12.30 10.15 28.68
N GLY D 131 -13.19 10.88 29.39
CA GLY D 131 -14.53 10.37 29.61
C GLY D 131 -15.31 10.27 28.32
N VAL D 132 -15.17 11.27 27.44
CA VAL D 132 -15.88 11.23 26.16
C VAL D 132 -15.39 10.05 25.33
N VAL D 133 -14.08 9.82 25.34
CA VAL D 133 -13.52 8.70 24.58
C VAL D 133 -14.05 7.39 25.13
N LEU D 134 -14.09 7.25 26.45
CA LEU D 134 -14.61 6.03 27.04
C LEU D 134 -16.06 5.79 26.65
N SER D 135 -16.89 6.85 26.69
CA SER D 135 -18.29 6.72 26.33
C SER D 135 -18.45 6.30 24.86
N ALA D 136 -17.69 6.95 23.96
CA ALA D 136 -17.79 6.59 22.55
C ALA D 136 -17.29 5.17 22.33
N VAL D 137 -16.31 4.75 23.12
CA VAL D 137 -15.81 3.37 23.00
C VAL D 137 -16.89 2.39 23.41
N VAL D 138 -17.63 2.71 24.48
CA VAL D 138 -18.71 1.82 24.89
C VAL D 138 -19.77 1.75 23.80
N ILE D 139 -20.12 2.90 23.23
CA ILE D 139 -21.13 2.92 22.18
C ILE D 139 -20.68 2.09 20.98
N ILE D 140 -19.42 2.24 20.57
CA ILE D 140 -18.92 1.50 19.42
C ILE D 140 -18.88 0.00 19.72
N THR D 141 -18.42 -0.37 20.90
CA THR D 141 -18.36 -1.78 21.27
C THR D 141 -19.75 -2.40 21.26
N GLY D 142 -20.73 -1.67 21.83
CA GLY D 142 -22.09 -2.18 21.84
C GLY D 142 -22.69 -2.26 20.45
N CYS D 143 -22.40 -1.28 19.60
CA CYS D 143 -22.93 -1.29 18.24
C CYS D 143 -22.40 -2.49 17.46
N PHE D 144 -21.10 -2.77 17.57
CA PHE D 144 -20.57 -3.91 16.85
C PHE D 144 -21.08 -5.23 17.42
N SER D 145 -21.10 -5.35 18.75
CA SER D 145 -21.59 -6.59 19.37
C SER D 145 -23.05 -6.82 18.99
N TYR D 146 -23.83 -5.74 18.85
CA TYR D 146 -25.22 -5.88 18.45
C TYR D 146 -25.29 -6.43 17.04
N TYR D 147 -24.51 -5.84 16.13
CA TYR D 147 -24.50 -6.31 14.74
C TYR D 147 -24.16 -7.79 14.66
N GLN D 148 -23.11 -8.21 15.37
CA GLN D 148 -22.72 -9.62 15.35
C GLN D 148 -23.81 -10.51 15.91
N GLU D 149 -24.44 -10.09 17.01
CA GLU D 149 -25.50 -10.91 17.57
C GLU D 149 -26.67 -11.00 16.61
N ALA D 150 -26.94 -9.91 15.88
CA ALA D 150 -28.02 -9.92 14.89
C ALA D 150 -27.68 -10.90 13.78
N LYS D 151 -26.41 -10.97 13.37
CA LYS D 151 -26.00 -11.91 12.34
C LYS D 151 -26.28 -13.33 12.81
N SER D 152 -25.89 -13.64 14.06
CA SER D 152 -26.14 -14.97 14.60
C SER D 152 -27.62 -15.27 14.68
N SER D 153 -28.44 -14.32 15.15
CA SER D 153 -29.89 -14.54 15.28
C SER D 153 -30.56 -14.77 13.92
N LYS D 154 -30.23 -13.93 12.94
CA LYS D 154 -30.84 -14.09 11.62
C LYS D 154 -30.42 -15.41 10.98
N ILE D 155 -29.21 -15.89 11.29
CA ILE D 155 -28.80 -17.17 10.72
C ILE D 155 -29.47 -18.32 11.47
N MET D 156 -29.74 -18.16 12.76
CA MET D 156 -30.44 -19.19 13.52
C MET D 156 -31.86 -19.38 13.03
N GLU D 157 -32.40 -18.37 12.35
CA GLU D 157 -33.78 -18.47 11.83
C GLU D 157 -33.90 -19.27 10.53
N SER D 158 -32.84 -19.35 9.71
CA SER D 158 -32.94 -20.11 8.47
C SER D 158 -33.00 -21.62 8.71
N PHE D 159 -32.91 -22.06 9.96
CA PHE D 159 -32.96 -23.47 10.33
C PHE D 159 -34.34 -23.92 10.79
N LYS D 160 -35.00 -23.12 11.63
CA LYS D 160 -36.33 -23.49 12.10
C LYS D 160 -37.33 -23.56 10.95
N ASN D 161 -37.07 -22.85 9.84
CA ASN D 161 -37.93 -22.83 8.67
C ASN D 161 -37.21 -23.39 7.44
N MET D 162 -36.25 -24.29 7.65
CA MET D 162 -35.52 -24.87 6.53
C MET D 162 -36.38 -25.88 5.78
N VAL D 163 -36.78 -26.95 6.46
CA VAL D 163 -37.63 -27.97 5.83
C VAL D 163 -38.92 -28.08 6.63
N PRO D 164 -39.95 -27.32 6.28
CA PRO D 164 -41.21 -27.39 7.03
C PRO D 164 -41.84 -28.76 6.86
N GLN D 165 -42.59 -29.17 7.87
CA GLN D 165 -43.22 -30.48 7.84
C GLN D 165 -44.27 -30.54 6.73
N GLN D 166 -44.38 -31.72 6.13
CA GLN D 166 -45.33 -31.95 5.06
C GLN D 166 -46.57 -32.64 5.61
N ALA D 167 -47.71 -32.34 4.98
CA ALA D 167 -48.99 -32.91 5.33
C ALA D 167 -49.62 -33.38 4.03
N LEU D 168 -50.09 -34.61 4.02
CA LEU D 168 -50.70 -35.21 2.83
C LEU D 168 -52.18 -34.89 2.85
N VAL D 169 -52.60 -33.93 2.02
CA VAL D 169 -53.99 -33.54 1.92
C VAL D 169 -54.50 -34.03 0.57
N ILE D 170 -55.82 -34.16 0.45
CA ILE D 170 -56.44 -34.62 -0.78
C ILE D 170 -57.24 -33.48 -1.38
N ARG D 171 -56.88 -33.08 -2.60
CA ARG D 171 -57.55 -32.00 -3.29
C ARG D 171 -57.79 -32.39 -4.74
N ASN D 172 -59.00 -32.11 -5.23
CA ASN D 172 -59.42 -32.44 -6.60
C ASN D 172 -59.17 -33.91 -6.94
N GLY D 173 -59.20 -34.77 -5.92
CA GLY D 173 -58.99 -36.19 -6.07
C GLY D 173 -57.56 -36.64 -5.91
N GLU D 174 -56.59 -35.77 -6.22
CA GLU D 174 -55.19 -36.13 -6.10
C GLU D 174 -54.69 -35.91 -4.67
N LYS D 175 -53.76 -36.76 -4.24
CA LYS D 175 -53.17 -36.65 -2.91
C LYS D 175 -51.88 -35.85 -3.07
N MET D 176 -51.86 -34.64 -2.53
CA MET D 176 -50.70 -33.77 -2.62
C MET D 176 -50.14 -33.47 -1.23
N SER D 177 -48.81 -33.41 -1.15
CA SER D 177 -48.10 -33.12 0.10
C SER D 177 -47.74 -31.65 0.09
N ILE D 178 -48.22 -30.90 1.08
CA ILE D 178 -47.95 -29.47 1.17
C ILE D 178 -47.51 -29.12 2.58
N ASN D 179 -47.10 -27.86 2.75
CA ASN D 179 -46.66 -27.40 4.06
C ASN D 179 -47.80 -27.50 5.07
N ALA D 180 -47.44 -27.89 6.30
CA ALA D 180 -48.45 -28.02 7.34
C ALA D 180 -49.13 -26.69 7.62
N GLU D 181 -48.40 -25.58 7.53
CA GLU D 181 -48.98 -24.27 7.78
C GLU D 181 -49.97 -23.85 6.72
N GLU D 182 -50.00 -24.53 5.58
CA GLU D 182 -50.93 -24.21 4.51
C GLU D 182 -52.17 -25.08 4.55
N VAL D 183 -52.36 -25.85 5.63
CA VAL D 183 -53.53 -26.70 5.78
C VAL D 183 -54.68 -25.86 6.30
N VAL D 184 -55.82 -25.92 5.62
CA VAL D 184 -56.98 -25.13 6.01
C VAL D 184 -58.00 -26.04 6.69
N VAL D 185 -58.94 -25.42 7.39
CA VAL D 185 -60.00 -26.16 8.07
C VAL D 185 -60.92 -26.77 7.03
N GLY D 186 -61.34 -28.01 7.27
CA GLY D 186 -62.19 -28.68 6.31
C GLY D 186 -61.44 -29.48 5.26
N ASP D 187 -60.11 -29.43 5.26
CA ASP D 187 -59.33 -30.17 4.29
C ASP D 187 -59.37 -31.66 4.59
N LEU D 188 -59.17 -32.46 3.55
CA LEU D 188 -59.14 -33.92 3.68
C LEU D 188 -57.68 -34.36 3.82
N VAL D 189 -57.31 -34.81 5.02
CA VAL D 189 -55.95 -35.24 5.34
C VAL D 189 -55.89 -36.76 5.42
N GLU D 190 -54.76 -37.33 5.03
CA GLU D 190 -54.57 -38.78 5.06
C GLU D 190 -53.24 -39.06 5.77
N VAL D 191 -53.33 -39.51 7.03
CA VAL D 191 -52.15 -39.81 7.83
C VAL D 191 -51.89 -41.31 7.85
N LYS D 192 -50.60 -41.67 7.88
CA LYS D 192 -50.20 -43.08 7.91
C LYS D 192 -49.24 -43.32 9.08
N GLY D 193 -48.69 -44.53 9.16
CA GLY D 193 -47.77 -44.89 10.22
C GLY D 193 -46.50 -44.07 10.23
N GLY D 194 -46.21 -43.42 11.36
CA GLY D 194 -45.03 -42.60 11.52
C GLY D 194 -45.20 -41.15 11.16
N ASP D 195 -46.38 -40.74 10.71
CA ASP D 195 -46.63 -39.36 10.34
C ASP D 195 -47.25 -38.60 11.50
N ARG D 196 -47.05 -37.30 11.51
CA ARG D 196 -47.59 -36.46 12.56
C ARG D 196 -48.93 -35.87 12.12
N ILE D 197 -49.83 -35.70 13.09
CA ILE D 197 -51.14 -35.13 12.84
C ILE D 197 -50.97 -33.64 12.61
N PRO D 198 -51.34 -33.10 11.44
CA PRO D 198 -51.17 -31.67 11.20
C PRO D 198 -52.10 -30.79 12.03
N ALA D 199 -53.30 -31.27 12.32
CA ALA D 199 -54.27 -30.51 13.12
C ALA D 199 -55.38 -31.46 13.53
N ASP D 200 -56.23 -30.99 14.44
CA ASP D 200 -57.34 -31.80 14.92
C ASP D 200 -58.22 -32.23 13.75
N LEU D 201 -58.40 -33.54 13.61
CA LEU D 201 -59.21 -34.08 12.53
C LEU D 201 -60.31 -34.96 13.06
N ARG D 202 -61.32 -35.15 12.21
CA ARG D 202 -62.45 -36.03 12.50
C ARG D 202 -62.28 -37.21 11.55
N ILE D 203 -62.13 -38.41 12.11
CA ILE D 203 -61.89 -39.60 11.30
C ILE D 203 -63.10 -39.92 10.43
N ILE D 204 -62.84 -40.24 9.17
CA ILE D 204 -63.87 -40.59 8.18
C ILE D 204 -63.71 -42.03 7.73
N SER D 205 -62.44 -42.48 7.61
CA SER D 205 -62.08 -43.84 7.21
C SER D 205 -60.80 -44.20 7.93
N ALA D 206 -60.66 -45.48 8.29
CA ALA D 206 -59.46 -45.92 9.00
C ALA D 206 -59.28 -47.41 8.83
N ASN D 207 -58.01 -47.85 8.85
CA ASN D 207 -57.66 -49.26 8.71
C ASN D 207 -56.54 -49.59 9.70
N GLY D 208 -56.93 -50.06 10.89
CA GLY D 208 -55.95 -50.42 11.91
C GLY D 208 -55.05 -49.29 12.32
N CYS D 209 -55.58 -48.08 12.39
CA CYS D 209 -54.81 -46.91 12.78
C CYS D 209 -54.78 -46.76 14.29
N LYS D 210 -53.59 -46.55 14.84
CA LYS D 210 -53.40 -46.38 16.28
C LYS D 210 -52.62 -45.09 16.50
N VAL D 211 -53.14 -44.20 17.34
CA VAL D 211 -52.50 -42.92 17.62
C VAL D 211 -51.93 -42.95 19.03
N ASP D 212 -50.82 -42.24 19.20
CA ASP D 212 -50.12 -42.14 20.48
C ASP D 212 -50.49 -40.82 21.16
N ASN D 213 -51.43 -40.87 22.10
CA ASN D 213 -51.86 -39.69 22.83
C ASN D 213 -50.95 -39.40 24.01
N SER D 214 -49.70 -39.86 23.98
CA SER D 214 -48.79 -39.63 25.10
C SER D 214 -48.70 -38.15 25.45
N SER D 215 -48.71 -37.28 24.44
CA SER D 215 -48.62 -35.85 24.69
C SER D 215 -49.91 -35.27 25.27
N LEU D 216 -51.05 -35.93 25.11
CA LEU D 216 -52.31 -35.41 25.62
C LEU D 216 -52.74 -36.06 26.93
N THR D 217 -52.92 -37.39 26.93
CA THR D 217 -53.35 -38.09 28.14
C THR D 217 -52.19 -38.47 29.04
N GLY D 218 -51.03 -38.80 28.48
CA GLY D 218 -49.87 -39.17 29.28
C GLY D 218 -49.35 -40.59 29.05
N GLU D 219 -50.25 -41.57 28.97
CA GLU D 219 -49.80 -42.94 28.74
C GLU D 219 -49.53 -43.12 27.25
N SER D 220 -48.35 -43.66 26.94
CA SER D 220 -47.92 -43.88 25.57
C SER D 220 -48.58 -45.08 24.91
N GLU D 221 -49.69 -45.55 25.44
CA GLU D 221 -50.39 -46.70 24.86
C GLU D 221 -51.11 -46.28 23.59
N PRO D 222 -50.83 -46.88 22.44
CA PRO D 222 -51.51 -46.50 21.19
C PRO D 222 -52.99 -46.85 21.23
N GLN D 223 -53.83 -45.83 21.15
CA GLN D 223 -55.28 -46.01 21.14
C GLN D 223 -55.76 -46.12 19.69
N THR D 224 -56.59 -47.13 19.41
CA THR D 224 -57.07 -47.29 18.06
C THR D 224 -58.00 -46.14 17.65
N ARG D 225 -58.13 -45.94 16.35
CA ARG D 225 -58.96 -44.88 15.78
C ARG D 225 -59.84 -45.48 14.70
N SER D 226 -61.13 -45.16 14.75
CA SER D 226 -62.14 -45.62 13.81
C SER D 226 -63.05 -44.45 13.48
N PRO D 227 -63.80 -44.53 12.38
CA PRO D 227 -64.68 -43.39 12.03
C PRO D 227 -65.93 -43.29 12.88
N ASP D 228 -66.41 -44.42 13.42
CA ASP D 228 -67.64 -44.43 14.22
C ASP D 228 -67.47 -43.76 15.58
N PHE D 229 -68.60 -43.38 16.17
CA PHE D 229 -68.65 -42.71 17.47
C PHE D 229 -68.61 -43.74 18.59
N THR D 230 -67.71 -43.55 19.55
CA THR D 230 -67.56 -44.49 20.67
C THR D 230 -67.65 -43.86 22.05
N ASN D 231 -67.63 -42.53 22.17
CA ASN D 231 -67.71 -41.92 23.49
C ASN D 231 -68.21 -40.49 23.37
N GLU D 232 -68.99 -40.05 24.36
CA GLU D 232 -69.53 -38.70 24.31
C GLU D 232 -68.46 -37.64 24.43
N ASN D 233 -67.45 -37.86 25.26
CA ASN D 233 -66.38 -36.87 25.40
C ASN D 233 -65.41 -36.97 24.23
N PRO D 234 -65.04 -35.84 23.61
CA PRO D 234 -64.11 -35.91 22.47
C PRO D 234 -62.73 -36.46 22.81
N LEU D 235 -62.24 -36.27 24.03
CA LEU D 235 -60.92 -36.80 24.36
C LEU D 235 -60.92 -38.32 24.44
N GLU D 236 -61.97 -38.90 25.03
CA GLU D 236 -62.07 -40.35 25.16
C GLU D 236 -62.61 -41.03 23.90
N THR D 237 -63.12 -40.27 22.93
CA THR D 237 -63.66 -40.86 21.73
C THR D 237 -62.54 -41.46 20.88
N ARG D 238 -62.94 -42.22 19.86
CA ARG D 238 -61.99 -42.88 18.97
C ARG D 238 -62.13 -42.45 17.51
N ASN D 239 -62.78 -41.32 17.23
CA ASN D 239 -62.93 -40.87 15.86
C ASN D 239 -62.41 -39.44 15.68
N ILE D 240 -61.48 -39.01 16.53
CA ILE D 240 -60.91 -37.68 16.45
C ILE D 240 -59.43 -37.75 16.79
N ALA D 241 -58.58 -37.31 15.87
CA ALA D 241 -57.14 -37.26 16.06
C ALA D 241 -56.79 -35.84 16.50
N PHE D 242 -55.94 -35.71 17.50
CA PHE D 242 -55.58 -34.42 18.04
C PHE D 242 -54.22 -33.93 17.60
N PHE D 243 -54.09 -32.61 17.54
CA PHE D 243 -52.84 -31.96 17.17
C PHE D 243 -51.75 -32.34 18.17
N SER D 244 -50.50 -32.25 17.71
CA SER D 244 -49.28 -32.56 18.46
C SER D 244 -49.12 -34.06 18.62
N THR D 245 -50.08 -34.87 18.18
CA THR D 245 -49.97 -36.31 18.27
C THR D 245 -49.44 -36.87 16.96
N ASN D 246 -48.96 -38.11 17.03
CA ASN D 246 -48.41 -38.78 15.87
C ASN D 246 -49.07 -40.13 15.73
N CYS D 247 -49.21 -40.59 14.49
CA CYS D 247 -49.79 -41.89 14.21
C CYS D 247 -48.65 -42.92 14.22
N VAL D 248 -48.72 -43.86 15.15
CA VAL D 248 -47.68 -44.88 15.24
C VAL D 248 -47.83 -45.90 14.12
N GLU D 249 -49.02 -46.48 13.96
CA GLU D 249 -49.23 -47.45 12.90
C GLU D 249 -50.66 -47.34 12.38
N GLY D 250 -50.83 -47.77 11.14
CA GLY D 250 -52.12 -47.74 10.48
C GLY D 250 -52.22 -46.61 9.47
N THR D 251 -53.45 -46.39 9.03
CA THR D 251 -53.74 -45.36 8.06
C THR D 251 -55.15 -44.85 8.31
N ALA D 252 -55.35 -43.56 8.06
CA ALA D 252 -56.68 -43.00 8.26
C ALA D 252 -56.79 -41.69 7.49
N ARG D 253 -58.05 -41.30 7.27
CA ARG D 253 -58.42 -40.06 6.60
C ARG D 253 -59.27 -39.26 7.57
N GLY D 254 -58.99 -37.96 7.65
CA GLY D 254 -59.71 -37.09 8.55
C GLY D 254 -60.03 -35.76 7.92
N ILE D 255 -60.93 -35.04 8.60
CA ILE D 255 -61.38 -33.72 8.17
C ILE D 255 -60.93 -32.72 9.21
N VAL D 256 -60.24 -31.67 8.75
CA VAL D 256 -59.72 -30.65 9.66
C VAL D 256 -60.88 -29.96 10.35
N VAL D 257 -60.94 -30.07 11.67
CA VAL D 257 -62.00 -29.43 12.44
C VAL D 257 -61.50 -28.21 13.20
N TYR D 258 -60.21 -28.17 13.54
CA TYR D 258 -59.62 -27.04 14.24
C TYR D 258 -58.20 -26.86 13.72
N THR D 259 -57.76 -25.61 13.56
CA THR D 259 -56.43 -25.33 13.06
C THR D 259 -55.77 -24.25 13.89
N GLY D 260 -54.43 -24.23 13.85
CA GLY D 260 -53.67 -23.22 14.58
C GLY D 260 -53.95 -23.25 16.07
N ASP D 261 -54.31 -22.08 16.60
CA ASP D 261 -54.62 -21.94 18.02
C ASP D 261 -55.97 -22.52 18.40
N ARG D 262 -56.80 -22.90 17.42
CA ARG D 262 -58.10 -23.46 17.70
C ARG D 262 -58.06 -24.95 18.04
N THR D 263 -56.94 -25.63 17.80
CA THR D 263 -56.85 -27.04 18.12
C THR D 263 -56.83 -27.25 19.63
N VAL D 264 -57.32 -28.42 20.06
CA VAL D 264 -57.37 -28.75 21.48
C VAL D 264 -55.99 -28.60 22.10
N MET D 265 -55.01 -29.30 21.52
CA MET D 265 -53.65 -29.22 22.03
C MET D 265 -52.97 -27.91 21.68
N GLY D 266 -53.54 -27.15 20.74
CA GLY D 266 -52.93 -25.88 20.37
C GLY D 266 -52.96 -24.87 21.49
N ARG D 267 -54.09 -24.77 22.19
CA ARG D 267 -54.19 -23.82 23.29
C ARG D 267 -53.41 -24.27 24.52
N ILE D 268 -52.95 -25.53 24.54
CA ILE D 268 -52.21 -26.09 25.67
C ILE D 268 -50.70 -26.03 25.43
N ALA D 269 -50.27 -26.19 24.18
CA ALA D 269 -48.83 -26.15 23.89
C ALA D 269 -48.21 -24.78 24.10
N THR D 270 -49.02 -23.72 24.11
CA THR D 270 -48.49 -22.37 24.30
C THR D 270 -48.22 -22.06 25.77
N LEU D 271 -48.93 -22.71 26.69
CA LEU D 271 -48.74 -22.45 28.12
C LEU D 271 -48.14 -23.61 28.90
N ALA D 272 -47.98 -24.80 28.31
CA ALA D 272 -47.40 -25.90 29.08
C ALA D 272 -46.51 -26.85 28.28
N SER D 273 -46.01 -26.46 27.10
CA SER D 273 -45.18 -27.34 26.30
C SER D 273 -43.80 -26.72 26.03
N GLY D 274 -43.17 -26.18 27.08
CA GLY D 274 -41.86 -25.57 26.97
C GLY D 274 -40.80 -26.44 27.60
N LEU D 275 -39.76 -26.76 26.82
CA LEU D 275 -38.66 -27.59 27.26
C LEU D 275 -37.55 -26.70 27.87
N GLU D 276 -36.38 -27.29 28.13
CA GLU D 276 -35.25 -26.58 28.73
C GLU D 276 -34.46 -25.79 27.68
N GLY D 277 -33.50 -25.00 28.17
CA GLY D 277 -32.65 -24.17 27.33
C GLY D 277 -31.16 -24.30 27.64
N GLY D 278 -30.72 -25.53 27.94
CA GLY D 278 -29.33 -25.82 28.27
C GLY D 278 -28.25 -25.22 27.40
N GLN D 279 -27.19 -24.71 28.04
CA GLN D 279 -26.07 -24.11 27.34
C GLN D 279 -25.10 -25.19 26.87
N THR D 280 -24.62 -25.04 25.63
CA THR D 280 -23.70 -26.01 25.03
C THR D 280 -22.50 -26.24 25.94
N PRO D 281 -22.05 -27.49 26.11
CA PRO D 281 -20.90 -27.75 26.99
C PRO D 281 -19.66 -26.95 26.65
N ILE D 282 -19.36 -26.77 25.35
CA ILE D 282 -18.18 -26.00 24.97
C ILE D 282 -18.33 -24.54 25.39
N ALA D 283 -19.55 -23.98 25.30
CA ALA D 283 -19.76 -22.61 25.72
C ALA D 283 -19.63 -22.49 27.23
N ALA D 284 -20.07 -23.51 27.97
CA ALA D 284 -19.94 -23.47 29.43
C ALA D 284 -18.47 -23.49 29.82
N GLU D 285 -17.67 -24.29 29.09
CA GLU D 285 -16.24 -24.32 29.40
C GLU D 285 -15.57 -23.01 28.99
N ILE D 286 -16.04 -22.36 27.92
CA ILE D 286 -15.47 -21.07 27.57
C ILE D 286 -15.82 -20.05 28.64
N GLU D 287 -17.05 -20.13 29.16
CA GLU D 287 -17.49 -19.24 30.24
C GLU D 287 -16.62 -19.46 31.48
N HIS D 288 -16.27 -20.72 31.74
CA HIS D 288 -15.41 -21.07 32.86
C HIS D 288 -14.03 -20.47 32.68
N PHE D 289 -13.47 -20.58 31.47
CA PHE D 289 -12.15 -20.03 31.20
C PHE D 289 -12.15 -18.51 31.36
N ILE D 290 -13.25 -17.86 30.94
CA ILE D 290 -13.34 -16.40 31.07
C ILE D 290 -13.32 -15.99 32.54
N HIS D 291 -14.11 -16.66 33.38
CA HIS D 291 -14.09 -16.28 34.80
C HIS D 291 -12.73 -16.57 35.44
N ILE D 292 -12.10 -17.69 35.06
CA ILE D 292 -10.79 -18.00 35.62
C ILE D 292 -9.78 -16.89 35.27
N ILE D 293 -9.75 -16.51 33.99
CA ILE D 293 -8.83 -15.45 33.58
C ILE D 293 -9.23 -14.13 34.23
N THR D 294 -10.53 -13.91 34.42
CA THR D 294 -11.03 -12.68 35.02
C THR D 294 -10.52 -12.52 36.44
N GLY D 295 -10.41 -13.64 37.16
CA GLY D 295 -9.93 -13.56 38.53
C GLY D 295 -8.51 -13.03 38.61
N VAL D 296 -7.60 -13.64 37.84
CA VAL D 296 -6.21 -13.19 37.86
C VAL D 296 -6.12 -11.79 37.27
N ALA D 297 -6.97 -11.47 36.29
CA ALA D 297 -6.93 -10.13 35.69
C ALA D 297 -7.32 -9.07 36.71
N VAL D 298 -8.41 -9.29 37.45
CA VAL D 298 -8.83 -8.29 38.45
C VAL D 298 -7.84 -8.25 39.60
N PHE D 299 -7.20 -9.39 39.93
CA PHE D 299 -6.22 -9.36 41.02
C PHE D 299 -5.02 -8.51 40.61
N LEU D 300 -4.53 -8.70 39.38
CA LEU D 300 -3.41 -7.88 38.93
C LEU D 300 -3.84 -6.43 38.78
N GLY D 301 -5.10 -6.20 38.42
CA GLY D 301 -5.59 -4.84 38.28
C GLY D 301 -5.62 -4.11 39.61
N VAL D 302 -6.12 -4.76 40.67
CA VAL D 302 -6.13 -4.10 41.97
C VAL D 302 -4.71 -3.96 42.50
N SER D 303 -3.85 -4.96 42.25
CA SER D 303 -2.46 -4.90 42.69
C SER D 303 -1.76 -3.70 42.04
N PHE D 304 -2.12 -3.41 40.78
CA PHE D 304 -1.53 -2.27 40.09
C PHE D 304 -2.16 -0.96 40.53
N PHE D 305 -3.46 -0.96 40.83
CA PHE D 305 -4.13 0.26 41.27
C PHE D 305 -3.54 0.73 42.58
N ILE D 306 -3.33 -0.20 43.52
CA ILE D 306 -2.75 0.19 44.80
C ILE D 306 -1.31 0.63 44.63
N LEU D 307 -0.54 -0.07 43.77
CA LEU D 307 0.85 0.34 43.57
C LEU D 307 0.93 1.73 42.96
N SER D 308 0.05 2.04 41.99
CA SER D 308 0.05 3.36 41.38
C SER D 308 -0.35 4.44 42.37
N LEU D 309 -1.40 4.19 43.16
CA LEU D 309 -1.81 5.18 44.14
C LEU D 309 -0.73 5.41 45.19
N ILE D 310 -0.01 4.35 45.56
CA ILE D 310 1.06 4.47 46.54
C ILE D 310 2.29 5.16 45.94
N LEU D 311 2.42 5.15 44.61
CA LEU D 311 3.54 5.78 43.93
C LEU D 311 3.27 7.24 43.57
N GLU D 312 2.35 7.91 44.28
CA GLU D 312 2.01 9.32 44.09
C GLU D 312 1.37 9.60 42.72
N TYR D 313 0.36 8.82 42.39
CA TYR D 313 -0.37 8.99 41.14
C TYR D 313 -1.79 9.39 41.46
N THR D 314 -2.41 10.13 40.55
CA THR D 314 -3.78 10.58 40.75
C THR D 314 -4.73 9.39 40.86
N TRP D 315 -5.86 9.62 41.55
CA TRP D 315 -6.85 8.55 41.71
C TRP D 315 -7.43 8.18 40.35
N LEU D 316 -7.75 9.17 39.52
CA LEU D 316 -8.29 8.87 38.19
C LEU D 316 -7.25 8.14 37.37
N GLU D 317 -5.98 8.54 37.48
CA GLU D 317 -4.91 7.86 36.75
C GLU D 317 -4.86 6.39 37.14
N ALA D 318 -4.99 6.11 38.44
CA ALA D 318 -4.96 4.73 38.90
C ALA D 318 -6.18 3.96 38.43
N VAL D 319 -7.35 4.60 38.41
CA VAL D 319 -8.57 3.91 37.95
C VAL D 319 -8.41 3.53 36.49
N ILE D 320 -7.88 4.45 35.69
CA ILE D 320 -7.67 4.14 34.29
C ILE D 320 -6.59 3.07 34.14
N PHE D 321 -5.57 3.07 35.01
CA PHE D 321 -4.54 2.04 34.96
C PHE D 321 -5.15 0.67 35.19
N LEU D 322 -6.12 0.61 36.11
CA LEU D 322 -6.80 -0.64 36.42
C LEU D 322 -7.68 -1.09 35.26
N ILE D 323 -8.45 -0.14 34.69
CA ILE D 323 -9.32 -0.46 33.56
C ILE D 323 -8.50 -0.99 32.40
N GLY D 324 -7.33 -0.39 32.16
CA GLY D 324 -6.49 -0.84 31.08
C GLY D 324 -6.00 -2.26 31.25
N ILE D 325 -5.52 -2.60 32.46
CA ILE D 325 -5.06 -3.98 32.65
C ILE D 325 -6.21 -4.97 32.54
N ILE D 326 -7.40 -4.59 33.05
CA ILE D 326 -8.55 -5.49 32.95
C ILE D 326 -8.91 -5.72 31.48
N VAL D 327 -8.94 -4.65 30.70
CA VAL D 327 -9.29 -4.75 29.28
C VAL D 327 -8.25 -5.57 28.53
N ALA D 328 -6.97 -5.43 28.91
CA ALA D 328 -5.91 -6.15 28.23
C ALA D 328 -5.83 -7.63 28.61
N ASN D 329 -6.31 -8.01 29.79
CA ASN D 329 -6.22 -9.41 30.21
C ASN D 329 -7.53 -10.18 30.10
N VAL D 330 -8.63 -9.54 29.71
CA VAL D 330 -9.91 -10.23 29.62
C VAL D 330 -10.33 -10.32 28.15
N PRO D 331 -10.46 -11.53 27.60
CA PRO D 331 -10.95 -11.70 26.21
C PRO D 331 -12.48 -11.74 26.24
N GLU D 332 -13.07 -10.55 26.37
CA GLU D 332 -14.50 -10.23 26.49
C GLU D 332 -15.31 -10.53 25.22
N GLY D 333 -14.77 -11.14 24.18
CA GLY D 333 -15.57 -11.41 23.00
C GLY D 333 -15.58 -12.88 22.67
N LEU D 334 -15.04 -13.70 23.57
CA LEU D 334 -14.98 -15.14 23.32
C LEU D 334 -16.38 -15.74 23.18
N LEU D 335 -17.36 -15.26 23.95
CA LEU D 335 -18.71 -15.82 23.83
C LEU D 335 -19.29 -15.54 22.45
N ALA D 336 -19.11 -14.30 21.96
CA ALA D 336 -19.60 -13.99 20.62
C ALA D 336 -18.87 -14.82 19.58
N THR D 337 -17.58 -15.10 19.82
CA THR D 337 -16.80 -15.91 18.90
C THR D 337 -17.36 -17.31 18.82
N VAL D 338 -17.69 -17.90 19.98
CA VAL D 338 -18.22 -19.25 19.98
C VAL D 338 -19.61 -19.28 19.36
N THR D 339 -20.41 -18.24 19.59
CA THR D 339 -21.76 -18.19 19.01
C THR D 339 -21.69 -18.10 17.48
N VAL D 340 -20.86 -17.19 16.96
CA VAL D 340 -20.73 -17.05 15.52
C VAL D 340 -20.13 -18.31 14.93
N CYS D 341 -19.21 -18.96 15.67
CA CYS D 341 -18.59 -20.20 15.20
C CYS D 341 -19.63 -21.32 15.10
N LEU D 342 -20.47 -21.45 16.12
CA LEU D 342 -21.50 -22.49 16.09
C LEU D 342 -22.47 -22.25 14.95
N THR D 343 -22.90 -20.99 14.77
CA THR D 343 -23.84 -20.72 13.68
C THR D 343 -23.20 -21.00 12.32
N LEU D 344 -21.95 -20.58 12.13
CA LEU D 344 -21.28 -20.80 10.85
C LEU D 344 -21.10 -22.29 10.56
N THR D 345 -20.59 -23.04 11.54
CA THR D 345 -20.39 -24.47 11.32
C THR D 345 -21.73 -25.16 11.11
N ALA D 346 -22.77 -24.72 11.80
CA ALA D 346 -24.09 -25.32 11.61
C ALA D 346 -24.58 -25.07 10.20
N LYS D 347 -24.34 -23.85 9.68
CA LYS D 347 -24.73 -23.53 8.32
C LYS D 347 -23.96 -24.39 7.32
N ARG D 348 -22.66 -24.58 7.57
CA ARG D 348 -21.87 -25.42 6.70
C ARG D 348 -22.38 -26.85 6.74
N MET D 349 -22.83 -27.30 7.91
CA MET D 349 -23.35 -28.66 8.02
C MET D 349 -24.63 -28.79 7.20
N ALA D 350 -25.56 -27.84 7.37
CA ALA D 350 -26.80 -27.88 6.62
C ALA D 350 -26.52 -27.85 5.13
N ARG D 351 -25.43 -27.19 4.72
CA ARG D 351 -25.08 -27.16 3.31
C ARG D 351 -24.67 -28.52 2.82
N LYS D 352 -24.30 -29.43 3.73
CA LYS D 352 -23.87 -30.78 3.39
C LYS D 352 -24.85 -31.86 3.84
N ASN D 353 -26.15 -31.57 3.73
CA ASN D 353 -27.22 -32.51 4.08
C ASN D 353 -27.17 -32.95 5.54
N CYS D 354 -26.83 -32.03 6.44
CA CYS D 354 -26.78 -32.32 7.88
C CYS D 354 -27.50 -31.20 8.61
N LEU D 355 -28.81 -31.36 8.82
CA LEU D 355 -29.61 -30.33 9.49
C LEU D 355 -29.63 -30.61 10.99
N VAL D 356 -29.02 -29.74 11.77
CA VAL D 356 -28.97 -29.89 13.21
C VAL D 356 -30.24 -29.30 13.81
N LYS D 357 -30.94 -30.08 14.64
CA LYS D 357 -32.18 -29.59 15.26
C LYS D 357 -31.87 -28.50 16.29
N ASN D 358 -30.89 -28.74 17.16
CA ASN D 358 -30.49 -27.77 18.17
C ASN D 358 -29.00 -27.47 18.02
N LEU D 359 -28.52 -26.49 18.79
CA LEU D 359 -27.12 -26.08 18.70
C LEU D 359 -26.19 -26.99 19.48
N GLU D 360 -26.66 -27.64 20.54
CA GLU D 360 -25.78 -28.50 21.30
C GLU D 360 -25.34 -29.71 20.49
N ALA D 361 -26.14 -30.10 19.50
CA ALA D 361 -25.80 -31.26 18.68
C ALA D 361 -24.71 -30.94 17.65
N VAL D 362 -24.37 -29.67 17.46
CA VAL D 362 -23.34 -29.33 16.48
C VAL D 362 -21.96 -29.77 16.95
N GLU D 363 -21.69 -29.71 18.26
CA GLU D 363 -20.38 -30.15 18.73
C GLU D 363 -20.36 -31.64 19.02
N THR D 364 -21.51 -32.22 19.34
CA THR D 364 -21.56 -33.65 19.63
C THR D 364 -21.23 -34.47 18.39
N LEU D 365 -21.60 -33.97 17.21
CA LEU D 365 -21.29 -34.69 15.99
C LEU D 365 -19.80 -34.81 15.77
N GLY D 366 -19.04 -33.81 16.22
CA GLY D 366 -17.59 -33.85 16.04
C GLY D 366 -16.90 -34.85 16.95
N SER D 367 -17.50 -35.16 18.10
CA SER D 367 -16.96 -36.11 19.06
C SER D 367 -17.48 -37.52 18.83
N THR D 368 -18.11 -37.77 17.68
CA THR D 368 -18.64 -39.09 17.39
C THR D 368 -17.52 -40.13 17.38
N SER D 369 -17.75 -41.23 18.09
CA SER D 369 -16.79 -42.32 18.17
C SER D 369 -17.33 -43.64 17.63
N THR D 370 -18.65 -43.81 17.52
CA THR D 370 -19.25 -45.01 17.00
C THR D 370 -20.50 -44.61 16.23
N ILE D 371 -20.71 -45.23 15.07
CA ILE D 371 -21.88 -44.93 14.24
C ILE D 371 -22.64 -46.23 13.98
N CYS D 372 -23.93 -46.27 14.35
CA CYS D 372 -24.79 -47.43 14.14
C CYS D 372 -25.75 -47.10 13.00
N SER D 373 -25.37 -47.50 11.78
CA SER D 373 -26.18 -47.25 10.61
C SER D 373 -26.84 -48.54 10.14
N ASP D 374 -27.93 -48.39 9.41
CA ASP D 374 -28.63 -49.54 8.88
C ASP D 374 -28.13 -49.86 7.46
N LYS D 375 -28.33 -51.10 7.06
CA LYS D 375 -27.88 -51.51 5.72
C LYS D 375 -28.76 -50.93 4.63
N THR D 376 -30.06 -51.20 4.69
CA THR D 376 -30.99 -50.71 3.69
C THR D 376 -31.50 -49.33 4.09
N GLY D 377 -31.40 -48.38 3.16
CA GLY D 377 -31.87 -47.03 3.42
C GLY D 377 -30.75 -46.03 3.61
N THR D 378 -29.71 -46.42 4.36
CA THR D 378 -28.59 -45.55 4.63
C THR D 378 -27.34 -45.95 3.85
N LEU D 379 -26.99 -47.23 3.86
CA LEU D 379 -25.82 -47.70 3.12
C LEU D 379 -26.15 -48.04 1.67
N THR D 380 -27.40 -48.40 1.38
CA THR D 380 -27.83 -48.76 0.05
C THR D 380 -28.85 -47.74 -0.47
N GLN D 381 -29.11 -47.81 -1.78
CA GLN D 381 -30.05 -46.93 -2.43
C GLN D 381 -31.49 -47.40 -2.30
N ASN D 382 -31.71 -48.59 -1.71
CA ASN D 382 -33.03 -49.20 -1.54
C ASN D 382 -33.73 -49.40 -2.88
N ARG D 383 -32.96 -49.45 -3.96
CA ARG D 383 -33.48 -49.68 -5.31
C ARG D 383 -33.16 -51.13 -5.66
N MET D 384 -33.99 -52.03 -5.12
CA MET D 384 -33.80 -53.47 -5.33
C MET D 384 -34.15 -53.87 -6.75
N THR D 385 -33.40 -54.85 -7.26
CA THR D 385 -33.62 -55.37 -8.61
C THR D 385 -33.46 -56.88 -8.54
N VAL D 386 -34.46 -57.62 -9.04
CA VAL D 386 -34.36 -59.08 -9.03
C VAL D 386 -33.08 -59.48 -9.76
N ALA D 387 -32.27 -60.35 -9.15
CA ALA D 387 -31.01 -60.75 -9.75
C ALA D 387 -30.95 -62.21 -10.14
N HIS D 388 -31.13 -63.12 -9.18
CA HIS D 388 -31.05 -64.55 -9.47
C HIS D 388 -32.24 -65.28 -8.85
N MET D 389 -32.55 -66.43 -9.43
CA MET D 389 -33.64 -67.28 -9.00
C MET D 389 -33.11 -68.69 -8.76
N TRP D 390 -33.93 -69.51 -8.10
CA TRP D 390 -33.54 -70.89 -7.81
C TRP D 390 -34.79 -71.77 -7.82
N PHE D 391 -35.00 -72.44 -8.95
CA PHE D 391 -36.09 -73.39 -9.16
C PHE D 391 -35.51 -74.49 -10.02
N ASP D 392 -36.23 -75.59 -10.15
CA ASP D 392 -35.76 -76.74 -10.93
C ASP D 392 -34.41 -77.23 -10.43
N ASN D 393 -34.08 -76.92 -9.17
CA ASN D 393 -32.84 -77.28 -8.51
C ASN D 393 -31.61 -76.66 -9.19
N GLN D 394 -31.77 -75.57 -9.93
CA GLN D 394 -30.62 -74.95 -10.58
C GLN D 394 -30.67 -73.43 -10.45
N ILE D 395 -29.50 -72.82 -10.27
CA ILE D 395 -29.42 -71.36 -10.17
C ILE D 395 -29.74 -70.77 -11.53
N HIS D 396 -30.48 -69.65 -11.53
CA HIS D 396 -30.85 -69.00 -12.78
C HIS D 396 -30.52 -67.51 -12.74
N GLU D 397 -29.79 -67.05 -13.76
CA GLU D 397 -29.42 -65.66 -13.92
C GLU D 397 -30.38 -65.05 -14.93
N ALA D 398 -30.88 -63.85 -14.66
CA ALA D 398 -31.86 -63.27 -15.57
C ALA D 398 -31.90 -61.75 -15.41
N ASP D 399 -33.06 -61.17 -15.71
CA ASP D 399 -33.40 -59.74 -15.66
C ASP D 399 -32.74 -58.94 -16.77
N THR D 400 -32.98 -59.34 -18.02
CA THR D 400 -32.44 -58.66 -19.19
C THR D 400 -33.02 -57.24 -19.24
N THR D 401 -32.29 -56.34 -19.92
CA THR D 401 -32.68 -54.93 -20.00
C THR D 401 -33.77 -54.66 -21.05
N GLU D 402 -34.96 -55.19 -20.78
CA GLU D 402 -36.16 -54.99 -21.59
C GLU D 402 -35.93 -55.06 -23.09
N ASN D 403 -35.58 -56.23 -23.61
CA ASN D 403 -35.37 -56.41 -25.05
C ASN D 403 -36.37 -57.40 -25.64
N GLN D 404 -37.53 -57.53 -24.99
CA GLN D 404 -38.62 -58.43 -25.38
C GLN D 404 -38.18 -59.89 -25.43
N SER D 405 -37.11 -60.21 -24.71
CA SER D 405 -36.60 -61.57 -24.61
C SER D 405 -37.11 -62.25 -23.36
N GLY D 406 -37.69 -61.49 -22.43
CA GLY D 406 -38.20 -62.04 -21.19
C GLY D 406 -37.07 -62.17 -20.21
N VAL D 407 -36.53 -63.39 -20.15
CA VAL D 407 -35.43 -63.75 -19.27
C VAL D 407 -34.45 -64.59 -20.08
N SER D 408 -33.34 -64.98 -19.44
CA SER D 408 -32.33 -65.82 -20.06
C SER D 408 -32.62 -67.31 -19.91
N PHE D 409 -33.83 -67.66 -19.49
CA PHE D 409 -34.23 -69.05 -19.32
C PHE D 409 -35.59 -69.24 -20.00
N ASP D 410 -35.97 -70.49 -20.24
CA ASP D 410 -37.23 -70.76 -20.91
C ASP D 410 -38.39 -70.37 -20.00
N LYS D 411 -39.26 -69.50 -20.50
CA LYS D 411 -40.42 -69.06 -19.74
C LYS D 411 -41.54 -70.10 -19.70
N THR D 412 -41.33 -71.26 -20.34
CA THR D 412 -42.32 -72.33 -20.36
C THR D 412 -42.11 -73.38 -19.29
N SER D 413 -41.13 -73.21 -18.41
CA SER D 413 -40.90 -74.20 -17.35
C SER D 413 -42.11 -74.25 -16.43
N ALA D 414 -42.54 -75.46 -16.08
CA ALA D 414 -43.71 -75.61 -15.23
C ALA D 414 -43.52 -74.94 -13.85
N THR D 415 -42.37 -75.22 -13.22
CA THR D 415 -42.12 -74.63 -11.91
C THR D 415 -41.95 -73.12 -12.03
N TRP D 416 -41.33 -72.66 -13.11
CA TRP D 416 -41.13 -71.23 -13.30
C TRP D 416 -42.48 -70.51 -13.37
N LEU D 417 -43.48 -71.15 -13.99
CA LEU D 417 -44.79 -70.53 -14.08
C LEU D 417 -45.38 -70.33 -12.70
N ALA D 418 -45.29 -71.37 -11.84
CA ALA D 418 -45.82 -71.20 -10.49
C ALA D 418 -45.05 -70.14 -9.69
N LEU D 419 -43.72 -70.08 -9.88
CA LEU D 419 -42.92 -69.10 -9.15
C LEU D 419 -43.31 -67.69 -9.56
N SER D 420 -43.36 -67.43 -10.87
CA SER D 420 -43.73 -66.10 -11.35
C SER D 420 -45.17 -65.77 -11.01
N ARG D 421 -46.04 -66.80 -10.91
CA ARG D 421 -47.44 -66.55 -10.57
C ARG D 421 -47.58 -66.11 -9.13
N ILE D 422 -46.97 -66.86 -8.20
CA ILE D 422 -47.06 -66.49 -6.80
C ILE D 422 -46.19 -65.29 -6.48
N ALA D 423 -45.33 -64.88 -7.41
CA ALA D 423 -44.51 -63.70 -7.19
C ALA D 423 -45.32 -62.42 -7.38
N GLY D 424 -46.43 -62.51 -8.12
CA GLY D 424 -47.29 -61.38 -8.37
C GLY D 424 -48.59 -61.44 -7.59
N LEU D 425 -49.11 -62.65 -7.39
CA LEU D 425 -50.36 -62.79 -6.64
C LEU D 425 -50.17 -62.37 -5.20
N CYS D 426 -49.15 -62.93 -4.54
CA CYS D 426 -48.87 -62.57 -3.15
C CYS D 426 -48.46 -61.12 -3.03
N ASN D 427 -47.99 -60.51 -4.11
CA ASN D 427 -47.57 -59.12 -4.10
C ASN D 427 -48.77 -58.20 -3.91
N ARG D 428 -48.56 -57.09 -3.19
CA ARG D 428 -49.62 -56.13 -2.93
C ARG D 428 -49.32 -54.74 -3.49
N ALA D 429 -48.12 -54.53 -4.03
CA ALA D 429 -47.78 -53.23 -4.61
C ALA D 429 -48.28 -53.19 -6.04
N VAL D 430 -48.78 -52.02 -6.45
CA VAL D 430 -49.29 -51.84 -7.80
C VAL D 430 -48.65 -50.59 -8.39
N PHE D 431 -48.63 -50.55 -9.72
CA PHE D 431 -48.04 -49.43 -10.44
C PHE D 431 -48.84 -48.14 -10.24
N GLN D 432 -48.19 -47.03 -10.52
CA GLN D 432 -48.81 -45.73 -10.39
C GLN D 432 -49.67 -45.43 -11.61
N ALA D 433 -50.45 -44.36 -11.52
CA ALA D 433 -51.33 -43.98 -12.61
C ALA D 433 -50.55 -43.28 -13.73
N ASN D 434 -50.98 -43.53 -14.97
CA ASN D 434 -50.39 -42.95 -16.17
C ASN D 434 -48.90 -43.27 -16.28
N GLN D 435 -48.61 -44.58 -16.31
CA GLN D 435 -47.25 -45.07 -16.43
C GLN D 435 -47.07 -45.98 -17.64
N GLU D 436 -48.09 -46.11 -18.48
CA GLU D 436 -48.04 -46.98 -19.65
C GLU D 436 -47.43 -46.30 -20.89
N ASN D 437 -46.64 -45.24 -20.70
CA ASN D 437 -46.01 -44.54 -21.82
C ASN D 437 -44.50 -44.40 -21.62
N LEU D 438 -43.92 -45.19 -20.71
CA LEU D 438 -42.51 -45.18 -20.40
C LEU D 438 -42.03 -46.62 -20.29
N PRO D 439 -40.72 -46.87 -20.17
CA PRO D 439 -40.23 -48.25 -20.07
C PRO D 439 -40.87 -49.02 -18.91
N ILE D 440 -40.62 -50.32 -18.92
CA ILE D 440 -41.18 -51.20 -17.88
C ILE D 440 -40.40 -51.09 -16.57
N LEU D 441 -39.06 -51.08 -16.63
CA LEU D 441 -38.24 -50.99 -15.43
C LEU D 441 -37.96 -49.54 -15.00
N LYS D 442 -38.71 -48.58 -15.53
CA LYS D 442 -38.50 -47.18 -15.19
C LYS D 442 -39.76 -46.50 -14.68
N ARG D 443 -40.90 -47.19 -14.68
CA ARG D 443 -42.12 -46.57 -14.20
C ARG D 443 -42.14 -46.59 -12.66
N ALA D 444 -43.12 -45.91 -12.08
CA ALA D 444 -43.23 -45.81 -10.63
C ALA D 444 -44.26 -46.79 -10.07
N VAL D 445 -43.97 -47.30 -8.87
CA VAL D 445 -44.83 -48.26 -8.19
C VAL D 445 -45.25 -47.67 -6.85
N ALA D 446 -46.05 -48.41 -6.08
CA ALA D 446 -46.49 -47.97 -4.76
C ALA D 446 -46.46 -49.18 -3.82
N GLY D 447 -45.36 -49.35 -3.09
CA GLY D 447 -45.22 -50.46 -2.18
C GLY D 447 -43.78 -50.56 -1.71
N ASP D 448 -43.46 -51.70 -1.11
CA ASP D 448 -42.11 -51.95 -0.60
C ASP D 448 -41.10 -52.06 -1.73
N ALA D 449 -39.82 -51.91 -1.37
CA ALA D 449 -38.76 -52.04 -2.37
C ALA D 449 -38.68 -53.47 -2.87
N SER D 450 -38.84 -54.44 -1.97
CA SER D 450 -38.81 -55.84 -2.36
C SER D 450 -39.95 -56.16 -3.31
N GLU D 451 -41.15 -55.73 -2.95
CA GLU D 451 -42.31 -55.95 -3.82
C GLU D 451 -42.15 -55.18 -5.12
N SER D 452 -41.54 -53.99 -5.06
CA SER D 452 -41.34 -53.22 -6.28
C SER D 452 -40.43 -53.98 -7.24
N ALA D 453 -39.39 -54.63 -6.71
CA ALA D 453 -38.52 -55.41 -7.57
C ALA D 453 -39.25 -56.62 -8.12
N LEU D 454 -40.05 -57.28 -7.28
CA LEU D 454 -40.81 -58.46 -7.72
C LEU D 454 -41.80 -58.09 -8.82
N LEU D 455 -42.31 -56.86 -8.78
CA LEU D 455 -43.25 -56.39 -9.79
C LEU D 455 -42.54 -56.01 -11.09
N LYS D 456 -41.52 -55.15 -10.99
CA LYS D 456 -40.79 -54.73 -12.18
C LYS D 456 -40.18 -55.92 -12.90
N CYS D 457 -39.91 -57.02 -12.19
CA CYS D 457 -39.32 -58.18 -12.84
C CYS D 457 -40.37 -59.00 -13.59
N ILE D 458 -41.39 -59.49 -12.87
CA ILE D 458 -42.37 -60.34 -13.55
C ILE D 458 -43.17 -59.57 -14.62
N GLU D 459 -43.59 -58.33 -14.35
CA GLU D 459 -44.36 -57.61 -15.36
C GLU D 459 -43.55 -57.37 -16.62
N LEU D 460 -42.23 -57.51 -16.54
CA LEU D 460 -41.33 -57.36 -17.67
C LEU D 460 -41.10 -58.68 -18.39
N CYS D 461 -41.10 -59.79 -17.66
CA CYS D 461 -40.87 -61.08 -18.28
C CYS D 461 -42.09 -62.00 -18.32
N CYS D 462 -43.04 -61.84 -17.39
CA CYS D 462 -44.22 -62.70 -17.34
C CYS D 462 -45.40 -62.15 -18.14
N GLY D 463 -45.86 -60.95 -17.81
CA GLY D 463 -46.98 -60.36 -18.51
C GLY D 463 -47.55 -59.16 -17.77
N SER D 464 -48.87 -59.17 -17.55
CA SER D 464 -49.56 -58.09 -16.86
C SER D 464 -50.05 -58.61 -15.51
N VAL D 465 -49.75 -57.87 -14.44
CA VAL D 465 -50.17 -58.30 -13.11
C VAL D 465 -51.67 -58.12 -12.90
N LYS D 466 -52.27 -57.10 -13.51
CA LYS D 466 -53.71 -56.91 -13.30
C LYS D 466 -54.49 -58.09 -13.85
N GLU D 467 -54.09 -58.58 -15.03
CA GLU D 467 -54.78 -59.73 -15.62
C GLU D 467 -54.51 -61.00 -14.85
N MET D 468 -53.38 -61.08 -14.16
CA MET D 468 -53.07 -62.27 -13.38
C MET D 468 -53.85 -62.28 -12.06
N ARG D 469 -53.72 -61.21 -11.28
CA ARG D 469 -54.41 -61.10 -10.00
C ARG D 469 -55.92 -61.00 -10.14
N GLU D 470 -56.42 -60.52 -11.28
CA GLU D 470 -57.86 -60.42 -11.44
C GLU D 470 -58.50 -61.80 -11.60
N ARG D 471 -57.84 -62.71 -12.31
CA ARG D 471 -58.39 -64.05 -12.49
C ARG D 471 -58.41 -64.81 -11.18
N TYR D 472 -57.27 -64.84 -10.48
CA TYR D 472 -57.16 -65.52 -9.19
C TYR D 472 -57.74 -64.56 -8.16
N THR D 473 -59.04 -64.69 -7.91
CA THR D 473 -59.70 -63.80 -6.96
C THR D 473 -59.11 -63.99 -5.57
N LYS D 474 -58.60 -62.91 -5.00
CA LYS D 474 -58.00 -62.95 -3.66
C LYS D 474 -59.13 -63.01 -2.64
N ILE D 475 -59.26 -64.16 -1.97
CA ILE D 475 -60.31 -64.33 -0.97
C ILE D 475 -59.90 -63.71 0.36
N VAL D 476 -58.77 -64.16 0.91
CA VAL D 476 -58.26 -63.65 2.17
C VAL D 476 -56.75 -63.53 2.06
N GLU D 477 -56.19 -62.63 2.87
CA GLU D 477 -54.75 -62.41 2.88
C GLU D 477 -54.29 -61.98 4.25
N ILE D 478 -53.10 -62.42 4.61
CA ILE D 478 -52.43 -62.14 5.88
C ILE D 478 -51.19 -61.31 5.56
N PRO D 479 -51.04 -60.12 6.13
CA PRO D 479 -49.87 -59.29 5.85
C PRO D 479 -48.60 -59.83 6.50
N PHE D 480 -47.48 -59.19 6.17
CA PHE D 480 -46.18 -59.58 6.71
C PHE D 480 -46.06 -59.03 8.12
N ASN D 481 -46.08 -59.92 9.11
CA ASN D 481 -45.97 -59.57 10.51
C ASN D 481 -44.63 -60.04 11.07
N SER D 482 -44.15 -59.35 12.11
CA SER D 482 -42.88 -59.72 12.72
C SER D 482 -42.96 -61.12 13.34
N THR D 483 -44.15 -61.52 13.79
CA THR D 483 -44.33 -62.84 14.39
C THR D 483 -44.38 -63.93 13.33
N ASN D 484 -45.18 -63.71 12.28
CA ASN D 484 -45.30 -64.69 11.21
C ASN D 484 -44.05 -64.70 10.33
N LYS D 485 -43.60 -63.52 9.91
CA LYS D 485 -42.45 -63.34 9.04
C LYS D 485 -42.73 -63.81 7.62
N TYR D 486 -43.99 -63.72 7.21
CA TYR D 486 -44.37 -64.15 5.86
C TYR D 486 -45.68 -63.48 5.47
N GLN D 487 -45.91 -63.42 4.17
CA GLN D 487 -47.13 -62.87 3.60
C GLN D 487 -47.91 -64.08 3.09
N LEU D 488 -49.24 -63.96 3.05
CA LEU D 488 -50.02 -65.10 2.62
C LEU D 488 -51.33 -64.68 1.98
N SER D 489 -51.82 -65.50 1.04
CA SER D 489 -53.08 -65.18 0.39
C SER D 489 -53.66 -66.40 -0.31
N ILE D 490 -54.99 -66.49 -0.28
CA ILE D 490 -55.72 -67.58 -0.93
C ILE D 490 -56.36 -67.03 -2.19
N HIS D 491 -56.39 -67.85 -3.25
CA HIS D 491 -56.97 -67.47 -4.53
C HIS D 491 -57.76 -68.65 -5.10
N LYS D 492 -58.59 -68.35 -6.08
CA LYS D 492 -59.39 -69.35 -6.77
C LYS D 492 -58.82 -69.55 -8.16
N ASN D 493 -58.49 -70.82 -8.49
CA ASN D 493 -57.92 -71.06 -9.82
C ASN D 493 -59.02 -71.33 -10.83
N PRO D 494 -59.01 -70.61 -11.97
CA PRO D 494 -60.06 -70.80 -12.99
C PRO D 494 -59.81 -71.92 -13.98
N ASN D 495 -58.84 -72.80 -13.76
CA ASN D 495 -58.57 -73.88 -14.70
C ASN D 495 -59.49 -75.06 -14.37
N THR D 496 -59.24 -76.20 -15.01
CA THR D 496 -60.03 -77.41 -14.81
C THR D 496 -59.40 -78.36 -13.79
N ALA D 497 -58.11 -78.67 -13.96
CA ALA D 497 -57.40 -79.57 -13.06
C ALA D 497 -57.00 -78.90 -11.75
N GLU D 498 -57.48 -77.73 -11.48
CA GLU D 498 -57.01 -77.24 -10.20
C GLU D 498 -58.09 -77.41 -9.15
N PRO D 499 -57.72 -77.65 -7.89
CA PRO D 499 -58.73 -77.87 -6.86
C PRO D 499 -59.44 -76.63 -6.33
N ARG D 500 -59.76 -75.68 -7.23
CA ARG D 500 -60.51 -74.48 -6.89
C ARG D 500 -59.90 -73.59 -5.82
N HIS D 501 -58.74 -73.97 -5.25
CA HIS D 501 -58.14 -73.19 -4.19
C HIS D 501 -56.62 -73.28 -4.28
N LEU D 502 -55.96 -72.12 -4.21
CA LEU D 502 -54.50 -72.04 -4.28
C LEU D 502 -54.01 -71.08 -3.21
N LEU D 503 -53.22 -71.58 -2.29
CA LEU D 503 -52.65 -70.78 -1.20
C LEU D 503 -51.21 -70.46 -1.56
N VAL D 504 -50.84 -69.17 -1.54
CA VAL D 504 -49.49 -68.76 -1.90
C VAL D 504 -48.91 -67.90 -0.77
N MET D 505 -47.62 -68.10 -0.51
CA MET D 505 -46.97 -67.32 0.54
C MET D 505 -45.50 -67.15 0.24
N LYS D 506 -44.94 -66.12 0.87
CA LYS D 506 -43.52 -65.80 0.69
C LYS D 506 -42.98 -65.32 2.02
N GLY D 507 -41.66 -65.41 2.18
CA GLY D 507 -41.06 -64.97 3.43
C GLY D 507 -39.59 -65.33 3.53
N ALA D 508 -39.16 -65.60 4.76
CA ALA D 508 -37.77 -65.96 5.02
C ALA D 508 -37.52 -67.38 4.50
N PRO D 509 -36.52 -67.59 3.64
CA PRO D 509 -36.26 -68.95 3.12
C PRO D 509 -36.06 -69.99 4.19
N GLU D 510 -35.33 -69.66 5.26
CA GLU D 510 -35.10 -70.63 6.32
C GLU D 510 -36.41 -71.02 6.99
N ARG D 511 -37.37 -70.09 7.07
CA ARG D 511 -38.65 -70.39 7.69
C ARG D 511 -39.62 -71.02 6.69
N ILE D 512 -39.58 -70.59 5.43
CA ILE D 512 -40.47 -71.16 4.42
C ILE D 512 -40.12 -72.61 4.14
N LEU D 513 -38.83 -72.95 4.17
CA LEU D 513 -38.42 -74.33 3.91
C LEU D 513 -38.99 -75.28 4.95
N ASP D 514 -38.93 -74.89 6.22
CA ASP D 514 -39.44 -75.75 7.29
C ASP D 514 -40.96 -75.91 7.23
N ARG D 515 -41.65 -75.05 6.49
CA ARG D 515 -43.09 -75.12 6.35
C ARG D 515 -43.53 -75.96 5.16
N CYS D 516 -42.59 -76.37 4.30
CA CYS D 516 -42.89 -77.15 3.12
C CYS D 516 -42.40 -78.59 3.28
N SER D 517 -43.20 -79.52 2.75
CA SER D 517 -42.89 -80.94 2.78
C SER D 517 -42.58 -81.50 1.41
N SER D 518 -42.99 -80.81 0.35
CA SER D 518 -42.76 -81.22 -1.02
C SER D 518 -42.17 -80.05 -1.81
N ILE D 519 -41.54 -80.36 -2.93
CA ILE D 519 -40.94 -79.35 -3.79
C ILE D 519 -41.34 -79.64 -5.23
N LEU D 520 -41.69 -78.57 -5.95
CA LEU D 520 -42.09 -78.66 -7.35
C LEU D 520 -40.81 -78.63 -8.18
N ILE D 521 -40.46 -79.75 -8.80
CA ILE D 521 -39.26 -79.87 -9.62
C ILE D 521 -39.66 -80.29 -11.03
N HIS D 522 -39.22 -79.50 -12.02
CA HIS D 522 -39.47 -79.75 -13.45
C HIS D 522 -40.93 -80.12 -13.73
N GLY D 523 -41.84 -79.69 -12.87
CA GLY D 523 -43.24 -79.99 -13.08
C GLY D 523 -43.96 -80.82 -12.03
N LYS D 524 -43.30 -81.80 -11.42
CA LYS D 524 -43.95 -82.65 -10.43
C LYS D 524 -43.39 -82.38 -9.03
N GLU D 525 -44.24 -82.53 -8.03
CA GLU D 525 -43.81 -82.32 -6.66
C GLU D 525 -43.34 -83.64 -6.06
N GLN D 526 -42.25 -83.58 -5.32
CA GLN D 526 -41.65 -84.73 -4.68
C GLN D 526 -41.33 -84.40 -3.23
N PRO D 527 -41.16 -85.42 -2.38
CA PRO D 527 -40.85 -85.16 -0.97
C PRO D 527 -39.54 -84.41 -0.82
N LEU D 528 -39.46 -83.65 0.29
CA LEU D 528 -38.29 -82.84 0.63
C LEU D 528 -37.34 -83.67 1.47
N ASP D 529 -36.35 -84.30 0.81
CA ASP D 529 -35.39 -85.13 1.50
C ASP D 529 -34.20 -84.28 1.97
N GLU D 530 -33.19 -84.94 2.53
CA GLU D 530 -32.00 -84.22 3.00
C GLU D 530 -31.21 -83.64 1.83
N GLU D 531 -31.18 -84.34 0.69
CA GLU D 531 -30.45 -83.82 -0.47
C GLU D 531 -31.05 -82.52 -0.98
N LEU D 532 -32.38 -82.45 -1.02
CA LEU D 532 -33.04 -81.22 -1.47
C LEU D 532 -32.73 -80.09 -0.49
N LYS D 533 -32.73 -80.37 0.81
CA LYS D 533 -32.42 -79.35 1.80
C LYS D 533 -30.98 -78.88 1.67
N ASP D 534 -30.05 -79.81 1.42
CA ASP D 534 -28.66 -79.40 1.25
C ASP D 534 -28.49 -78.55 0.01
N ALA D 535 -29.18 -78.93 -1.07
CA ALA D 535 -29.12 -78.15 -2.30
C ALA D 535 -29.67 -76.77 -2.06
N PHE D 536 -30.75 -76.69 -1.26
CA PHE D 536 -31.36 -75.40 -0.94
C PHE D 536 -30.41 -74.54 -0.11
N GLN D 537 -29.75 -75.15 0.88
CA GLN D 537 -28.83 -74.40 1.73
C GLN D 537 -27.66 -73.89 0.90
N ASN D 538 -27.20 -74.70 -0.06
CA ASN D 538 -26.09 -74.26 -0.90
C ASN D 538 -26.53 -73.13 -1.81
N ALA D 539 -27.72 -73.23 -2.40
CA ALA D 539 -28.20 -72.16 -3.26
C ALA D 539 -28.40 -70.89 -2.45
N TYR D 540 -28.85 -71.04 -1.21
CA TYR D 540 -29.05 -69.89 -0.33
C TYR D 540 -27.72 -69.22 -0.01
N LEU D 541 -26.70 -70.02 0.32
CA LEU D 541 -25.39 -69.46 0.61
C LEU D 541 -24.82 -68.77 -0.60
N GLU D 542 -25.01 -69.37 -1.78
CA GLU D 542 -24.50 -68.78 -3.01
C GLU D 542 -25.17 -67.44 -3.29
N LEU D 543 -26.49 -67.37 -3.11
CA LEU D 543 -27.18 -66.11 -3.34
C LEU D 543 -26.81 -65.07 -2.30
N GLY D 544 -26.55 -65.51 -1.06
CA GLY D 544 -26.18 -64.56 -0.03
C GLY D 544 -24.77 -64.03 -0.18
N GLY D 545 -23.88 -64.83 -0.78
CA GLY D 545 -22.50 -64.41 -0.97
C GLY D 545 -22.34 -63.18 -1.86
N LEU D 546 -23.36 -62.85 -2.64
CA LEU D 546 -23.31 -61.70 -3.52
C LEU D 546 -23.94 -60.46 -2.90
N GLY D 547 -24.41 -60.54 -1.65
CA GLY D 547 -25.03 -59.39 -1.00
C GLY D 547 -26.44 -59.11 -1.48
N GLU D 548 -27.20 -60.15 -1.81
CA GLU D 548 -28.56 -60.01 -2.32
C GLU D 548 -29.57 -60.53 -1.31
N ARG D 549 -30.63 -59.75 -1.08
CA ARG D 549 -31.72 -60.13 -0.18
C ARG D 549 -32.53 -61.24 -0.85
N VAL D 550 -32.43 -62.47 -0.32
CA VAL D 550 -33.16 -63.60 -0.88
C VAL D 550 -34.48 -63.79 -0.16
N LEU D 551 -35.47 -64.34 -0.86
CA LEU D 551 -36.79 -64.60 -0.31
C LEU D 551 -37.28 -65.96 -0.75
N GLY D 552 -38.03 -66.63 0.13
CA GLY D 552 -38.58 -67.94 -0.15
C GLY D 552 -40.03 -67.82 -0.60
N PHE D 553 -40.43 -68.72 -1.49
CA PHE D 553 -41.78 -68.72 -2.03
C PHE D 553 -42.35 -70.14 -2.09
N CYS D 554 -43.65 -70.27 -1.83
CA CYS D 554 -44.26 -71.59 -1.87
C CYS D 554 -45.76 -71.47 -2.05
N HIS D 555 -46.38 -72.59 -2.40
CA HIS D 555 -47.81 -72.65 -2.63
C HIS D 555 -48.34 -74.04 -2.27
N LEU D 556 -49.66 -74.17 -2.32
CA LEU D 556 -50.34 -75.43 -2.03
C LEU D 556 -51.78 -75.36 -2.53
N PHE D 557 -52.20 -76.36 -3.29
CA PHE D 557 -53.56 -76.43 -3.81
C PHE D 557 -54.42 -77.08 -2.73
N LEU D 558 -55.19 -76.26 -2.01
CA LEU D 558 -56.03 -76.75 -0.94
C LEU D 558 -56.96 -77.84 -1.46
N PRO D 559 -57.00 -79.01 -0.81
CA PRO D 559 -57.87 -80.10 -1.29
C PRO D 559 -59.35 -79.76 -1.20
N ASP D 560 -60.12 -80.45 -2.05
CA ASP D 560 -61.56 -80.27 -2.11
C ASP D 560 -62.28 -80.95 -0.94
N GLU D 561 -61.75 -82.06 -0.43
CA GLU D 561 -62.40 -82.77 0.67
C GLU D 561 -62.51 -81.88 1.90
N GLN D 562 -61.50 -81.05 2.15
CA GLN D 562 -61.50 -80.16 3.30
C GLN D 562 -62.04 -78.77 2.97
N PHE D 563 -61.88 -78.32 1.73
CA PHE D 563 -62.35 -76.99 1.35
C PHE D 563 -63.32 -77.05 0.18
N PRO D 564 -64.61 -76.73 0.39
CA PRO D 564 -65.57 -76.72 -0.72
C PRO D 564 -65.35 -75.47 -1.55
N GLU D 565 -66.07 -75.38 -2.67
CA GLU D 565 -65.91 -74.21 -3.54
C GLU D 565 -66.38 -72.93 -2.83
N GLY D 566 -67.56 -72.96 -2.22
CA GLY D 566 -68.09 -71.79 -1.54
C GLY D 566 -67.63 -71.70 -0.10
N PHE D 567 -66.38 -72.09 0.15
CA PHE D 567 -65.82 -72.04 1.49
C PHE D 567 -65.31 -70.64 1.84
N GLN D 568 -65.46 -70.28 3.11
CA GLN D 568 -65.01 -68.99 3.62
C GLN D 568 -63.84 -69.27 4.56
N PHE D 569 -62.65 -68.83 4.14
CA PHE D 569 -61.44 -69.04 4.94
C PHE D 569 -61.36 -68.02 6.05
N ASP D 570 -61.23 -68.51 7.29
CA ASP D 570 -61.13 -67.62 8.44
C ASP D 570 -59.71 -67.12 8.57
N THR D 571 -59.55 -65.80 8.64
CA THR D 571 -58.24 -65.16 8.75
C THR D 571 -57.75 -65.03 10.19
N ASP D 572 -58.66 -65.07 11.17
CA ASP D 572 -58.29 -64.94 12.58
C ASP D 572 -58.03 -66.30 13.23
N ASP D 573 -58.71 -67.35 12.78
CA ASP D 573 -58.56 -68.68 13.31
C ASP D 573 -58.01 -69.57 12.20
N VAL D 574 -56.98 -70.37 12.52
CA VAL D 574 -56.35 -71.24 11.53
C VAL D 574 -57.42 -72.12 10.88
N ASN D 575 -57.60 -71.95 9.58
CA ASN D 575 -58.59 -72.70 8.81
C ASN D 575 -57.99 -73.56 7.71
N PHE D 576 -56.92 -73.08 7.05
CA PHE D 576 -56.20 -73.73 5.96
C PHE D 576 -54.86 -74.29 6.44
N PRO D 577 -54.35 -75.35 5.80
CA PRO D 577 -53.09 -75.94 6.24
C PRO D 577 -51.90 -75.00 6.08
N LEU D 578 -51.05 -74.97 7.11
CA LEU D 578 -49.83 -74.17 7.10
C LEU D 578 -48.59 -75.04 6.95
N ASP D 579 -48.70 -76.35 7.14
CA ASP D 579 -47.63 -77.30 7.00
C ASP D 579 -47.84 -78.13 5.73
N ASN D 580 -46.84 -78.96 5.42
CA ASN D 580 -46.88 -79.82 4.24
C ASN D 580 -47.07 -79.03 2.95
N LEU D 581 -46.60 -77.79 2.92
CA LEU D 581 -46.72 -76.95 1.73
C LEU D 581 -45.77 -77.43 0.64
N CYS D 582 -45.79 -76.75 -0.51
CA CYS D 582 -44.93 -77.09 -1.63
C CYS D 582 -44.04 -75.91 -1.97
N PHE D 583 -42.73 -76.08 -1.74
CA PHE D 583 -41.76 -75.04 -2.02
C PHE D 583 -41.66 -74.84 -3.53
N VAL D 584 -41.56 -73.59 -3.97
CA VAL D 584 -41.46 -73.27 -5.38
C VAL D 584 -40.05 -72.86 -5.77
N GLY D 585 -39.53 -71.79 -5.17
CA GLY D 585 -38.19 -71.38 -5.52
C GLY D 585 -37.74 -70.19 -4.69
N LEU D 586 -36.48 -69.83 -4.89
CA LEU D 586 -35.84 -68.72 -4.21
C LEU D 586 -35.64 -67.56 -5.18
N ILE D 587 -35.77 -66.34 -4.68
CA ILE D 587 -35.59 -65.13 -5.47
C ILE D 587 -34.62 -64.20 -4.74
N SER D 588 -33.59 -63.75 -5.44
CA SER D 588 -32.58 -62.87 -4.86
C SER D 588 -32.60 -61.53 -5.57
N MET D 589 -32.60 -60.46 -4.79
CA MET D 589 -32.62 -59.10 -5.30
C MET D 589 -31.38 -58.35 -4.84
N ILE D 590 -30.76 -57.65 -5.76
CA ILE D 590 -29.57 -56.86 -5.47
C ILE D 590 -30.00 -55.47 -5.03
N ASP D 591 -29.26 -54.93 -4.05
CA ASP D 591 -29.49 -53.60 -3.49
C ASP D 591 -28.13 -52.91 -3.51
N PRO D 592 -27.80 -52.22 -4.61
CA PRO D 592 -26.49 -51.59 -4.73
C PRO D 592 -26.24 -50.60 -3.60
N PRO D 593 -25.05 -50.63 -3.00
CA PRO D 593 -24.72 -49.69 -1.94
C PRO D 593 -24.43 -48.32 -2.52
N ARG D 594 -24.48 -47.31 -1.66
CA ARG D 594 -24.20 -45.95 -2.13
C ARG D 594 -22.76 -45.86 -2.64
N ALA D 595 -22.55 -44.99 -3.64
CA ALA D 595 -21.23 -44.85 -4.23
C ALA D 595 -20.22 -44.30 -3.23
N ALA D 596 -20.62 -43.32 -2.42
CA ALA D 596 -19.71 -42.70 -1.46
C ALA D 596 -19.56 -43.49 -0.17
N VAL D 597 -20.26 -44.62 0.00
CA VAL D 597 -20.11 -45.42 1.21
C VAL D 597 -18.66 -45.92 1.39
N PRO D 598 -17.99 -46.42 0.35
CA PRO D 598 -16.60 -46.85 0.56
C PRO D 598 -15.71 -45.76 1.13
N ASP D 599 -15.80 -44.55 0.58
CA ASP D 599 -14.96 -43.46 1.08
C ASP D 599 -15.35 -43.07 2.50
N ALA D 600 -16.64 -43.16 2.83
CA ALA D 600 -17.08 -42.79 4.18
C ALA D 600 -16.48 -43.74 5.20
N VAL D 601 -16.54 -45.05 4.92
CA VAL D 601 -15.95 -45.98 5.88
C VAL D 601 -14.43 -45.83 5.89
N GLY D 602 -13.81 -45.49 4.74
CA GLY D 602 -12.37 -45.29 4.72
C GLY D 602 -11.97 -44.15 5.64
N LYS D 603 -12.71 -43.04 5.55
CA LYS D 603 -12.43 -41.91 6.42
C LYS D 603 -12.67 -42.27 7.87
N CYS D 604 -13.72 -43.06 8.13
CA CYS D 604 -14.01 -43.45 9.51
C CYS D 604 -12.86 -44.29 10.08
N ARG D 605 -12.32 -45.21 9.28
CA ARG D 605 -11.19 -46.01 9.75
C ARG D 605 -9.97 -45.15 10.00
N SER D 606 -9.69 -44.20 9.10
CA SER D 606 -8.54 -43.32 9.32
C SER D 606 -8.79 -42.30 10.42
N ALA D 607 -10.03 -42.12 10.85
CA ALA D 607 -10.38 -41.17 11.89
C ALA D 607 -10.68 -41.82 13.23
N GLY D 608 -10.45 -43.13 13.35
CA GLY D 608 -10.69 -43.82 14.62
C GLY D 608 -12.13 -43.88 15.09
N ILE D 609 -13.08 -44.01 14.16
CA ILE D 609 -14.49 -44.10 14.52
C ILE D 609 -14.96 -45.50 14.15
N LYS D 610 -15.52 -46.21 15.13
CA LYS D 610 -16.01 -47.56 14.91
C LYS D 610 -17.39 -47.52 14.28
N VAL D 611 -17.62 -48.39 13.31
CA VAL D 611 -18.90 -48.47 12.60
C VAL D 611 -19.58 -49.78 12.93
N ILE D 612 -20.88 -49.72 13.18
CA ILE D 612 -21.68 -50.89 13.51
C ILE D 612 -22.89 -50.92 12.59
N MET D 613 -23.09 -52.03 11.89
CA MET D 613 -24.22 -52.18 10.97
C MET D 613 -25.33 -52.91 11.71
N VAL D 614 -26.52 -52.31 11.76
CA VAL D 614 -27.67 -52.87 12.44
C VAL D 614 -28.76 -53.08 11.39
N THR D 615 -28.83 -54.29 10.83
CA THR D 615 -29.80 -54.60 9.80
C THR D 615 -30.55 -55.87 10.15
N GLY D 616 -31.72 -56.01 9.55
CA GLY D 616 -32.59 -57.15 9.76
C GLY D 616 -32.47 -58.22 8.71
N ASP D 617 -31.35 -58.25 8.00
CA ASP D 617 -31.13 -59.25 6.97
C ASP D 617 -30.45 -60.50 7.53
N HIS D 618 -30.27 -61.49 6.65
CA HIS D 618 -29.61 -62.73 7.02
C HIS D 618 -28.13 -62.48 7.28
N PRO D 619 -27.50 -63.25 8.18
CA PRO D 619 -26.06 -63.04 8.43
C PRO D 619 -25.20 -63.19 7.20
N ILE D 620 -25.61 -64.00 6.22
CA ILE D 620 -24.80 -64.17 5.02
C ILE D 620 -24.84 -62.90 4.18
N THR D 621 -26.05 -62.41 3.88
CA THR D 621 -26.15 -61.20 3.09
C THR D 621 -25.53 -60.02 3.82
N ALA D 622 -25.72 -59.95 5.15
CA ALA D 622 -25.14 -58.86 5.92
C ALA D 622 -23.61 -58.92 5.90
N LYS D 623 -23.04 -60.11 6.06
CA LYS D 623 -21.59 -60.24 6.03
C LYS D 623 -21.03 -59.87 4.66
N ALA D 624 -21.70 -60.31 3.59
CA ALA D 624 -21.22 -60.00 2.25
C ALA D 624 -21.27 -58.51 1.98
N ILE D 625 -22.37 -57.86 2.36
CA ILE D 625 -22.49 -56.42 2.17
C ILE D 625 -21.46 -55.69 3.02
N ALA D 626 -21.22 -56.17 4.24
CA ALA D 626 -20.24 -55.53 5.11
C ALA D 626 -18.84 -55.60 4.50
N LYS D 627 -18.47 -56.76 3.97
CA LYS D 627 -17.14 -56.87 3.38
C LYS D 627 -17.04 -56.02 2.10
N GLY D 628 -18.10 -56.00 1.29
CA GLY D 628 -18.06 -55.23 0.06
C GLY D 628 -17.96 -53.73 0.28
N VAL D 629 -18.76 -53.20 1.21
CA VAL D 629 -18.73 -51.76 1.45
C VAL D 629 -17.55 -51.33 2.31
N GLY D 630 -16.80 -52.27 2.87
CA GLY D 630 -15.66 -51.94 3.68
C GLY D 630 -15.85 -52.02 5.18
N ILE D 631 -17.07 -52.32 5.66
CA ILE D 631 -17.28 -52.43 7.10
C ILE D 631 -16.40 -53.52 7.66
N ILE D 632 -16.29 -54.63 6.96
CA ILE D 632 -15.45 -55.76 7.34
C ILE D 632 -14.31 -55.79 6.31
N SER D 633 -13.18 -55.19 6.67
CA SER D 633 -12.04 -55.13 5.76
C SER D 633 -11.41 -56.51 5.60
N GLU D 634 -10.53 -56.61 4.60
CA GLU D 634 -9.84 -57.86 4.33
C GLU D 634 -8.89 -58.21 5.47
N GLY D 635 -8.66 -59.51 5.65
CA GLY D 635 -7.81 -59.99 6.71
C GLY D 635 -8.56 -60.25 7.99
N ASN D 636 -9.60 -59.48 8.28
CA ASN D 636 -10.39 -59.70 9.46
C ASN D 636 -11.27 -60.93 9.26
N GLU D 637 -11.26 -61.83 10.23
CA GLU D 637 -12.05 -63.04 10.15
C GLU D 637 -12.91 -63.18 11.40
N THR D 638 -14.02 -63.88 11.24
CA THR D 638 -14.95 -64.15 12.31
C THR D 638 -14.72 -65.58 12.80
N VAL D 639 -15.44 -65.98 13.84
CA VAL D 639 -15.30 -67.33 14.35
C VAL D 639 -15.60 -68.34 13.25
N GLU D 640 -16.64 -68.05 12.44
CA GLU D 640 -17.02 -68.95 11.35
C GLU D 640 -15.92 -69.07 10.30
N ASP D 641 -15.30 -67.94 9.95
CA ASP D 641 -14.23 -67.99 8.95
C ASP D 641 -13.02 -68.76 9.45
N ILE D 642 -12.64 -68.57 10.72
CA ILE D 642 -11.50 -69.29 11.27
C ILE D 642 -11.79 -70.79 11.32
N ALA D 643 -13.00 -71.15 11.76
CA ALA D 643 -13.37 -72.56 11.84
C ALA D 643 -13.37 -73.20 10.45
N ALA D 644 -13.91 -72.49 9.45
CA ALA D 644 -13.94 -73.07 8.10
C ALA D 644 -12.55 -73.11 7.47
N ARG D 645 -11.64 -72.21 7.89
CA ARG D 645 -10.30 -72.20 7.34
C ARG D 645 -9.45 -73.32 7.93
N LEU D 646 -9.58 -73.61 9.22
CA LEU D 646 -8.82 -74.66 9.87
C LEU D 646 -9.57 -75.99 9.92
N ASN D 647 -10.74 -76.06 9.31
CA ASN D 647 -11.56 -77.27 9.30
C ASN D 647 -11.75 -77.81 10.70
N ILE D 648 -12.19 -76.94 11.60
CA ILE D 648 -12.42 -77.32 13.00
C ILE D 648 -13.76 -76.74 13.42
N PRO D 649 -14.38 -77.31 14.46
CA PRO D 649 -15.68 -76.78 14.91
C PRO D 649 -15.56 -75.34 15.37
N VAL D 650 -16.61 -74.56 15.11
CA VAL D 650 -16.61 -73.15 15.51
C VAL D 650 -16.60 -73.05 17.03
N SER D 651 -17.23 -74.01 17.71
CA SER D 651 -17.26 -73.99 19.17
C SER D 651 -15.87 -74.13 19.77
N GLN D 652 -14.94 -74.76 19.04
CA GLN D 652 -13.57 -74.93 19.53
C GLN D 652 -12.72 -73.69 19.29
N VAL D 653 -13.04 -72.90 18.26
CA VAL D 653 -12.30 -71.69 17.95
C VAL D 653 -12.47 -70.70 19.09
N ASN D 654 -11.39 -70.04 19.44
CA ASN D 654 -11.43 -69.07 20.52
C ASN D 654 -12.08 -67.78 20.04
N PRO D 655 -13.11 -67.28 20.73
CA PRO D 655 -13.76 -66.04 20.28
C PRO D 655 -12.85 -64.82 20.21
N ARG D 656 -11.84 -64.73 21.08
CA ARG D 656 -10.94 -63.58 21.05
C ARG D 656 -10.01 -63.59 19.84
N ASP D 657 -9.95 -64.70 19.09
CA ASP D 657 -9.10 -64.83 17.90
C ASP D 657 -9.74 -64.19 16.67
N ALA D 658 -10.95 -63.68 16.78
CA ALA D 658 -11.65 -63.06 15.65
C ALA D 658 -11.91 -61.60 15.98
N LYS D 659 -11.41 -60.70 15.14
CA LYS D 659 -11.61 -59.28 15.38
C LYS D 659 -12.96 -58.78 14.85
N ALA D 660 -13.59 -59.51 13.95
CA ALA D 660 -14.89 -59.14 13.40
C ALA D 660 -15.93 -60.18 13.81
N CYS D 661 -17.17 -59.77 13.87
CA CYS D 661 -18.23 -60.70 14.24
C CYS D 661 -19.55 -60.26 13.67
N VAL D 662 -20.47 -61.23 13.53
CA VAL D 662 -21.81 -61.00 13.02
C VAL D 662 -22.77 -61.60 14.05
N VAL D 663 -23.32 -60.76 14.90
CA VAL D 663 -24.22 -61.22 15.96
C VAL D 663 -25.63 -61.28 15.42
N HIS D 664 -26.28 -62.42 15.63
CA HIS D 664 -27.64 -62.63 15.18
C HIS D 664 -28.62 -61.98 16.16
N GLY D 665 -29.74 -61.51 15.61
CA GLY D 665 -30.73 -60.85 16.45
C GLY D 665 -31.28 -61.75 17.54
N SER D 666 -31.50 -63.02 17.21
CA SER D 666 -32.03 -63.94 18.21
C SER D 666 -31.10 -64.07 19.41
N ASP D 667 -29.79 -63.91 19.20
CA ASP D 667 -28.84 -64.01 20.29
C ASP D 667 -28.90 -62.82 21.24
N LEU D 668 -29.39 -61.66 20.76
CA LEU D 668 -29.46 -60.49 21.64
C LEU D 668 -30.42 -60.72 22.80
N LYS D 669 -31.56 -61.38 22.54
CA LYS D 669 -32.49 -61.64 23.63
C LYS D 669 -31.87 -62.57 24.66
N ASP D 670 -31.11 -63.57 24.20
CA ASP D 670 -30.45 -64.53 25.08
C ASP D 670 -29.10 -64.05 25.59
N MET D 671 -28.80 -62.76 25.42
CA MET D 671 -27.53 -62.19 25.86
C MET D 671 -27.78 -61.21 27.00
N THR D 672 -26.82 -61.16 27.92
CA THR D 672 -26.88 -60.28 29.07
C THR D 672 -26.08 -59.02 28.80
N SER D 673 -26.05 -58.10 29.77
CA SER D 673 -25.30 -56.87 29.61
C SER D 673 -23.80 -57.17 29.49
N GLU D 674 -23.32 -58.10 30.31
CA GLU D 674 -21.90 -58.45 30.30
C GLU D 674 -21.48 -59.01 28.94
N GLN D 675 -22.30 -59.90 28.36
CA GLN D 675 -21.96 -60.46 27.05
C GLN D 675 -21.93 -59.37 25.99
N LEU D 676 -22.85 -58.41 26.07
CA LEU D 676 -22.86 -57.32 25.11
C LEU D 676 -21.58 -56.51 25.21
N ASP D 677 -21.16 -56.19 26.45
CA ASP D 677 -19.91 -55.44 26.61
C ASP D 677 -18.73 -56.26 26.11
N ASP D 678 -18.78 -57.58 26.30
CA ASP D 678 -17.70 -58.45 25.87
C ASP D 678 -17.57 -58.43 24.36
N ILE D 679 -18.70 -58.50 23.65
CA ILE D 679 -18.65 -58.50 22.19
C ILE D 679 -18.30 -57.11 21.64
N LEU D 680 -18.73 -56.05 22.33
CA LEU D 680 -18.45 -54.69 21.85
C LEU D 680 -17.02 -54.24 22.13
N LYS D 681 -16.44 -54.65 23.26
CA LYS D 681 -15.08 -54.23 23.61
C LYS D 681 -14.01 -54.94 22.80
N TYR D 682 -14.16 -56.24 22.59
CA TYR D 682 -13.15 -57.03 21.88
C TYR D 682 -13.47 -57.24 20.40
N HIS D 683 -14.13 -56.28 19.75
CA HIS D 683 -14.43 -56.42 18.33
C HIS D 683 -14.32 -55.06 17.66
N THR D 684 -13.58 -55.03 16.55
CA THR D 684 -13.40 -53.80 15.78
C THR D 684 -14.40 -53.66 14.65
N GLU D 685 -14.96 -54.77 14.18
CA GLU D 685 -15.94 -54.77 13.09
C GLU D 685 -17.13 -55.64 13.51
N ILE D 686 -18.19 -55.01 14.00
CA ILE D 686 -19.38 -55.72 14.45
C ILE D 686 -20.51 -55.48 13.47
N VAL D 687 -21.22 -56.55 13.12
CA VAL D 687 -22.36 -56.49 12.20
C VAL D 687 -23.50 -57.24 12.85
N PHE D 688 -24.63 -56.58 13.05
CA PHE D 688 -25.80 -57.20 13.65
C PHE D 688 -26.77 -57.55 12.53
N ALA D 689 -27.15 -58.82 12.45
CA ALA D 689 -28.07 -59.28 11.41
C ALA D 689 -29.37 -59.76 12.05
N ARG D 690 -30.45 -59.68 11.26
CA ARG D 690 -31.78 -60.10 11.71
C ARG D 690 -32.14 -59.42 13.03
N THR D 691 -31.68 -58.19 13.21
CA THR D 691 -31.91 -57.42 14.41
C THR D 691 -33.09 -56.48 14.20
N SER D 692 -34.11 -56.62 15.04
CA SER D 692 -35.29 -55.79 14.94
C SER D 692 -34.99 -54.35 15.36
N PRO D 693 -35.76 -53.38 14.86
CA PRO D 693 -35.52 -51.98 15.23
C PRO D 693 -35.60 -51.72 16.72
N GLN D 694 -36.44 -52.47 17.46
CA GLN D 694 -36.55 -52.27 18.90
C GLN D 694 -35.26 -52.62 19.62
N GLN D 695 -34.53 -53.62 19.12
CA GLN D 695 -33.27 -54.05 19.72
C GLN D 695 -32.15 -53.03 19.57
N LYS D 696 -32.34 -51.97 18.77
CA LYS D 696 -31.30 -50.96 18.62
C LYS D 696 -30.97 -50.29 19.93
N LEU D 697 -31.97 -50.06 20.78
CA LEU D 697 -31.72 -49.40 22.07
C LEU D 697 -30.69 -50.16 22.89
N ILE D 698 -30.74 -51.49 22.88
CA ILE D 698 -29.76 -52.28 23.62
C ILE D 698 -28.37 -52.06 23.06
N ILE D 699 -28.26 -52.01 21.72
CA ILE D 699 -26.96 -51.81 21.07
C ILE D 699 -26.38 -50.45 21.45
N VAL D 700 -27.22 -49.40 21.40
CA VAL D 700 -26.74 -48.07 21.76
C VAL D 700 -26.30 -48.04 23.22
N GLU D 701 -27.10 -48.66 24.10
CA GLU D 701 -26.74 -48.69 25.52
C GLU D 701 -25.40 -49.39 25.71
N GLY D 702 -25.16 -50.48 24.98
CA GLY D 702 -23.91 -51.17 25.11
C GLY D 702 -22.73 -50.34 24.62
N CYS D 703 -22.90 -49.69 23.47
CA CYS D 703 -21.82 -48.87 22.93
C CYS D 703 -21.49 -47.72 23.86
N GLN D 704 -22.51 -47.12 24.49
CA GLN D 704 -22.26 -46.02 25.41
C GLN D 704 -21.68 -46.51 26.73
N ARG D 705 -22.09 -47.70 27.16
CA ARG D 705 -21.60 -48.28 28.40
C ARG D 705 -20.09 -48.46 28.36
N GLN D 706 -19.54 -48.56 27.15
CA GLN D 706 -18.13 -48.70 26.89
C GLN D 706 -17.42 -47.35 26.86
N GLY D 707 -18.14 -46.27 27.16
CA GLY D 707 -17.57 -44.94 27.17
C GLY D 707 -17.31 -44.37 25.78
N ALA D 708 -18.37 -44.18 24.99
CA ALA D 708 -18.20 -43.66 23.65
C ALA D 708 -19.45 -42.88 23.24
N ILE D 709 -19.25 -41.78 22.52
CA ILE D 709 -20.36 -40.97 22.02
C ILE D 709 -20.84 -41.63 20.72
N VAL D 710 -22.10 -42.04 20.69
CA VAL D 710 -22.64 -42.77 19.55
C VAL D 710 -23.70 -42.00 18.78
N ALA D 711 -23.78 -42.32 17.49
CA ALA D 711 -24.73 -41.75 16.56
C ALA D 711 -25.41 -42.94 15.89
N VAL D 712 -26.73 -42.99 15.98
CA VAL D 712 -27.52 -44.08 15.42
C VAL D 712 -28.48 -43.51 14.38
N THR D 713 -28.67 -44.25 13.30
CA THR D 713 -29.55 -43.84 12.20
C THR D 713 -30.90 -44.53 12.32
N GLY D 714 -31.97 -43.75 12.21
CA GLY D 714 -33.31 -44.28 12.28
C GLY D 714 -34.21 -43.67 11.23
N ASP D 715 -35.17 -44.47 10.77
CA ASP D 715 -36.14 -44.03 9.75
C ASP D 715 -37.57 -44.39 10.08
N GLY D 716 -37.82 -45.41 10.89
CA GLY D 716 -39.14 -45.84 11.24
C GLY D 716 -39.66 -45.25 12.52
N VAL D 717 -40.62 -45.94 13.12
CA VAL D 717 -41.24 -45.50 14.36
C VAL D 717 -40.67 -46.22 15.57
N ASN D 718 -40.25 -47.49 15.39
CA ASN D 718 -39.70 -48.25 16.51
C ASN D 718 -38.38 -47.71 17.02
N ASP D 719 -37.67 -46.93 16.21
CA ASP D 719 -36.37 -46.39 16.58
C ASP D 719 -36.44 -45.22 17.55
N SER D 720 -37.64 -44.73 17.88
CA SER D 720 -37.75 -43.60 18.81
C SER D 720 -36.90 -43.76 20.07
N PRO D 721 -37.00 -44.87 20.84
CA PRO D 721 -36.13 -44.97 22.01
C PRO D 721 -34.66 -44.99 21.65
N ALA D 722 -34.31 -45.59 20.51
CA ALA D 722 -32.91 -45.65 20.09
C ALA D 722 -32.40 -44.28 19.67
N LEU D 723 -33.18 -43.54 18.89
CA LEU D 723 -32.76 -42.22 18.46
C LEU D 723 -32.75 -41.22 19.60
N LYS D 724 -33.57 -41.47 20.64
CA LYS D 724 -33.64 -40.55 21.77
C LYS D 724 -32.50 -40.79 22.76
N LYS D 725 -32.31 -42.05 23.17
CA LYS D 725 -31.25 -42.36 24.14
C LYS D 725 -29.86 -42.15 23.56
N ALA D 726 -29.72 -42.29 22.25
CA ALA D 726 -28.41 -42.14 21.63
C ALA D 726 -27.88 -40.72 21.81
N ASP D 727 -26.55 -40.60 21.79
CA ASP D 727 -25.92 -39.30 21.95
C ASP D 727 -26.35 -38.37 20.82
N ILE D 728 -26.30 -38.85 19.58
CA ILE D 728 -26.73 -38.01 18.47
C ILE D 728 -27.53 -38.84 17.49
N GLY D 729 -28.86 -38.82 17.62
CA GLY D 729 -29.70 -39.60 16.71
C GLY D 729 -29.79 -38.93 15.36
N VAL D 730 -29.56 -39.69 14.30
CA VAL D 730 -29.63 -39.20 12.93
C VAL D 730 -30.87 -39.81 12.30
N ALA D 731 -31.81 -38.97 11.89
CA ALA D 731 -33.04 -39.44 11.28
C ALA D 731 -33.01 -39.25 9.77
N MET D 732 -33.56 -40.22 9.04
CA MET D 732 -33.59 -40.14 7.60
C MET D 732 -34.50 -39.00 7.16
N GLY D 733 -33.98 -38.13 6.30
CA GLY D 733 -34.75 -36.99 5.84
C GLY D 733 -35.65 -37.22 4.65
N ILE D 734 -35.31 -38.20 3.79
CA ILE D 734 -36.16 -38.45 2.63
C ILE D 734 -37.12 -39.58 2.95
N ALA D 735 -36.58 -40.76 3.24
CA ALA D 735 -37.42 -41.91 3.54
C ALA D 735 -37.82 -42.03 5.00
N GLY D 736 -37.25 -41.21 5.88
CA GLY D 736 -37.60 -41.28 7.29
C GLY D 736 -38.96 -40.69 7.59
N SER D 737 -39.62 -41.25 8.60
CA SER D 737 -40.93 -40.79 9.00
C SER D 737 -40.82 -39.56 9.91
N ASP D 738 -41.96 -38.90 10.13
CA ASP D 738 -41.99 -37.71 10.98
C ASP D 738 -41.64 -38.03 12.42
N VAL D 739 -41.96 -39.24 12.89
CA VAL D 739 -41.63 -39.60 14.26
C VAL D 739 -40.13 -39.61 14.44
N SER D 740 -39.40 -40.15 13.47
CA SER D 740 -37.95 -40.17 13.55
C SER D 740 -37.39 -38.74 13.51
N LYS D 741 -37.93 -37.90 12.62
CA LYS D 741 -37.45 -36.53 12.52
C LYS D 741 -37.73 -35.75 13.79
N GLN D 742 -38.81 -36.07 14.48
CA GLN D 742 -39.16 -35.36 15.71
C GLN D 742 -38.46 -35.93 16.94
N ALA D 743 -37.90 -37.14 16.85
CA ALA D 743 -37.24 -37.73 17.99
C ALA D 743 -35.72 -37.71 17.89
N ALA D 744 -35.16 -37.42 16.73
CA ALA D 744 -33.71 -37.41 16.58
C ALA D 744 -33.12 -36.05 16.91
N ASP D 745 -31.79 -36.00 16.89
CA ASP D 745 -31.01 -34.79 17.13
C ASP D 745 -30.55 -34.11 15.84
N MET D 746 -30.33 -34.89 14.78
CA MET D 746 -29.91 -34.37 13.48
C MET D 746 -30.70 -35.08 12.38
N ILE D 747 -30.84 -34.41 11.25
CA ILE D 747 -31.59 -34.93 10.11
C ILE D 747 -30.65 -35.04 8.92
N LEU D 748 -30.61 -36.22 8.31
CA LEU D 748 -29.80 -36.48 7.13
C LEU D 748 -30.67 -36.08 5.95
N LEU D 749 -30.35 -34.96 5.31
CA LEU D 749 -31.17 -34.50 4.20
C LEU D 749 -31.09 -35.39 2.97
N ASP D 750 -30.12 -36.30 2.90
CA ASP D 750 -30.01 -37.16 1.73
C ASP D 750 -29.98 -38.65 2.04
N ASP D 751 -30.07 -39.04 3.31
CA ASP D 751 -30.04 -40.47 3.70
C ASP D 751 -28.79 -41.17 3.20
N ASN D 752 -27.67 -40.45 3.14
CA ASN D 752 -26.41 -41.01 2.67
C ASN D 752 -25.45 -41.15 3.85
N PHE D 753 -24.88 -42.34 4.00
CA PHE D 753 -23.96 -42.56 5.10
C PHE D 753 -22.75 -41.64 5.01
N ALA D 754 -22.40 -41.21 3.79
CA ALA D 754 -21.25 -40.31 3.62
C ALA D 754 -21.52 -38.96 4.27
N SER D 755 -22.77 -38.53 4.28
CA SER D 755 -23.11 -37.26 4.90
C SER D 755 -22.81 -37.27 6.40
N ILE D 756 -22.94 -38.42 7.05
CA ILE D 756 -22.63 -38.51 8.47
C ILE D 756 -21.16 -38.21 8.70
N VAL D 757 -20.29 -38.78 7.87
CA VAL D 757 -18.85 -38.54 7.97
C VAL D 757 -18.54 -37.07 7.69
N THR D 758 -19.17 -36.51 6.65
CA THR D 758 -18.95 -35.10 6.35
C THR D 758 -19.35 -34.23 7.53
N GLY D 759 -20.47 -34.59 8.18
CA GLY D 759 -20.91 -33.82 9.35
C GLY D 759 -19.93 -33.96 10.50
N VAL D 760 -19.37 -35.16 10.68
CA VAL D 760 -18.39 -35.37 11.74
C VAL D 760 -17.20 -34.45 11.50
N GLU D 761 -16.78 -34.33 10.25
CA GLU D 761 -15.65 -33.47 9.93
C GLU D 761 -16.02 -32.00 10.22
N GLU D 762 -17.22 -31.58 9.81
CA GLU D 762 -17.64 -30.22 10.08
C GLU D 762 -17.76 -29.97 11.58
N GLY D 763 -17.93 -31.03 12.36
CA GLY D 763 -18.02 -30.94 13.81
C GLY D 763 -16.64 -30.79 14.43
N ARG D 764 -15.66 -31.49 13.88
CA ARG D 764 -14.29 -31.39 14.40
C ARG D 764 -13.63 -30.08 13.99
N LEU D 765 -14.13 -29.47 12.91
CA LEU D 765 -13.58 -28.21 12.45
C LEU D 765 -13.84 -27.09 13.43
N ILE D 766 -14.99 -27.12 14.13
CA ILE D 766 -15.32 -26.08 15.10
C ILE D 766 -14.28 -26.07 16.22
N PHE D 767 -13.89 -27.26 16.68
CA PHE D 767 -12.88 -27.34 17.74
C PHE D 767 -11.59 -26.69 17.29
N ASP D 768 -11.16 -27.01 16.06
CA ASP D 768 -9.90 -26.42 15.58
C ASP D 768 -10.00 -24.90 15.45
N ASN D 769 -11.08 -24.41 14.85
CA ASN D 769 -11.21 -22.96 14.69
C ASN D 769 -11.30 -22.26 16.05
N LEU D 770 -11.99 -22.87 17.02
CA LEU D 770 -12.07 -22.23 18.33
C LEU D 770 -10.70 -22.20 19.00
N LYS D 771 -9.94 -23.29 18.92
CA LYS D 771 -8.61 -23.28 19.55
C LYS D 771 -7.70 -22.27 18.88
N LYS D 772 -7.79 -22.15 17.55
CA LYS D 772 -6.96 -21.19 16.83
C LYS D 772 -7.35 -19.76 17.20
N SER D 773 -8.66 -19.47 17.24
CA SER D 773 -9.12 -18.13 17.59
C SER D 773 -8.69 -17.77 19.00
N ILE D 774 -8.78 -18.74 19.92
CA ILE D 774 -8.34 -18.47 21.29
C ILE D 774 -6.84 -18.22 21.31
N ALA D 775 -6.07 -19.04 20.59
CA ALA D 775 -4.61 -18.86 20.54
C ALA D 775 -4.25 -17.48 20.04
N TYR D 776 -5.08 -16.91 19.15
CA TYR D 776 -4.77 -15.59 18.62
C TYR D 776 -5.20 -14.49 19.59
N THR D 777 -6.41 -14.58 20.15
CA THR D 777 -6.90 -13.54 21.05
C THR D 777 -6.16 -13.48 22.37
N LEU D 778 -5.29 -14.45 22.66
CA LEU D 778 -4.53 -14.44 23.90
C LEU D 778 -3.09 -14.00 23.74
N THR D 779 -2.52 -14.12 22.53
CA THR D 779 -1.13 -13.72 22.32
C THR D 779 -0.92 -12.25 22.67
N SER D 780 -1.90 -11.40 22.38
CA SER D 780 -1.81 -9.96 22.61
C SER D 780 -1.77 -9.57 24.09
N ASN D 781 -2.08 -10.47 25.03
CA ASN D 781 -2.04 -10.06 26.44
C ASN D 781 -0.64 -9.62 26.85
N ILE D 782 0.39 -10.34 26.38
CA ILE D 782 1.77 -10.01 26.74
C ILE D 782 2.19 -8.64 26.22
N PRO D 783 2.11 -8.34 24.92
CA PRO D 783 2.53 -7.00 24.48
C PRO D 783 1.59 -5.90 24.91
N GLU D 784 0.53 -6.23 25.64
CA GLU D 784 -0.42 -5.27 26.14
C GLU D 784 -0.24 -5.00 27.62
N ILE D 785 0.24 -5.98 28.39
CA ILE D 785 0.46 -5.81 29.82
C ILE D 785 1.93 -5.58 30.15
N THR D 786 2.84 -6.15 29.35
CA THR D 786 4.28 -6.00 29.58
C THR D 786 4.74 -4.55 29.72
N PRO D 787 4.28 -3.60 28.90
CA PRO D 787 4.75 -2.22 29.09
C PRO D 787 4.45 -1.69 30.48
N PHE D 788 3.33 -2.05 31.10
CA PHE D 788 3.04 -1.57 32.45
C PHE D 788 4.05 -2.11 33.46
N LEU D 789 4.36 -3.41 33.38
CA LEU D 789 5.33 -4.00 34.30
C LEU D 789 6.71 -3.40 34.10
N ILE D 790 7.13 -3.18 32.85
CA ILE D 790 8.44 -2.59 32.64
C ILE D 790 8.46 -1.13 33.07
N PHE D 791 7.33 -0.42 32.87
CA PHE D 791 7.23 0.98 33.26
C PHE D 791 7.29 1.15 34.77
N ILE D 792 6.75 0.19 35.51
CA ILE D 792 6.79 0.27 36.96
C ILE D 792 8.06 -0.37 37.54
N ILE D 793 8.76 -1.17 36.76
CA ILE D 793 9.98 -1.82 37.20
C ILE D 793 11.23 -1.09 36.71
N ALA D 794 11.35 -0.87 35.39
CA ALA D 794 12.53 -0.21 34.85
C ALA D 794 12.53 1.29 35.06
N ASN D 795 11.42 1.87 35.52
CA ASN D 795 11.32 3.32 35.79
C ASN D 795 11.53 4.16 34.53
N ILE D 796 10.92 3.74 33.43
CA ILE D 796 11.00 4.46 32.16
C ILE D 796 9.59 4.95 31.83
N PRO D 797 9.47 5.96 30.96
CA PRO D 797 8.13 6.46 30.62
C PRO D 797 7.25 5.35 30.08
N LEU D 798 5.95 5.46 30.37
CA LEU D 798 4.98 4.47 29.94
C LEU D 798 5.10 4.20 28.44
N PRO D 799 5.37 2.97 28.02
CA PRO D 799 5.51 2.68 26.59
C PRO D 799 4.18 2.52 25.88
N LEU D 800 3.14 2.07 26.59
CA LEU D 800 1.82 1.86 26.00
C LEU D 800 0.78 2.42 26.95
N GLY D 801 0.06 3.45 26.49
CA GLY D 801 -0.98 4.04 27.30
C GLY D 801 -2.21 3.17 27.39
N THR D 802 -3.09 3.54 28.32
CA THR D 802 -4.31 2.77 28.50
C THR D 802 -5.30 3.01 27.36
N VAL D 803 -5.38 4.26 26.88
CA VAL D 803 -6.29 4.58 25.79
C VAL D 803 -5.98 3.71 24.57
N THR D 804 -4.69 3.44 24.32
CA THR D 804 -4.32 2.58 23.21
C THR D 804 -4.78 1.14 23.45
N ILE D 805 -4.67 0.66 24.69
CA ILE D 805 -5.08 -0.71 25.01
C ILE D 805 -6.56 -0.88 24.76
N LEU D 806 -7.35 0.12 25.20
CA LEU D 806 -8.79 0.06 25.00
C LEU D 806 -9.10 -0.07 23.53
N CYS D 807 -8.47 0.78 22.71
CA CYS D 807 -8.73 0.74 21.27
C CYS D 807 -8.29 -0.56 20.62
N ILE D 808 -7.17 -1.14 21.04
CA ILE D 808 -6.72 -2.38 20.42
C ILE D 808 -7.76 -3.47 20.59
N ASP D 809 -8.01 -3.87 21.84
CA ASP D 809 -8.96 -4.96 22.06
C ASP D 809 -10.40 -4.62 21.74
N LEU D 810 -10.76 -3.35 21.53
CA LEU D 810 -12.16 -3.10 21.22
C LEU D 810 -12.43 -2.71 19.76
N GLY D 811 -11.44 -2.23 19.01
CA GLY D 811 -11.66 -1.88 17.62
C GLY D 811 -10.72 -2.55 16.62
N THR D 812 -9.49 -2.88 17.07
CA THR D 812 -8.50 -3.48 16.19
C THR D 812 -8.73 -4.97 16.01
N ASP D 813 -8.76 -5.73 17.11
CA ASP D 813 -8.95 -7.18 17.05
C ASP D 813 -10.42 -7.58 17.06
N MET D 814 -11.34 -6.61 16.86
CA MET D 814 -12.76 -6.94 16.85
C MET D 814 -13.11 -7.80 15.65
N VAL D 815 -12.49 -7.51 14.50
CA VAL D 815 -12.71 -8.25 13.26
C VAL D 815 -11.81 -9.50 13.16
N PRO D 816 -10.51 -9.40 13.45
CA PRO D 816 -9.66 -10.61 13.33
C PRO D 816 -10.05 -11.78 14.23
N ALA D 817 -10.56 -11.53 15.44
CA ALA D 817 -10.93 -12.64 16.32
C ALA D 817 -12.06 -13.46 15.71
N ILE D 818 -13.06 -12.79 15.14
CA ILE D 818 -14.18 -13.49 14.52
C ILE D 818 -13.75 -14.10 13.19
N SER D 819 -12.74 -13.51 12.54
CA SER D 819 -12.29 -14.02 11.25
C SER D 819 -11.73 -15.44 11.34
N LEU D 820 -11.10 -15.78 12.47
CA LEU D 820 -10.53 -17.12 12.59
C LEU D 820 -11.59 -18.21 12.64
N ALA D 821 -12.87 -17.85 12.74
CA ALA D 821 -13.92 -18.86 12.77
C ALA D 821 -14.28 -19.34 11.38
N TYR D 822 -14.01 -18.53 10.35
CA TYR D 822 -14.31 -18.87 8.96
C TYR D 822 -13.22 -19.73 8.31
N GLU D 823 -12.31 -20.26 9.10
CA GLU D 823 -11.23 -21.09 8.56
C GLU D 823 -11.78 -22.46 8.17
N GLN D 824 -11.23 -23.03 7.10
CA GLN D 824 -11.63 -24.34 6.61
C GLN D 824 -10.75 -25.44 7.19
N ALA D 825 -11.13 -26.68 6.87
CA ALA D 825 -10.39 -27.84 7.35
C ALA D 825 -9.02 -27.93 6.69
N GLU D 826 -8.09 -28.56 7.41
CA GLU D 826 -6.72 -28.77 6.93
C GLU D 826 -6.64 -30.15 6.28
N SER D 827 -5.42 -30.65 6.09
CA SER D 827 -5.20 -31.95 5.49
C SER D 827 -5.22 -33.08 6.50
N ASP D 828 -5.43 -32.76 7.78
CA ASP D 828 -5.43 -33.78 8.83
C ASP D 828 -6.68 -33.68 9.70
N ILE D 829 -7.79 -33.22 9.15
CA ILE D 829 -9.00 -33.09 9.95
C ILE D 829 -9.64 -34.45 10.22
N MET D 830 -9.44 -35.43 9.33
CA MET D 830 -10.03 -36.75 9.51
C MET D 830 -8.99 -37.85 9.68
N LYS D 831 -7.72 -37.50 9.91
CA LYS D 831 -6.69 -38.49 10.12
C LYS D 831 -6.24 -38.55 11.57
N ARG D 832 -6.93 -37.87 12.47
CA ARG D 832 -6.61 -37.83 13.88
C ARG D 832 -7.65 -38.60 14.67
N GLN D 833 -7.24 -39.06 15.85
CA GLN D 833 -8.16 -39.79 16.71
C GLN D 833 -9.27 -38.87 17.21
N PRO D 834 -10.47 -39.41 17.42
CA PRO D 834 -11.57 -38.57 17.90
C PRO D 834 -11.25 -37.99 19.27
N ARG D 835 -11.77 -36.80 19.53
CA ARG D 835 -11.53 -36.14 20.80
C ARG D 835 -12.68 -36.42 21.75
N ASN D 836 -12.35 -36.59 23.03
CA ASN D 836 -13.35 -36.85 24.06
C ASN D 836 -13.47 -35.63 24.96
N PRO D 837 -14.68 -35.28 25.39
CA PRO D 837 -14.86 -34.09 26.23
C PRO D 837 -14.27 -34.18 27.62
N LYS D 838 -13.85 -35.36 28.08
CA LYS D 838 -13.29 -35.48 29.42
C LYS D 838 -11.80 -35.18 29.49
N THR D 839 -11.00 -35.83 28.65
CA THR D 839 -9.56 -35.62 28.69
C THR D 839 -9.08 -34.46 27.83
N ASP D 840 -9.78 -34.16 26.74
CA ASP D 840 -9.36 -33.09 25.83
C ASP D 840 -10.02 -31.77 26.22
N LYS D 841 -9.21 -30.80 26.62
CA LYS D 841 -9.68 -29.47 27.00
C LYS D 841 -9.34 -28.48 25.91
N LEU D 842 -10.09 -27.38 25.88
CA LEU D 842 -9.86 -26.35 24.86
C LEU D 842 -8.61 -25.55 25.16
N VAL D 843 -8.59 -24.86 26.30
CA VAL D 843 -7.44 -24.06 26.70
C VAL D 843 -6.56 -24.97 27.54
N ASN D 844 -5.48 -25.46 26.96
CA ASN D 844 -4.52 -26.33 27.63
C ASN D 844 -3.26 -25.55 27.97
N GLU D 845 -2.31 -26.24 28.61
CA GLU D 845 -1.05 -25.60 28.98
C GLU D 845 -0.20 -25.27 27.76
N ARG D 846 -0.21 -26.14 26.74
CA ARG D 846 0.58 -25.89 25.53
C ARG D 846 0.09 -24.63 24.81
N LEU D 847 -1.21 -24.31 24.92
CA LEU D 847 -1.73 -23.10 24.29
C LEU D 847 -1.20 -21.86 25.00
N ILE D 848 -1.14 -21.91 26.33
CA ILE D 848 -0.62 -20.77 27.09
C ILE D 848 0.88 -20.64 26.87
N SER D 849 1.58 -21.75 26.68
CA SER D 849 3.03 -21.72 26.43
C SER D 849 3.34 -20.99 25.13
N MET D 850 2.42 -21.09 24.15
CA MET D 850 2.62 -20.40 22.88
C MET D 850 2.13 -18.95 22.92
N ALA D 851 0.92 -18.73 23.45
CA ALA D 851 0.34 -17.39 23.48
C ALA D 851 1.07 -16.44 24.44
N TYR D 852 1.52 -16.95 25.59
CA TYR D 852 2.17 -16.08 26.57
C TYR D 852 3.69 -16.16 26.55
N GLY D 853 4.27 -17.34 26.41
CA GLY D 853 5.71 -17.44 26.46
C GLY D 853 6.49 -17.44 25.16
N GLN D 854 5.83 -17.65 24.02
CA GLN D 854 6.56 -17.67 22.76
C GLN D 854 6.17 -16.57 21.79
N ILE D 855 4.89 -16.35 21.51
CA ILE D 855 4.53 -15.28 20.60
C ILE D 855 4.35 -13.95 21.33
N GLY D 856 3.80 -13.98 22.55
CA GLY D 856 3.60 -12.74 23.28
C GLY D 856 4.89 -12.00 23.53
N MET D 857 5.98 -12.74 23.80
CA MET D 857 7.27 -12.10 24.06
C MET D 857 7.82 -11.43 22.82
N ILE D 858 7.72 -12.09 21.66
CA ILE D 858 8.20 -11.47 20.43
C ILE D 858 7.37 -10.24 20.12
N GLN D 859 6.05 -10.33 20.29
CA GLN D 859 5.19 -9.18 20.04
C GLN D 859 5.52 -8.02 21.00
N ALA D 860 5.87 -8.35 22.24
CA ALA D 860 6.22 -7.30 23.20
C ALA D 860 7.55 -6.65 22.84
N LEU D 861 8.54 -7.45 22.44
CA LEU D 861 9.82 -6.88 22.05
C LEU D 861 9.68 -6.02 20.81
N GLY D 862 8.78 -6.38 19.90
CA GLY D 862 8.58 -5.57 18.71
C GLY D 862 8.07 -4.18 19.07
N GLY D 863 7.08 -4.14 19.99
CA GLY D 863 6.59 -2.84 20.42
C GLY D 863 7.66 -2.04 21.16
N PHE D 864 8.42 -2.70 22.03
CA PHE D 864 9.49 -2.04 22.76
C PHE D 864 10.53 -1.46 21.81
N PHE D 865 10.82 -2.17 20.73
CA PHE D 865 11.80 -1.68 19.76
C PHE D 865 11.38 -0.34 19.21
N THR D 866 10.14 -0.27 18.71
CA THR D 866 9.69 1.02 18.15
C THR D 866 9.59 2.10 19.23
N TYR D 867 9.27 1.72 20.47
CA TYR D 867 9.21 2.70 21.54
C TYR D 867 10.57 3.34 21.76
N PHE D 868 11.61 2.50 21.82
CA PHE D 868 12.98 2.98 21.98
C PHE D 868 13.42 3.77 20.75
N VAL D 869 13.00 3.35 19.57
CA VAL D 869 13.41 4.04 18.34
C VAL D 869 12.88 5.46 18.35
N ILE D 870 11.61 5.64 18.70
CA ILE D 870 11.05 6.99 18.72
C ILE D 870 11.73 7.82 19.79
N LEU D 871 11.92 7.26 20.98
CA LEU D 871 12.54 8.04 22.04
C LEU D 871 13.97 8.44 21.68
N ALA D 872 14.74 7.52 21.10
CA ALA D 872 16.11 7.83 20.73
C ALA D 872 16.15 8.87 19.61
N GLU D 873 15.38 8.66 18.55
CA GLU D 873 15.38 9.61 17.44
C GLU D 873 14.89 10.98 17.85
N ASN D 874 14.06 11.08 18.88
CA ASN D 874 13.58 12.38 19.32
C ASN D 874 14.53 13.07 20.30
N GLY D 875 15.44 12.32 20.91
CA GLY D 875 16.37 12.92 21.85
C GLY D 875 16.78 12.16 23.09
N PHE D 876 16.04 11.11 23.47
CA PHE D 876 16.34 10.33 24.66
C PHE D 876 16.84 8.93 24.29
N LEU D 877 18.13 8.69 24.51
CA LEU D 877 18.72 7.40 24.21
C LEU D 877 18.14 6.30 25.11
N PRO D 878 18.24 5.04 24.70
CA PRO D 878 17.68 3.95 25.53
C PRO D 878 18.21 3.87 26.95
N ILE D 879 19.53 3.84 27.13
CA ILE D 879 20.08 3.72 28.47
C ILE D 879 19.73 4.95 29.31
N HIS D 880 19.66 6.12 28.68
CA HIS D 880 19.33 7.33 29.44
C HIS D 880 17.87 7.35 29.89
N LEU D 881 17.04 6.41 29.43
CA LEU D 881 15.63 6.38 29.79
C LEU D 881 15.35 5.75 31.14
N LEU D 882 16.29 5.00 31.71
CA LEU D 882 16.03 4.38 33.01
C LEU D 882 15.96 5.44 34.09
N GLY D 883 15.01 5.28 35.02
CA GLY D 883 14.81 6.23 36.10
C GLY D 883 14.16 7.53 35.72
N LEU D 884 13.95 7.79 34.43
CA LEU D 884 13.33 9.04 34.01
C LEU D 884 11.85 9.12 34.37
N ARG D 885 11.20 7.98 34.63
CA ARG D 885 9.78 7.98 34.96
C ARG D 885 9.45 8.95 36.08
N VAL D 886 10.34 9.05 37.08
CA VAL D 886 10.08 9.92 38.23
C VAL D 886 9.94 11.37 37.78
N ASN D 887 10.92 11.87 37.02
CA ASN D 887 10.83 13.25 36.57
C ASN D 887 9.92 13.40 35.35
N TRP D 888 9.82 12.36 34.53
CA TRP D 888 8.96 12.41 33.36
C TRP D 888 7.51 12.64 33.77
N ASP D 889 7.04 11.92 34.78
CA ASP D 889 5.67 12.04 35.25
C ASP D 889 5.43 13.26 36.11
N ASP D 890 6.47 13.96 36.51
CA ASP D 890 6.29 15.15 37.33
C ASP D 890 5.63 16.24 36.50
N ARG D 891 4.45 16.68 36.93
CA ARG D 891 3.69 17.71 36.23
C ARG D 891 4.27 19.11 36.41
N TRP D 892 5.40 19.26 37.12
CA TRP D 892 5.97 20.58 37.34
C TRP D 892 7.45 20.68 37.01
N ILE D 893 8.08 19.62 36.53
CA ILE D 893 9.49 19.66 36.17
C ILE D 893 9.57 20.05 34.69
N ASN D 894 10.25 21.15 34.41
CA ASN D 894 10.41 21.63 33.03
C ASN D 894 11.89 21.78 32.67
N ASP D 895 12.74 20.90 33.23
CA ASP D 895 14.18 20.95 32.97
C ASP D 895 14.74 19.59 32.57
N VAL D 896 13.90 18.63 32.19
CA VAL D 896 14.34 17.29 31.82
C VAL D 896 15.43 17.37 30.76
N GLU D 897 16.59 16.83 31.09
CA GLU D 897 17.75 16.84 30.22
C GLU D 897 17.86 15.49 29.51
N ASP D 898 17.91 15.54 28.19
CA ASP D 898 18.04 14.34 27.37
C ASP D 898 19.52 13.99 27.22
N SER D 899 19.85 13.07 26.31
CA SER D 899 21.26 12.71 26.13
C SER D 899 22.04 13.80 25.39
N TYR D 900 21.34 14.72 24.73
CA TYR D 900 22.00 15.81 24.04
C TYR D 900 22.11 17.07 24.88
N GLY D 901 21.55 17.06 26.08
CA GLY D 901 21.61 18.22 26.95
C GLY D 901 20.50 19.23 26.74
N GLN D 902 19.46 18.89 25.99
CA GLN D 902 18.37 19.82 25.76
C GLN D 902 17.38 19.78 26.92
N GLN D 903 16.58 20.83 27.03
CA GLN D 903 15.59 20.95 28.08
C GLN D 903 14.18 20.77 27.52
N TRP D 904 13.43 19.84 28.12
CA TRP D 904 12.07 19.54 27.71
C TRP D 904 11.08 19.97 28.77
N THR D 905 9.96 20.54 28.33
CA THR D 905 8.90 20.96 29.25
C THR D 905 8.06 19.72 29.57
N TYR D 906 6.91 19.92 30.21
CA TYR D 906 6.07 18.78 30.55
C TYR D 906 5.28 18.28 29.35
N GLU D 907 4.42 19.14 28.78
CA GLU D 907 3.63 18.70 27.63
C GLU D 907 4.50 18.35 26.43
N GLN D 908 5.66 18.99 26.28
CA GLN D 908 6.53 18.68 25.14
C GLN D 908 6.95 17.23 25.16
N ARG D 909 7.42 16.73 26.32
CA ARG D 909 7.80 15.33 26.38
C ARG D 909 6.57 14.44 26.42
N LYS D 910 5.44 14.97 26.92
CA LYS D 910 4.23 14.17 26.92
C LYS D 910 3.77 13.87 25.50
N ILE D 911 4.01 14.79 24.57
CA ILE D 911 3.64 14.56 23.18
C ILE D 911 4.47 13.42 22.63
N VAL D 912 5.76 13.39 22.95
CA VAL D 912 6.59 12.29 22.47
C VAL D 912 6.13 10.99 23.10
N GLU D 913 5.72 11.03 24.36
CA GLU D 913 5.24 9.83 25.02
C GLU D 913 3.98 9.30 24.34
N PHE D 914 3.06 10.21 23.99
CA PHE D 914 1.84 9.78 23.30
C PHE D 914 2.18 9.25 21.92
N THR D 915 3.20 9.82 21.28
CA THR D 915 3.62 9.29 19.98
C THR D 915 4.17 7.90 20.15
N CYS D 916 4.87 7.65 21.27
CA CYS D 916 5.39 6.32 21.55
C CYS D 916 4.25 5.35 21.78
N HIS D 917 3.18 5.82 22.44
CA HIS D 917 2.02 4.95 22.68
C HIS D 917 1.37 4.56 21.35
N THR D 918 1.10 5.55 20.49
CA THR D 918 0.49 5.26 19.20
C THR D 918 1.40 4.37 18.37
N ALA D 919 2.71 4.57 18.48
CA ALA D 919 3.65 3.74 17.73
C ALA D 919 3.62 2.30 18.23
N PHE D 920 3.51 2.13 19.55
CA PHE D 920 3.43 0.79 20.11
C PHE D 920 2.18 0.10 19.61
N PHE D 921 1.08 0.86 19.52
CA PHE D 921 -0.18 0.33 19.02
C PHE D 921 -0.06 -0.07 17.55
N VAL D 922 0.57 0.79 16.74
CA VAL D 922 0.74 0.48 15.32
C VAL D 922 1.60 -0.76 15.17
N SER D 923 2.68 -0.85 15.95
CA SER D 923 3.53 -2.03 15.89
C SER D 923 2.78 -3.25 16.37
N ILE D 924 1.83 -3.07 17.28
CA ILE D 924 1.03 -4.19 17.74
C ILE D 924 0.19 -4.71 16.58
N VAL D 925 -0.40 -3.80 15.81
CA VAL D 925 -1.16 -4.23 14.64
C VAL D 925 -0.25 -4.94 13.66
N VAL D 926 0.98 -4.42 13.51
CA VAL D 926 1.95 -5.03 12.58
C VAL D 926 2.24 -6.47 12.97
N VAL D 927 2.56 -6.70 14.25
CA VAL D 927 2.84 -8.08 14.68
C VAL D 927 1.57 -8.91 14.62
N GLN D 928 0.41 -8.28 14.83
CA GLN D 928 -0.85 -9.00 14.73
C GLN D 928 -1.05 -9.55 13.33
N TRP D 929 -0.49 -8.89 12.33
CA TRP D 929 -0.61 -9.41 10.96
C TRP D 929 -0.06 -10.83 10.89
N ALA D 930 1.20 -10.99 11.31
CA ALA D 930 1.83 -12.31 11.28
C ALA D 930 1.15 -13.27 12.24
N ASP D 931 0.70 -12.76 13.40
CA ASP D 931 0.03 -13.64 14.34
C ASP D 931 -1.26 -14.20 13.74
N LEU D 932 -2.03 -13.35 13.08
CA LEU D 932 -3.28 -13.78 12.44
C LEU D 932 -2.99 -14.79 11.33
N VAL D 933 -1.93 -14.54 10.56
CA VAL D 933 -1.60 -15.45 9.48
C VAL D 933 -1.19 -16.81 10.01
N ILE D 934 -0.34 -16.84 11.04
CA ILE D 934 0.10 -18.13 11.57
C ILE D 934 -1.04 -18.85 12.30
N CYS D 935 -1.98 -18.10 12.88
CA CYS D 935 -3.08 -18.78 13.57
C CYS D 935 -4.06 -19.37 12.58
N LYS D 936 -3.92 -19.06 11.29
CA LYS D 936 -4.79 -19.70 10.30
C LYS D 936 -4.66 -21.22 10.33
N THR D 937 -3.47 -21.76 10.64
CA THR D 937 -3.24 -23.20 10.66
C THR D 937 -2.35 -23.58 11.83
N ARG D 938 -2.57 -24.79 12.35
CA ARG D 938 -1.80 -25.31 13.48
C ARG D 938 -0.95 -26.53 13.13
N ARG D 939 -1.20 -27.16 11.98
CA ARG D 939 -0.40 -28.31 11.53
C ARG D 939 0.24 -28.05 10.18
N ASN D 940 -0.55 -27.67 9.17
CA ASN D 940 -0.04 -27.39 7.85
C ASN D 940 0.57 -25.99 7.79
N SER D 941 1.32 -25.73 6.74
CA SER D 941 1.93 -24.41 6.58
C SER D 941 0.94 -23.49 5.89
N VAL D 942 1.12 -22.18 6.07
CA VAL D 942 0.22 -21.23 5.43
C VAL D 942 0.32 -21.30 3.92
N PHE D 943 1.35 -21.95 3.39
CA PHE D 943 1.50 -22.08 1.94
C PHE D 943 0.55 -23.14 1.40
N GLN D 944 0.33 -24.22 2.16
CA GLN D 944 -0.59 -25.27 1.75
C GLN D 944 -2.03 -24.85 1.95
N GLN D 945 -2.33 -24.12 3.02
CA GLN D 945 -3.69 -23.67 3.24
C GLN D 945 -4.03 -22.52 2.30
N GLY D 946 -3.08 -21.62 2.07
CA GLY D 946 -3.27 -20.49 1.18
C GLY D 946 -4.07 -19.37 1.82
N MET D 947 -4.15 -18.26 1.08
CA MET D 947 -4.88 -17.08 1.54
C MET D 947 -6.29 -17.06 0.93
N LYS D 948 -7.08 -18.04 1.30
CA LYS D 948 -8.45 -18.16 0.80
C LYS D 948 -9.49 -17.56 1.73
N ASN D 949 -9.12 -17.13 2.94
CA ASN D 949 -10.08 -16.55 3.88
C ASN D 949 -10.31 -15.08 3.55
N LYS D 950 -11.48 -14.78 2.98
CA LYS D 950 -11.80 -13.41 2.62
C LYS D 950 -12.00 -12.54 3.85
N ILE D 951 -12.59 -13.09 4.91
CA ILE D 951 -12.80 -12.31 6.12
C ILE D 951 -11.48 -11.97 6.79
N LEU D 952 -10.52 -12.89 6.78
CA LEU D 952 -9.23 -12.62 7.41
C LEU D 952 -8.55 -11.45 6.72
N ILE D 953 -8.53 -11.47 5.38
CA ILE D 953 -7.89 -10.39 4.63
C ILE D 953 -8.64 -9.09 4.88
N PHE D 954 -9.97 -9.17 4.89
CA PHE D 954 -10.75 -7.96 5.13
C PHE D 954 -10.42 -7.41 6.50
N GLY D 955 -10.22 -8.30 7.46
CA GLY D 955 -9.89 -7.85 8.81
C GLY D 955 -8.53 -7.19 8.84
N LEU D 956 -7.57 -7.74 8.11
CA LEU D 956 -6.24 -7.15 8.08
C LEU D 956 -6.29 -5.74 7.50
N PHE D 957 -6.95 -5.59 6.36
CA PHE D 957 -7.02 -4.26 5.74
C PHE D 957 -7.83 -3.29 6.61
N GLU D 958 -8.94 -3.74 7.19
CA GLU D 958 -9.76 -2.86 8.03
C GLU D 958 -9.02 -2.45 9.29
N GLU D 959 -8.20 -3.33 9.87
CA GLU D 959 -7.50 -2.93 11.09
C GLU D 959 -6.33 -2.00 10.76
N THR D 960 -5.63 -2.21 9.64
CA THR D 960 -4.56 -1.29 9.33
C THR D 960 -5.14 0.08 9.01
N ALA D 961 -6.28 0.11 8.30
CA ALA D 961 -6.90 1.39 7.98
C ALA D 961 -7.41 2.06 9.25
N LEU D 962 -7.97 1.27 10.19
CA LEU D 962 -8.45 1.85 11.44
C LEU D 962 -7.29 2.44 12.23
N ALA D 963 -6.14 1.74 12.25
CA ALA D 963 -4.97 2.23 12.97
C ALA D 963 -4.45 3.51 12.32
N ALA D 964 -4.36 3.53 10.99
CA ALA D 964 -3.88 4.72 10.31
C ALA D 964 -4.83 5.88 10.56
N PHE D 965 -6.13 5.60 10.63
CA PHE D 965 -7.09 6.67 10.89
C PHE D 965 -6.90 7.22 12.30
N LEU D 966 -6.86 6.33 13.29
CA LEU D 966 -6.67 6.76 14.67
C LEU D 966 -5.33 7.46 14.88
N SER D 967 -4.37 7.26 13.97
CA SER D 967 -3.06 7.89 14.12
C SER D 967 -2.84 9.13 13.25
N TYR D 968 -3.67 9.36 12.24
CA TYR D 968 -3.50 10.52 11.37
C TYR D 968 -4.72 11.41 11.27
N CYS D 969 -5.87 11.01 11.79
CA CYS D 969 -7.05 11.84 11.69
C CYS D 969 -6.87 13.15 12.46
N PRO D 970 -7.29 14.29 11.91
CA PRO D 970 -7.17 15.55 12.64
C PRO D 970 -8.09 15.57 13.86
N GLY D 971 -7.62 16.22 14.92
CA GLY D 971 -8.36 16.30 16.16
C GLY D 971 -8.06 15.17 17.12
N MET D 972 -7.39 14.11 16.66
CA MET D 972 -7.03 12.99 17.51
C MET D 972 -5.92 13.35 18.49
N GLY D 973 -5.22 14.47 18.26
CA GLY D 973 -4.16 14.86 19.17
C GLY D 973 -4.67 15.19 20.56
N VAL D 974 -5.85 15.79 20.65
CA VAL D 974 -6.44 16.15 21.93
C VAL D 974 -7.61 15.28 22.30
N ALA D 975 -8.02 14.35 21.44
CA ALA D 975 -9.16 13.49 21.75
C ALA D 975 -8.74 12.20 22.45
N LEU D 976 -7.97 11.36 21.76
CA LEU D 976 -7.52 10.09 22.33
C LEU D 976 -6.04 10.13 22.69
N ARG D 977 -5.40 11.30 22.58
CA ARG D 977 -3.98 11.48 22.87
C ARG D 977 -3.08 10.65 21.95
N MET D 978 -3.44 10.61 20.67
CA MET D 978 -2.68 9.91 19.65
C MET D 978 -2.19 10.95 18.66
N TYR D 979 -0.93 10.82 18.23
CA TYR D 979 -0.37 11.80 17.32
C TYR D 979 0.13 11.16 16.02
N PRO D 980 0.43 11.96 15.00
CA PRO D 980 0.90 11.38 13.74
C PRO D 980 2.16 10.55 13.92
N LEU D 981 2.28 9.51 13.09
CA LEU D 981 3.42 8.62 13.10
C LEU D 981 4.25 8.90 11.86
N LYS D 982 5.55 9.10 12.05
CA LYS D 982 6.43 9.35 10.91
C LYS D 982 6.60 8.08 10.09
N PRO D 983 6.81 8.20 8.78
CA PRO D 983 6.91 7.00 7.92
C PRO D 983 7.93 5.95 8.37
N THR D 984 9.18 6.37 8.59
CA THR D 984 10.26 5.46 8.98
C THR D 984 9.95 4.65 10.22
N TRP D 985 8.85 4.90 10.92
CA TRP D 985 8.51 4.15 12.12
C TRP D 985 7.65 2.94 11.84
N TRP D 986 6.82 3.00 10.80
CA TRP D 986 5.95 1.88 10.47
C TRP D 986 6.73 0.59 10.19
N PHE D 987 8.01 0.70 9.89
CA PHE D 987 8.86 -0.44 9.58
C PHE D 987 9.66 -0.97 10.77
N CYS D 988 9.51 -0.37 11.96
CA CYS D 988 10.28 -0.87 13.09
C CYS D 988 9.86 -2.27 13.50
N ALA D 989 8.57 -2.56 13.44
CA ALA D 989 8.07 -3.86 13.86
C ALA D 989 8.12 -4.93 12.77
N PHE D 990 8.57 -4.60 11.56
CA PHE D 990 8.61 -5.61 10.50
C PHE D 990 9.52 -6.79 10.81
N PRO D 991 10.75 -6.61 11.29
CA PRO D 991 11.59 -7.79 11.57
C PRO D 991 10.95 -8.74 12.55
N TYR D 992 10.26 -8.23 13.57
CA TYR D 992 9.61 -9.11 14.53
C TYR D 992 8.49 -9.90 13.88
N SER D 993 7.72 -9.26 13.00
CA SER D 993 6.65 -9.98 12.32
C SER D 993 7.23 -11.10 11.46
N LEU D 994 8.29 -10.80 10.71
CA LEU D 994 8.92 -11.82 9.87
C LEU D 994 9.47 -12.95 10.72
N LEU D 995 10.04 -12.60 11.88
CA LEU D 995 10.59 -13.61 12.79
C LEU D 995 9.48 -14.50 13.33
N ILE D 996 8.36 -13.90 13.73
CA ILE D 996 7.25 -14.67 14.26
C ILE D 996 6.77 -15.64 13.21
N PHE D 997 6.63 -15.15 11.97
CA PHE D 997 6.16 -15.99 10.89
C PHE D 997 7.12 -17.15 10.63
N VAL D 998 8.42 -16.86 10.49
CA VAL D 998 9.39 -17.92 10.21
C VAL D 998 9.47 -18.90 11.38
N TYR D 999 9.35 -18.41 12.61
CA TYR D 999 9.42 -19.31 13.76
C TYR D 999 8.24 -20.26 13.79
N ASP D 1000 7.04 -19.73 13.56
CA ASP D 1000 5.88 -20.60 13.56
C ASP D 1000 5.94 -21.58 12.41
N GLU D 1001 6.47 -21.14 11.26
CA GLU D 1001 6.57 -22.03 10.11
C GLU D 1001 7.56 -23.17 10.37
N VAL D 1002 8.73 -22.87 10.94
CA VAL D 1002 9.66 -23.96 11.22
C VAL D 1002 9.09 -24.86 12.30
N ARG D 1003 8.30 -24.30 13.22
CA ARG D 1003 7.69 -25.14 14.26
C ARG D 1003 6.71 -26.13 13.64
N LYS D 1004 5.84 -25.64 12.77
CA LYS D 1004 4.90 -26.55 12.12
C LYS D 1004 5.64 -27.54 11.23
N LEU D 1005 6.74 -27.12 10.59
CA LEU D 1005 7.50 -28.03 9.75
C LEU D 1005 8.12 -29.15 10.59
N ILE D 1006 8.64 -28.80 11.77
CA ILE D 1006 9.21 -29.80 12.65
C ILE D 1006 8.11 -30.76 13.10
N ILE D 1007 6.97 -30.22 13.50
CA ILE D 1007 5.85 -31.06 13.94
C ILE D 1007 5.42 -32.01 12.84
N ARG D 1008 5.40 -31.54 11.60
CA ARG D 1008 4.98 -32.39 10.47
C ARG D 1008 6.02 -33.45 10.14
N ARG D 1009 7.28 -33.06 9.97
CA ARG D 1009 8.34 -33.99 9.62
C ARG D 1009 8.94 -34.68 10.83
N ARG D 1010 8.21 -34.73 11.94
CA ARG D 1010 8.64 -35.39 13.17
C ARG D 1010 7.38 -35.77 13.92
N PRO D 1011 6.68 -36.82 13.49
CA PRO D 1011 5.45 -37.22 14.19
C PRO D 1011 5.78 -37.57 15.64
N GLY D 1012 4.98 -37.04 16.56
CA GLY D 1012 5.23 -37.31 17.97
C GLY D 1012 6.48 -36.68 18.53
N GLY D 1013 7.07 -35.71 17.82
CA GLY D 1013 8.27 -35.05 18.29
C GLY D 1013 8.02 -34.20 19.52
N TRP D 1014 9.13 -33.80 20.14
CA TRP D 1014 9.05 -33.00 21.37
C TRP D 1014 8.30 -31.71 21.15
N VAL D 1015 8.52 -31.06 19.99
CA VAL D 1015 7.84 -29.80 19.70
C VAL D 1015 6.33 -30.00 19.67
N GLU D 1016 5.87 -31.09 19.05
CA GLU D 1016 4.43 -31.33 19.01
C GLU D 1016 3.87 -31.63 20.39
N LYS D 1017 4.58 -32.42 21.18
CA LYS D 1017 4.11 -32.76 22.51
C LYS D 1017 4.25 -31.63 23.51
N GLU D 1018 4.88 -30.52 23.13
CA GLU D 1018 5.06 -29.40 24.04
C GLU D 1018 4.38 -28.10 23.63
N THR D 1019 4.20 -27.86 22.32
CA THR D 1019 3.58 -26.63 21.85
C THR D 1019 2.34 -26.80 20.99
N TYR D 1020 2.02 -28.01 20.54
CA TYR D 1020 0.84 -28.21 19.70
C TYR D 1020 -0.38 -28.27 20.61
N TYR D 1021 -1.05 -27.13 20.77
CA TYR D 1021 -2.25 -27.04 21.61
C TYR D 1021 -3.44 -27.77 20.99
N LYS E 13 -3.45 -30.76 46.46
CA LYS E 13 -2.08 -31.16 46.74
C LYS E 13 -1.51 -32.03 45.62
N LYS E 14 -2.41 -32.70 44.87
CA LYS E 14 -1.98 -33.55 43.78
C LYS E 14 -1.24 -32.74 42.72
N PHE E 15 -1.73 -31.52 42.45
CA PHE E 15 -1.11 -30.64 41.46
C PHE E 15 0.27 -30.18 41.92
N ILE E 16 0.42 -29.89 43.21
CA ILE E 16 1.69 -29.40 43.73
C ILE E 16 2.78 -30.47 43.62
N TRP E 17 2.48 -31.71 44.06
CA TRP E 17 3.48 -32.76 44.01
C TRP E 17 2.86 -34.14 44.14
N ASN E 18 3.27 -35.06 43.27
CA ASN E 18 2.85 -36.44 43.30
C ASN E 18 4.11 -37.30 43.34
N SER E 19 4.10 -38.33 44.19
CA SER E 19 5.24 -39.23 44.33
C SER E 19 5.14 -40.45 43.43
N GLU E 20 4.49 -40.31 42.27
CA GLU E 20 4.33 -41.36 41.30
C GLU E 20 5.39 -41.26 40.20
N LYS E 21 5.55 -40.06 39.64
CA LYS E 21 6.54 -39.79 38.60
C LYS E 21 7.44 -38.61 38.98
N LYS E 22 7.38 -38.14 40.24
CA LYS E 22 8.18 -37.02 40.74
C LYS E 22 7.90 -35.75 39.94
N GLU E 23 6.67 -35.26 40.09
CA GLU E 23 6.21 -34.06 39.40
C GLU E 23 6.06 -32.92 40.39
N PHE E 24 6.82 -31.84 40.17
CA PHE E 24 6.79 -30.65 41.01
C PHE E 24 6.05 -29.55 40.26
N LEU E 25 4.97 -29.05 40.86
CA LEU E 25 4.15 -28.00 40.31
C LEU E 25 3.46 -28.38 38.99
N GLY E 26 3.50 -29.66 38.61
CA GLY E 26 2.84 -30.04 37.37
C GLY E 26 3.56 -30.94 36.40
N ARG E 27 4.90 -31.00 36.44
CA ARG E 27 5.63 -31.86 35.52
C ARG E 27 6.83 -32.47 36.20
N THR E 28 7.31 -33.57 35.62
CA THR E 28 8.44 -34.31 36.16
C THR E 28 9.73 -33.50 36.02
N GLY E 29 10.82 -34.08 36.54
CA GLY E 29 12.12 -33.42 36.48
C GLY E 29 12.69 -33.32 35.07
N GLY E 30 12.60 -34.41 34.30
CA GLY E 30 13.11 -34.39 32.94
C GLY E 30 12.38 -33.36 32.09
N SER E 31 11.06 -33.27 32.27
CA SER E 31 10.27 -32.28 31.54
C SER E 31 10.70 -30.88 31.92
N TRP E 32 10.97 -30.66 33.22
CA TRP E 32 11.41 -29.35 33.69
C TRP E 32 12.74 -28.98 33.06
N PHE E 33 13.69 -29.93 33.00
CA PHE E 33 14.98 -29.64 32.39
C PHE E 33 14.84 -29.31 30.91
N LYS E 34 14.02 -30.09 30.20
CA LYS E 34 13.85 -29.85 28.77
C LYS E 34 13.24 -28.48 28.49
N ILE E 35 12.12 -28.17 29.15
CA ILE E 35 11.49 -26.87 28.92
C ILE E 35 12.38 -25.74 29.41
N LEU E 36 13.13 -25.95 30.50
CA LEU E 36 14.01 -24.90 31.02
C LEU E 36 15.12 -24.59 30.03
N LEU E 37 15.76 -25.62 29.48
CA LEU E 37 16.83 -25.38 28.53
C LEU E 37 16.30 -24.72 27.27
N PHE E 38 15.17 -25.21 26.75
CA PHE E 38 14.60 -24.63 25.54
C PHE E 38 14.24 -23.17 25.76
N TYR E 39 13.59 -22.85 26.88
CA TYR E 39 13.20 -21.46 27.14
C TYR E 39 14.41 -20.58 27.44
N VAL E 40 15.44 -21.12 28.08
CA VAL E 40 16.62 -20.31 28.36
C VAL E 40 17.31 -19.94 27.05
N ILE E 41 17.51 -20.91 26.15
CA ILE E 41 18.15 -20.58 24.89
C ILE E 41 17.24 -19.73 24.01
N PHE E 42 15.91 -19.93 24.09
CA PHE E 42 14.99 -19.13 23.29
C PHE E 42 14.99 -17.67 23.74
N TYR E 43 14.83 -17.44 25.05
CA TYR E 43 14.86 -16.07 25.55
C TYR E 43 16.22 -15.45 25.33
N GLY E 44 17.29 -16.25 25.39
CA GLY E 44 18.61 -15.70 25.14
C GLY E 44 18.73 -15.24 23.70
N CYS E 45 18.27 -16.07 22.76
CA CYS E 45 18.32 -15.70 21.35
C CYS E 45 17.43 -14.50 21.07
N LEU E 46 16.27 -14.42 21.74
CA LEU E 46 15.38 -13.29 21.53
C LEU E 46 16.02 -12.00 22.03
N ALA E 47 16.64 -12.04 23.22
CA ALA E 47 17.32 -10.87 23.74
C ALA E 47 18.49 -10.49 22.85
N GLY E 48 19.16 -11.49 22.26
CA GLY E 48 20.27 -11.21 21.38
C GLY E 48 19.81 -10.47 20.13
N ILE E 49 18.70 -10.93 19.54
CA ILE E 49 18.17 -10.26 18.35
C ILE E 49 17.68 -8.86 18.71
N PHE E 50 17.05 -8.71 19.88
CA PHE E 50 16.57 -7.40 20.29
C PHE E 50 17.74 -6.43 20.49
N ILE E 51 18.81 -6.89 21.14
CA ILE E 51 19.97 -6.03 21.35
C ILE E 51 20.62 -5.69 20.01
N GLY E 52 20.66 -6.65 19.08
CA GLY E 52 21.24 -6.37 17.78
C GLY E 52 20.48 -5.28 17.05
N THR E 53 19.15 -5.38 17.06
CA THR E 53 18.35 -4.35 16.40
C THR E 53 18.52 -3.00 17.09
N ILE E 54 18.61 -3.00 18.42
CA ILE E 54 18.80 -1.72 19.10
C ILE E 54 20.14 -1.11 18.72
N GLN E 55 21.18 -1.94 18.60
CA GLN E 55 22.49 -1.41 18.20
C GLN E 55 22.44 -0.86 16.78
N VAL E 56 21.76 -1.56 15.86
CA VAL E 56 21.66 -1.05 14.50
C VAL E 56 20.89 0.27 14.49
N MET E 57 19.86 0.38 15.32
CA MET E 57 19.09 1.62 15.41
C MET E 57 19.96 2.75 15.97
N LEU E 58 20.84 2.43 16.93
CA LEU E 58 21.73 3.43 17.50
C LEU E 58 22.77 3.86 16.47
N LEU E 59 23.08 2.99 15.52
CA LEU E 59 24.04 3.33 14.47
C LEU E 59 23.45 4.25 13.41
N THR E 60 22.19 4.68 13.60
CA THR E 60 21.50 5.57 12.67
C THR E 60 21.58 7.03 13.08
N ILE E 61 21.40 7.32 14.37
CA ILE E 61 21.47 8.70 14.84
C ILE E 61 22.92 9.15 14.93
N SER E 62 23.11 10.47 14.94
CA SER E 62 24.42 11.08 15.01
C SER E 62 24.83 11.27 16.46
N GLU E 63 26.12 11.53 16.67
CA GLU E 63 26.64 11.71 18.02
C GLU E 63 26.50 13.13 18.56
N PHE E 64 26.14 14.10 17.73
CA PHE E 64 26.05 15.47 18.23
C PHE E 64 24.82 16.22 17.73
N LYS E 65 23.85 15.52 17.14
CA LYS E 65 22.66 16.20 16.65
C LYS E 65 21.50 15.22 16.57
N PRO E 66 20.39 15.49 17.26
CA PRO E 66 19.23 14.58 17.20
C PRO E 66 18.61 14.58 15.81
N THR E 67 18.06 13.43 15.44
CA THR E 67 17.44 13.28 14.11
C THR E 67 16.23 14.21 13.96
N TYR E 68 15.53 14.53 15.04
CA TYR E 68 14.36 15.40 15.00
C TYR E 68 14.41 16.40 16.15
N GLN E 69 13.93 17.62 15.89
CA GLN E 69 13.95 18.65 16.92
C GLN E 69 12.71 19.53 16.94
N ASP E 70 11.66 19.21 16.18
CA ASP E 70 10.47 20.05 16.17
C ASP E 70 9.66 19.96 17.46
N ARG E 71 9.91 18.93 18.28
CA ARG E 71 9.18 18.79 19.54
C ARG E 71 9.81 19.58 20.68
N VAL E 72 11.04 20.03 20.51
CA VAL E 72 11.74 20.81 21.53
C VAL E 72 11.81 22.26 21.06
N ALA E 73 10.86 22.65 20.21
CA ALA E 73 10.83 24.01 19.68
C ALA E 73 9.40 24.47 19.47
N PRO E 74 9.06 25.71 19.84
CA PRO E 74 9.92 26.72 20.48
C PRO E 74 10.29 26.34 21.94
N PRO E 75 11.36 26.93 22.46
CA PRO E 75 11.78 26.62 23.83
C PRO E 75 10.79 27.17 24.85
N GLY E 76 11.02 26.81 26.11
CA GLY E 76 10.17 27.24 27.21
C GLY E 76 10.92 28.11 28.19
N LEU E 77 10.15 28.98 28.87
CA LEU E 77 10.70 29.90 29.87
C LEU E 77 10.58 29.22 31.23
N THR E 78 11.71 28.78 31.78
CA THR E 78 11.75 28.06 33.06
C THR E 78 12.11 29.00 34.20
N GLN E 79 11.38 28.92 35.31
CA GLN E 79 11.69 29.75 36.46
C GLN E 79 12.43 28.94 37.52
N ILE E 80 13.39 29.57 38.18
CA ILE E 80 14.23 28.94 39.20
C ILE E 80 14.02 29.71 40.50
N PRO E 81 13.76 29.04 41.64
CA PRO E 81 13.62 27.57 41.75
C PRO E 81 12.21 27.06 41.39
N GLN E 82 12.14 25.86 40.85
CA GLN E 82 10.85 25.28 40.48
C GLN E 82 10.10 24.86 41.73
N SER E 83 8.88 25.37 41.89
CA SER E 83 8.05 25.07 43.04
C SER E 83 6.85 24.26 42.61
N GLN E 84 6.42 23.34 43.48
CA GLN E 84 5.26 22.50 43.19
C GLN E 84 4.08 23.42 42.88
N LYS E 85 3.43 23.16 41.75
CA LYS E 85 2.29 23.95 41.26
C LYS E 85 2.70 25.38 40.92
N THR E 86 4.01 25.66 40.89
CA THR E 86 4.58 26.99 40.58
C THR E 86 4.03 28.09 41.48
N GLU E 87 3.73 27.77 42.73
CA GLU E 87 3.22 28.74 43.69
C GLU E 87 4.30 29.09 44.70
N ILE E 88 4.43 30.39 44.99
CA ILE E 88 5.42 30.87 45.95
C ILE E 88 4.73 31.42 47.18
N SER E 89 4.55 30.58 48.19
CA SER E 89 3.89 30.94 49.44
C SER E 89 4.90 30.85 50.58
N PHE E 90 4.97 31.89 51.40
CA PHE E 90 5.93 31.89 52.50
C PHE E 90 5.61 33.00 53.48
N ARG E 91 6.36 33.00 54.58
CA ARG E 91 6.28 34.00 55.64
C ARG E 91 7.62 34.72 55.69
N PRO E 92 7.68 36.03 55.39
CA PRO E 92 8.99 36.72 55.43
C PRO E 92 9.65 36.65 56.79
N ASN E 93 8.86 36.61 57.86
CA ASN E 93 9.40 36.56 59.22
C ASN E 93 10.02 35.20 59.54
N ASP E 94 9.47 34.12 58.99
CA ASP E 94 9.99 32.78 59.25
C ASP E 94 11.09 32.45 58.26
N PRO E 95 12.33 32.19 58.72
CA PRO E 95 13.42 31.86 57.78
C PRO E 95 13.32 30.46 57.19
N GLN E 96 12.36 29.64 57.62
CA GLN E 96 12.20 28.29 57.10
C GLN E 96 11.24 28.20 55.92
N SER E 97 10.29 29.14 55.82
CA SER E 97 9.34 29.13 54.72
C SER E 97 10.02 29.31 53.37
N TYR E 98 11.22 29.88 53.34
CA TYR E 98 11.96 30.07 52.11
C TYR E 98 13.33 29.38 52.14
N GLU E 99 13.57 28.51 53.12
CA GLU E 99 14.86 27.81 53.18
C GLU E 99 15.01 26.84 52.03
N SER E 100 13.92 26.16 51.66
CA SER E 100 13.97 25.21 50.55
C SER E 100 14.27 25.92 49.24
N TYR E 101 13.60 27.05 49.00
CA TYR E 101 13.80 27.80 47.76
C TYR E 101 15.24 28.32 47.68
N VAL E 102 15.79 28.77 48.81
CA VAL E 102 17.15 29.28 48.83
C VAL E 102 18.16 28.17 48.62
N VAL E 103 17.96 27.02 49.29
CA VAL E 103 18.90 25.90 49.11
C VAL E 103 18.90 25.45 47.65
N SER E 104 17.72 25.40 47.02
CA SER E 104 17.65 24.98 45.62
C SER E 104 18.31 26.00 44.69
N ILE E 105 17.96 27.28 44.83
CA ILE E 105 18.56 28.28 43.95
C ILE E 105 20.07 28.33 44.16
N VAL E 106 20.55 28.05 45.38
CA VAL E 106 21.99 28.06 45.62
C VAL E 106 22.64 26.83 44.99
N ARG E 107 22.02 25.65 45.14
CA ARG E 107 22.60 24.44 44.55
C ARG E 107 22.67 24.58 43.03
N PHE E 108 21.76 25.37 42.45
CA PHE E 108 21.77 25.59 41.01
C PHE E 108 22.79 26.66 40.61
N LEU E 109 22.77 27.81 41.29
CA LEU E 109 23.68 28.91 41.01
C LEU E 109 25.13 28.59 41.36
N GLU E 110 25.39 27.50 42.09
CA GLU E 110 26.75 27.12 42.45
C GLU E 110 27.57 26.71 41.23
N LYS E 111 26.91 26.33 40.13
CA LYS E 111 27.62 25.95 38.91
C LYS E 111 28.15 27.15 38.16
N TYR E 112 27.73 28.37 38.51
CA TYR E 112 28.16 29.61 37.89
C TYR E 112 29.27 30.31 38.68
N LYS E 113 29.80 29.66 39.71
CA LYS E 113 30.84 30.24 40.54
C LYS E 113 32.16 30.33 39.76
N ASP E 114 33.09 31.09 40.32
CA ASP E 114 34.40 31.27 39.69
C ASP E 114 35.22 29.97 39.70
N LEU E 115 35.01 29.10 40.68
CA LEU E 115 35.76 27.85 40.73
C LEU E 115 35.47 27.00 39.50
N ALA E 116 34.23 26.97 39.04
CA ALA E 116 33.89 26.20 37.85
C ALA E 116 34.44 26.86 36.59
N GLN E 117 34.40 28.19 36.53
CA GLN E 117 34.91 28.95 35.38
C GLN E 117 36.39 29.28 35.58
N LYS E 118 37.19 28.21 35.69
CA LYS E 118 38.63 28.35 35.91
C LYS E 118 39.47 28.28 34.64
N ASP E 119 39.46 27.13 33.95
CA ASP E 119 40.26 26.97 32.74
C ASP E 119 39.83 27.95 31.65
N ASP E 120 40.82 28.39 30.85
CA ASP E 120 40.57 29.33 29.77
C ASP E 120 40.17 28.67 28.47
N MET E 121 40.50 27.38 28.28
CA MET E 121 40.12 26.70 27.04
C MET E 121 38.66 26.25 27.08
N ILE E 122 38.21 25.73 28.22
CA ILE E 122 36.83 25.29 28.35
C ILE E 122 35.89 26.49 28.47
N PHE E 123 36.33 27.53 29.17
CA PHE E 123 35.55 28.75 29.36
C PHE E 123 36.34 29.92 28.78
N GLU E 124 35.73 30.65 27.86
CA GLU E 124 36.38 31.80 27.24
C GLU E 124 35.65 33.07 27.67
N ASP E 125 36.42 34.12 27.94
CA ASP E 125 35.83 35.38 28.37
C ASP E 125 35.11 36.01 27.19
N CYS E 126 33.83 36.32 27.38
CA CYS E 126 33.01 36.95 26.36
C CYS E 126 32.59 38.33 26.84
N GLY E 127 32.45 39.24 25.88
CA GLY E 127 32.10 40.64 26.14
C GLY E 127 31.05 40.90 27.19
N ASN E 128 31.24 41.97 27.96
CA ASN E 128 30.30 42.38 29.01
C ASN E 128 29.04 43.00 28.47
N VAL E 129 28.82 42.97 27.15
CA VAL E 129 27.64 43.55 26.53
C VAL E 129 27.01 42.54 25.58
N PRO E 130 25.77 42.76 25.12
CA PRO E 130 25.16 41.83 24.18
C PRO E 130 25.97 41.80 22.89
N SER E 131 26.33 40.59 22.46
CA SER E 131 27.13 40.40 21.25
C SER E 131 26.33 39.58 20.23
N GLU E 132 26.99 39.20 19.14
CA GLU E 132 26.37 38.42 18.09
C GLU E 132 26.52 36.92 18.35
N LEU E 133 25.81 36.13 17.54
CA LEU E 133 25.83 34.68 17.63
C LEU E 133 27.22 34.14 17.35
N LYS E 134 27.80 33.50 18.36
CA LYS E 134 29.15 32.94 18.27
C LYS E 134 29.06 31.49 17.81
N GLU E 135 28.99 31.32 16.48
CA GLU E 135 28.93 29.98 15.92
C GLU E 135 30.31 29.36 16.00
N ARG E 136 30.44 28.29 16.79
CA ARG E 136 31.71 27.60 16.95
C ARG E 136 32.10 26.74 15.76
N GLY E 137 31.18 26.51 14.82
CA GLY E 137 31.46 25.70 13.65
C GLY E 137 30.43 24.66 13.31
N GLU E 138 30.90 23.50 12.83
CA GLU E 138 30.03 22.41 12.47
C GLU E 138 29.73 21.56 13.70
N TYR E 139 28.63 20.81 13.64
CA TYR E 139 28.22 19.95 14.74
C TYR E 139 28.81 18.56 14.53
N ASN E 140 30.13 18.49 14.76
CA ASN E 140 30.90 17.27 14.62
C ASN E 140 32.07 17.35 15.59
N ASN E 141 32.85 16.28 15.64
CA ASN E 141 34.04 16.22 16.46
C ASN E 141 35.26 16.72 15.71
N GLU E 142 35.04 17.39 14.58
CA GLU E 142 36.12 17.90 13.75
C GLU E 142 37.00 18.92 14.47
N ARG E 143 36.48 19.56 15.52
CA ARG E 143 37.25 20.55 16.26
C ARG E 143 37.34 20.25 17.75
N GLY E 144 36.97 19.04 18.18
CA GLY E 144 37.03 18.68 19.59
C GLY E 144 36.09 19.54 20.42
N GLU E 145 36.47 19.73 21.69
CA GLU E 145 35.65 20.54 22.59
C GLU E 145 35.61 21.99 22.11
N ARG E 146 34.54 22.68 22.50
CA ARG E 146 34.34 24.08 22.11
C ARG E 146 34.29 24.95 23.34
N LYS E 147 34.86 26.15 23.22
CA LYS E 147 34.87 27.11 24.31
C LYS E 147 33.45 27.52 24.68
N VAL E 148 33.25 27.86 25.95
CA VAL E 148 31.96 28.26 26.48
C VAL E 148 32.03 29.70 26.95
N CYS E 149 31.08 30.52 26.49
CA CYS E 149 31.06 31.94 26.87
C CYS E 149 30.83 32.06 28.37
N ARG E 150 31.78 32.70 29.05
CA ARG E 150 31.66 32.88 30.49
C ARG E 150 30.53 33.84 30.82
N PHE E 151 29.85 33.56 31.94
CA PHE E 151 28.74 34.37 32.43
C PHE E 151 28.94 34.60 33.92
N ARG E 152 29.09 35.86 34.30
CA ARG E 152 29.32 36.22 35.70
C ARG E 152 28.00 36.43 36.45
N LEU E 153 28.00 35.99 37.71
CA LEU E 153 26.81 36.09 38.56
C LEU E 153 26.41 37.54 38.82
N GLU E 154 27.31 38.49 38.54
CA GLU E 154 27.03 39.91 38.78
C GLU E 154 25.90 40.45 37.92
N TRP E 155 25.50 39.75 36.85
CA TRP E 155 24.42 40.26 36.01
C TRP E 155 23.08 40.25 36.72
N LEU E 156 22.94 39.45 37.77
CA LEU E 156 21.72 39.36 38.55
C LEU E 156 21.90 40.29 39.75
N GLY E 157 21.37 41.51 39.63
CA GLY E 157 21.49 42.49 40.68
C GLY E 157 20.66 42.14 41.89
N ASN E 158 21.30 42.04 43.06
CA ASN E 158 20.70 41.75 44.36
C ASN E 158 20.26 40.30 44.50
N CYS E 159 20.34 39.49 43.43
CA CYS E 159 19.97 38.08 43.51
C CYS E 159 21.09 37.27 42.85
N SER E 160 22.20 37.10 43.56
CA SER E 160 23.33 36.36 43.01
C SER E 160 24.01 35.43 44.01
N GLY E 161 23.60 35.43 45.28
CA GLY E 161 24.25 34.57 46.25
C GLY E 161 25.63 35.03 46.68
N LEU E 162 25.89 36.33 46.61
CA LEU E 162 27.16 36.92 47.00
C LEU E 162 27.00 37.94 48.11
N ASN E 163 25.91 38.70 48.09
CA ASN E 163 25.59 39.72 49.09
C ASN E 163 24.40 39.33 49.95
N ASP E 164 23.30 38.91 49.32
CA ASP E 164 22.08 38.51 50.00
C ASP E 164 21.88 37.02 49.77
N GLU E 165 22.05 36.22 50.82
CA GLU E 165 21.87 34.77 50.68
C GLU E 165 20.40 34.36 50.58
N THR E 166 19.47 35.21 51.02
CA THR E 166 18.05 34.88 50.92
C THR E 166 17.50 35.21 49.53
N TYR E 167 18.12 36.18 48.84
CA TYR E 167 17.78 36.67 47.50
C TYR E 167 16.58 37.62 47.46
N GLY E 168 16.24 38.26 48.57
CA GLY E 168 15.15 39.21 48.62
C GLY E 168 13.92 38.73 49.35
N TYR E 169 13.81 37.43 49.64
CA TYR E 169 12.64 36.94 50.34
C TYR E 169 12.61 37.34 51.81
N LYS E 170 13.73 37.81 52.36
CA LYS E 170 13.76 38.20 53.77
C LYS E 170 13.06 39.54 54.01
N ASP E 171 13.25 40.52 53.15
CA ASP E 171 12.63 41.85 53.31
C ASP E 171 11.44 42.07 52.38
N GLY E 172 10.62 41.03 52.19
CA GLY E 172 9.42 41.12 51.36
C GLY E 172 9.62 41.57 49.93
N LYS E 173 10.64 41.05 49.26
CA LYS E 173 10.92 41.41 47.87
C LYS E 173 11.49 40.18 47.17
N PRO E 174 10.65 39.21 46.84
CA PRO E 174 11.14 37.99 46.18
C PRO E 174 11.77 38.29 44.82
N CYS E 175 12.81 37.54 44.50
CA CYS E 175 13.53 37.68 43.24
C CYS E 175 13.69 36.30 42.61
N VAL E 176 13.08 36.11 41.44
CA VAL E 176 13.11 34.84 40.72
C VAL E 176 13.93 34.97 39.45
N ILE E 177 14.82 34.00 39.22
CA ILE E 177 15.65 33.97 38.02
C ILE E 177 14.91 33.20 36.94
N ILE E 178 14.85 33.79 35.74
CA ILE E 178 14.20 33.20 34.57
C ILE E 178 15.29 32.64 33.67
N LYS E 179 15.02 31.50 33.02
CA LYS E 179 15.97 30.81 32.17
C LYS E 179 15.29 30.35 30.90
N LEU E 180 16.10 30.11 29.86
CA LEU E 180 15.65 29.66 28.55
C LEU E 180 16.08 28.22 28.32
N ASN E 181 15.18 27.42 27.77
CA ASN E 181 15.49 26.02 27.51
C ASN E 181 16.58 25.86 26.47
N ARG E 182 17.56 25.00 26.77
CA ARG E 182 18.68 24.74 25.87
C ARG E 182 18.23 23.90 24.69
N VAL E 183 18.35 24.44 23.49
CA VAL E 183 17.99 23.74 22.26
C VAL E 183 19.23 23.70 21.39
N LEU E 184 19.64 22.50 21.00
CA LEU E 184 20.84 22.33 20.19
C LEU E 184 20.71 23.09 18.88
N GLY E 185 21.70 23.94 18.60
CA GLY E 185 21.69 24.72 17.39
C GLY E 185 20.59 25.74 17.28
N PHE E 186 20.06 26.20 18.40
CA PHE E 186 18.98 27.19 18.40
C PHE E 186 19.55 28.59 18.62
N LYS E 187 19.15 29.52 17.76
CA LYS E 187 19.60 30.91 17.83
C LYS E 187 18.39 31.82 17.96
N PRO E 188 18.18 32.45 19.11
CA PRO E 188 17.01 33.33 19.28
C PRO E 188 17.06 34.53 18.34
N LYS E 189 15.87 34.96 17.92
CA LYS E 189 15.70 36.10 17.02
C LYS E 189 14.87 37.17 17.70
N PRO E 190 15.47 38.24 18.21
CA PRO E 190 14.69 39.27 18.87
C PRO E 190 13.78 39.99 17.89
N PRO E 191 12.63 40.49 18.36
CA PRO E 191 11.71 41.20 17.46
C PRO E 191 12.31 42.49 16.94
N LYS E 192 11.89 42.89 15.75
CA LYS E 192 12.38 44.10 15.12
C LYS E 192 11.65 45.33 15.64
N ASN E 193 12.34 46.48 15.59
CA ASN E 193 11.76 47.73 16.06
C ASN E 193 10.60 48.19 15.18
N GLU E 194 10.50 47.68 13.95
CA GLU E 194 9.41 48.04 13.06
C GLU E 194 8.07 47.57 13.63
N SER E 195 8.07 46.40 14.27
CA SER E 195 6.89 45.83 14.89
C SER E 195 6.78 46.16 16.38
N LEU E 196 7.59 47.11 16.86
CA LEU E 196 7.57 47.54 18.26
C LEU E 196 6.30 48.36 18.51
N GLU E 197 5.16 47.67 18.55
CA GLU E 197 3.87 48.33 18.75
C GLU E 197 2.88 47.55 19.60
N THR E 198 3.25 46.39 20.15
CA THR E 198 2.28 45.65 20.95
C THR E 198 2.79 45.26 22.33
N TYR E 199 4.06 44.86 22.45
CA TYR E 199 4.63 44.50 23.74
C TYR E 199 5.05 45.74 24.52
N PRO E 200 4.94 45.71 25.86
CA PRO E 200 5.30 46.89 26.67
C PRO E 200 6.71 47.40 26.43
N VAL E 201 6.83 48.74 26.38
CA VAL E 201 8.10 49.44 26.11
C VAL E 201 9.19 49.04 27.10
N MET E 202 10.36 48.68 26.56
CA MET E 202 11.52 48.29 27.34
C MET E 202 12.78 48.55 26.52
N LYS E 203 13.92 48.16 27.09
CA LYS E 203 15.20 48.31 26.40
C LYS E 203 15.17 47.43 25.15
N TYR E 204 15.57 48.00 24.01
CA TYR E 204 15.56 47.27 22.74
C TYR E 204 16.95 47.15 22.12
N ASN E 205 17.58 45.99 22.26
CA ASN E 205 18.90 45.75 21.68
C ASN E 205 18.77 44.46 20.86
N PRO E 206 19.05 44.49 19.56
CA PRO E 206 18.92 43.28 18.74
C PRO E 206 19.74 42.09 19.21
N TYR E 207 20.57 42.23 20.24
CA TYR E 207 21.38 41.12 20.73
C TYR E 207 20.88 40.55 22.05
N VAL E 208 19.64 40.83 22.44
CA VAL E 208 19.05 40.32 23.67
C VAL E 208 17.63 39.87 23.41
N LEU E 209 17.28 38.69 23.93
CA LEU E 209 15.94 38.17 23.76
C LEU E 209 15.09 38.80 24.86
N PRO E 210 14.09 39.63 24.51
CA PRO E 210 13.27 40.31 25.51
C PRO E 210 12.40 39.39 26.36
N VAL E 211 12.25 39.79 27.62
CA VAL E 211 11.45 39.09 28.63
C VAL E 211 10.65 40.15 29.38
N HIS E 212 9.32 40.01 29.41
CA HIS E 212 8.48 40.97 30.12
C HIS E 212 7.38 40.24 30.86
N CYS E 213 7.36 40.39 32.18
CA CYS E 213 6.36 39.74 33.03
C CYS E 213 5.23 40.73 33.33
N THR E 214 4.01 40.21 33.40
CA THR E 214 2.84 41.03 33.69
C THR E 214 1.93 40.24 34.63
N GLY E 215 0.72 40.76 34.87
CA GLY E 215 -0.23 40.10 35.73
C GLY E 215 -1.03 39.06 34.97
N LYS E 216 -2.13 38.62 35.61
CA LYS E 216 -3.01 37.64 35.00
C LYS E 216 -4.40 38.16 34.71
N ARG E 217 -4.93 39.07 35.54
CA ARG E 217 -6.24 39.66 35.34
C ARG E 217 -6.15 41.11 35.79
N ASP E 218 -7.21 41.87 35.53
CA ASP E 218 -7.21 43.28 35.92
C ASP E 218 -7.12 43.46 37.43
N GLU E 219 -7.43 42.41 38.19
CA GLU E 219 -7.38 42.46 39.65
C GLU E 219 -5.96 42.20 40.17
N ASP E 220 -5.22 41.31 39.52
CA ASP E 220 -3.86 40.99 39.97
C ASP E 220 -2.83 42.00 39.49
N LYS E 221 -3.01 42.58 38.30
CA LYS E 221 -2.03 43.51 37.74
C LYS E 221 -1.82 44.73 38.63
N GLU E 222 -2.89 45.32 39.15
CA GLU E 222 -2.74 46.51 40.01
C GLU E 222 -2.01 46.17 41.29
N LYS E 223 -2.38 45.08 41.94
CA LYS E 223 -1.74 44.70 43.19
C LYS E 223 -0.32 44.19 42.96
N VAL E 224 0.03 43.82 41.72
CA VAL E 224 1.39 43.36 41.44
C VAL E 224 2.40 44.37 41.98
N GLY E 225 2.27 45.63 41.54
CA GLY E 225 3.16 46.66 42.03
C GLY E 225 4.14 47.24 41.03
N THR E 226 5.43 46.98 41.25
CA THR E 226 6.50 47.45 40.38
C THR E 226 7.54 46.36 40.25
N MET E 227 8.15 46.27 39.07
CA MET E 227 9.16 45.28 38.77
C MET E 227 10.52 45.92 38.54
N GLU E 228 11.58 45.16 38.82
CA GLU E 228 12.96 45.59 38.64
C GLU E 228 13.68 44.42 37.99
N TYR E 229 14.08 44.60 36.73
CA TYR E 229 14.76 43.55 35.98
C TYR E 229 16.28 43.65 36.13
N PHE E 230 16.94 42.49 36.10
CA PHE E 230 18.39 42.40 36.20
C PHE E 230 18.88 41.47 35.10
N GLY E 231 19.83 41.94 34.30
CA GLY E 231 20.34 41.11 33.22
C GLY E 231 21.69 41.59 32.74
N LEU E 232 22.24 40.84 31.77
CA LEU E 232 23.53 41.17 31.20
C LEU E 232 23.44 42.48 30.44
N GLY E 233 24.33 43.42 30.77
CA GLY E 233 24.32 44.71 30.13
C GLY E 233 23.13 45.57 30.48
N GLY E 234 22.36 45.18 31.51
CA GLY E 234 21.19 45.94 31.90
C GLY E 234 19.97 45.70 31.04
N TYR E 235 19.96 44.61 30.26
CA TYR E 235 18.85 44.26 29.37
C TYR E 235 18.04 43.10 29.93
N PRO E 236 16.70 43.25 30.03
CA PRO E 236 15.87 42.18 30.58
C PRO E 236 15.70 41.00 29.64
N GLY E 237 16.73 40.15 29.57
CA GLY E 237 16.64 39.00 28.70
C GLY E 237 17.94 38.23 28.67
N PHE E 238 18.08 37.49 27.59
CA PHE E 238 19.29 36.66 27.42
C PHE E 238 20.11 37.17 26.25
N PRO E 239 21.41 37.40 26.41
CA PRO E 239 22.21 37.90 25.29
C PRO E 239 22.41 36.84 24.21
N LEU E 240 22.37 37.28 22.95
CA LEU E 240 22.52 36.35 21.83
C LEU E 240 23.93 35.80 21.69
N GLN E 241 24.91 36.31 22.44
CA GLN E 241 26.27 35.82 22.33
C GLN E 241 26.49 34.47 22.98
N TYR E 242 25.50 33.93 23.69
CA TYR E 242 25.64 32.63 24.34
C TYR E 242 24.97 31.50 23.58
N TYR E 243 24.59 31.73 22.33
CA TYR E 243 23.93 30.78 21.44
C TYR E 243 24.76 30.63 20.16
N PRO E 244 24.60 29.51 19.44
CA PRO E 244 23.72 28.39 19.75
C PRO E 244 24.34 27.39 20.71
N TYR E 245 23.51 26.45 21.18
CA TYR E 245 23.94 25.41 22.09
C TYR E 245 24.44 24.23 21.26
N TYR E 246 25.63 23.73 21.59
CA TYR E 246 26.22 22.62 20.85
C TYR E 246 25.99 21.27 21.52
N GLY E 247 25.12 21.23 22.54
CA GLY E 247 24.82 19.98 23.21
C GLY E 247 25.87 19.62 24.26
N LYS E 248 25.50 18.66 25.11
CA LYS E 248 26.40 18.22 26.17
C LYS E 248 27.54 17.36 25.64
N LEU E 249 27.44 16.86 24.41
CA LEU E 249 28.55 16.05 23.88
C LEU E 249 29.71 16.93 23.46
N LEU E 250 29.41 18.08 22.83
CA LEU E 250 30.48 18.98 22.41
C LEU E 250 30.83 20.01 23.48
N GLN E 251 29.87 20.45 24.27
CA GLN E 251 30.09 21.43 25.34
C GLN E 251 29.43 20.92 26.62
N PRO E 252 30.02 19.89 27.24
CA PRO E 252 29.41 19.34 28.48
C PRO E 252 29.27 20.35 29.60
N LYS E 253 30.21 21.29 29.72
CA LYS E 253 30.16 22.30 30.79
C LYS E 253 29.55 23.62 30.31
N TYR E 254 28.61 23.54 29.37
CA TYR E 254 27.98 24.77 28.89
C TYR E 254 27.09 25.37 29.98
N LEU E 255 27.11 26.69 30.08
CA LEU E 255 26.30 27.41 31.05
C LEU E 255 25.27 28.25 30.31
N GLN E 256 24.01 28.14 30.71
CA GLN E 256 23.00 28.92 30.02
C GLN E 256 22.83 30.29 30.66
N PRO E 257 22.46 31.28 29.86
CA PRO E 257 22.29 32.64 30.38
C PRO E 257 21.20 32.72 31.43
N LEU E 258 21.40 33.61 32.40
CA LEU E 258 20.47 33.83 33.49
C LEU E 258 19.94 35.26 33.42
N MET E 259 18.78 35.45 34.05
CA MET E 259 18.12 36.74 34.09
C MET E 259 17.24 36.75 35.32
N ALA E 260 17.22 37.87 36.05
CA ALA E 260 16.41 37.98 37.26
C ALA E 260 15.33 39.03 37.10
N VAL E 261 14.23 38.83 37.82
CA VAL E 261 13.10 39.75 37.81
C VAL E 261 12.58 39.85 39.24
N GLN E 262 12.89 40.96 39.93
CA GLN E 262 12.45 41.17 41.30
C GLN E 262 11.19 42.02 41.31
N PHE E 263 10.13 41.50 41.94
CA PHE E 263 8.85 42.19 42.03
C PHE E 263 8.77 42.91 43.37
N THR E 264 8.96 44.23 43.37
CA THR E 264 8.88 45.00 44.60
C THR E 264 7.49 45.62 44.72
N ASN E 265 7.20 46.14 45.92
CA ASN E 265 5.91 46.77 46.22
C ASN E 265 4.75 45.79 46.05
N LEU E 266 4.87 44.62 46.66
CA LEU E 266 3.83 43.59 46.59
C LEU E 266 2.93 43.65 47.81
N THR E 267 1.62 43.64 47.57
CA THR E 267 0.64 43.68 48.65
C THR E 267 0.62 42.34 49.39
N MET E 268 1.01 42.37 50.66
CA MET E 268 1.02 41.15 51.46
C MET E 268 -0.40 40.73 51.80
N ASP E 269 -0.52 39.51 52.34
CA ASP E 269 -1.81 38.93 52.71
C ASP E 269 -2.75 38.89 51.52
N THR E 270 -2.18 38.64 50.34
CA THR E 270 -2.94 38.60 49.10
C THR E 270 -2.20 37.72 48.10
N GLU E 271 -2.95 36.84 47.42
CA GLU E 271 -2.39 35.94 46.42
C GLU E 271 -2.47 36.65 45.07
N ILE E 272 -1.33 36.82 44.42
CA ILE E 272 -1.23 37.48 43.12
C ILE E 272 -0.57 36.55 42.12
N ARG E 273 -1.24 36.35 40.99
CA ARG E 273 -0.74 35.49 39.93
C ARG E 273 -0.14 36.33 38.80
N ILE E 274 1.10 36.03 38.45
CA ILE E 274 1.83 36.73 37.41
C ILE E 274 2.20 35.76 36.31
N GLU E 275 2.41 36.31 35.11
CA GLU E 275 2.76 35.51 33.93
C GLU E 275 3.84 36.25 33.16
N CYS E 276 4.97 35.59 32.92
CA CYS E 276 6.06 36.18 32.17
C CYS E 276 5.91 35.79 30.69
N LYS E 277 6.32 36.68 29.80
CA LYS E 277 6.21 36.44 28.36
C LYS E 277 7.52 36.81 27.69
N ALA E 278 8.14 35.84 27.03
CA ALA E 278 9.38 36.05 26.31
C ALA E 278 9.05 36.24 24.83
N TYR E 279 9.55 37.33 24.26
CA TYR E 279 9.29 37.66 22.86
C TYR E 279 10.47 37.29 21.96
N GLY E 280 10.16 37.15 20.68
CA GLY E 280 11.14 36.80 19.68
C GLY E 280 10.49 36.14 18.49
N GLU E 281 11.14 36.27 17.33
CA GLU E 281 10.59 35.66 16.11
C GLU E 281 10.62 34.13 16.21
N ASN E 282 11.76 33.58 16.60
CA ASN E 282 11.95 32.15 16.73
C ASN E 282 11.36 31.60 18.04
N ILE E 283 10.56 32.40 18.74
CA ILE E 283 9.95 32.01 20.00
C ILE E 283 8.44 32.03 19.81
N GLY E 284 7.79 30.94 20.20
CA GLY E 284 6.36 30.80 20.08
C GLY E 284 5.69 30.56 21.43
N TYR E 285 4.38 30.42 21.38
CA TYR E 285 3.55 30.18 22.55
C TYR E 285 2.77 28.89 22.35
N SER E 286 2.00 28.51 23.37
CA SER E 286 1.20 27.28 23.31
C SER E 286 0.06 27.42 24.31
N GLU E 287 -1.18 27.29 23.82
CA GLU E 287 -2.35 27.41 24.67
C GLU E 287 -2.60 26.18 25.54
N LYS E 288 -2.07 25.02 25.15
CA LYS E 288 -2.27 23.82 25.95
C LYS E 288 -1.13 23.60 26.93
N ASP E 289 0.08 23.97 26.55
CA ASP E 289 1.26 23.85 27.39
C ASP E 289 1.57 25.24 27.95
N ARG E 290 1.31 25.43 29.24
CA ARG E 290 1.53 26.71 29.90
C ARG E 290 3.00 26.99 30.19
N PHE E 291 3.93 26.25 29.60
CA PHE E 291 5.36 26.46 29.82
C PHE E 291 6.18 26.72 28.56
N GLN E 292 5.58 26.69 27.37
CA GLN E 292 6.32 26.91 26.12
C GLN E 292 6.35 28.39 25.80
N GLY E 293 7.48 29.04 26.11
CA GLY E 293 7.65 30.45 25.86
C GLY E 293 7.11 31.38 26.93
N ARG E 294 6.49 30.84 27.98
CA ARG E 294 5.91 31.62 29.06
C ARG E 294 5.74 30.70 30.27
N PHE E 295 5.21 31.25 31.34
CA PHE E 295 4.94 30.50 32.57
C PHE E 295 4.15 31.40 33.51
N ASP E 296 3.45 30.76 34.45
CA ASP E 296 2.62 31.45 35.44
C ASP E 296 3.10 31.07 36.83
N VAL E 297 3.16 32.06 37.72
CA VAL E 297 3.58 31.86 39.10
C VAL E 297 2.67 32.67 40.01
N LYS E 298 2.12 32.01 41.05
CA LYS E 298 1.25 32.68 42.02
C LYS E 298 2.04 32.89 43.29
N ILE E 299 2.35 34.15 43.59
CA ILE E 299 3.09 34.53 44.78
C ILE E 299 2.11 35.00 45.84
N GLU E 300 2.39 34.63 47.09
CA GLU E 300 1.54 34.99 48.23
C GLU E 300 2.47 35.31 49.41
N VAL E 301 2.62 36.61 49.70
CA VAL E 301 3.49 37.06 50.80
C VAL E 301 2.62 37.13 52.05
N LYS E 302 2.60 36.03 52.81
CA LYS E 302 1.83 35.93 54.04
C LYS E 302 2.70 36.37 55.19
N SER E 303 2.32 37.46 55.86
CA SER E 303 3.11 37.96 56.99
C SER E 303 2.72 37.24 58.28
N VAL F 16 14.84 29.80 11.19
CA VAL F 16 13.56 30.05 10.55
C VAL F 16 13.05 28.75 9.92
N ASP F 17 13.82 28.22 8.97
CA ASP F 17 13.44 26.97 8.32
C ASP F 17 13.63 25.77 9.24
N PRO F 18 14.81 25.56 9.89
CA PRO F 18 14.98 24.39 10.76
C PRO F 18 14.03 24.36 11.95
N PHE F 19 14.10 23.27 12.72
CA PHE F 19 13.26 23.05 13.90
C PHE F 19 11.79 22.97 13.52
N TYR F 20 11.50 22.43 12.34
CA TYR F 20 10.13 22.32 11.87
C TYR F 20 9.92 21.01 11.13
N TYR F 21 8.74 20.41 11.34
CA TYR F 21 8.37 19.16 10.69
C TYR F 21 6.99 19.36 10.08
N ASP F 22 6.87 19.07 8.79
CA ASP F 22 5.60 19.23 8.08
C ASP F 22 4.71 18.05 8.41
N TYR F 23 3.94 18.18 9.50
CA TYR F 23 3.04 17.11 9.89
C TYR F 23 1.79 17.06 9.03
N GLU F 24 1.42 18.16 8.38
CA GLU F 24 0.23 18.18 7.54
C GLU F 24 0.37 17.22 6.37
N THR F 25 1.56 17.17 5.77
CA THR F 25 1.77 16.26 4.63
C THR F 25 1.66 14.80 5.07
N VAL F 26 2.32 14.43 6.18
CA VAL F 26 2.23 13.05 6.65
C VAL F 26 0.81 12.72 7.05
N ARG F 27 0.11 13.68 7.66
CA ARG F 27 -1.27 13.49 8.08
C ARG F 27 -2.16 13.19 6.88
N ASN F 28 -2.02 13.98 5.81
CA ASN F 28 -2.82 13.75 4.61
C ASN F 28 -2.45 12.41 3.98
N GLY F 29 -1.16 12.07 3.97
CA GLY F 29 -0.77 10.79 3.40
C GLY F 29 -1.37 9.63 4.16
N GLY F 30 -1.39 9.74 5.48
CA GLY F 30 -1.98 8.68 6.28
C GLY F 30 -3.47 8.57 6.04
N LEU F 31 -4.15 9.70 5.93
CA LEU F 31 -5.59 9.66 5.68
C LEU F 31 -5.87 8.98 4.35
N ILE F 32 -5.09 9.33 3.32
CA ILE F 32 -5.26 8.74 2.00
C ILE F 32 -5.00 7.25 2.04
N PHE F 33 -3.92 6.86 2.71
CA PHE F 33 -3.60 5.44 2.78
C PHE F 33 -4.68 4.67 3.51
N ALA F 34 -5.19 5.23 4.61
CA ALA F 34 -6.24 4.55 5.36
C ALA F 34 -7.48 4.38 4.50
N ALA F 35 -7.86 5.43 3.76
CA ALA F 35 -9.03 5.33 2.90
C ALA F 35 -8.82 4.25 1.85
N LEU F 36 -7.62 4.19 1.26
CA LEU F 36 -7.33 3.19 0.25
C LEU F 36 -7.37 1.79 0.84
N ALA F 37 -6.80 1.60 2.04
CA ALA F 37 -6.79 0.29 2.67
C ALA F 37 -8.21 -0.17 2.95
N PHE F 38 -9.05 0.75 3.42
CA PHE F 38 -10.44 0.40 3.70
C PHE F 38 -11.17 0.05 2.42
N ILE F 39 -10.88 0.75 1.32
CA ILE F 39 -11.52 0.44 0.05
C ILE F 39 -11.11 -0.96 -0.43
N VAL F 40 -9.82 -1.27 -0.33
CA VAL F 40 -9.35 -2.59 -0.76
C VAL F 40 -10.01 -3.69 0.07
N GLY F 41 -10.09 -3.48 1.39
CA GLY F 41 -10.73 -4.48 2.24
C GLY F 41 -12.20 -4.65 1.93
N LEU F 42 -12.92 -3.54 1.72
CA LEU F 42 -14.34 -3.60 1.40
C LEU F 42 -14.56 -4.26 0.05
N ILE F 43 -13.62 -4.10 -0.88
CA ILE F 43 -13.75 -4.73 -2.19
C ILE F 43 -13.48 -6.22 -2.10
N ILE F 44 -12.52 -6.62 -1.26
CA ILE F 44 -12.20 -8.04 -1.12
C ILE F 44 -13.32 -8.79 -0.42
N ILE F 45 -13.87 -8.23 0.66
CA ILE F 45 -14.94 -8.93 1.39
C ILE F 45 -16.19 -9.09 0.53
N LEU F 46 -16.49 -8.08 -0.29
CA LEU F 46 -17.68 -8.11 -1.16
C LEU F 46 -17.38 -8.68 -2.55
N SER F 47 -16.33 -9.50 -2.69
CA SER F 47 -16.00 -10.08 -3.97
C SER F 47 -17.07 -11.06 -4.41
N LYS F 48 -17.41 -11.01 -5.70
CA LYS F 48 -18.42 -11.90 -6.27
C LYS F 48 -17.81 -12.87 -7.27
C1 NAG G . -14.62 -43.98 -54.68
C2 NAG G . -14.21 -44.46 -56.04
C3 NAG G . -15.37 -45.15 -56.73
C4 NAG G . -16.02 -46.19 -55.83
C5 NAG G . -16.15 -45.74 -54.37
C6 NAG G . -16.40 -46.89 -53.41
C7 NAG G . -12.68 -43.51 -57.71
C8 NAG G . -12.28 -42.28 -58.48
N2 NAG G . -13.70 -43.36 -56.86
O3 NAG G . -14.88 -45.73 -57.93
O4 NAG G . -17.35 -46.47 -56.26
O5 NAG G . -14.97 -45.07 -53.90
O6 NAG G . -17.70 -47.44 -53.55
O7 NAG G . -12.10 -44.58 -57.86
C1 NAG G . -17.48 -47.08 -57.57
C2 NAG G . -18.66 -48.05 -57.54
C3 NAG G . -18.88 -48.67 -58.92
C4 NAG G . -18.91 -47.61 -60.01
C5 NAG G . -17.73 -46.64 -59.89
C6 NAG G . -17.81 -45.47 -60.85
C7 NAG G . -17.47 -49.95 -56.50
C8 NAG G . -17.49 -50.94 -55.37
N2 NAG G . -18.49 -49.09 -56.54
O3 NAG G . -20.10 -49.39 -58.91
O4 NAG G . -18.81 -48.23 -61.29
O5 NAG G . -17.68 -46.09 -58.57
O6 NAG G . -19.10 -44.87 -60.83
O7 NAG G . -16.57 -49.93 -57.35
C1 BMA G . -20.11 -48.32 -61.90
C2 BMA G . -19.98 -47.71 -63.30
C3 BMA G . -21.29 -47.90 -64.07
C4 BMA G . -21.88 -49.33 -63.91
C5 BMA G . -21.83 -49.86 -62.45
C6 BMA G . -22.18 -51.35 -62.33
O2 BMA G . -18.95 -48.36 -64.03
O3 BMA G . -21.10 -47.59 -65.44
O4 BMA G . -23.23 -49.31 -64.33
O5 BMA G . -20.52 -49.68 -61.95
O6 BMA G . -21.17 -52.03 -61.57
C1 MAN G . -21.72 -53.25 -61.03
C2 MAN G . -22.64 -52.87 -59.82
C3 MAN G . -21.75 -52.48 -58.62
C4 MAN G . -20.79 -53.64 -58.26
C5 MAN G . -19.89 -53.95 -59.46
C6 MAN G . -18.97 -55.14 -59.18
O2 MAN G . -23.43 -53.99 -59.39
O3 MAN G . -22.53 -52.10 -57.48
O4 MAN G . -19.99 -53.28 -57.14
O5 MAN G . -20.71 -54.24 -60.66
O6 MAN G . -18.02 -55.32 -60.25
C1 MAN G . -16.93 -54.36 -60.22
C2 MAN G . -15.84 -54.88 -61.24
C3 MAN G . -14.84 -55.83 -60.58
C4 MAN G . -14.27 -55.18 -59.32
C5 MAN G . -15.41 -55.04 -58.32
C6 MAN G . -14.93 -54.50 -56.98
O2 MAN G . -15.06 -53.80 -61.79
O3 MAN G . -13.78 -56.21 -61.46
O4 MAN G . -13.24 -56.00 -58.78
O5 MAN G . -16.41 -54.11 -58.86
O6 MAN G . -16.05 -53.99 -56.26
C1 MAN G . -21.94 -46.48 -65.81
C2 MAN G . -22.31 -46.63 -67.31
C3 MAN G . -21.12 -46.28 -68.23
C4 MAN G . -20.45 -44.95 -67.80
C5 MAN G . -20.08 -45.03 -66.30
C6 MAN G . -19.42 -43.76 -65.79
O2 MAN G . -23.34 -45.71 -67.69
O3 MAN G . -21.51 -46.22 -69.60
O4 MAN G . -19.29 -44.70 -68.58
O5 MAN G . -21.27 -45.25 -65.53
O6 MAN G . -20.16 -42.65 -66.30
C1 NAG H . -20.27 -32.94 -63.75
C2 NAG H . -21.36 -31.94 -64.13
C3 NAG H . -21.80 -32.16 -65.56
C4 NAG H . -20.61 -32.16 -66.52
C5 NAG H . -19.53 -33.12 -66.03
C6 NAG H . -18.22 -33.02 -66.79
C7 NAG H . -23.27 -31.00 -62.91
C8 NAG H . -24.40 -31.28 -61.96
N2 NAG H . -22.48 -32.04 -63.22
O3 NAG H . -22.74 -31.16 -65.94
O4 NAG H . -21.10 -32.58 -67.80
O5 NAG H . -19.19 -32.83 -64.66
O6 NAG H . -17.74 -31.69 -66.80
O7 NAG H . -23.09 -29.88 -63.38
C1 NAG H . -20.58 -32.02 -69.06
C2 NAG H . -20.05 -30.57 -69.00
C3 NAG H . -19.51 -30.14 -70.37
C4 NAG H . -18.45 -31.13 -70.85
C5 NAG H . -18.98 -32.58 -70.83
C6 NAG H . -17.90 -33.59 -71.12
C7 NAG H . -20.90 -28.68 -67.65
C8 NAG H . -19.51 -28.59 -67.09
N2 NAG H . -21.10 -29.65 -68.56
O3 NAG H . -18.97 -28.84 -70.29
O4 NAG H . -17.90 -30.80 -72.13
O5 NAG H . -19.50 -32.90 -69.54
O6 NAG H . -18.29 -34.49 -72.16
O7 NAG H . -21.79 -27.92 -67.31
C1 BMA H . -18.62 -30.29 -73.32
C2 BMA H . -19.78 -31.23 -73.83
C3 BMA H . -20.23 -30.74 -75.21
C4 BMA H . -20.65 -29.25 -75.16
C5 BMA H . -19.59 -28.33 -74.40
C6 BMA H . -20.11 -26.92 -74.10
O2 BMA H . -20.92 -31.12 -72.98
O3 BMA H . -21.32 -31.53 -75.80
O4 BMA H . -20.84 -28.75 -76.48
O5 BMA H . -19.19 -28.95 -73.15
O6 BMA H . -21.51 -26.85 -74.43
C1 MAN H . -21.27 -32.93 -75.42
C2 MAN H . -21.61 -33.84 -76.65
C3 MAN H . -23.14 -34.01 -76.89
C4 MAN H . -23.92 -34.19 -75.56
C5 MAN H . -23.56 -33.03 -74.62
C6 MAN H . -24.32 -33.04 -73.31
O2 MAN H . -21.08 -35.16 -76.49
O3 MAN H . -23.43 -35.09 -77.78
O4 MAN H . -25.33 -34.19 -75.79
O5 MAN H . -22.16 -33.16 -74.31
O6 MAN H . -23.67 -33.94 -72.43
C1 MAN H . -22.26 -26.57 -73.22
C2 MAN H . -22.81 -27.95 -72.65
C3 MAN H . -24.08 -28.40 -73.40
C4 MAN H . -25.10 -27.25 -73.44
C5 MAN H . -24.47 -26.08 -74.20
C6 MAN H . -25.41 -24.91 -74.37
O2 MAN H . -23.19 -27.83 -71.27
O3 MAN H . -24.66 -29.56 -72.81
O4 MAN H . -26.29 -27.67 -74.08
O5 MAN H . -23.31 -25.61 -73.47
O6 MAN H . -25.81 -24.85 -75.73
C1 NAG I . 19.28 46.45 45.38
C2 NAG I . 20.46 46.79 46.33
C3 NAG I . 20.74 48.31 46.36
C4 NAG I . 20.84 48.87 44.95
C5 NAG I . 19.59 48.51 44.17
C6 NAG I . 19.57 49.03 42.75
C7 NAG I . 21.14 45.89 48.52
C8 NAG I . 20.67 45.41 49.85
N2 NAG I . 20.19 46.29 47.67
O3 NAG I . 21.96 48.49 47.06
O4 NAG I . 21.08 50.28 44.88
O5 NAG I . 19.49 47.08 44.09
O6 NAG I . 18.40 48.63 42.06
O7 NAG I . 22.34 45.90 48.21
C1 NAG I . 20.97 51.09 46.07
C2 NAG I . 22.01 52.23 46.04
C3 NAG I . 21.85 53.16 47.25
C4 NAG I . 20.42 53.66 47.33
C5 NAG I . 19.44 52.49 47.35
C6 NAG I . 17.99 52.91 47.32
C7 NAG I . 24.04 51.09 46.91
C8 NAG I . 25.44 50.67 46.59
N2 NAG I . 23.38 51.73 45.93
O3 NAG I . 22.76 54.25 47.16
O4 NAG I . 20.25 54.43 48.52
O5 NAG I . 19.64 51.66 46.18
O6 NAG I . 17.25 52.26 48.33
O7 NAG I . 23.53 50.86 48.01
MN MN J . 32.23 49.63 -5.48
MN MN K . 12.40 4.20 -22.03
MN MN L . 30.30 38.18 -18.29
C1 CLR M . 6.02 -18.20 -10.23
C2 CLR M . 4.85 -18.47 -11.18
C3 CLR M . 3.58 -17.72 -10.76
C4 CLR M . 3.92 -16.23 -10.71
C5 CLR M . 5.11 -15.85 -9.83
C6 CLR M . 4.94 -14.93 -8.89
C7 CLR M . 5.99 -14.61 -7.84
C8 CLR M . 7.40 -15.14 -8.24
C9 CLR M . 7.30 -16.58 -8.80
C10 CLR M . 6.39 -16.70 -10.06
C11 CLR M . 8.68 -17.24 -8.94
C12 CLR M . 9.57 -17.15 -7.66
C13 CLR M . 9.72 -15.65 -7.20
C14 CLR M . 8.25 -15.16 -7.00
C15 CLR M . 8.33 -13.82 -6.20
C16 CLR M . 9.58 -14.05 -5.26
C17 CLR M . 10.24 -15.43 -5.72
C18 CLR M . 10.48 -14.76 -8.20
C19 CLR M . 7.17 -16.19 -11.31
C20 CLR M . 11.77 -15.33 -5.53
C21 CLR M . 12.59 -16.59 -5.91
C22 CLR M . 11.92 -15.10 -3.97
C23 CLR M . 13.14 -14.23 -3.61
C24 CLR M . 13.18 -14.27 -2.04
C25 CLR M . 14.37 -13.42 -1.53
C26 CLR M . 14.59 -13.49 0.01
C27 CLR M . 15.60 -13.82 -2.37
O1 CLR M . 2.44 -18.01 -11.54
O12 PC1 N . 31.18 10.19 -23.48
P PC1 N . 32.05 9.06 -23.89
O14 PC1 N . 32.55 9.00 -25.29
O13 PC1 N . 33.35 9.04 -22.89
C11 PC1 N . 34.61 8.53 -23.34
C12 PC1 N . 35.57 8.35 -22.16
N PC1 N . 36.88 7.84 -22.59
C13 PC1 N . 37.49 8.82 -23.50
C14 PC1 N . 37.77 7.64 -21.44
C15 PC1 N . 36.70 6.55 -23.29
O11 PC1 N . 31.28 7.68 -23.53
C1 PC1 N . 31.57 6.46 -24.18
C2 PC1 N . 30.24 5.78 -24.50
O21 PC1 N . 30.44 4.52 -25.15
C21 PC1 N . 31.01 3.52 -24.40
O22 PC1 N . 31.30 3.59 -23.20
C22 PC1 N . 31.23 2.21 -25.20
C23 PC1 N . 29.93 1.42 -25.34
C24 PC1 N . 30.24 0.16 -26.15
C25 PC1 N . 28.97 -0.68 -26.36
C26 PC1 N . 29.37 -1.92 -27.16
C27 PC1 N . 28.16 -2.82 -27.41
C28 PC1 N . 28.62 -4.03 -28.23
C29 PC1 N . 27.47 -4.98 -28.51
C2A PC1 N . 27.91 -6.44 -28.61
C2B PC1 N . 26.82 -7.46 -28.89
C2C PC1 N . 27.46 -8.84 -29.06
C2D PC1 N . 26.36 -9.86 -29.35
C2E PC1 N . 26.94 -11.27 -29.54
C2F PC1 N . 25.79 -12.24 -29.82
C2G PC1 N . 26.30 -13.66 -30.02
C2H PC1 N . 25.12 -14.57 -30.31
C2I PC1 N . 25.60 -16.00 -30.51
C3 PC1 N . 29.50 6.71 -25.48
O31 PC1 N . 28.27 6.10 -25.84
C31 PC1 N . 27.50 6.91 -26.63
O32 PC1 N . 27.79 8.07 -26.94
C32 PC1 N . 26.18 6.25 -27.06
C33 PC1 N . 26.37 4.73 -27.12
C34 PC1 N . 25.06 4.08 -27.52
C35 PC1 N . 25.22 2.56 -27.60
C36 PC1 N . 23.86 1.95 -27.97
C37 PC1 N . 23.97 0.44 -28.07
C38 PC1 N . 22.61 -0.15 -28.44
C39 PC1 N . 22.75 -1.67 -28.56
C3A PC1 N . 24.10 -2.12 -29.13
C3B PC1 N . 24.28 -3.63 -29.26
C3C PC1 N . 24.14 -4.05 -30.73
C3D PC1 N . 24.29 -5.57 -30.82
C3E PC1 N . 24.13 -6.06 -32.26
C3F PC1 N . 24.26 -7.59 -32.28
C3G PC1 N . 24.08 -8.13 -33.70
C3H PC1 N . 24.20 -9.66 -33.68
C3I PC1 N . 24.02 -10.21 -35.10
C1 PCW O . 1.44 17.30 -14.41
C2 PCW O . 0.14 17.23 -15.21
C3 PCW O . 0.37 16.46 -16.53
C4 PCW O . 4.33 20.93 -12.69
C5 PCW O . 3.70 22.09 -11.94
C6 PCW O . 4.86 21.95 -9.84
C7 PCW O . 5.97 22.92 -11.73
C8 PCW O . 4.15 24.09 -10.68
C11 PCW O . -0.65 14.37 -16.51
C12 PCW O . -0.56 12.85 -16.35
C31 PCW O . -2.12 17.27 -14.65
C32 PCW O . -3.24 16.87 -13.70
N PCW O . 4.67 22.77 -11.06
O2 PCW O . -0.92 16.65 -14.41
O3 PCW O . 0.53 15.04 -16.31
O11 PCW O . -1.73 14.89 -16.80
O31 PCW O . -2.31 18.09 -15.53
O1P PCW O . 4.46 19.46 -15.24
O2P PCW O . 4.16 17.61 -13.44
O3P PCW O . 2.16 18.49 -14.77
O4P PCW O . 3.33 19.97 -13.04
P PCW O . 3.65 18.81 -14.17
O12 PC1 P . 23.10 10.25 7.46
P PC1 P . 22.29 10.28 8.70
O14 PC1 P . 22.94 10.67 9.98
O13 PC1 P . 21.03 11.30 8.44
C11 PC1 P . 20.41 12.03 9.51
C12 PC1 P . 20.93 13.47 9.53
N PC1 P . 20.32 14.30 10.61
C13 PC1 P . 18.85 14.34 10.41
C14 PC1 P . 20.63 13.73 11.92
C15 PC1 P . 20.84 15.68 10.53
O11 PC1 P . 21.53 8.83 8.87
C1 PC1 P . 21.36 7.96 7.73
C2 PC1 P . 20.61 6.66 8.08
O21 PC1 P . 20.49 5.83 6.94
C21 PC1 P . 21.54 5.20 6.32
O22 PC1 P . 22.74 5.42 6.53
C22 PC1 P . 21.05 4.16 5.30
C23 PC1 P . 22.10 3.11 4.93
C24 PC1 P . 21.38 2.06 4.05
C25 PC1 P . 22.30 0.93 3.60
C26 PC1 P . 21.44 -0.11 2.86
C27 PC1 P . 22.32 -1.28 2.39
C28 PC1 P . 21.45 -2.41 1.78
C29 PC1 P . 20.62 -1.96 0.58
C2A PC1 P . 19.11 -1.90 0.85
C2B PC1 P . 18.74 -2.28 2.28
C2C PC1 P . 17.43 -3.07 2.36
C2D PC1 P . 16.28 -2.24 1.80
C2E PC1 P . 14.98 -3.01 1.94
C2F PC1 P . 15.01 -4.34 1.23
C2G PC1 P . 13.66 -5.02 1.49
C2H PC1 P . 13.59 -6.40 0.80
C2I PC1 P . 12.23 -7.04 1.10
C3 PC1 P . 19.17 7.02 8.38
O31 PC1 P . 18.45 5.77 8.45
C31 PC1 P . 17.17 6.07 8.05
O32 PC1 P . 16.75 7.22 8.01
C32 PC1 P . 16.28 4.90 7.61
C33 PC1 P . 17.19 3.73 7.24
C34 PC1 P . 16.41 2.61 6.57
C35 PC1 P . 15.26 1.96 7.32
C36 PC1 P . 14.72 0.95 6.28
C37 PC1 P . 13.52 0.15 6.79
C38 PC1 P . 13.04 -0.79 5.68
C39 PC1 P . 14.18 -1.73 5.26
C3A PC1 P . 13.77 -3.20 5.18
C3B PC1 P . 12.31 -3.52 5.52
C3C PC1 P . 12.27 -4.85 6.24
C3D PC1 P . 12.84 -5.92 5.31
C3E PC1 P . 12.80 -7.28 6.02
C3F PC1 P . 13.63 -7.21 7.30
C3G PC1 P . 13.56 -8.58 7.99
C3H PC1 P . 14.38 -8.56 9.27
C3I PC1 P . 14.29 -9.94 9.95
C1 PCW Q . 31.56 6.68 -31.48
C2 PCW Q . 30.19 6.13 -31.90
C3 PCW Q . 30.02 6.24 -33.44
C4 PCW Q . 34.59 10.22 -30.92
C5 PCW Q . 34.98 10.85 -32.25
C6 PCW Q . 36.28 12.72 -31.46
C7 PCW Q . 37.29 10.54 -31.60
C8 PCW Q . 36.72 11.72 -33.62
C11 PCW Q . 28.63 5.52 -35.19
C12 PCW Q . 27.78 6.56 -35.92
C31 PCW Q . 29.76 4.58 -30.20
C32 PCW Q . 30.41 3.38 -29.51
N PCW Q . 36.32 11.45 -32.23
O2 PCW Q . 30.09 4.74 -31.51
O3 PCW Q . 28.74 5.72 -33.84
O11 PCW Q . 29.14 4.58 -35.78
O31 PCW Q . 28.98 5.31 -29.59
O1P PCW Q . 33.58 7.61 -29.41
O2P PCW Q . 32.10 9.68 -29.06
O3P PCW Q . 31.41 7.93 -30.76
O4P PCW Q . 33.41 9.42 -31.16
P PCW Q . 32.66 8.64 -29.96
C1 CLR R . 33.82 -1.16 -21.90
C2 CLR R . 34.53 -0.04 -21.11
C3 CLR R . 33.78 1.31 -21.19
C4 CLR R . 32.31 1.09 -20.74
C5 CLR R . 31.59 -0.06 -21.43
C6 CLR R . 30.33 0.12 -21.88
C7 CLR R . 29.51 -1.01 -22.52
C8 CLR R . 30.14 -2.40 -22.20
C9 CLR R . 31.68 -2.36 -22.45
C10 CLR R . 32.37 -1.39 -21.44
C11 CLR R . 32.33 -3.75 -22.52
C12 CLR R . 31.58 -4.74 -23.44
C13 CLR R . 30.11 -4.86 -22.96
C14 CLR R . 29.51 -3.42 -23.12
C15 CLR R . 27.96 -3.59 -23.00
C16 CLR R . 27.72 -5.07 -23.55
C17 CLR R . 29.16 -5.63 -23.94
C18 CLR R . 29.96 -5.37 -21.52
C19 CLR R . 32.35 -2.06 -20.01
C20 CLR R . 29.17 -7.16 -23.82
C21 CLR R . 30.02 -7.91 -24.86
C22 CLR R . 27.67 -7.58 -24.03
C23 CLR R . 27.40 -9.04 -23.67
C24 CLR R . 26.00 -9.36 -24.32
C25 CLR R . 25.67 -10.86 -24.12
C26 CLR R . 24.49 -11.14 -23.17
C27 CLR R . 25.52 -11.47 -25.55
O1 CLR R . 34.41 2.36 -20.47
O12 PC1 S . 10.84 7.86 6.19
P PC1 S . 11.86 8.82 5.73
O14 PC1 S . 11.54 10.25 5.57
O13 PC1 S . 13.13 8.75 6.69
C11 PC1 S . 13.94 9.90 6.79
C12 PC1 S . 14.93 9.63 7.90
N PC1 S . 15.84 10.76 8.10
C13 PC1 S . 16.57 11.06 6.86
C14 PC1 S . 15.06 11.92 8.56
C15 PC1 S . 16.79 10.36 9.14
O11 PC1 S . 12.55 8.30 4.37
C1 PC1 S . 12.74 6.92 4.07
C2 PC1 S . 11.78 6.49 2.97
O21 PC1 S . 10.39 6.57 3.35
C21 PC1 S . 9.34 6.41 2.49
O22 PC1 S . 9.40 6.40 1.26
C22 PC1 S . 8.01 6.33 3.19
C23 PC1 S . 7.11 5.32 2.48
C24 PC1 S . 7.79 3.94 2.45
C25 PC1 S . 6.87 2.94 1.72
C26 PC1 S . 7.55 1.55 1.60
C27 PC1 S . 6.64 0.54 0.88
C28 PC1 S . 7.35 -0.82 0.71
C29 PC1 S . 7.73 -1.45 2.07
C2A PC1 S . 8.73 -2.62 2.06
C2B PC1 S . 9.28 -3.10 0.70
C2C PC1 S . 8.40 -4.21 0.12
C2D PC1 S . 8.36 -5.40 1.08
C2E PC1 S . 7.46 -6.49 0.51
C2F PC1 S . 7.37 -7.69 1.46
C2G PC1 S . 6.42 -8.72 0.82
C2H PC1 S . 6.24 -9.94 1.71
C2I PC1 S . 5.26 -10.87 0.99
C3 PC1 S . 12.22 5.13 2.42
O31 PC1 S . 11.56 4.89 1.19
C31 PC1 S . 12.10 3.79 0.62
O32 PC1 S . 12.80 2.99 1.22
C32 PC1 S . 11.67 3.56 -0.81
C33 PC1 S . 10.34 2.85 -0.86
C34 PC1 S . 10.03 2.75 -2.33
C35 PC1 S . 8.69 2.07 -2.58
C36 PC1 S . 8.50 2.08 -4.11
C37 PC1 S . 7.19 1.37 -4.49
C38 PC1 S . 6.00 2.08 -3.85
C39 PC1 S . 5.85 3.56 -4.27
C3A PC1 S . 4.53 3.88 -5.01
C3B PC1 S . 3.58 2.68 -5.20
C3C PC1 S . 2.17 2.89 -4.63
C3D PC1 S . 1.37 1.59 -4.93
C3E PC1 S . -0.09 1.58 -4.44
C3F PC1 S . -0.67 0.22 -4.86
C3G PC1 S . -2.15 -0.01 -4.50
C3H PC1 S . -2.50 -1.42 -5.03
C3I PC1 S . -3.95 -1.80 -4.75
C1 PCW T . 25.49 3.99 8.54
C2 PCW T . 25.02 2.60 8.98
C3 PCW T . 23.50 2.46 8.74
C4 PCW T . 28.49 6.49 6.04
C5 PCW T . 27.97 7.39 4.90
C6 PCW T . 28.31 9.37 3.59
C7 PCW T . 28.51 9.47 5.97
C8 PCW T . 30.19 8.37 4.68
C11 PCW T . 21.72 0.91 8.78
C12 PCW T . 21.34 -0.44 8.13
C31 PCW T . 26.93 1.28 8.84
C32 PCW T . 27.82 0.33 8.03
N PCW T . 28.75 8.64 4.78
O2 PCW T . 25.73 1.56 8.26
O3 PCW T . 23.06 1.10 8.99
O11 PCW T . 20.83 1.72 9.09
O31 PCW T . 27.30 1.72 9.93
O1P PCW T . 25.82 6.54 7.16
O2P PCW T . 25.47 5.26 4.95
O3P PCW T . 25.78 3.99 7.12
O4P PCW T . 27.71 5.29 6.06
P PCW T . 26.10 5.37 6.29
C1 PCW U . 33.64 -4.56 -3.60
C2 PCW U . 33.13 -5.99 -3.37
C3 PCW U . 33.64 -6.52 -2.03
C4 PCW U . 38.34 -2.69 -4.58
C5 PCW U . 39.68 -2.53 -3.83
C6 PCW U . 41.10 -1.69 -5.60
C7 PCW U . 39.65 -0.17 -4.45
C8 PCW U . 41.55 -1.11 -3.33
C11 PCW U . 33.85 -8.52 -0.88
C12 PCW U . 33.02 -9.38 0.08
C31 PCW U . 31.21 -6.13 -4.65
C32 PCW U . 29.99 -5.24 -4.98
N PCW U . 40.48 -1.38 -4.30
O2 PCW U . 31.69 -5.97 -3.38
O3 PCW U . 33.12 -7.84 -1.81
O11 PCW U . 35.08 -8.49 -0.81
O31 PCW U . 31.64 -6.92 -5.48
O1P PCW U . 35.26 -2.19 -3.00
O2P PCW U . 35.60 -2.82 -5.47
O3P PCW U . 35.06 -4.54 -3.76
O4P PCW U . 37.35 -3.34 -3.74
P PCW U . 35.75 -3.13 -4.03
C1 PCW V . 29.68 -3.96 2.91
C2 PCW V . 29.27 -5.34 2.36
C3 PCW V . 28.75 -6.27 3.48
C4 PCW V . 33.25 -2.36 5.14
C5 PCW V . 33.14 -2.21 6.67
C6 PCW V . 34.86 -3.91 6.92
C7 PCW V . 35.43 -1.57 7.08
C8 PCW V . 34.15 -2.62 8.82
C11 PCW V . 28.11 -8.49 3.97
C12 PCW V . 27.30 -9.66 3.42
C31 PCW V . 28.55 -5.83 0.18
C32 PCW V . 27.34 -6.42 -0.55
N PCW V . 34.39 -2.58 7.36
O2 PCW V . 28.25 -5.18 1.36
O3 PCW V . 28.60 -7.64 3.01
O11 PCW V . 28.29 -8.37 5.17
O31 PCW V . 29.68 -5.93 -0.27
O1P PCW V . 30.91 -1.14 2.44
O2P PCW V . 33.18 -2.30 2.32
O3P PCW V . 31.07 -3.69 2.65
O4P PCW V . 31.97 -2.11 4.51
P PCW V . 31.81 -2.23 2.88
C1 PCW W . -15.79 -3.65 -25.74
C2 PCW W . -15.95 -2.40 -26.60
C3 PCW W . -16.07 -1.17 -25.68
C4 PCW W . -15.48 -8.12 -27.33
C5 PCW W . -14.51 -8.14 -28.52
C6 PCW W . -13.38 -9.51 -30.12
C7 PCW W . -12.86 -9.74 -27.79
C8 PCW W . -14.98 -10.53 -28.64
C11 PCW W . -15.67 1.12 -25.59
C12 PCW W . -14.62 2.22 -25.77
C13 PCW W . -13.40 1.95 -24.88
C14 PCW W . -12.35 3.04 -25.08
C15 PCW W . -12.49 4.12 -23.99
C16 PCW W . -11.47 5.26 -24.22
C17 PCW W . -10.09 4.68 -24.54
C18 PCW W . -8.99 5.75 -24.42
C19 PCW W . -7.83 5.35 -25.34
C20 PCW W . -6.43 5.91 -25.02
C21 PCW W . -6.30 6.85 -23.81
C22 PCW W . -5.22 7.89 -24.09
C23 PCW W . -4.84 8.62 -22.80
C24 PCW W . -4.00 9.88 -23.12
C25 PCW W . -4.95 11.06 -23.42
C26 PCW W . -4.14 12.33 -23.68
C27 PCW W . -5.09 13.44 -24.12
C28 PCW W . -4.29 14.61 -24.74
C31 PCW W . -15.19 -2.19 -28.81
C32 PCW W . -14.39 -1.14 -29.59
C33 PCW W . -13.05 -0.93 -28.88
C34 PCW W . -12.61 0.53 -29.02
C35 PCW W . -11.44 0.79 -28.06
C36 PCW W . -10.97 2.23 -28.24
C37 PCW W . -9.64 2.42 -27.52
C38 PCW W . -8.77 3.41 -28.31
C39 PCW W . -8.73 2.97 -29.78
C40 PCW W . -7.95 3.88 -30.75
C41 PCW W . -7.32 5.11 -30.11
C42 PCW W . -5.87 4.78 -29.74
C43 PCW W . -5.39 5.67 -28.59
C44 PCW W . -4.12 5.07 -27.99
C45 PCW W . -3.50 6.05 -27.00
C46 PCW W . -2.32 5.36 -26.30
C47 PCW W . -1.48 6.42 -25.59
C48 PCW W . -0.35 5.77 -24.81
N PCW W . -13.94 -9.48 -28.76
O2 PCW W . -14.82 -2.28 -27.49
O3 PCW W . -15.43 -0.04 -26.29
O11 PCW W . -16.67 1.31 -24.88
O31 PCW W . -16.05 -2.86 -29.37
O1P PCW W . -17.60 -6.93 -25.90
O2P PCW W . -15.84 -6.03 -24.25
O3P PCW W . -16.32 -4.80 -26.41
O4P PCW W . -15.13 -7.04 -26.46
P PCW W . -16.31 -6.24 -25.64
C1 PCW X . -5.13 -14.80 -6.86
C2 PCW X . -4.19 -13.78 -6.17
C3 PCW X . -2.71 -14.11 -6.45
C4 PCW X . -4.98 -18.99 -8.99
C5 PCW X . -3.66 -18.98 -9.79
C6 PCW X . -2.77 -20.55 -8.20
C7 PCW X . -3.57 -21.33 -10.33
C8 PCW X . -1.55 -20.02 -10.20
C11 PCW X . -0.52 -13.57 -5.77
C12 PCW X . 0.49 -12.42 -5.60
C31 PCW X . -4.45 -11.52 -5.57
C32 PCW X . -5.34 -10.30 -5.76
N PCW X . -2.89 -20.22 -9.63
O2 PCW X . -4.52 -12.44 -6.59
O3 PCW X . -1.84 -13.20 -5.73
O11 PCW X . -0.14 -14.75 -5.89
O31 PCW X . -3.75 -11.64 -4.57
O1P PCW X . -4.63 -16.37 -10.38
O2P PCW X . -6.81 -15.99 -9.09
O3P PCW X . -4.56 -15.27 -8.10
O4P PCW X . -5.15 -17.74 -8.30
P PCW X . -5.36 -16.31 -9.09
C1 CLR Y . -4.99 -7.34 -8.37
C2 CLR Y . -6.12 -8.06 -9.10
C3 CLR Y . -6.95 -7.10 -9.96
C4 CLR Y . -5.99 -6.42 -10.97
C5 CLR Y . -4.76 -5.76 -10.36
C6 CLR Y . -4.47 -4.48 -10.71
C7 CLR Y . -3.31 -3.69 -10.07
C8 CLR Y . -2.35 -4.64 -9.31
C9 CLR Y . -3.16 -5.65 -8.44
C10 CLR Y . -4.00 -6.60 -9.31
C11 CLR Y . -2.30 -6.37 -7.38
C12 CLR Y . -1.44 -5.41 -6.54
C13 CLR Y . -0.52 -4.60 -7.49
C14 CLR Y . -1.49 -3.78 -8.40
C15 CLR Y . -0.58 -2.71 -9.11
C16 CLR Y . 0.57 -2.44 -8.04
C17 CLR Y . 0.23 -3.40 -6.81
C18 CLR Y . 0.45 -5.46 -8.29
C19 CLR Y . -3.06 -7.62 -10.01
C20 CLR Y . 1.52 -3.74 -6.06
C21 CLR Y . 1.38 -4.81 -4.95
C22 CLR Y . 1.95 -2.38 -5.39
C23 CLR Y . 3.45 -2.09 -5.55
C24 CLR Y . 4.11 -2.84 -4.33
C25 CLR Y . 5.02 -1.85 -3.55
C26 CLR Y . 4.61 -1.62 -2.07
C27 CLR Y . 6.48 -2.32 -3.74
O1 CLR Y . -8.08 -7.67 -10.59
MN MN Z . -35.56 -48.92 9.57
MN MN AA . -5.35 -8.13 22.74
MN MN BA . -31.36 -36.88 21.95
C1 CLR CA . 16.37 2.27 11.75
C2 CLR CA . 15.84 3.64 12.20
C3 CLR CA . 14.57 4.07 11.44
C4 CLR CA . 13.52 2.95 11.61
C5 CLR CA . 14.00 1.55 11.25
C6 CLR CA . 13.24 0.78 10.45
C7 CLR CA . 13.64 -0.65 10.06
C8 CLR CA . 14.76 -1.19 10.99
C9 CLR CA . 15.87 -0.11 11.18
C10 CLR CA . 15.33 1.14 11.90
C11 CLR CA . 17.16 -0.69 11.80
C12 CLR CA . 17.65 -1.98 11.13
C13 CLR CA . 16.52 -3.05 11.16
C14 CLR CA . 15.36 -2.41 10.34
C15 CLR CA . 14.36 -3.56 10.00
C16 CLR CA . 15.31 -4.83 9.92
C17 CLR CA . 16.78 -4.32 10.28
C18 CLR CA . 16.06 -3.44 12.57
C19 CLR CA . 15.12 0.81 13.41
C20 CLR CA . 17.55 -5.46 10.94
C21 CLR CA . 19.03 -5.18 11.27
C22 CLR CA . 17.50 -6.62 9.89
C23 CLR CA . 17.66 -8.01 10.53
C24 CLR CA . 18.72 -8.74 9.63
C25 CLR CA . 19.56 -9.72 10.49
C26 CLR CA . 18.72 -10.52 11.51
C27 CLR CA . 20.40 -10.58 9.51
O1 CLR CA . 14.07 5.34 11.82
C1 PCW DA . -4.89 -24.20 31.76
C2 PCW DA . -3.92 -23.25 32.48
C3 PCW DA . -2.55 -23.94 32.62
C4 PCW DA . -6.45 -29.14 32.48
C5 PCW DA . -5.73 -30.42 32.94
C6 PCW DA . -7.69 -31.80 33.36
C7 PCW DA . -6.80 -31.65 31.15
C8 PCW DA . -5.58 -32.81 32.85
C11 PCW DA . -0.56 -23.85 33.75
C12 PCW DA . 0.50 -23.08 34.55
C31 PCW DA . -4.71 -21.07 32.16
C32 PCW DA . -4.12 -19.68 32.43
N PCW DA . -6.45 -31.66 32.58
O2 PCW DA . -3.79 -22.02 31.77
O3 PCW DA . -1.68 -23.14 33.44
O11 PCW DA . -0.37 -25.03 33.45
O31 PCW DA . -5.91 -21.27 32.27
O1P PCW DA . -5.99 -26.75 30.51
O2P PCW DA . -7.41 -26.22 32.60
O3P PCW DA . -4.99 -25.47 32.46
O4P PCW DA . -5.60 -27.98 32.64
P PCW DA . -6.10 -26.56 31.98
C1 PCW EA . -18.69 -7.24 9.79
C2 PCW EA . -17.83 -5.97 9.69
C3 PCW EA . -18.57 -4.90 8.86
C4 PCW EA . -19.47 -11.38 7.50
C5 PCW EA . -19.53 -11.21 5.98
C6 PCW EA . -19.08 -13.57 5.64
C7 PCW EA . -21.34 -12.79 5.65
C8 PCW EA . -19.89 -12.22 3.83
C11 PCW EA . -18.21 -2.71 8.08
C12 PCW EA . -17.32 -1.52 8.40
C31 PCW EA . -17.05 -4.22 11.12
C32 PCW EA . -17.96 -3.20 11.82
N PCW EA . -19.97 -12.44 5.29
O2 PCW EA . -17.56 -5.50 11.02
O3 PCW EA . -17.64 -3.94 8.33
O11 PCW EA . -19.35 -2.55 7.62
O31 PCW EA . -15.94 -3.88 10.69
O1P PCW EA . -19.62 -9.84 10.64
O2P PCW EA . -17.55 -10.90 9.55
O3P PCW EA . -17.96 -8.40 9.37
O4P PCW EA . -19.43 -10.09 8.12
P PCW EA . -18.62 -9.89 9.54
C1 PCW FA . -1.18 -20.69 -3.09
C2 PCW FA . -1.27 -19.39 -2.29
C3 PCW FA . -0.31 -19.46 -1.11
C4 PCW FA . -1.21 -23.70 -5.69
C5 PCW FA . -0.90 -23.35 -7.15
C6 PCW FA . -1.59 -25.63 -7.62
C7 PCW FA . -0.88 -24.20 -9.38
C8 PCW FA . 0.73 -25.01 -7.79
C11 PCW FA . 0.57 -18.05 0.47
C12 PCW FA . 0.39 -17.12 1.68
C31 PCW FA . -1.73 -17.18 -2.92
C32 PCW FA . -1.03 -15.82 -3.06
N PCW FA . -0.66 -24.55 -7.98
O2 PCW FA . -0.92 -18.26 -3.15
O3 PCW FA . -0.59 -18.41 -0.17
O11 PCW FA . 1.69 -18.42 0.12
O31 PCW FA . -2.93 -17.22 -2.65
O1P PCW FA . -4.13 -23.19 -3.65
O2P PCW FA . -1.75 -23.79 -2.93
O3P PCW FA . -2.45 -21.36 -3.06
O4P PCW FA . -2.17 -22.76 -5.18
P PCW FA . -2.67 -22.88 -3.63
C1 PCW GA . 4.53 -26.79 -1.46
C2 PCW GA . 5.62 -26.05 -0.66
C3 PCW GA . 5.77 -24.60 -1.14
C4 PCW GA . 3.06 -31.77 -1.78
C5 PCW GA . 3.77 -32.96 -2.44
C6 PCW GA . 2.48 -34.50 -1.07
C7 PCW GA . 1.80 -34.06 -3.33
C8 PCW GA . 3.79 -35.32 -2.89
C11 PCW GA . 7.07 -22.67 -0.81
C12 PCW GA . 8.29 -21.98 -0.17
C31 PCW GA . 5.81 -27.09 1.44
C32 PCW GA . 5.60 -27.03 2.95
N PCW GA . 2.96 -34.20 -2.43
O2 PCW GA . 5.28 -26.04 0.74
O3 PCW GA . 6.94 -24.00 -0.54
O11 PCW GA . 6.28 -22.01 -1.49
O31 PCW GA . 6.43 -28.03 0.93
O1P PCW GA . 2.47 -28.55 -2.57
O2P PCW GA . 2.48 -29.39 -0.14
O3P PCW GA . 4.49 -28.18 -1.08
O4P PCW GA . 3.84 -30.56 -1.90
P PCW GA . 3.20 -29.12 -1.41
C1 PCW HA . 14.31 -32.19 18.52
C2 PCW HA . 14.31 -30.68 18.73
C3 PCW HA . 14.20 -30.37 20.24
C4 PCW HA . 14.46 -36.32 19.00
C5 PCW HA . 15.88 -36.54 19.53
C6 PCW HA . 14.94 -38.32 20.88
C7 PCW HA . 16.38 -38.84 19.02
C8 PCW HA . 17.27 -37.82 21.01
C11 PCW HA . 15.30 -28.57 21.23
C12 PCW HA . 15.52 -27.05 21.35
C31 PCW HA . 15.52 -29.83 16.91
C32 PCW HA . 16.76 -29.07 16.41
N PCW HA . 16.10 -37.88 20.10
O2 PCW HA . 15.55 -30.14 18.25
O3 PCW HA . 14.25 -28.95 20.44
O11 PCW HA . 16.04 -29.35 21.83
O31 PCW HA . 14.60 -30.12 16.15
O1P PCW HA . 12.55 -34.48 16.98
O2P PCW HA . 11.79 -34.87 19.40
O3P PCW HA . 13.00 -32.74 18.76
O4P PCW HA . 14.25 -34.92 18.81
P PCW HA . 12.78 -34.32 18.44
C1 PCW IA . 21.20 -0.45 24.14
C2 PCW IA . 20.87 -1.38 25.32
C3 PCW IA . 19.35 -1.56 25.41
C4 PCW IA . 25.40 1.97 23.53
C5 PCW IA . 26.85 1.57 23.26
C6 PCW IA . 26.69 3.08 21.35
C7 PCW IA . 28.07 3.66 23.24
C8 PCW IA . 28.71 1.86 21.79
C11 PCW IA . 17.61 -2.08 26.84
C12 PCW IA . 17.11 -2.57 28.19
C31 PCW IA . 22.59 -2.86 25.92
C32 PCW IA . 23.25 -4.24 25.80
N PCW IA . 27.57 2.54 22.42
O2 PCW IA . 21.49 -2.68 25.11
O3 PCW IA . 18.93 -1.78 26.77
O11 PCW IA . 16.84 -2.00 25.87
O31 PCW IA . 23.03 -2.01 26.71
O1P PCW IA . 23.14 0.90 26.31
O2P PCW IA . 22.69 2.40 24.26
O3P PCW IA . 22.60 -0.13 24.07
O4P PCW IA . 24.80 1.02 24.42
P PCW IA . 23.24 1.15 24.84
C1 PCW JA . -8.66 -14.61 -3.13
C2 PCW JA . -7.96 -13.31 -3.54
C3 PCW JA . -9.01 -12.21 -3.76
C4 PCW JA . -10.55 -18.73 -4.89
C5 PCW JA . -9.81 -19.64 -5.90
C6 PCW JA . -12.06 -20.29 -6.58
C7 PCW JA . -10.15 -21.25 -7.64
C8 PCW JA . -10.67 -21.84 -5.37
C11 PCW JA . -9.38 -10.25 -4.95
C12 PCW JA . -8.95 -8.82 -5.28
C31 PCW JA . -5.86 -13.65 -2.47
C32 PCW JA . -4.93 -13.28 -1.30
N PCW JA . -10.67 -20.75 -6.37
O2 PCW JA . -7.02 -12.91 -2.51
O3 PCW JA . -8.42 -11.04 -4.35
O11 PCW JA . -10.51 -10.66 -5.25
O31 PCW JA . -5.52 -14.52 -3.28
O1P PCW JA . -11.92 -16.00 -4.47
O2P PCW JA . -10.48 -16.69 -2.44
O3P PCW JA . -9.62 -14.99 -4.12
O4P PCW JA . -9.87 -17.46 -4.77
P PCW JA . -10.58 -16.27 -3.87
C1 CLR KA . 6.86 -22.08 31.82
C2 CLR KA . 6.92 -23.55 31.42
C3 CLR KA . 5.55 -24.26 31.53
C4 CLR KA . 4.52 -23.45 30.72
C5 CLR KA . 4.47 -21.95 31.03
C6 CLR KA . 3.29 -21.34 31.22
C7 CLR KA . 3.17 -19.83 31.49
C8 CLR KA . 4.49 -19.09 31.10
C9 CLR KA . 5.72 -19.86 31.65
C10 CLR KA . 5.85 -21.26 31.00
C11 CLR KA . 7.02 -19.02 31.59
C12 CLR KA . 6.86 -17.59 32.17
C13 CLR KA . 5.71 -16.85 31.43
C14 CLR KA . 4.44 -17.71 31.72
C15 CLR KA . 3.21 -16.82 31.34
C16 CLR KA . 3.72 -15.34 31.64
C17 CLR KA . 5.25 -15.49 32.10
C18 CLR KA . 5.94 -16.67 29.93
C19 CLR KA . 6.36 -21.10 29.54
C20 CLR KA . 6.02 -14.23 31.69
C21 CLR KA . 7.50 -14.17 32.11
C22 CLR KA . 5.25 -13.06 32.40
C23 CLR KA . 5.24 -11.77 31.59
C24 CLR KA . 5.68 -10.67 32.63
C25 CLR KA . 7.17 -10.30 32.38
C26 CLR KA . 7.46 -9.75 30.97
C27 CLR KA . 7.61 -9.38 33.55
O1 CLR KA . 5.57 -25.63 31.15
C1 NAG LA . 4.27 51.52 45.88
C2 NAG LA . 2.76 51.38 46.13
C3 NAG LA . 2.17 52.72 46.55
C4 NAG LA . 2.91 53.30 47.75
C5 NAG LA . 4.41 53.36 47.46
C6 NAG LA . 5.22 53.81 48.65
C7 NAG LA . 1.44 49.70 44.91
C8 NAG LA . 0.80 49.33 43.61
N2 NAG LA . 2.08 50.87 44.94
O3 NAG LA . 0.79 52.55 46.87
O4 NAG LA . 2.43 54.59 48.07
O5 NAG LA . 4.91 52.07 47.07
O6 NAG LA . 6.57 54.04 48.30
O7 NAG LA . 1.38 48.97 45.89
C1 CLR MA . 3.16 6.59 3.59
C2 CLR MA . 3.27 8.08 3.87
C3 CLR MA . 2.06 8.59 4.68
C4 CLR MA . 2.01 7.79 5.98
C5 CLR MA . 1.98 6.27 5.82
C6 CLR MA . 1.03 5.57 6.45
C7 CLR MA . 0.85 4.05 6.25
C8 CLR MA . 2.11 3.43 5.60
C9 CLR MA . 2.59 4.30 4.41
C10 CLR MA . 3.04 5.70 4.85
C11 CLR MA . 3.60 3.58 3.50
C12 CLR MA . 3.13 2.20 3.05
C13 CLR MA . 2.84 1.32 4.30
C14 CLR MA . 1.72 2.05 5.10
C15 CLR MA . 1.22 1.02 6.17
C16 CLR MA . 1.46 -0.38 5.43
C17 CLR MA . 2.06 0.01 3.99
C18 CLR MA . 4.07 1.04 5.16
C19 CLR MA . 4.42 5.59 5.57
C20 CLR MA . 2.87 -1.14 3.45
C21 CLR MA . 2.68 -1.45 1.94
C22 CLR MA . 2.38 -2.39 4.25
C23 CLR MA . 3.06 -3.68 3.81
C24 CLR MA . 1.92 -4.75 3.87
C25 CLR MA . 2.55 -6.14 4.06
C26 CLR MA . 3.98 -6.11 4.64
C27 CLR MA . 1.53 -6.99 4.88
O1 CLR MA . 2.06 9.99 4.90
C1 DMU NA . 5.46 11.45 3.53
C2 DMU NA . 5.82 12.89 3.86
C3 DMU NA . 7.36 12.96 4.03
C4 DMU NA . 7.98 12.48 2.73
O5 DMU NA . 7.54 11.13 2.39
C6 DMU NA . 6.14 11.05 2.24
O7 DMU NA . 7.79 14.32 4.36
O16 DMU NA . 5.83 9.70 1.89
C18 DMU NA . 6.52 9.36 0.69
C19 DMU NA . 6.46 7.92 0.18
C22 DMU NA . 5.06 7.44 -0.19
C25 DMU NA . 5.34 6.03 -0.73
C28 DMU NA . 4.09 5.29 -1.20
C31 DMU NA . 3.06 5.10 -0.08
C34 DMU NA . 1.90 4.31 -0.69
C37 DMU NA . 0.81 4.02 0.32
C40 DMU NA . -0.25 3.21 -0.41
C43 DMU NA . 0.42 1.92 -0.91
O49 DMU NA . 4.05 11.39 3.33
O55 DMU NA . 5.08 13.32 5.01
C57 DMU NA . 9.52 12.47 2.81
O61 DMU NA . 9.94 11.52 3.79
C5 DMU NA . 7.92 16.31 5.76
C7 DMU NA . 9.39 16.47 5.42
C8 DMU NA . 10.20 15.67 6.40
C9 DMU NA . 9.76 14.20 6.31
O1 DMU NA . 8.34 14.07 6.61
C10 DMU NA . 7.53 14.84 5.68
O2 DMU NA . 11.61 15.79 6.09
O3 DMU NA . 7.17 17.07 4.81
O4 DMU NA . 9.77 17.85 5.46
C11 DMU NA . 10.68 13.34 7.19
O6 DMU NA . 12.03 13.57 6.76
#